data_6H25
#
_entry.id   6H25
#
loop_
_entity.id
_entity.type
_entity.pdbx_description
1 polymer 'Exosome complex component RRP45'
2 polymer 'Exosome complex component RRP41'
3 polymer 'Exosome complex component RRP43'
4 polymer 'Exosome complex component RRP46'
5 polymer 'Exosome complex component RRP42'
6 polymer 'Exosome complex component MTR3'
7 polymer 'Exosome complex component RRP40'
8 polymer 'Exosome complex component RRP4'
9 polymer 'Exosome complex component CSL4'
10 polymer 'Exosome complex exonuclease RRP44'
11 polymer 'M-phase phosphoprotein 6'
12 polymer 'U44 ssRNA'
#
loop_
_entity_poly.entity_id
_entity_poly.type
_entity_poly.pdbx_seq_one_letter_code
_entity_poly.pdbx_strand_id
1 'polypeptide(L)'
;GPDSMKETPLSNCERRFLLRAIEEKKRLDGRQTYDYRNIRISFGTDYGCCIVELGKTRVLGQVSCELVSPKLNRATEGIL
FFNLELSQMAAPAFEPGRQSDLLVKLNRLMERCLRNSKCIDTESLCVVAGEKVWQIRVDLHLLNHDGNIIDAASIAAIVA
LCHFRRPDVSVQGDEVTLYTPEERDPVPLSIHHMPICVSFAFFQQGTYLLVDPNEREERVMDGLLVIAMNKHREICTIQS
SGGIMLLKDQVLRCSKIAGVKVAEITELILKALENDQKVRKEGGKFGFAESIANQRITAFKMEKAPIDTSDVEEKAEEII
AEAEPPSEVVSTPVLWTPGTAQIGEGVENSWGDLEDSEKEDDEGGGDQAIILDGIKMDTGVEVSDIGSQDAPIILSDSEE
EEMIILEPDKNPKKIRTQTTSAKQEKAPSKKPVKRRKKKRAAN
;
A
2 'polypeptide(L)'
;GPDSMAGLELLSDQGYRVDGRRAGELRKIQARMGVFAQADGSAYIEQGNTKALAVVYGPHEIRGSRARALPDRALVNCQY
SSATFSTGERKRRPHGDRKSCEMGLQLRQTFEAAILTQLHPRSQIDIYVQVLQADGGTYAACVNAATLAVLDAGIPMRDF
VCACSAGFVDGTALADLSHVEEAAGGPQLALALLPASGQIALLEMDARLHEDHLERVLEAAAQAARDVHTLLDRVVRQHV
REASILLGD
;
B
3 'polypeptide(L)'
;RSMAAGFKTVEPLEYYRRFLKENCRPDGRELGEFRTTTVNIGSISTADGSALVKLGNTTVICGVKAEFAAPSTDAPDKGY
VVPNVDLPPLCSSRFRSGPPGEEAQVASQFIADVIENSQIIQKEDLCISPGKLVWVLYCDLICLDYDGNILDACTFALLA
ALKNVQLPEVTINEETALAEVNLKKKSYLNIRTHPVATSFAVFDDTLLIVDPTGEEEHLATGTLTIVMDEEGKLCCLHKP
GGSGLTGAKLQDCMSRAVTRHKEVKKLMDEVIKSMKPK
;
C
4 'polypeptide(L)'
;RSMEEETHTDAKIRAENGTGSSPRGPGCSLRHFACEQNLLSRPDGSASFLQGDTSVLAGVYGPAEVKVSKEIFNKATLEV
ILRPKIGLPGVAEKSRERLIRNTCEAVVLGTLHPRTSITVVLQVVSDAGSLLACCLNAACMALVDAGVPMRALFCGVACA
LDSDGTLVLDPTSKQEKEARAVLTFALDSVERKLLMSSTKGLYSDTELQQCLAAAQAASQHVFRFYRESLQRRYSKS
;
D
5 'polypeptide(L)'
;GPDSMASVTLSEAEKVYIVHGVQEDLRVDGRGCEDYRCVEVETDVVSNTSGSARVKLGHTDILVGVKAEMGTPKLEKPNE
GYLEFFVDCSASATPEFEGRGGDDLGTEIANTLYRIFNNKSSVDLKTLCISPREHCWVLYVDVLLLECGGNLFDAISIAV
KAALFNTRIPRVRVLEDEEGSKDIELSDDPYDCIRLSVENVPCIVTLCKIGYRHVVDATLQEEACSLASLLVSVTSKGVV
TCMRKVGKGSLDPESIFEMMETGKRVGKVLHASLQSVVHKEESLGPKRQKVGFLG
;
E
6 'polypeptide(L)'
;GPDSMPGDHRRIRGPEESQPPQLYAADEEEAPGTRDPTRLRPVYARAGLLSQAKGSAYLEAGGTKVLCAVSGPRQAEGGE
RGGGPAGAGGEAPAALRGRLLCDFRRAPFAGRRRRAPPGGCEERELALALQEALEPAVRLGRYPRAQLEVSALLLEDGGS
ALAAALTAAALALADAGVEMYDLVVGCGLSLAPGPAPTWLLDPTRLEEERAAAGLTVALMPVLNQVAGLLGSGEGGLTES
WAEAVRLGLEGCQRLYPVLQQSLVRAARRRGAAAQP
;
F
7 'polypeptide(L)'
;GSGSGSGSGSGSGSGSGSMAEPASVAAESLAGSRARAARTVLGQVVLPGEELLLPEQEDAEGPGGAVERPLSLNARACSR
VRVVCGPGLRRCGDRLLVTKCGRLRHKEPGSGSGGGVYWVDSQQKRYVPVKGDHVIGIVTAKSGDIFKVDVGGSEPASLS
YLSFEGATKRNRPNVQVGDLIYGQFVVANKDMEPEMVCIDSCGRANGMGVIGQDGLLFKVTLGLIRKLLAPDCEIIQEVG
KLYPLEIVFGMNGRIWVKAKTIQQTLILANILEACEHMTSDQRKQIFSRLAES
;
G
8 'polypeptide(L)'
;GPDSMAMEMRLPVARKPLSERLGRDTKKHLVVPGDTITTDTGFMRGHGTYMGEEKLIASVAGSVERVNKLICVKALKTRY
IGEVGDIVVGRITEVQQKRWKVETNSRLDSVLLLSSMNLPGGELRRRSAEDELAMRGFLQEGDLISAEVQAVFSDGAVSL
HTRSLKYGKLGQGVLVQVSPSLVKRQKTHFHDLPCGASVILGNNGFIWIYPTPEHKEEEAGGFIANLEPVSLADREVISR
LRNCIISLVTQRMMLYDTSILYCYEASLPHQIKDILKPEIMEEIVMETRQRLLEQEG
;
H
9 'polypeptide(L)'
;GPDSMAPPVRYCIPGERLCNLEEGSPGSGTYTRHGYIFSSLAGCLMKSSENGALPVVSVVRETESQLLPDVGAIVTCKVS
SINSRFAKVHILYVGSMPLKNSFRGTIRKEDVRATEKDKVEIYKSFRPGDIVLAKVISLGDAQSNYLLTTAENELGVVVA
HSESGIQMVPISWCEMQCPKTHTKEFRKVARVQPEFLQT
;
I
10 'polypeptide(L)'
;GPDSMLKSKTFLKKTRAGGVMKIVREHYLRDDIGCGAPGCAACGGAHEGPALEPQPQDPASSVCPQPHYLLPDTNVLLHQ
IDVLEDPAIRNVIVLQTVLQEVRNRSAPVYKRIRDVTNNQEKHFYTFTNEHHRETYVEQEQGENANDRNNRAIRVAAKWY
NEHLKKMSADNQLQVIFITNDRRNKEKAIEEGIPAFTCEEYVKSLTANPELIDRLACLSEEGNEIESGKIIFSEHLPLSK
LQQGIKSGTYLQGTFRASRENYLEATVWIHGDNEENKEIILQGLKHLNRAVHEDIVAVELLPKSQWVAPSSVVLHDEGQN
EEDVEKEEETERMLKTAVSEKMLKPTGRVVGIIKRNWRPYCGMLSKSDIKESRRHLFTPADKRIPRIRIETRQASTLEGR
RIIVAIDGWPRNSRYPNGHFVRNLGDVGEKETETEVLLLEHDVPHQPFSQAVLSFLPKMPWSITEKDMKNREDLRHLCIC
SVDPPGCTDINDALHCRELENGNLEVGVHIADVSHFIRPGNALDQESARRGTTVYLCEKRIDMVPELLSSNLCSLKCDVD
RLAFSCIWEMNHNAEILKTKFTKSVINSKASLTYAEAQLRIDSANMNDDITTSLRGLNKLAKILKKRRIEKGALTLSSPE
VRFHMDSETHDPIDLQTKELRETNSMVEEFMLLANISVAKKIHEEFSEHALLRKHPAPPPSNYEILVKAARSRNLEIKTD
TAKSLAESLDQAESPTFPYLNTLLRILATRCMMQAVYFCSGMDNDFHHYGLASPIYTHFTSPIRRYADVIVHRLLAVAIG
ADCTYPELTDKHKLADICKNLNFRHKMAQYAQRASVAFHTQLFFKSKGIVSEEAYILFVRKNAIVVLIPKYGLEGTVFFE
EKDKPNPQLIYDDEIPSLKIEDTVFHVFDKVKVKIMLDSSNLQHQKIRMSLVEPQIPGISIPTDTSNMDLNGPKKKKMKL
GK
;
J
11 'polypeptide(L)'
;GPDSASMAAERKTKLSKNLLRMKFMQRGLDSETKKQLEEEEKKIISEEHWYLDLPELKEKESFIIEEQSFLLCEDLLYGR
MSFRGFNPEVEKLMLQMNAKHKAEEVEDETVELDVSDEEMARRYETLVGTIGKKFARKRDHANYEEDENGDITPIKAKKM
FLKPQD
;
K
12 'polyribonucleotide' UUUUUUUUUUUUUUUUUUUUUUUUUUUUUUUUUUUUUUUUUUUU R
#
loop_
_chem_comp.id
_chem_comp.type
_chem_comp.name
_chem_comp.formula
U RNA linking URIDINE-5'-MONOPHOSPHATE 'C9 H13 N2 O9 P'
#
# COMPACT_ATOMS: atom_id res chain seq x y z
N LYS A 6 -2.91 3.42 29.14
CA LYS A 6 -2.24 4.28 30.11
C LYS A 6 -2.81 5.69 30.07
N GLU A 7 -3.86 5.88 29.26
CA GLU A 7 -4.49 7.19 29.16
C GLU A 7 -5.33 7.49 30.40
N THR A 8 -5.52 8.78 30.67
CA THR A 8 -6.25 9.18 31.86
C THR A 8 -7.74 8.93 31.66
N PRO A 9 -8.39 8.25 32.61
CA PRO A 9 -9.81 7.95 32.45
C PRO A 9 -10.70 9.14 32.77
N LEU A 10 -11.89 9.17 32.17
CA LEU A 10 -12.83 10.26 32.37
C LEU A 10 -13.59 10.06 33.67
N SER A 11 -13.88 11.15 34.37
CA SER A 11 -14.67 11.10 35.60
C SER A 11 -16.11 10.72 35.32
N ASN A 12 -16.80 10.26 36.36
CA ASN A 12 -18.25 10.10 36.27
C ASN A 12 -18.93 11.46 36.19
N CYS A 13 -18.37 12.43 36.91
CA CYS A 13 -18.98 13.76 36.93
C CYS A 13 -18.76 14.49 35.63
N GLU A 14 -17.62 14.22 34.96
CA GLU A 14 -17.40 14.71 33.61
C GLU A 14 -18.50 14.24 32.66
N ARG A 15 -18.84 12.95 32.73
CA ARG A 15 -19.89 12.38 31.90
C ARG A 15 -21.25 13.00 32.22
N ARG A 16 -21.57 13.10 33.52
CA ARG A 16 -22.89 13.60 33.92
C ARG A 16 -23.06 15.07 33.56
N PHE A 17 -22.04 15.89 33.83
CA PHE A 17 -22.13 17.31 33.51
C PHE A 17 -22.15 17.55 32.01
N LEU A 18 -21.41 16.74 31.25
CA LEU A 18 -21.36 16.99 29.81
C LEU A 18 -22.67 16.56 29.15
N LEU A 19 -23.26 15.46 29.62
CA LEU A 19 -24.56 15.05 29.09
C LEU A 19 -25.66 16.05 29.47
N ARG A 20 -25.58 16.60 30.68
CA ARG A 20 -26.54 17.64 31.06
C ARG A 20 -26.34 18.91 30.22
N ALA A 21 -25.10 19.17 29.81
CA ALA A 21 -24.85 20.29 28.91
C ALA A 21 -25.39 20.01 27.50
N ILE A 22 -25.36 18.75 27.09
CA ILE A 22 -25.91 18.38 25.78
C ILE A 22 -27.42 18.51 25.79
N GLU A 23 -28.05 18.25 26.93
CA GLU A 23 -29.51 18.22 26.98
C GLU A 23 -30.13 19.63 26.89
N GLU A 24 -29.31 20.68 26.93
CA GLU A 24 -29.81 22.03 26.71
C GLU A 24 -29.14 22.71 25.53
N LYS A 25 -28.53 21.94 24.62
CA LYS A 25 -27.93 22.43 23.37
C LYS A 25 -26.86 23.48 23.59
N LYS A 26 -25.89 23.16 24.44
CA LYS A 26 -24.73 24.04 24.68
C LYS A 26 -23.47 23.20 24.73
N ARG A 27 -22.46 23.64 23.97
CA ARG A 27 -21.19 22.95 23.91
C ARG A 27 -20.31 23.33 25.09
N LEU A 28 -19.04 22.95 25.03
CA LEU A 28 -18.10 23.38 26.06
C LEU A 28 -17.53 24.75 25.76
N ASP A 29 -17.02 24.95 24.54
CA ASP A 29 -16.32 26.18 24.21
C ASP A 29 -17.25 27.37 24.03
N GLY A 30 -18.50 27.16 23.61
CA GLY A 30 -19.44 28.24 23.46
C GLY A 30 -20.08 28.39 22.10
N ARG A 31 -19.65 27.61 21.12
CA ARG A 31 -20.29 27.61 19.81
C ARG A 31 -21.63 26.89 19.87
N GLN A 32 -22.33 26.91 18.73
CA GLN A 32 -23.60 26.20 18.64
C GLN A 32 -23.37 24.74 18.26
N THR A 33 -24.48 24.07 17.92
CA THR A 33 -24.38 22.66 17.54
C THR A 33 -23.83 22.51 16.14
N TYR A 34 -24.00 23.53 15.31
CA TYR A 34 -23.70 23.43 13.90
C TYR A 34 -22.52 24.29 13.48
N ASP A 35 -21.46 24.33 14.28
CA ASP A 35 -20.32 25.19 14.03
C ASP A 35 -19.02 24.39 14.08
N TYR A 36 -18.30 24.38 12.97
CA TYR A 36 -16.92 23.92 13.00
C TYR A 36 -16.05 24.89 13.79
N ARG A 37 -14.94 24.37 14.29
CA ARG A 37 -13.95 25.23 14.92
C ARG A 37 -13.20 26.03 13.88
N ASN A 38 -12.52 27.07 14.35
CA ASN A 38 -11.85 27.98 13.44
C ASN A 38 -10.60 27.33 12.87
N ILE A 39 -10.61 27.08 11.56
CA ILE A 39 -9.59 26.29 10.91
C ILE A 39 -8.52 27.21 10.35
N ARG A 40 -7.34 26.65 10.11
CA ARG A 40 -6.17 27.36 9.61
C ARG A 40 -5.40 26.44 8.67
N ILE A 41 -5.03 26.96 7.51
CA ILE A 41 -4.27 26.20 6.53
C ILE A 41 -2.92 26.90 6.34
N SER A 42 -1.84 26.17 6.56
CA SER A 42 -0.50 26.69 6.32
C SER A 42 0.20 25.77 5.34
N PHE A 43 1.21 26.28 4.66
CA PHE A 43 1.92 25.52 3.64
C PHE A 43 3.38 25.42 4.03
N GLY A 44 4.06 24.42 3.50
CA GLY A 44 5.48 24.28 3.74
C GLY A 44 6.30 25.12 2.77
N THR A 45 7.61 24.89 2.79
CA THR A 45 8.47 25.56 1.84
C THR A 45 8.32 24.95 0.46
N ASP A 46 8.64 23.67 0.33
CA ASP A 46 8.51 22.98 -0.94
C ASP A 46 7.04 22.70 -1.26
N TYR A 47 6.79 22.21 -2.46
CA TYR A 47 5.43 21.96 -2.89
C TYR A 47 4.87 20.73 -2.20
N GLY A 48 3.59 20.78 -1.87
CA GLY A 48 2.89 19.63 -1.35
C GLY A 48 2.99 19.39 0.14
N CYS A 49 3.50 20.33 0.90
CA CYS A 49 3.62 20.20 2.35
C CYS A 49 2.63 21.15 3.01
N CYS A 50 1.63 20.60 3.69
CA CYS A 50 0.58 21.42 4.28
C CYS A 50 0.42 21.07 5.75
N ILE A 51 0.02 22.06 6.54
CA ILE A 51 -0.28 21.89 7.95
C ILE A 51 -1.69 22.42 8.18
N VAL A 52 -2.59 21.55 8.62
CA VAL A 52 -3.97 21.93 8.84
C VAL A 52 -4.23 21.95 10.33
N GLU A 53 -4.70 23.07 10.83
CA GLU A 53 -5.18 23.19 12.21
C GLU A 53 -6.70 23.27 12.18
N LEU A 54 -7.34 22.23 12.66
CA LEU A 54 -8.79 22.27 12.85
C LEU A 54 -9.15 22.85 14.21
N GLY A 55 -8.16 23.31 14.97
CA GLY A 55 -8.38 23.92 16.26
C GLY A 55 -7.85 23.02 17.34
N LYS A 56 -6.64 23.32 17.81
CA LYS A 56 -5.82 22.50 18.71
C LYS A 56 -5.63 21.09 18.17
N THR A 57 -5.64 20.89 16.86
CA THR A 57 -5.48 19.58 16.24
C THR A 57 -4.72 19.79 14.95
N ARG A 58 -3.46 19.34 14.91
CA ARG A 58 -2.58 19.63 13.80
C ARG A 58 -2.36 18.37 12.99
N VAL A 59 -2.56 18.47 11.69
CA VAL A 59 -2.32 17.35 10.79
C VAL A 59 -1.34 17.79 9.71
N LEU A 60 -0.26 17.03 9.55
CA LEU A 60 0.77 17.30 8.55
C LEU A 60 0.48 16.47 7.32
N GLY A 61 0.62 17.07 6.14
CA GLY A 61 0.38 16.37 4.91
C GLY A 61 1.47 16.54 3.89
N GLN A 62 1.92 15.45 3.30
CA GLN A 62 3.02 15.47 2.34
C GLN A 62 2.72 14.57 1.17
N VAL A 63 3.01 15.05 -0.05
CA VAL A 63 2.82 14.28 -1.26
C VAL A 63 4.17 14.06 -1.91
N SER A 64 4.51 12.80 -2.16
CA SER A 64 5.70 12.46 -2.92
C SER A 64 5.26 11.65 -4.14
N CYS A 65 6.09 11.62 -5.17
CA CYS A 65 5.69 11.00 -6.42
C CYS A 65 6.90 10.45 -7.16
N GLU A 66 6.77 9.25 -7.71
CA GLU A 66 7.87 8.56 -8.37
C GLU A 66 7.40 7.92 -9.67
N LEU A 67 8.32 7.20 -10.31
CA LEU A 67 8.00 6.45 -11.52
C LEU A 67 8.13 4.95 -11.23
N VAL A 68 7.00 4.25 -11.26
CA VAL A 68 6.94 2.83 -10.96
C VAL A 68 6.36 2.13 -12.18
N SER A 69 6.82 0.92 -12.47
CA SER A 69 6.17 0.08 -13.46
C SER A 69 4.73 -0.21 -13.03
N PRO A 70 3.77 -0.17 -13.96
CA PRO A 70 2.36 -0.20 -13.57
C PRO A 70 1.90 -1.58 -13.16
N LYS A 71 0.72 -1.62 -12.55
CA LYS A 71 0.05 -2.88 -12.28
C LYS A 71 -0.44 -3.47 -13.60
N LEU A 72 -0.47 -4.80 -13.67
CA LEU A 72 -0.63 -5.49 -14.95
C LEU A 72 -2.06 -5.36 -15.49
N ASN A 73 -3.06 -5.38 -14.60
CA ASN A 73 -4.44 -5.30 -15.06
C ASN A 73 -4.80 -3.88 -15.47
N ARG A 74 -4.12 -2.89 -14.90
CA ARG A 74 -4.42 -1.48 -15.14
C ARG A 74 -3.18 -0.83 -15.74
N ALA A 75 -3.07 -0.88 -17.06
CA ALA A 75 -1.83 -0.46 -17.71
C ALA A 75 -1.82 1.03 -18.01
N THR A 76 -2.98 1.68 -18.00
CA THR A 76 -3.04 3.03 -18.51
C THR A 76 -3.43 4.08 -17.48
N GLU A 77 -3.24 3.83 -16.19
CA GLU A 77 -3.43 4.90 -15.21
C GLU A 77 -2.46 4.75 -14.05
N GLY A 78 -2.40 5.79 -13.22
CA GLY A 78 -1.43 5.87 -12.16
C GLY A 78 -2.00 5.36 -10.85
N ILE A 79 -1.11 4.91 -9.99
CA ILE A 79 -1.50 4.32 -8.71
C ILE A 79 -1.46 5.38 -7.63
N LEU A 80 -2.50 5.40 -6.79
CA LEU A 80 -2.50 6.23 -5.58
C LEU A 80 -2.24 5.33 -4.40
N PHE A 81 -1.42 5.80 -3.48
CA PHE A 81 -1.02 5.01 -2.32
C PHE A 81 -1.04 5.90 -1.10
N PHE A 82 -1.87 5.55 -0.12
CA PHE A 82 -2.13 6.42 1.02
C PHE A 82 -1.48 5.83 2.26
N ASN A 83 -1.01 6.68 3.14
CA ASN A 83 -0.54 6.22 4.45
C ASN A 83 -0.88 7.27 5.49
N LEU A 84 -1.83 6.93 6.35
CA LEU A 84 -2.15 7.73 7.53
C LEU A 84 -1.59 7.03 8.75
N GLU A 85 -0.50 7.57 9.29
CA GLU A 85 0.19 6.98 10.42
C GLU A 85 0.03 7.86 11.64
N LEU A 86 -0.37 7.26 12.75
CA LEU A 86 -0.53 7.97 14.01
C LEU A 86 0.83 8.13 14.64
N SER A 87 1.27 9.38 14.79
CA SER A 87 2.54 9.63 15.44
C SER A 87 2.44 9.39 16.94
N GLN A 88 3.59 9.20 17.57
CA GLN A 88 3.62 8.94 19.00
C GLN A 88 3.25 10.16 19.82
N MET A 89 3.49 11.37 19.32
CA MET A 89 3.30 12.56 20.14
C MET A 89 1.83 12.93 20.26
N ALA A 90 0.96 12.31 19.47
CA ALA A 90 -0.39 12.81 19.33
C ALA A 90 -1.24 12.50 20.56
N ALA A 91 -1.11 11.29 21.10
CA ALA A 91 -1.86 10.91 22.28
C ALA A 91 -0.98 9.97 23.08
N PRO A 92 -1.04 10.03 24.41
CA PRO A 92 -0.15 9.17 25.21
C PRO A 92 -0.46 7.69 25.13
N ALA A 93 -1.66 7.33 24.69
CA ALA A 93 -2.01 5.93 24.49
C ALA A 93 -1.70 5.44 23.08
N PHE A 94 -1.11 6.27 22.22
CA PHE A 94 -0.84 5.83 20.86
C PHE A 94 0.56 5.22 20.74
N GLU A 95 0.83 4.20 21.54
CA GLU A 95 2.05 3.42 21.38
C GLU A 95 1.98 2.62 20.09
N PRO A 96 3.11 2.36 19.43
CA PRO A 96 3.06 1.69 18.12
C PRO A 96 2.67 0.22 18.26
N GLY A 97 1.67 -0.19 17.49
CA GLY A 97 1.15 -1.54 17.54
C GLY A 97 0.03 -1.75 18.52
N ARG A 98 -0.24 -0.80 19.42
CA ARG A 98 -1.32 -0.98 20.37
C ARG A 98 -2.66 -0.56 19.77
N GLN A 99 -2.67 0.53 19.02
CA GLN A 99 -3.92 1.06 18.45
C GLN A 99 -4.09 0.64 17.00
N SER A 100 -4.35 -0.66 16.78
CA SER A 100 -4.53 -1.13 15.41
C SER A 100 -5.93 -0.80 14.89
N ASP A 101 -6.92 -0.78 15.79
CA ASP A 101 -8.31 -0.70 15.37
C ASP A 101 -8.64 0.68 14.81
N LEU A 102 -8.28 1.73 15.55
CA LEU A 102 -8.53 3.09 15.09
C LEU A 102 -7.67 3.41 13.87
N LEU A 103 -6.49 2.79 13.79
CA LEU A 103 -5.62 2.97 12.63
C LEU A 103 -6.26 2.42 11.36
N VAL A 104 -6.78 1.19 11.40
CA VAL A 104 -7.43 0.61 10.23
C VAL A 104 -8.72 1.37 9.90
N LYS A 105 -9.45 1.79 10.94
CA LYS A 105 -10.73 2.45 10.72
C LYS A 105 -10.55 3.83 10.09
N LEU A 106 -9.45 4.52 10.38
CA LEU A 106 -9.19 5.76 9.67
C LEU A 106 -8.63 5.52 8.28
N ASN A 107 -7.70 4.56 8.17
CA ASN A 107 -6.96 4.34 6.94
C ASN A 107 -7.88 3.90 5.81
N ARG A 108 -8.78 2.97 6.10
CA ARG A 108 -9.65 2.46 5.06
C ARG A 108 -10.69 3.51 4.64
N LEU A 109 -11.14 4.34 5.58
CA LEU A 109 -12.09 5.39 5.25
C LEU A 109 -11.47 6.42 4.31
N MET A 110 -10.26 6.89 4.65
CA MET A 110 -9.55 7.82 3.76
C MET A 110 -9.30 7.21 2.39
N GLU A 111 -8.90 5.94 2.36
CA GLU A 111 -8.60 5.27 1.10
C GLU A 111 -9.84 5.14 0.23
N ARG A 112 -10.98 4.75 0.82
CA ARG A 112 -12.19 4.58 0.04
C ARG A 112 -12.70 5.91 -0.48
N CYS A 113 -12.68 6.96 0.35
CA CYS A 113 -13.10 8.29 -0.10
C CYS A 113 -12.28 8.77 -1.27
N LEU A 114 -10.96 8.93 -1.08
CA LEU A 114 -10.19 9.62 -2.10
C LEU A 114 -9.71 8.67 -3.20
N ARG A 115 -10.05 7.38 -3.12
CA ARG A 115 -9.85 6.56 -4.30
C ARG A 115 -11.14 6.38 -5.07
N ASN A 116 -12.16 5.80 -4.44
CA ASN A 116 -13.35 5.42 -5.18
C ASN A 116 -14.27 6.61 -5.43
N SER A 117 -13.94 7.77 -4.89
CA SER A 117 -14.68 8.96 -5.25
C SER A 117 -14.26 9.51 -6.61
N LYS A 118 -13.17 8.99 -7.18
CA LYS A 118 -12.52 9.53 -8.38
C LYS A 118 -12.23 11.02 -8.23
N CYS A 119 -11.56 11.36 -7.13
CA CYS A 119 -11.33 12.77 -6.82
C CYS A 119 -10.30 13.37 -7.75
N ILE A 120 -9.11 12.80 -7.79
CA ILE A 120 -8.06 13.25 -8.68
C ILE A 120 -7.91 12.22 -9.78
N ASP A 121 -7.55 12.69 -10.97
CA ASP A 121 -7.53 11.83 -12.14
C ASP A 121 -6.38 10.84 -12.04
N THR A 122 -6.65 9.60 -12.43
CA THR A 122 -5.57 8.64 -12.59
C THR A 122 -5.15 8.52 -14.04
N GLU A 123 -6.07 8.83 -14.97
CA GLU A 123 -5.77 8.61 -16.39
C GLU A 123 -4.89 9.71 -16.95
N SER A 124 -4.68 10.78 -16.21
CA SER A 124 -3.83 11.86 -16.69
C SER A 124 -2.36 11.58 -16.43
N LEU A 125 -2.07 10.47 -15.76
CA LEU A 125 -0.73 10.27 -15.24
C LEU A 125 0.12 9.38 -16.14
N CYS A 126 -0.52 8.62 -17.03
CA CYS A 126 0.21 7.58 -17.73
C CYS A 126 1.14 8.15 -18.78
N VAL A 127 2.41 7.75 -18.68
CA VAL A 127 3.48 8.29 -19.51
C VAL A 127 3.70 7.38 -20.70
N VAL A 128 4.01 6.11 -20.44
CA VAL A 128 4.13 5.09 -21.47
C VAL A 128 3.32 3.89 -20.98
N ALA A 129 2.38 3.43 -21.80
CA ALA A 129 1.45 2.40 -21.38
C ALA A 129 2.16 1.06 -21.16
N GLY A 130 2.07 0.55 -19.93
CA GLY A 130 2.69 -0.69 -19.59
C GLY A 130 4.13 -0.59 -19.12
N GLU A 131 4.79 0.55 -19.31
CA GLU A 131 6.20 0.62 -18.96
C GLU A 131 6.49 1.66 -17.89
N LYS A 132 6.06 2.90 -18.10
CA LYS A 132 6.33 3.98 -17.16
C LYS A 132 5.05 4.73 -16.83
N VAL A 133 4.79 4.88 -15.53
CA VAL A 133 3.61 5.61 -15.09
C VAL A 133 3.93 6.29 -13.77
N TRP A 134 3.31 7.45 -13.52
CA TRP A 134 3.51 8.14 -12.25
C TRP A 134 2.83 7.38 -11.13
N GLN A 135 3.40 7.47 -9.94
CA GLN A 135 2.87 6.81 -8.76
C GLN A 135 2.92 7.80 -7.61
N ILE A 136 1.75 8.13 -7.07
CA ILE A 136 1.59 9.19 -6.09
C ILE A 136 1.37 8.58 -4.72
N ARG A 137 2.25 8.90 -3.78
CA ARG A 137 2.11 8.46 -2.40
C ARG A 137 1.90 9.65 -1.50
N VAL A 138 0.80 9.65 -0.75
CA VAL A 138 0.58 10.74 0.20
C VAL A 138 0.70 10.19 1.61
N ASP A 139 1.22 11.02 2.50
CA ASP A 139 1.46 10.67 3.88
C ASP A 139 0.82 11.73 4.75
N LEU A 140 -0.02 11.29 5.67
CA LEU A 140 -0.62 12.19 6.64
C LEU A 140 -0.16 11.77 8.02
N HIS A 141 0.35 12.73 8.78
CA HIS A 141 0.78 12.48 10.14
C HIS A 141 -0.13 13.24 11.09
N LEU A 142 -0.69 12.52 12.05
CA LEU A 142 -1.48 13.12 13.11
C LEU A 142 -0.54 13.60 14.21
N LEU A 143 -0.55 14.90 14.45
CA LEU A 143 0.42 15.49 15.36
C LEU A 143 -0.19 15.78 16.72
N ASN A 144 -1.42 16.26 16.75
CA ASN A 144 -2.09 16.61 17.99
C ASN A 144 -3.53 16.11 17.92
N HIS A 145 -3.95 15.36 18.93
CA HIS A 145 -5.26 14.71 18.94
C HIS A 145 -6.19 15.42 19.90
N ASP A 146 -7.08 16.25 19.36
CA ASP A 146 -8.11 16.91 20.16
C ASP A 146 -9.41 17.05 19.38
N GLY A 147 -9.73 16.08 18.53
CA GLY A 147 -10.97 16.15 17.78
C GLY A 147 -11.04 15.14 16.66
N ASN A 148 -11.73 15.47 15.57
CA ASN A 148 -11.89 14.55 14.46
C ASN A 148 -10.58 14.45 13.69
N ILE A 149 -10.05 13.23 13.66
CA ILE A 149 -8.91 12.96 12.79
C ILE A 149 -9.39 12.81 11.36
N ILE A 150 -10.66 12.40 11.20
CA ILE A 150 -11.23 12.19 9.87
C ILE A 150 -11.31 13.49 9.10
N ASP A 151 -11.90 14.50 9.72
CA ASP A 151 -12.13 15.78 9.05
C ASP A 151 -10.83 16.47 8.72
N ALA A 152 -9.91 16.53 9.69
CA ALA A 152 -8.65 17.19 9.48
C ALA A 152 -7.78 16.43 8.49
N ALA A 153 -7.88 15.10 8.50
CA ALA A 153 -7.12 14.30 7.55
C ALA A 153 -7.63 14.50 6.13
N SER A 154 -8.95 14.60 5.97
CA SER A 154 -9.50 14.82 4.63
C SER A 154 -9.17 16.21 4.12
N ILE A 155 -9.23 17.21 4.99
CA ILE A 155 -8.83 18.58 4.62
C ILE A 155 -7.37 18.61 4.21
N ALA A 156 -6.50 17.96 4.99
CA ALA A 156 -5.07 17.98 4.71
C ALA A 156 -4.75 17.25 3.41
N ALA A 157 -5.44 16.15 3.14
CA ALA A 157 -5.18 15.39 1.93
C ALA A 157 -5.63 16.16 0.70
N ILE A 158 -6.79 16.83 0.77
CA ILE A 158 -7.25 17.60 -0.39
C ILE A 158 -6.36 18.81 -0.63
N VAL A 159 -5.94 19.49 0.43
CA VAL A 159 -5.06 20.65 0.28
C VAL A 159 -3.70 20.24 -0.26
N ALA A 160 -3.20 19.09 0.18
CA ALA A 160 -1.91 18.61 -0.31
C ALA A 160 -2.00 18.14 -1.75
N LEU A 161 -3.14 17.59 -2.16
CA LEU A 161 -3.30 17.21 -3.56
C LEU A 161 -3.45 18.44 -4.45
N CYS A 162 -4.07 19.50 -3.92
CA CYS A 162 -4.21 20.72 -4.72
C CYS A 162 -2.89 21.44 -4.85
N HIS A 163 -2.05 21.38 -3.82
CA HIS A 163 -0.86 22.22 -3.81
C HIS A 163 0.32 21.54 -4.48
N PHE A 164 0.26 20.22 -4.64
CA PHE A 164 1.40 19.47 -5.16
C PHE A 164 1.61 19.72 -6.64
N ARG A 165 2.87 19.74 -7.06
CA ARG A 165 3.24 19.81 -8.45
C ARG A 165 4.22 18.68 -8.75
N ARG A 166 4.14 18.13 -9.94
CA ARG A 166 5.01 17.03 -10.34
C ARG A 166 5.96 17.47 -11.43
N PRO A 167 7.17 16.90 -11.52
CA PRO A 167 8.10 17.34 -12.56
C PRO A 167 7.65 16.84 -13.93
N ASP A 168 7.94 17.64 -14.95
CA ASP A 168 7.52 17.32 -16.31
C ASP A 168 8.36 16.20 -16.89
N VAL A 169 7.73 15.36 -17.70
CA VAL A 169 8.42 14.39 -18.53
C VAL A 169 8.02 14.69 -19.96
N SER A 170 8.94 14.47 -20.88
CA SER A 170 8.63 14.57 -22.30
C SER A 170 8.79 13.20 -22.93
N VAL A 171 7.78 12.81 -23.71
CA VAL A 171 7.75 11.53 -24.39
C VAL A 171 8.00 11.79 -25.86
N GLN A 172 9.04 11.17 -26.40
CA GLN A 172 9.31 11.27 -27.82
C GLN A 172 9.66 9.89 -28.34
N GLY A 173 8.69 9.28 -29.02
CA GLY A 173 8.85 7.90 -29.45
C GLY A 173 8.87 6.98 -28.25
N ASP A 174 10.04 6.41 -28.00
CA ASP A 174 10.26 5.61 -26.80
C ASP A 174 11.13 6.33 -25.78
N GLU A 175 11.65 7.50 -26.11
CA GLU A 175 12.43 8.26 -25.13
C GLU A 175 11.52 8.90 -24.10
N VAL A 176 11.84 8.66 -22.84
CA VAL A 176 11.16 9.26 -21.71
C VAL A 176 12.18 10.13 -21.00
N THR A 177 12.13 11.43 -21.24
CA THR A 177 13.13 12.34 -20.69
C THR A 177 12.47 13.19 -19.62
N LEU A 178 12.82 12.95 -18.37
CA LEU A 178 12.37 13.80 -17.29
C LEU A 178 13.32 15.00 -17.16
N TYR A 179 12.90 15.97 -16.37
CA TYR A 179 13.69 17.17 -16.15
C TYR A 179 13.77 17.42 -14.65
N THR A 180 14.77 18.18 -14.24
CA THR A 180 14.92 18.63 -12.87
C THR A 180 13.89 19.71 -12.59
N PRO A 181 13.58 19.99 -11.32
CA PRO A 181 12.77 21.20 -11.04
C PRO A 181 13.48 22.51 -11.34
N GLU A 182 14.80 22.47 -11.55
CA GLU A 182 15.50 23.66 -12.03
C GLU A 182 15.29 23.86 -13.53
N GLU A 183 15.17 22.77 -14.28
CA GLU A 183 15.18 22.88 -15.73
C GLU A 183 13.80 23.18 -16.29
N ARG A 184 12.75 22.74 -15.60
CA ARG A 184 11.38 22.99 -16.04
C ARG A 184 10.50 23.37 -14.86
N ASP A 185 9.44 24.11 -15.15
CA ASP A 185 8.46 24.37 -14.12
C ASP A 185 7.61 23.13 -13.90
N PRO A 186 7.42 22.71 -12.67
CA PRO A 186 6.54 21.55 -12.40
C PRO A 186 5.07 21.92 -12.54
N VAL A 187 4.35 21.13 -13.33
CA VAL A 187 2.95 21.40 -13.63
C VAL A 187 2.06 21.02 -12.46
N PRO A 188 0.92 21.68 -12.26
CA PRO A 188 0.00 21.23 -11.22
C PRO A 188 -0.74 19.99 -11.64
N LEU A 189 -1.42 19.37 -10.68
CA LEU A 189 -2.03 18.07 -10.92
C LEU A 189 -3.51 18.23 -11.27
N SER A 190 -4.03 17.29 -12.03
CA SER A 190 -5.40 17.37 -12.55
C SER A 190 -6.37 16.89 -11.47
N ILE A 191 -7.33 17.74 -11.13
CA ILE A 191 -8.31 17.45 -10.08
C ILE A 191 -9.70 17.68 -10.64
N HIS A 192 -10.58 16.69 -10.47
CA HIS A 192 -11.97 16.87 -10.86
C HIS A 192 -12.72 17.71 -9.84
N HIS A 193 -12.71 17.31 -8.57
CA HIS A 193 -13.50 17.99 -7.57
C HIS A 193 -12.86 17.78 -6.21
N MET A 194 -13.41 18.44 -5.21
CA MET A 194 -12.83 18.32 -3.88
C MET A 194 -13.80 17.66 -2.92
N PRO A 195 -13.71 16.35 -2.71
CA PRO A 195 -14.59 15.72 -1.72
C PRO A 195 -14.02 15.91 -0.33
N ILE A 196 -14.88 15.99 0.68
CA ILE A 196 -14.42 16.28 2.03
C ILE A 196 -15.32 15.51 3.00
N CYS A 197 -14.83 15.30 4.21
CA CYS A 197 -15.55 14.51 5.21
C CYS A 197 -16.11 15.42 6.28
N VAL A 198 -17.30 15.08 6.79
CA VAL A 198 -17.95 15.78 7.90
C VAL A 198 -18.38 14.73 8.91
N SER A 199 -18.02 14.95 10.17
CA SER A 199 -18.28 14.00 11.24
C SER A 199 -19.46 14.45 12.09
N PHE A 200 -20.36 13.53 12.39
CA PHE A 200 -21.52 13.78 13.22
C PHE A 200 -21.49 12.88 14.44
N ALA A 201 -21.79 13.46 15.59
CA ALA A 201 -21.81 12.73 16.86
C ALA A 201 -23.25 12.55 17.31
N PHE A 202 -23.63 11.30 17.55
CA PHE A 202 -24.92 10.95 18.10
C PHE A 202 -24.77 10.58 19.57
N PHE A 203 -25.69 11.11 20.38
CA PHE A 203 -25.71 10.96 21.82
C PHE A 203 -27.02 10.35 22.28
N GLN A 204 -26.92 9.42 23.25
CA GLN A 204 -28.02 8.70 23.92
C GLN A 204 -29.11 8.23 22.95
N GLN A 205 -28.69 7.36 22.01
CA GLN A 205 -29.55 6.74 20.99
C GLN A 205 -30.25 7.77 20.11
N GLY A 206 -29.46 8.61 19.45
CA GLY A 206 -29.95 9.42 18.35
C GLY A 206 -30.90 10.53 18.71
N THR A 207 -30.92 10.98 19.96
CA THR A 207 -31.80 12.09 20.30
C THR A 207 -31.17 13.42 19.94
N TYR A 208 -29.85 13.54 20.14
CA TYR A 208 -29.15 14.82 20.04
C TYR A 208 -28.05 14.73 19.00
N LEU A 209 -28.10 15.63 18.02
CA LEU A 209 -27.17 15.67 16.90
C LEU A 209 -26.10 16.71 17.16
N LEU A 210 -24.83 16.32 17.01
CA LEU A 210 -23.74 17.27 17.17
C LEU A 210 -22.77 17.18 16.00
N VAL A 211 -22.03 18.27 15.82
CA VAL A 211 -21.02 18.39 14.76
C VAL A 211 -19.67 18.64 15.44
N ASP A 212 -18.65 17.91 14.98
CA ASP A 212 -17.24 18.07 15.35
C ASP A 212 -16.99 17.89 16.83
N PRO A 213 -17.01 16.67 17.36
CA PRO A 213 -16.69 16.49 18.77
C PRO A 213 -15.18 16.58 19.01
N ASN A 214 -14.81 17.19 20.13
CA ASN A 214 -13.43 17.11 20.58
C ASN A 214 -13.27 15.92 21.54
N GLU A 215 -12.16 15.93 22.29
CA GLU A 215 -11.69 14.74 23.03
C GLU A 215 -12.69 14.24 24.06
N ARG A 216 -13.12 15.12 24.98
CA ARG A 216 -14.14 14.76 25.95
C ARG A 216 -15.46 14.45 25.26
N GLU A 217 -15.70 15.14 24.15
CA GLU A 217 -16.96 15.02 23.43
C GLU A 217 -16.99 13.73 22.63
N GLU A 218 -15.82 13.13 22.36
CA GLU A 218 -15.79 11.79 21.80
C GLU A 218 -15.80 10.74 22.90
N ARG A 219 -15.29 11.06 24.08
CA ARG A 219 -15.29 10.06 25.14
C ARG A 219 -16.69 9.86 25.72
N VAL A 220 -17.53 10.88 25.65
CA VAL A 220 -18.86 10.72 26.25
C VAL A 220 -19.87 10.21 25.22
N MET A 221 -19.54 10.30 23.93
CA MET A 221 -20.52 9.95 22.91
C MET A 221 -20.62 8.44 22.75
N ASP A 222 -21.63 8.00 22.02
CA ASP A 222 -21.70 6.59 21.68
C ASP A 222 -21.87 6.37 20.19
N GLY A 223 -22.08 7.44 19.42
CA GLY A 223 -22.21 7.24 17.99
C GLY A 223 -21.43 8.22 17.15
N LEU A 224 -20.83 7.70 16.09
CA LEU A 224 -20.12 8.53 15.13
C LEU A 224 -20.60 8.18 13.74
N LEU A 225 -20.72 9.19 12.88
CA LEU A 225 -21.13 9.03 11.50
C LEU A 225 -20.27 9.94 10.63
N VAL A 226 -19.89 9.47 9.45
CA VAL A 226 -19.06 10.25 8.54
C VAL A 226 -19.79 10.36 7.23
N ILE A 227 -19.96 11.58 6.74
CA ILE A 227 -20.57 11.84 5.44
C ILE A 227 -19.57 12.62 4.62
N ALA A 228 -19.25 12.12 3.42
CA ALA A 228 -18.29 12.79 2.54
C ALA A 228 -19.03 13.40 1.36
N MET A 229 -18.93 14.72 1.22
CA MET A 229 -19.64 15.41 0.16
C MET A 229 -18.72 16.30 -0.68
N ASN A 230 -19.35 17.02 -1.60
CA ASN A 230 -18.69 17.59 -2.76
C ASN A 230 -19.11 19.05 -2.93
N LYS A 231 -18.38 19.78 -3.78
CA LYS A 231 -18.80 21.13 -4.15
C LYS A 231 -20.16 21.14 -4.81
N HIS A 232 -20.39 20.23 -5.76
CA HIS A 232 -21.64 20.16 -6.51
C HIS A 232 -22.72 19.40 -5.76
N ARG A 233 -22.52 19.19 -4.45
CA ARG A 233 -23.50 18.61 -3.53
C ARG A 233 -23.83 17.18 -3.96
N GLU A 234 -22.78 16.40 -4.19
CA GLU A 234 -22.82 14.96 -4.40
C GLU A 234 -22.27 14.29 -3.16
N ILE A 235 -22.85 13.17 -2.76
CA ILE A 235 -22.41 12.48 -1.55
C ILE A 235 -21.45 11.38 -1.98
N CYS A 236 -20.21 11.45 -1.49
CA CYS A 236 -19.22 10.46 -1.90
C CYS A 236 -19.29 9.20 -1.05
N THR A 237 -18.97 9.28 0.25
CA THR A 237 -19.00 8.11 1.10
C THR A 237 -19.64 8.45 2.43
N ILE A 238 -20.31 7.46 3.01
CA ILE A 238 -20.81 7.55 4.38
C ILE A 238 -20.40 6.29 5.12
N GLN A 239 -20.19 6.40 6.43
CA GLN A 239 -19.80 5.28 7.26
C GLN A 239 -20.22 5.52 8.70
N SER A 240 -20.85 4.51 9.30
CA SER A 240 -21.30 4.58 10.69
C SER A 240 -20.35 3.80 11.57
N SER A 241 -20.22 4.22 12.83
CA SER A 241 -19.35 3.55 13.78
C SER A 241 -19.85 3.82 15.19
N GLY A 242 -19.55 2.87 16.08
CA GLY A 242 -19.87 3.05 17.48
C GLY A 242 -20.98 2.14 17.97
N GLY A 243 -21.66 1.46 17.07
CA GLY A 243 -22.73 0.56 17.48
C GLY A 243 -23.98 1.28 17.93
N ILE A 244 -24.55 2.10 17.05
CA ILE A 244 -25.78 2.82 17.35
C ILE A 244 -26.84 2.41 16.36
N MET A 245 -28.09 2.74 16.68
CA MET A 245 -29.22 2.46 15.83
C MET A 245 -29.93 3.78 15.55
N LEU A 246 -30.18 4.06 14.28
CA LEU A 246 -30.67 5.36 13.85
C LEU A 246 -31.70 5.20 12.75
N LEU A 247 -32.67 6.11 12.73
CA LEU A 247 -33.67 6.10 11.69
C LEU A 247 -33.17 6.84 10.46
N LYS A 248 -33.82 6.60 9.32
CA LYS A 248 -33.34 7.15 8.06
C LYS A 248 -33.68 8.64 7.92
N ASP A 249 -34.64 9.11 8.72
CA ASP A 249 -34.96 10.53 8.74
C ASP A 249 -33.77 11.35 9.23
N GLN A 250 -32.97 10.77 10.13
CA GLN A 250 -31.82 11.48 10.66
C GLN A 250 -30.74 11.67 9.62
N VAL A 251 -30.43 10.64 8.83
CA VAL A 251 -29.40 10.82 7.81
C VAL A 251 -29.93 11.68 6.67
N LEU A 252 -31.24 11.64 6.44
CA LEU A 252 -31.83 12.52 5.43
C LEU A 252 -31.75 13.99 5.84
N ARG A 253 -31.84 14.28 7.14
CA ARG A 253 -31.63 15.68 7.52
C ARG A 253 -30.16 16.00 7.69
N CYS A 254 -29.32 14.97 7.83
CA CYS A 254 -27.89 15.20 8.02
C CYS A 254 -27.19 15.57 6.72
N SER A 255 -27.67 15.05 5.59
CA SER A 255 -27.03 15.32 4.30
C SER A 255 -27.08 16.81 3.95
N LYS A 256 -28.14 17.50 4.37
CA LYS A 256 -28.31 18.91 4.05
C LYS A 256 -27.28 19.78 4.77
N ILE A 257 -27.12 19.54 6.08
CA ILE A 257 -26.15 20.29 6.87
C ILE A 257 -24.74 19.98 6.40
N ALA A 258 -24.51 18.73 6.00
CA ALA A 258 -23.20 18.37 5.46
C ALA A 258 -22.92 19.08 4.13
N GLY A 259 -23.97 19.32 3.34
CA GLY A 259 -23.80 20.08 2.10
C GLY A 259 -23.42 21.53 2.35
N VAL A 260 -24.06 22.15 3.35
CA VAL A 260 -23.70 23.53 3.71
C VAL A 260 -22.25 23.60 4.19
N LYS A 261 -21.82 22.60 4.95
CA LYS A 261 -20.46 22.64 5.49
C LYS A 261 -19.41 22.39 4.41
N VAL A 262 -19.67 21.48 3.46
CA VAL A 262 -18.69 21.24 2.40
C VAL A 262 -18.58 22.47 1.49
N ALA A 263 -19.69 23.21 1.32
CA ALA A 263 -19.62 24.46 0.56
C ALA A 263 -18.72 25.49 1.24
N GLU A 264 -18.87 25.65 2.56
CA GLU A 264 -18.04 26.63 3.26
C GLU A 264 -16.56 26.24 3.27
N ILE A 265 -16.25 24.96 3.45
CA ILE A 265 -14.84 24.59 3.53
C ILE A 265 -14.19 24.62 2.15
N THR A 266 -14.98 24.38 1.09
CA THR A 266 -14.44 24.55 -0.26
C THR A 266 -14.11 26.01 -0.54
N GLU A 267 -14.95 26.92 -0.03
CA GLU A 267 -14.61 28.35 -0.08
C GLU A 267 -13.30 28.66 0.65
N LEU A 268 -13.10 28.04 1.82
CA LEU A 268 -11.88 28.28 2.59
C LEU A 268 -10.64 27.76 1.88
N ILE A 269 -10.75 26.59 1.24
CA ILE A 269 -9.60 26.01 0.53
C ILE A 269 -9.24 26.84 -0.70
N LEU A 270 -10.26 27.38 -1.39
CA LEU A 270 -9.96 28.23 -2.54
C LEU A 270 -9.29 29.54 -2.13
N LYS A 271 -9.74 30.14 -1.02
CA LYS A 271 -9.04 31.32 -0.49
C LYS A 271 -7.61 30.99 -0.08
N ALA A 272 -7.40 29.78 0.47
CA ALA A 272 -6.06 29.36 0.88
C ALA A 272 -5.12 29.27 -0.32
N LEU A 273 -5.58 28.62 -1.39
CA LEU A 273 -4.73 28.44 -2.56
C LEU A 273 -4.44 29.77 -3.24
N GLU A 274 -5.44 30.64 -3.34
CA GLU A 274 -5.22 31.95 -3.96
C GLU A 274 -4.25 32.81 -3.15
N ASN A 275 -4.35 32.76 -1.82
CA ASN A 275 -3.48 33.61 -1.02
C ASN A 275 -2.06 33.09 -1.03
N ASP A 276 -1.88 31.76 -1.03
CA ASP A 276 -0.53 31.22 -1.12
C ASP A 276 0.11 31.52 -2.47
N GLN A 277 -0.68 31.46 -3.55
CA GLN A 277 -0.11 31.72 -4.85
C GLN A 277 0.25 33.20 -5.02
N LYS A 278 -0.58 34.10 -4.46
CA LYS A 278 -0.24 35.52 -4.52
C LYS A 278 0.93 35.87 -3.61
N VAL A 279 1.17 35.07 -2.58
CA VAL A 279 2.41 35.26 -1.82
C VAL A 279 3.61 34.81 -2.63
N ARG A 280 3.52 33.66 -3.29
CA ARG A 280 4.68 33.14 -4.00
C ARG A 280 4.95 33.85 -5.31
N LYS A 281 4.01 34.67 -5.77
CA LYS A 281 4.29 35.48 -6.96
C LYS A 281 5.25 36.63 -6.68
N GLU A 282 5.45 37.00 -5.42
CA GLU A 282 6.19 38.23 -5.13
C GLU A 282 7.31 38.05 -4.11
N GLY A 283 8.15 37.03 -4.32
CA GLY A 283 9.34 36.87 -3.51
C GLY A 283 9.48 35.51 -2.86
N GLY A 284 8.42 34.75 -2.73
CA GLY A 284 8.49 33.41 -2.21
C GLY A 284 8.52 33.35 -0.70
N LYS A 285 7.60 32.57 -0.14
CA LYS A 285 7.44 32.35 1.28
C LYS A 285 6.47 31.19 1.45
N PHE A 286 5.98 30.97 2.66
CA PHE A 286 4.83 30.12 2.86
C PHE A 286 3.61 31.00 3.01
N GLY A 287 2.52 30.62 2.36
CA GLY A 287 1.32 31.45 2.36
C GLY A 287 0.33 31.10 3.44
N PHE A 288 0.23 31.85 4.52
CA PHE A 288 -0.78 31.44 5.49
C PHE A 288 -2.12 31.28 4.73
N ALA A 289 -3.21 31.09 5.47
CA ALA A 289 -4.53 30.93 4.88
C ALA A 289 -5.60 31.33 5.88
N GLU A 290 -6.82 31.54 5.42
CA GLU A 290 -7.89 32.00 6.32
C GLU A 290 -8.10 31.03 7.46
N SER A 291 -8.26 31.58 8.65
CA SER A 291 -8.50 30.77 9.83
C SER A 291 -9.97 30.82 10.23
N ILE A 292 -10.78 31.48 9.42
CA ILE A 292 -12.20 31.59 9.72
C ILE A 292 -12.99 30.51 9.00
N LEU B 10 -23.97 -2.55 -20.26
CA LEU B 10 -25.42 -2.72 -20.16
C LEU B 10 -25.77 -3.37 -18.84
N LEU B 11 -26.59 -2.71 -18.04
CA LEU B 11 -27.01 -3.24 -16.75
C LEU B 11 -28.51 -3.46 -16.65
N SER B 12 -29.32 -2.45 -16.94
CA SER B 12 -30.77 -2.60 -16.91
C SER B 12 -31.38 -1.90 -18.10
N ASP B 13 -31.91 -2.67 -19.03
CA ASP B 13 -32.64 -2.13 -20.18
C ASP B 13 -33.96 -2.88 -20.31
N GLN B 14 -35.03 -2.12 -20.58
CA GLN B 14 -36.42 -2.62 -20.64
C GLN B 14 -36.80 -3.31 -19.33
N GLY B 15 -36.31 -2.77 -18.22
CA GLY B 15 -36.64 -3.25 -16.90
C GLY B 15 -35.97 -4.55 -16.48
N TYR B 16 -35.11 -5.13 -17.29
CA TYR B 16 -34.50 -6.43 -16.99
C TYR B 16 -33.00 -6.28 -16.80
N ARG B 17 -32.45 -7.06 -15.89
CA ARG B 17 -31.06 -6.93 -15.48
C ARG B 17 -30.24 -8.02 -16.19
N VAL B 18 -28.94 -8.09 -15.89
CA VAL B 18 -28.06 -9.08 -16.50
C VAL B 18 -28.44 -10.48 -16.06
N ASP B 19 -28.80 -10.64 -14.78
CA ASP B 19 -29.18 -11.95 -14.27
C ASP B 19 -30.55 -12.37 -14.79
N GLY B 20 -31.34 -11.42 -15.26
CA GLY B 20 -32.71 -11.73 -15.62
C GLY B 20 -33.63 -11.65 -14.43
N ARG B 21 -33.67 -10.48 -13.82
CA ARG B 21 -34.54 -10.22 -12.67
C ARG B 21 -34.78 -8.73 -12.61
N ARG B 22 -35.93 -8.34 -12.06
CA ARG B 22 -36.23 -6.92 -12.02
C ARG B 22 -35.54 -6.20 -10.88
N ALA B 23 -35.89 -4.94 -10.69
CA ALA B 23 -35.18 -4.08 -9.76
C ALA B 23 -35.46 -4.34 -8.30
N GLY B 24 -36.53 -5.06 -7.97
CA GLY B 24 -36.90 -5.19 -6.58
C GLY B 24 -36.58 -6.52 -5.96
N GLU B 25 -36.63 -7.59 -6.74
CA GLU B 25 -36.54 -8.93 -6.20
C GLU B 25 -35.08 -9.32 -5.93
N LEU B 26 -34.91 -10.27 -5.03
CA LEU B 26 -33.60 -10.65 -4.53
C LEU B 26 -32.96 -11.71 -5.41
N ARG B 27 -31.86 -12.29 -4.94
CA ARG B 27 -31.38 -13.55 -5.48
C ARG B 27 -32.12 -14.70 -4.82
N LYS B 28 -31.76 -15.95 -5.12
CA LYS B 28 -32.34 -17.12 -4.46
C LYS B 28 -31.33 -17.32 -3.35
N ILE B 29 -31.74 -17.32 -2.08
CA ILE B 29 -30.79 -17.49 -0.96
C ILE B 29 -31.24 -18.73 -0.16
N GLN B 30 -30.41 -19.72 0.17
CA GLN B 30 -30.90 -20.86 0.99
C GLN B 30 -29.97 -20.99 2.21
N ALA B 31 -30.46 -20.90 3.45
CA ALA B 31 -29.62 -20.96 4.68
C ALA B 31 -29.81 -22.31 5.40
N ARG B 32 -28.75 -23.00 5.79
CA ARG B 32 -28.90 -24.29 6.50
C ARG B 32 -28.30 -24.12 7.94
N MET B 33 -28.99 -24.51 9.02
CA MET B 33 -28.47 -24.33 10.36
C MET B 33 -27.91 -25.63 10.90
N GLY B 34 -26.93 -25.50 11.79
CA GLY B 34 -26.41 -26.66 12.50
C GLY B 34 -25.56 -27.58 11.64
N VAL B 35 -24.49 -27.05 11.07
CA VAL B 35 -23.63 -27.88 10.24
C VAL B 35 -22.60 -28.63 11.09
N PHE B 36 -21.83 -27.89 11.86
CA PHE B 36 -20.73 -28.46 12.64
C PHE B 36 -21.22 -28.73 14.05
N ALA B 37 -21.45 -30.01 14.37
CA ALA B 37 -21.93 -30.35 15.71
C ALA B 37 -20.79 -30.25 16.73
N GLN B 38 -19.54 -30.20 16.25
CA GLN B 38 -18.41 -30.04 17.14
C GLN B 38 -18.42 -28.67 17.81
N ALA B 39 -18.82 -27.65 17.07
CA ALA B 39 -18.88 -26.30 17.62
C ALA B 39 -20.20 -26.06 18.33
N ASP B 40 -20.49 -24.81 18.66
CA ASP B 40 -21.72 -24.46 19.36
C ASP B 40 -22.82 -24.02 18.40
N GLY B 41 -22.57 -23.04 17.56
CA GLY B 41 -23.53 -22.60 16.57
C GLY B 41 -22.89 -22.54 15.20
N SER B 42 -23.57 -23.08 14.20
CA SER B 42 -22.97 -23.19 12.87
C SER B 42 -24.06 -22.97 11.83
N ALA B 43 -23.78 -22.09 10.87
CA ALA B 43 -24.72 -21.80 9.81
C ALA B 43 -24.00 -21.72 8.46
N TYR B 44 -24.71 -22.16 7.42
CA TYR B 44 -24.21 -22.07 6.05
C TYR B 44 -25.28 -21.45 5.18
N ILE B 45 -24.96 -20.33 4.55
CA ILE B 45 -25.93 -19.59 3.76
C ILE B 45 -25.35 -19.41 2.36
N GLU B 46 -26.23 -19.31 1.37
CA GLU B 46 -25.83 -19.02 0.01
C GLU B 46 -26.85 -18.08 -0.62
N GLN B 47 -26.34 -17.00 -1.21
CA GLN B 47 -27.14 -16.00 -1.90
C GLN B 47 -26.69 -15.99 -3.34
N GLY B 48 -27.37 -16.75 -4.18
CA GLY B 48 -26.90 -16.90 -5.55
C GLY B 48 -25.68 -17.79 -5.55
N ASN B 49 -24.54 -17.21 -5.92
CA ASN B 49 -23.32 -18.01 -5.93
C ASN B 49 -22.39 -17.65 -4.79
N THR B 50 -22.77 -16.67 -3.96
CA THR B 50 -21.93 -16.32 -2.83
C THR B 50 -22.17 -17.26 -1.66
N LYS B 51 -21.14 -17.99 -1.29
CA LYS B 51 -21.22 -18.98 -0.22
C LYS B 51 -20.65 -18.37 1.05
N ALA B 52 -21.33 -18.56 2.17
CA ALA B 52 -20.84 -18.03 3.43
C ALA B 52 -21.04 -19.06 4.53
N LEU B 53 -20.06 -19.16 5.42
CA LEU B 53 -20.02 -20.13 6.50
C LEU B 53 -19.69 -19.43 7.79
N ALA B 54 -20.48 -19.65 8.82
CA ALA B 54 -20.32 -18.91 10.08
C ALA B 54 -20.36 -19.87 11.26
N VAL B 55 -19.40 -19.71 12.17
CA VAL B 55 -19.26 -20.53 13.37
C VAL B 55 -19.13 -19.61 14.57
N VAL B 56 -19.90 -19.90 15.63
CA VAL B 56 -19.84 -19.16 16.89
C VAL B 56 -19.68 -20.15 18.03
N TYR B 57 -18.69 -19.90 18.90
CA TYR B 57 -18.41 -20.86 19.97
C TYR B 57 -19.11 -20.50 21.27
N GLY B 58 -19.89 -19.43 21.27
CA GLY B 58 -20.77 -19.15 22.38
C GLY B 58 -20.05 -18.54 23.56
N PRO B 59 -20.79 -18.28 24.63
CA PRO B 59 -20.22 -17.53 25.74
C PRO B 59 -19.25 -18.35 26.58
N HIS B 60 -18.02 -18.56 26.13
CA HIS B 60 -17.04 -19.29 26.91
C HIS B 60 -16.18 -18.30 27.67
N GLU B 61 -15.58 -18.76 28.77
CA GLU B 61 -14.77 -17.89 29.60
C GLU B 61 -13.45 -17.56 28.93
N ILE B 62 -12.80 -16.49 29.39
CA ILE B 62 -11.62 -15.98 28.73
C ILE B 62 -10.45 -16.94 29.00
N ARG B 63 -9.85 -17.44 27.93
CA ARG B 63 -8.81 -18.45 28.08
C ARG B 63 -7.48 -17.82 28.49
N GLY B 64 -7.01 -16.84 27.73
CA GLY B 64 -5.75 -16.19 28.02
C GLY B 64 -5.90 -14.69 27.86
N SER B 65 -4.87 -13.97 28.32
CA SER B 65 -4.83 -12.51 28.35
C SER B 65 -6.02 -11.94 29.13
N ARG B 66 -6.02 -12.23 30.43
CA ARG B 66 -7.23 -12.08 31.24
C ARG B 66 -7.53 -10.62 31.60
N ALA B 67 -6.70 -9.67 31.15
CA ALA B 67 -6.97 -8.27 31.44
C ALA B 67 -7.99 -7.68 30.46
N ARG B 68 -8.41 -8.46 29.46
CA ARG B 68 -9.27 -7.93 28.42
C ARG B 68 -10.72 -7.86 28.87
N ALA B 69 -11.06 -8.55 29.96
CA ALA B 69 -12.47 -8.73 30.33
C ALA B 69 -13.06 -7.45 30.90
N LEU B 70 -14.28 -7.14 30.46
CA LEU B 70 -15.03 -6.00 30.96
C LEU B 70 -15.86 -6.43 32.14
N PRO B 71 -16.06 -5.58 33.14
CA PRO B 71 -16.79 -6.04 34.34
C PRO B 71 -18.29 -6.11 34.16
N ASP B 72 -18.87 -5.25 33.33
CA ASP B 72 -20.33 -5.21 33.22
C ASP B 72 -20.82 -6.11 32.10
N ARG B 73 -20.32 -5.91 30.88
CA ARG B 73 -20.91 -6.50 29.71
C ARG B 73 -19.97 -7.52 29.10
N ALA B 74 -20.50 -8.28 28.14
CA ALA B 74 -19.71 -9.27 27.43
C ALA B 74 -18.78 -8.60 26.44
N LEU B 75 -17.86 -9.40 25.90
CA LEU B 75 -16.94 -8.96 24.88
C LEU B 75 -17.21 -9.75 23.62
N VAL B 76 -17.16 -9.08 22.47
CA VAL B 76 -17.46 -9.70 21.19
C VAL B 76 -16.23 -9.63 20.31
N ASN B 77 -15.78 -10.78 19.83
CA ASN B 77 -14.61 -10.87 18.97
C ASN B 77 -15.06 -11.41 17.61
N CYS B 78 -14.77 -10.66 16.56
CA CYS B 78 -15.15 -11.06 15.20
C CYS B 78 -13.92 -11.05 14.32
N GLN B 79 -13.75 -12.09 13.53
CA GLN B 79 -12.62 -12.22 12.63
C GLN B 79 -13.12 -12.65 11.26
N TYR B 80 -12.77 -11.88 10.24
CA TYR B 80 -13.19 -12.14 8.87
C TYR B 80 -12.02 -12.74 8.11
N SER B 81 -12.24 -13.90 7.50
CA SER B 81 -11.21 -14.56 6.71
C SER B 81 -11.84 -15.06 5.42
N SER B 82 -11.29 -14.59 4.30
CA SER B 82 -11.75 -15.03 2.98
C SER B 82 -10.88 -16.20 2.54
N ALA B 83 -11.46 -17.10 1.76
CA ALA B 83 -10.68 -18.19 1.21
C ALA B 83 -9.73 -17.67 0.14
N THR B 84 -8.62 -18.39 -0.05
CA THR B 84 -7.60 -17.94 -0.98
C THR B 84 -8.02 -18.18 -2.42
N PHE B 85 -8.95 -19.10 -2.64
CA PHE B 85 -9.42 -19.43 -3.97
C PHE B 85 -10.76 -18.80 -4.30
N SER B 86 -11.04 -17.62 -3.75
CA SER B 86 -12.36 -17.01 -3.93
C SER B 86 -12.57 -16.53 -5.36
N THR B 87 -11.80 -15.54 -5.81
CA THR B 87 -11.90 -15.03 -7.17
C THR B 87 -10.89 -15.74 -8.06
N GLY B 88 -10.71 -15.19 -9.26
CA GLY B 88 -9.76 -15.77 -10.19
C GLY B 88 -8.32 -15.62 -9.73
N GLU B 89 -7.92 -14.41 -9.36
CA GLU B 89 -6.59 -14.20 -8.83
C GLU B 89 -6.51 -14.72 -7.40
N ARG B 90 -5.48 -15.54 -7.15
CA ARG B 90 -5.22 -16.04 -5.81
C ARG B 90 -4.75 -14.89 -4.92
N LYS B 91 -5.46 -14.69 -3.82
CA LYS B 91 -5.10 -13.68 -2.84
C LYS B 91 -4.74 -14.38 -1.55
N ARG B 92 -3.88 -13.74 -0.76
CA ARG B 92 -3.34 -14.34 0.45
C ARG B 92 -3.84 -13.57 1.67
N ARG B 93 -4.48 -14.28 2.59
CA ARG B 93 -5.03 -13.64 3.78
C ARG B 93 -3.97 -13.17 4.77
N PRO B 94 -2.87 -13.90 5.06
CA PRO B 94 -1.75 -13.21 5.72
C PRO B 94 -1.07 -12.25 4.76
N HIS B 95 -0.53 -11.16 5.33
CA HIS B 95 0.04 -10.01 4.64
C HIS B 95 -0.96 -9.32 3.71
N GLY B 96 -2.26 -9.51 3.92
CA GLY B 96 -3.30 -8.84 3.17
C GLY B 96 -4.44 -8.44 4.06
N ASP B 97 -4.07 -8.24 5.31
CA ASP B 97 -4.94 -7.95 6.42
C ASP B 97 -5.71 -6.65 6.43
N ARG B 98 -5.30 -5.62 5.70
CA ARG B 98 -6.05 -4.37 5.84
C ARG B 98 -7.53 -4.45 5.48
N LYS B 99 -7.88 -5.04 4.34
CA LYS B 99 -9.30 -5.10 3.99
C LYS B 99 -10.09 -5.92 5.00
N SER B 100 -9.50 -7.03 5.42
CA SER B 100 -10.12 -7.90 6.40
C SER B 100 -10.28 -7.29 7.79
N CYS B 101 -9.31 -6.49 8.23
CA CYS B 101 -9.38 -5.93 9.58
C CYS B 101 -10.60 -5.07 9.74
N GLU B 102 -10.92 -4.33 8.70
CA GLU B 102 -12.11 -3.49 8.63
C GLU B 102 -13.37 -4.34 8.62
N MET B 103 -13.35 -5.41 7.82
CA MET B 103 -14.53 -6.24 7.67
C MET B 103 -14.83 -6.98 8.97
N GLY B 104 -13.79 -7.21 9.78
CA GLY B 104 -14.03 -7.76 11.11
C GLY B 104 -14.56 -6.72 12.07
N LEU B 105 -14.04 -5.49 12.01
CA LEU B 105 -14.45 -4.48 12.99
C LEU B 105 -15.88 -4.01 12.76
N GLN B 106 -16.35 -4.03 11.52
CA GLN B 106 -17.74 -3.67 11.29
C GLN B 106 -18.67 -4.77 11.77
N LEU B 107 -18.25 -6.03 11.66
CA LEU B 107 -18.99 -7.13 12.27
C LEU B 107 -19.02 -7.01 13.79
N ARG B 108 -17.90 -6.57 14.37
CA ARG B 108 -17.85 -6.30 15.81
C ARG B 108 -18.83 -5.21 16.20
N GLN B 109 -18.95 -4.17 15.36
CA GLN B 109 -19.92 -3.11 15.61
C GLN B 109 -21.35 -3.63 15.56
N THR B 110 -21.69 -4.37 14.50
CA THR B 110 -23.08 -4.81 14.33
C THR B 110 -23.48 -5.84 15.36
N PHE B 111 -22.51 -6.60 15.88
CA PHE B 111 -22.90 -7.57 16.89
C PHE B 111 -22.52 -7.17 18.29
N GLU B 112 -22.02 -5.95 18.49
CA GLU B 112 -22.12 -5.35 19.81
C GLU B 112 -23.35 -4.46 19.86
N ALA B 113 -23.92 -4.18 18.69
CA ALA B 113 -25.15 -3.40 18.61
C ALA B 113 -26.33 -4.14 19.24
N ALA B 114 -26.64 -5.33 18.74
CA ALA B 114 -27.79 -6.09 19.21
C ALA B 114 -27.36 -7.53 19.47
N ILE B 115 -26.80 -7.78 20.65
CA ILE B 115 -26.52 -9.16 21.05
C ILE B 115 -26.87 -9.34 22.51
N LEU B 116 -27.23 -8.24 23.18
CA LEU B 116 -27.41 -8.19 24.64
C LEU B 116 -26.18 -8.69 25.39
N THR B 117 -25.12 -7.90 25.34
CA THR B 117 -23.98 -8.15 26.23
C THR B 117 -24.30 -7.97 27.70
N GLN B 118 -25.46 -7.41 28.04
CA GLN B 118 -25.80 -7.12 29.44
C GLN B 118 -26.00 -8.39 30.25
N LEU B 119 -26.41 -9.48 29.59
CA LEU B 119 -26.75 -10.69 30.33
C LEU B 119 -25.54 -11.56 30.59
N HIS B 120 -24.39 -11.17 30.08
CA HIS B 120 -23.24 -12.08 30.17
C HIS B 120 -21.99 -11.36 30.65
N PRO B 121 -21.84 -11.11 31.95
CA PRO B 121 -20.63 -10.44 32.42
C PRO B 121 -19.43 -11.38 32.39
N ARG B 122 -18.26 -10.80 32.14
CA ARG B 122 -16.99 -11.51 31.97
C ARG B 122 -17.05 -12.61 30.92
N SER B 123 -17.70 -12.35 29.80
CA SER B 123 -17.98 -13.42 28.84
C SER B 123 -17.44 -13.03 27.48
N GLN B 124 -16.83 -13.99 26.80
CA GLN B 124 -16.31 -13.80 25.45
C GLN B 124 -17.18 -14.56 24.46
N ILE B 125 -17.72 -13.84 23.49
CA ILE B 125 -18.46 -14.42 22.38
C ILE B 125 -17.67 -14.19 21.11
N ASP B 126 -17.31 -15.26 20.43
CA ASP B 126 -16.53 -15.19 19.21
C ASP B 126 -17.41 -15.51 18.01
N ILE B 127 -17.28 -14.72 16.95
CA ILE B 127 -18.01 -14.94 15.72
C ILE B 127 -17.00 -15.05 14.59
N TYR B 128 -16.86 -16.24 14.03
CA TYR B 128 -15.93 -16.51 12.95
C TYR B 128 -16.71 -16.70 11.66
N VAL B 129 -16.38 -15.93 10.63
CA VAL B 129 -17.05 -16.04 9.35
C VAL B 129 -16.05 -16.35 8.25
N GLN B 130 -16.27 -17.40 7.49
CA GLN B 130 -15.37 -17.77 6.41
C GLN B 130 -16.19 -17.74 5.14
N VAL B 131 -15.70 -17.07 4.10
CA VAL B 131 -16.39 -16.96 2.83
C VAL B 131 -15.71 -17.90 1.86
N LEU B 132 -16.49 -18.76 1.23
CA LEU B 132 -16.02 -19.82 0.34
C LEU B 132 -16.04 -19.44 -1.13
N GLN B 133 -16.95 -18.56 -1.55
CA GLN B 133 -17.04 -18.18 -2.96
C GLN B 133 -17.76 -16.85 -3.03
N ALA B 134 -17.03 -15.79 -3.37
CA ALA B 134 -17.57 -14.44 -3.35
C ALA B 134 -18.07 -14.08 -4.74
N ASP B 135 -19.33 -13.67 -4.82
CA ASP B 135 -19.91 -13.20 -6.07
C ASP B 135 -20.64 -11.87 -5.85
N GLY B 136 -20.03 -10.94 -5.13
CA GLY B 136 -20.66 -9.66 -4.88
C GLY B 136 -21.64 -9.71 -3.73
N GLY B 137 -21.74 -8.59 -3.03
CA GLY B 137 -22.54 -8.55 -1.82
C GLY B 137 -21.99 -9.42 -0.72
N THR B 138 -20.68 -9.35 -0.48
CA THR B 138 -20.04 -10.23 0.48
C THR B 138 -20.46 -9.89 1.89
N TYR B 139 -20.51 -8.59 2.21
CA TYR B 139 -20.75 -8.13 3.57
C TYR B 139 -22.12 -8.52 4.08
N ALA B 140 -23.14 -8.38 3.23
CA ALA B 140 -24.49 -8.75 3.63
C ALA B 140 -24.61 -10.25 3.86
N ALA B 141 -23.95 -11.04 3.02
CA ALA B 141 -23.96 -12.49 3.20
C ALA B 141 -23.27 -12.90 4.48
N CYS B 142 -22.19 -12.20 4.84
CA CYS B 142 -21.49 -12.52 6.07
C CYS B 142 -22.33 -12.16 7.29
N VAL B 143 -23.01 -11.01 7.25
CA VAL B 143 -23.84 -10.61 8.38
C VAL B 143 -25.03 -11.56 8.54
N ASN B 144 -25.61 -12.00 7.42
CA ASN B 144 -26.74 -12.91 7.49
C ASN B 144 -26.32 -14.29 8.00
N ALA B 145 -25.14 -14.76 7.57
CA ALA B 145 -24.62 -16.02 8.08
C ALA B 145 -24.33 -15.94 9.56
N ALA B 146 -23.78 -14.81 10.02
CA ALA B 146 -23.47 -14.68 11.44
C ALA B 146 -24.75 -14.58 12.27
N THR B 147 -25.80 -13.99 11.72
CA THR B 147 -27.07 -13.91 12.44
C THR B 147 -27.70 -15.28 12.59
N LEU B 148 -27.70 -16.08 11.52
CA LEU B 148 -28.22 -17.44 11.63
C LEU B 148 -27.36 -18.29 12.56
N ALA B 149 -26.05 -18.05 12.58
CA ALA B 149 -25.17 -18.81 13.45
C ALA B 149 -25.40 -18.46 14.91
N VAL B 150 -25.60 -17.19 15.22
CA VAL B 150 -25.88 -16.78 16.59
C VAL B 150 -27.21 -17.34 17.05
N LEU B 151 -28.23 -17.33 16.17
CA LEU B 151 -29.53 -17.85 16.58
C LEU B 151 -29.55 -19.37 16.62
N ASP B 152 -28.52 -20.02 16.08
CA ASP B 152 -28.33 -21.42 16.43
C ASP B 152 -27.97 -21.57 17.91
N ALA B 153 -26.96 -20.83 18.37
CA ALA B 153 -26.37 -21.12 19.68
C ALA B 153 -27.18 -20.56 20.84
N GLY B 154 -28.21 -19.79 20.55
CA GLY B 154 -29.09 -19.37 21.62
C GLY B 154 -28.58 -18.23 22.46
N ILE B 155 -27.75 -17.35 21.91
CA ILE B 155 -27.39 -16.12 22.61
C ILE B 155 -28.54 -15.16 22.43
N PRO B 156 -29.16 -14.68 23.50
CA PRO B 156 -30.38 -13.88 23.36
C PRO B 156 -30.09 -12.47 22.90
N MET B 157 -30.74 -12.04 21.81
CA MET B 157 -30.43 -10.78 21.17
C MET B 157 -31.71 -10.00 20.91
N ARG B 158 -31.55 -8.73 20.51
CA ARG B 158 -32.71 -7.84 20.38
C ARG B 158 -33.61 -8.26 19.25
N ASP B 159 -33.05 -8.48 18.07
CA ASP B 159 -33.86 -8.62 16.88
C ASP B 159 -33.11 -9.48 15.88
N PHE B 160 -33.88 -10.09 15.00
CA PHE B 160 -33.34 -10.75 13.83
C PHE B 160 -32.63 -9.70 12.99
N VAL B 161 -31.42 -9.99 12.53
CA VAL B 161 -30.60 -9.01 11.83
C VAL B 161 -30.48 -9.43 10.37
N CYS B 162 -30.79 -8.52 9.44
CA CYS B 162 -30.68 -8.82 8.03
C CYS B 162 -29.96 -7.67 7.32
N ALA B 163 -29.13 -8.02 6.35
CA ALA B 163 -28.37 -7.01 5.61
C ALA B 163 -28.53 -7.26 4.12
N CYS B 164 -28.49 -6.18 3.36
CA CYS B 164 -28.53 -6.29 1.90
C CYS B 164 -27.79 -5.12 1.29
N SER B 165 -27.89 -5.01 -0.03
CA SER B 165 -27.17 -4.00 -0.79
C SER B 165 -28.07 -3.43 -1.87
N ALA B 166 -27.67 -2.27 -2.39
CA ALA B 166 -28.47 -1.56 -3.39
C ALA B 166 -27.57 -0.65 -4.19
N GLY B 167 -27.96 -0.40 -5.44
CA GLY B 167 -27.26 0.51 -6.31
C GLY B 167 -28.25 1.42 -7.03
N PHE B 168 -27.70 2.34 -7.82
CA PHE B 168 -28.51 3.33 -8.51
C PHE B 168 -28.01 3.50 -9.93
N VAL B 169 -28.75 2.97 -10.88
CA VAL B 169 -28.37 3.01 -12.29
C VAL B 169 -29.54 3.58 -13.09
N ASP B 170 -29.27 4.63 -13.86
CA ASP B 170 -30.17 5.17 -14.89
C ASP B 170 -31.48 5.65 -14.29
N GLY B 171 -31.41 6.22 -13.09
CA GLY B 171 -32.62 6.69 -12.45
C GLY B 171 -33.40 5.65 -11.69
N THR B 172 -32.98 4.39 -11.71
CA THR B 172 -33.70 3.33 -11.01
C THR B 172 -32.79 2.72 -9.97
N ALA B 173 -33.39 2.32 -8.84
CA ALA B 173 -32.63 1.65 -7.81
C ALA B 173 -32.63 0.14 -8.04
N LEU B 174 -31.52 -0.49 -7.71
CA LEU B 174 -31.34 -1.93 -7.87
C LEU B 174 -31.02 -2.54 -6.51
N ALA B 175 -31.49 -3.75 -6.30
CA ALA B 175 -31.28 -4.44 -5.02
C ALA B 175 -30.48 -5.71 -5.23
N ASP B 176 -29.62 -6.01 -4.25
CA ASP B 176 -28.84 -7.26 -4.17
C ASP B 176 -27.95 -7.43 -5.40
N LEU B 177 -26.92 -6.59 -5.48
CA LEU B 177 -26.05 -6.57 -6.64
C LEU B 177 -25.20 -7.83 -6.74
N SER B 178 -24.84 -8.19 -7.97
CA SER B 178 -23.87 -9.24 -8.22
C SER B 178 -22.48 -8.62 -8.32
N HIS B 179 -21.50 -9.44 -8.71
CA HIS B 179 -20.14 -8.94 -8.84
C HIS B 179 -20.01 -8.04 -10.07
N VAL B 180 -20.80 -8.33 -11.10
CA VAL B 180 -20.78 -7.53 -12.33
C VAL B 180 -21.26 -6.11 -12.05
N GLU B 181 -22.28 -6.00 -11.22
CA GLU B 181 -22.93 -4.71 -11.03
C GLU B 181 -22.14 -3.86 -10.06
N GLU B 182 -21.39 -4.50 -9.16
CA GLU B 182 -20.45 -3.76 -8.33
C GLU B 182 -19.20 -3.40 -9.10
N ALA B 183 -18.91 -4.14 -10.18
CA ALA B 183 -17.68 -3.87 -10.92
C ALA B 183 -17.77 -2.57 -11.71
N ALA B 184 -18.67 -2.50 -12.68
CA ALA B 184 -18.69 -1.39 -13.62
C ALA B 184 -19.43 -0.19 -13.07
N GLY B 185 -20.39 -0.42 -12.18
CA GLY B 185 -21.37 0.61 -11.86
C GLY B 185 -20.79 1.77 -11.08
N GLY B 186 -20.43 1.55 -9.82
CA GLY B 186 -19.90 2.61 -9.00
C GLY B 186 -20.69 2.96 -7.74
N PRO B 187 -22.02 3.14 -7.83
CA PRO B 187 -22.77 3.31 -6.58
C PRO B 187 -23.13 2.01 -5.88
N GLN B 188 -22.46 1.74 -4.76
CA GLN B 188 -22.81 0.64 -3.89
C GLN B 188 -23.35 1.24 -2.60
N LEU B 189 -24.32 0.55 -1.99
CA LEU B 189 -24.80 0.96 -0.68
C LEU B 189 -25.34 -0.26 0.02
N ALA B 190 -24.59 -0.78 0.99
CA ALA B 190 -25.02 -1.90 1.79
C ALA B 190 -25.49 -1.40 3.14
N LEU B 191 -26.49 -2.07 3.70
CA LEU B 191 -26.92 -1.70 5.04
C LEU B 191 -27.35 -2.94 5.79
N ALA B 192 -27.22 -2.85 7.11
CA ALA B 192 -27.67 -3.88 8.03
C ALA B 192 -28.78 -3.29 8.88
N LEU B 193 -29.87 -4.04 9.01
CA LEU B 193 -31.15 -3.56 9.50
C LEU B 193 -31.76 -4.57 10.44
N LEU B 194 -32.36 -4.07 11.52
CA LEU B 194 -33.18 -4.88 12.40
C LEU B 194 -34.62 -4.40 12.31
N PRO B 195 -35.55 -5.22 11.83
CA PRO B 195 -36.81 -4.68 11.31
C PRO B 195 -37.92 -4.49 12.33
N ALA B 196 -37.70 -4.85 13.60
CA ALA B 196 -38.78 -4.68 14.57
C ALA B 196 -39.04 -3.22 14.88
N SER B 197 -38.00 -2.40 14.81
CA SER B 197 -38.12 -0.97 15.07
C SER B 197 -37.75 -0.10 13.87
N GLY B 198 -37.33 -0.71 12.77
CA GLY B 198 -36.92 0.07 11.61
C GLY B 198 -35.60 0.76 11.77
N GLN B 199 -34.81 0.42 12.78
CA GLN B 199 -33.55 1.09 13.02
C GLN B 199 -32.45 0.52 12.16
N ILE B 200 -31.80 1.38 11.37
CA ILE B 200 -30.68 0.99 10.51
C ILE B 200 -29.48 0.76 11.41
N ALA B 201 -28.96 -0.47 11.40
CA ALA B 201 -27.87 -0.79 12.31
C ALA B 201 -26.52 -0.40 11.73
N LEU B 202 -26.36 -0.48 10.41
CA LEU B 202 -25.07 -0.18 9.80
C LEU B 202 -25.26 0.32 8.37
N LEU B 203 -24.47 1.32 7.99
CA LEU B 203 -24.45 1.86 6.63
C LEU B 203 -23.06 1.75 6.04
N GLU B 204 -23.00 1.43 4.74
CA GLU B 204 -21.78 1.44 3.96
C GLU B 204 -22.13 1.94 2.56
N MET B 205 -21.38 2.90 2.05
CA MET B 205 -21.64 3.45 0.72
C MET B 205 -20.38 4.09 0.18
N ASP B 206 -19.99 3.67 -1.04
CA ASP B 206 -18.75 4.10 -1.68
C ASP B 206 -19.11 4.50 -3.12
N ALA B 207 -19.35 5.79 -3.36
CA ALA B 207 -19.99 6.16 -4.60
C ALA B 207 -19.64 7.58 -5.00
N ARG B 208 -20.26 8.02 -6.10
CA ARG B 208 -20.39 9.42 -6.47
C ARG B 208 -21.86 9.79 -6.62
N LEU B 209 -22.68 9.45 -5.63
CA LEU B 209 -24.12 9.54 -5.80
C LEU B 209 -24.63 10.93 -5.38
N HIS B 210 -25.55 11.46 -6.17
CA HIS B 210 -26.06 12.81 -5.96
C HIS B 210 -27.11 12.82 -4.86
N GLU B 211 -27.25 13.97 -4.19
CA GLU B 211 -28.04 14.03 -2.95
C GLU B 211 -29.53 13.81 -3.22
N ASP B 212 -30.02 14.27 -4.37
CA ASP B 212 -31.46 14.30 -4.61
C ASP B 212 -32.02 12.89 -4.81
N HIS B 213 -31.16 11.93 -5.12
CA HIS B 213 -31.63 10.56 -5.30
C HIS B 213 -31.60 9.75 -4.02
N LEU B 214 -30.87 10.23 -3.00
CA LEU B 214 -30.39 9.43 -1.88
C LEU B 214 -31.51 8.66 -1.18
N GLU B 215 -32.54 9.38 -0.74
CA GLU B 215 -33.67 8.80 0.00
C GLU B 215 -34.28 7.63 -0.74
N ARG B 216 -34.43 7.77 -2.07
CA ARG B 216 -35.02 6.73 -2.89
C ARG B 216 -34.26 5.42 -2.75
N VAL B 217 -32.94 5.45 -2.94
CA VAL B 217 -32.20 4.19 -2.95
C VAL B 217 -32.15 3.62 -1.54
N LEU B 218 -32.21 4.50 -0.54
CA LEU B 218 -32.16 4.04 0.83
C LEU B 218 -33.41 3.25 1.16
N GLU B 219 -34.56 3.76 0.68
CA GLU B 219 -35.83 3.03 0.82
C GLU B 219 -35.75 1.67 0.15
N ALA B 220 -35.21 1.64 -1.08
CA ALA B 220 -35.14 0.38 -1.82
C ALA B 220 -34.21 -0.58 -1.11
N ALA B 221 -33.13 -0.03 -0.52
CA ALA B 221 -32.19 -0.86 0.22
C ALA B 221 -32.87 -1.48 1.42
N ALA B 222 -33.62 -0.66 2.17
CA ALA B 222 -34.33 -1.15 3.34
C ALA B 222 -35.40 -2.14 2.93
N GLN B 223 -36.02 -1.90 1.77
CA GLN B 223 -37.07 -2.79 1.29
C GLN B 223 -36.50 -4.16 0.99
N ALA B 224 -35.29 -4.19 0.41
CA ALA B 224 -34.65 -5.45 0.12
C ALA B 224 -34.33 -6.19 1.40
N ALA B 225 -33.92 -5.43 2.42
CA ALA B 225 -33.60 -6.03 3.71
C ALA B 225 -34.84 -6.67 4.32
N ARG B 226 -36.00 -6.03 4.14
CA ARG B 226 -37.23 -6.57 4.71
C ARG B 226 -37.60 -7.86 4.01
N ASP B 227 -37.28 -7.95 2.70
CA ASP B 227 -37.56 -9.18 1.97
C ASP B 227 -36.70 -10.32 2.49
N VAL B 228 -35.46 -10.01 2.89
CA VAL B 228 -34.60 -11.02 3.48
C VAL B 228 -35.19 -11.47 4.82
N HIS B 229 -35.77 -10.53 5.56
CA HIS B 229 -36.37 -10.87 6.83
C HIS B 229 -37.65 -11.67 6.62
N THR B 230 -38.28 -11.53 5.45
CA THR B 230 -39.45 -12.36 5.22
C THR B 230 -39.08 -13.70 4.62
N LEU B 231 -37.79 -13.98 4.44
CA LEU B 231 -37.50 -15.31 3.91
C LEU B 231 -36.82 -16.17 4.96
N LEU B 232 -35.71 -15.67 5.54
CA LEU B 232 -34.91 -16.44 6.49
C LEU B 232 -35.70 -16.84 7.72
N ASP B 233 -36.65 -15.98 8.13
CA ASP B 233 -37.56 -16.26 9.24
C ASP B 233 -38.27 -17.59 9.04
N ARG B 234 -38.79 -17.83 7.81
CA ARG B 234 -39.42 -19.11 7.47
C ARG B 234 -38.49 -20.27 7.77
N VAL B 235 -37.24 -20.15 7.30
CA VAL B 235 -36.23 -21.19 7.49
C VAL B 235 -36.03 -21.47 8.96
N VAL B 236 -35.92 -20.39 9.76
CA VAL B 236 -35.68 -20.53 11.19
C VAL B 236 -36.86 -21.22 11.85
N ARG B 237 -38.08 -20.81 11.49
CA ARG B 237 -39.26 -21.41 12.09
C ARG B 237 -39.39 -22.85 11.65
N GLN B 238 -39.07 -23.11 10.37
CA GLN B 238 -39.12 -24.47 9.86
C GLN B 238 -38.13 -25.33 10.62
N HIS B 239 -36.92 -24.79 10.83
CA HIS B 239 -35.90 -25.48 11.59
C HIS B 239 -36.37 -25.78 13.00
N VAL B 240 -36.93 -24.76 13.68
CA VAL B 240 -37.23 -24.97 15.09
C VAL B 240 -38.47 -25.83 15.22
N ARG B 241 -39.30 -25.86 14.17
CA ARG B 241 -40.47 -26.73 14.23
C ARG B 241 -40.03 -28.18 14.16
N GLU B 242 -39.05 -28.47 13.30
CA GLU B 242 -38.60 -29.85 13.23
C GLU B 242 -37.57 -30.15 14.30
N ALA B 243 -37.35 -29.21 15.23
CA ALA B 243 -36.78 -29.63 16.49
C ALA B 243 -37.83 -30.22 17.40
N SER B 244 -38.97 -29.52 17.56
CA SER B 244 -39.85 -29.79 18.69
C SER B 244 -40.62 -31.10 18.51
N ILE B 245 -40.86 -31.49 17.26
CA ILE B 245 -41.51 -32.77 16.96
C ILE B 245 -40.67 -33.92 17.48
N LEU B 246 -39.34 -33.77 17.47
CA LEU B 246 -38.50 -34.85 17.96
C LEU B 246 -38.39 -34.81 19.48
N LEU B 247 -38.77 -33.69 20.11
CA LEU B 247 -38.61 -33.61 21.56
C LEU B 247 -39.88 -34.01 22.30
N GLY B 248 -40.97 -33.29 22.06
CA GLY B 248 -42.21 -33.55 22.78
C GLY B 248 -43.42 -33.52 21.85
N GLU C 14 29.85 -5.48 38.88
CA GLU C 14 30.54 -4.94 40.05
C GLU C 14 30.09 -3.51 40.31
N TYR C 15 31.04 -2.57 40.24
CA TYR C 15 30.72 -1.17 40.46
C TYR C 15 31.72 -0.25 39.75
N TYR C 16 31.36 1.03 39.65
CA TYR C 16 32.25 2.01 39.01
C TYR C 16 33.49 2.24 39.85
N ARG C 17 33.35 2.21 41.17
CA ARG C 17 34.52 2.25 42.04
C ARG C 17 35.27 0.92 42.01
N ARG C 18 34.56 -0.18 41.79
CA ARG C 18 35.18 -1.50 41.77
C ARG C 18 36.06 -1.66 40.52
N PHE C 19 35.70 -1.00 39.44
CA PHE C 19 36.55 -0.92 38.27
C PHE C 19 37.50 0.28 38.27
N LEU C 20 37.23 1.28 39.12
CA LEU C 20 38.02 2.51 39.09
C LEU C 20 39.14 2.49 40.11
N LYS C 21 38.93 1.83 41.27
CA LYS C 21 39.94 1.82 42.31
C LYS C 21 41.11 0.94 41.93
N GLU C 22 40.87 -0.06 41.07
CA GLU C 22 41.98 -0.89 40.59
C GLU C 22 42.84 -0.11 39.60
N ASN C 23 42.20 0.76 38.81
CA ASN C 23 42.72 1.53 37.66
C ASN C 23 43.75 0.76 36.81
N CYS C 24 43.43 -0.52 36.59
CA CYS C 24 44.16 -1.43 35.73
C CYS C 24 43.18 -2.50 35.31
N ARG C 25 43.12 -2.73 33.98
CA ARG C 25 42.18 -3.67 33.28
C ARG C 25 42.07 -4.99 34.04
N PRO C 26 40.86 -5.51 34.34
CA PRO C 26 40.78 -6.76 35.13
C PRO C 26 41.01 -8.02 34.34
N ASP C 27 41.18 -7.93 33.02
CA ASP C 27 41.59 -9.10 32.24
C ASP C 27 43.03 -9.47 32.57
N GLY C 28 43.84 -8.45 32.82
CA GLY C 28 45.29 -8.60 33.07
C GLY C 28 46.01 -7.66 32.13
N ARG C 29 45.40 -7.38 30.98
CA ARG C 29 45.93 -6.42 29.98
C ARG C 29 45.88 -5.04 30.62
N GLU C 30 46.89 -4.21 30.38
CA GLU C 30 46.97 -2.87 31.03
C GLU C 30 46.09 -1.84 30.31
N LEU C 31 46.72 -1.00 29.49
CA LEU C 31 46.01 0.07 28.81
C LEU C 31 46.63 0.22 27.43
N GLY C 32 45.79 0.39 26.42
CA GLY C 32 46.31 0.36 25.07
C GLY C 32 46.87 -0.99 24.68
N GLU C 33 46.29 -2.06 25.19
CA GLU C 33 46.72 -3.40 24.86
C GLU C 33 45.70 -3.96 23.88
N PHE C 34 45.90 -3.66 22.61
CA PHE C 34 45.04 -4.17 21.55
C PHE C 34 45.22 -5.68 21.47
N ARG C 35 44.22 -6.41 21.97
CA ARG C 35 44.40 -7.79 22.37
C ARG C 35 44.53 -8.73 21.17
N THR C 36 44.64 -10.02 21.46
CA THR C 36 45.17 -10.99 20.50
C THR C 36 44.19 -11.26 19.37
N THR C 37 44.65 -11.04 18.14
CA THR C 37 43.84 -11.19 16.95
C THR C 37 44.40 -12.29 16.06
N THR C 38 43.52 -13.18 15.60
CA THR C 38 43.87 -14.20 14.62
C THR C 38 42.81 -14.19 13.52
N VAL C 39 43.23 -14.54 12.31
CA VAL C 39 42.33 -14.64 11.16
C VAL C 39 42.51 -15.99 10.48
N ASN C 40 41.46 -16.45 9.84
CA ASN C 40 41.51 -17.56 8.90
C ASN C 40 40.93 -17.08 7.57
N ILE C 41 41.57 -17.51 6.50
CA ILE C 41 41.37 -16.97 5.16
C ILE C 41 40.91 -18.10 4.24
N GLY C 42 39.75 -17.91 3.61
CA GLY C 42 39.24 -18.89 2.67
C GLY C 42 38.82 -20.20 3.28
N SER C 43 38.22 -20.19 4.47
CA SER C 43 37.87 -21.44 5.12
C SER C 43 36.57 -22.01 4.58
N ILE C 44 35.64 -21.15 4.22
CA ILE C 44 34.31 -21.58 3.78
C ILE C 44 34.31 -21.62 2.26
N SER C 45 34.23 -22.82 1.70
CA SER C 45 34.63 -23.03 0.31
C SER C 45 33.52 -22.67 -0.67
N THR C 46 32.27 -22.79 -0.24
CA THR C 46 31.16 -22.63 -1.19
C THR C 46 30.95 -21.17 -1.55
N ALA C 47 31.21 -20.26 -0.62
CA ALA C 47 31.09 -18.85 -0.92
C ALA C 47 32.30 -18.37 -1.71
N ASP C 48 32.14 -17.21 -2.35
CA ASP C 48 33.23 -16.67 -3.16
C ASP C 48 34.33 -16.09 -2.28
N GLY C 49 33.98 -15.55 -1.12
CA GLY C 49 34.98 -15.00 -0.23
C GLY C 49 34.58 -15.16 1.22
N SER C 50 35.50 -15.63 2.05
CA SER C 50 35.16 -15.95 3.44
C SER C 50 36.29 -15.50 4.35
N ALA C 51 35.92 -15.06 5.54
CA ALA C 51 36.90 -14.62 6.52
C ALA C 51 36.42 -14.99 7.91
N LEU C 52 37.35 -15.49 8.73
CA LEU C 52 37.09 -15.78 10.13
C LEU C 52 38.01 -14.92 10.99
N VAL C 53 37.45 -14.16 11.92
CA VAL C 53 38.22 -13.29 12.78
C VAL C 53 37.93 -13.64 14.22
N LYS C 54 38.98 -13.96 14.98
CA LYS C 54 38.89 -14.22 16.40
C LYS C 54 39.75 -13.20 17.12
N LEU C 55 39.12 -12.28 17.85
CA LEU C 55 39.86 -11.33 18.66
C LEU C 55 39.28 -11.31 20.06
N GLY C 56 40.09 -11.75 21.02
CA GLY C 56 39.75 -11.83 22.43
C GLY C 56 38.46 -12.55 22.73
N ASN C 57 38.38 -13.79 22.26
CA ASN C 57 37.21 -14.68 22.17
C ASN C 57 35.94 -13.98 21.64
N THR C 58 36.08 -12.97 20.79
CA THR C 58 34.99 -12.46 19.97
C THR C 58 35.20 -12.99 18.58
N THR C 59 34.19 -13.65 18.03
CA THR C 59 34.36 -14.42 16.81
C THR C 59 33.34 -13.94 15.78
N VAL C 60 33.85 -13.54 14.61
CA VAL C 60 33.00 -13.00 13.53
C VAL C 60 33.37 -13.69 12.23
N ILE C 61 32.38 -14.25 11.55
CA ILE C 61 32.53 -14.78 10.20
C ILE C 61 31.91 -13.80 9.22
N CYS C 62 32.68 -13.45 8.19
CA CYS C 62 32.18 -12.61 7.10
C CYS C 62 32.18 -13.42 5.82
N GLY C 63 31.05 -13.46 5.14
CA GLY C 63 30.93 -14.17 3.88
C GLY C 63 30.44 -13.27 2.77
N VAL C 64 30.92 -13.50 1.56
CA VAL C 64 30.57 -12.68 0.41
C VAL C 64 30.00 -13.57 -0.69
N LYS C 65 28.78 -13.27 -1.10
CA LYS C 65 28.16 -13.90 -2.25
C LYS C 65 28.12 -12.90 -3.40
N ALA C 66 28.09 -13.40 -4.62
CA ALA C 66 28.03 -12.56 -5.81
C ALA C 66 26.86 -12.99 -6.67
N GLU C 67 26.08 -12.02 -7.16
CA GLU C 67 24.92 -12.34 -7.97
C GLU C 67 24.69 -11.25 -9.01
N PHE C 68 24.18 -11.64 -10.18
CA PHE C 68 23.90 -10.67 -11.23
C PHE C 68 22.58 -9.96 -10.95
N ALA C 69 22.55 -8.65 -11.21
CA ALA C 69 21.30 -7.91 -11.08
C ALA C 69 21.33 -6.71 -12.01
N ALA C 70 20.23 -5.97 -12.00
CA ALA C 70 19.98 -4.78 -12.80
C ALA C 70 20.29 -3.52 -11.99
N PRO C 71 21.08 -2.61 -12.54
CA PRO C 71 21.41 -1.38 -11.80
C PRO C 71 20.26 -0.40 -11.81
N SER C 72 20.39 0.65 -11.01
CA SER C 72 19.35 1.66 -10.93
C SER C 72 19.39 2.58 -12.14
N THR C 73 18.34 3.37 -12.29
CA THR C 73 18.28 4.33 -13.39
C THR C 73 19.20 5.51 -13.14
N ASP C 74 19.39 5.88 -11.87
CA ASP C 74 20.27 6.99 -11.56
C ASP C 74 21.74 6.57 -11.73
N ALA C 75 22.05 5.33 -11.39
CA ALA C 75 23.39 4.77 -11.49
C ALA C 75 23.37 3.64 -12.49
N PRO C 76 23.52 3.92 -13.78
CA PRO C 76 23.39 2.85 -14.78
C PRO C 76 24.61 1.96 -14.87
N ASP C 77 25.76 2.43 -14.38
CA ASP C 77 26.98 1.65 -14.51
C ASP C 77 27.60 1.31 -13.17
N LYS C 78 27.06 1.86 -12.07
CA LYS C 78 27.58 1.52 -10.76
C LYS C 78 27.18 0.10 -10.36
N GLY C 79 27.89 -0.45 -9.38
CA GLY C 79 27.64 -1.78 -8.90
C GLY C 79 27.25 -1.81 -7.44
N TYR C 80 26.23 -2.57 -7.10
CA TYR C 80 25.75 -2.61 -5.74
C TYR C 80 26.68 -3.41 -4.83
N VAL C 81 26.72 -3.01 -3.57
CA VAL C 81 27.32 -3.80 -2.51
C VAL C 81 26.46 -3.62 -1.26
N VAL C 82 25.98 -4.74 -0.70
CA VAL C 82 25.03 -4.69 0.39
C VAL C 82 25.60 -5.43 1.59
N PRO C 83 25.94 -4.75 2.66
CA PRO C 83 26.34 -5.44 3.89
C PRO C 83 25.17 -5.68 4.80
N ASN C 84 25.23 -6.75 5.59
CA ASN C 84 24.20 -7.07 6.56
C ASN C 84 24.86 -7.79 7.73
N VAL C 85 24.90 -7.13 8.87
CA VAL C 85 25.45 -7.71 10.09
C VAL C 85 24.30 -8.22 10.92
N ASP C 86 24.21 -9.54 11.06
CA ASP C 86 23.12 -10.17 11.77
C ASP C 86 23.62 -10.63 13.14
N LEU C 87 22.76 -10.50 14.13
CA LEU C 87 23.13 -10.89 15.48
C LEU C 87 22.15 -11.94 15.99
N PRO C 88 22.44 -13.21 15.81
CA PRO C 88 21.51 -14.25 16.24
C PRO C 88 21.59 -14.44 17.75
N PRO C 89 20.67 -15.18 18.37
CA PRO C 89 20.83 -15.50 19.79
C PRO C 89 21.87 -16.58 20.05
N LEU C 90 22.60 -17.01 19.02
CA LEU C 90 23.71 -17.93 19.19
C LEU C 90 24.80 -17.34 20.06
N CYS C 91 25.00 -16.02 20.00
CA CYS C 91 26.14 -15.43 20.67
C CYS C 91 25.86 -15.20 22.15
N SER C 92 24.81 -14.47 22.47
CA SER C 92 24.57 -14.11 23.86
C SER C 92 23.09 -14.17 24.15
N SER C 93 22.76 -14.06 25.43
CA SER C 93 21.38 -14.21 25.86
C SER C 93 20.63 -12.89 25.77
N ARG C 94 21.32 -11.79 25.48
CA ARG C 94 20.66 -10.49 25.43
C ARG C 94 19.93 -10.30 24.12
N PHE C 95 20.19 -11.14 23.13
CA PHE C 95 19.53 -10.97 21.84
C PHE C 95 18.43 -12.00 21.66
N ARG C 96 17.29 -11.53 21.16
CA ARG C 96 16.08 -12.33 21.09
C ARG C 96 15.86 -12.85 19.67
N SER C 97 15.02 -13.87 19.57
CA SER C 97 14.74 -14.49 18.27
C SER C 97 13.81 -13.62 17.44
N GLY C 98 13.90 -13.78 16.13
CA GLY C 98 12.97 -13.13 15.23
C GLY C 98 13.62 -12.06 14.40
N PRO C 99 13.06 -10.85 14.42
CA PRO C 99 13.65 -9.73 13.70
C PRO C 99 14.91 -9.26 14.40
N PRO C 100 15.85 -8.63 13.68
CA PRO C 100 17.09 -8.19 14.32
C PRO C 100 16.87 -7.01 15.24
N GLY C 101 17.63 -6.94 16.33
CA GLY C 101 17.45 -5.90 17.29
C GLY C 101 18.04 -4.58 16.87
N GLU C 102 18.17 -3.67 17.84
CA GLU C 102 18.71 -2.35 17.56
C GLU C 102 20.20 -2.40 17.25
N GLU C 103 20.93 -3.26 17.96
CA GLU C 103 22.38 -3.31 17.83
C GLU C 103 22.81 -3.79 16.45
N ALA C 104 22.07 -4.75 15.89
CA ALA C 104 22.39 -5.26 14.56
C ALA C 104 22.13 -4.20 13.50
N GLN C 105 21.08 -3.41 13.67
CA GLN C 105 20.79 -2.37 12.69
C GLN C 105 21.83 -1.25 12.74
N VAL C 106 22.27 -0.89 13.94
CA VAL C 106 23.30 0.14 14.08
C VAL C 106 24.62 -0.34 13.48
N ALA C 107 24.98 -1.60 13.74
CA ALA C 107 26.21 -2.15 13.19
C ALA C 107 26.13 -2.29 11.67
N SER C 108 24.94 -2.60 11.15
CA SER C 108 24.77 -2.73 9.70
C SER C 108 24.91 -1.38 9.02
N GLN C 109 24.33 -0.33 9.61
CA GLN C 109 24.48 0.99 9.02
C GLN C 109 25.92 1.49 9.17
N PHE C 110 26.62 1.02 10.21
CA PHE C 110 28.03 1.36 10.37
C PHE C 110 28.89 0.74 9.27
N ILE C 111 28.68 -0.55 9.00
CA ILE C 111 29.45 -1.19 7.91
C ILE C 111 29.09 -0.56 6.57
N ALA C 112 27.81 -0.18 6.42
CA ALA C 112 27.37 0.44 5.17
C ALA C 112 28.03 1.78 4.92
N ASP C 113 28.07 2.67 5.91
CA ASP C 113 28.64 3.97 5.60
C ASP C 113 30.17 3.96 5.70
N VAL C 114 30.75 2.91 6.30
CA VAL C 114 32.19 2.72 6.15
C VAL C 114 32.54 2.36 4.72
N ILE C 115 31.78 1.44 4.11
CA ILE C 115 31.98 1.08 2.71
C ILE C 115 31.72 2.29 1.81
N GLU C 116 30.73 3.11 2.16
CA GLU C 116 30.41 4.26 1.33
C GLU C 116 31.46 5.36 1.44
N ASN C 117 31.94 5.63 2.65
CA ASN C 117 32.83 6.78 2.83
C ASN C 117 34.27 6.45 2.47
N SER C 118 34.71 5.22 2.73
CA SER C 118 36.12 4.92 2.48
C SER C 118 36.41 4.73 1.00
N GLN C 119 35.41 4.28 0.23
CA GLN C 119 35.58 3.82 -1.16
C GLN C 119 36.68 2.78 -1.27
N ILE C 120 36.44 1.62 -0.64
CA ILE C 120 37.42 0.54 -0.73
C ILE C 120 37.27 -0.19 -2.06
N ILE C 121 36.15 0.04 -2.73
CA ILE C 121 35.88 -0.54 -4.04
C ILE C 121 35.17 0.52 -4.87
N GLN C 122 35.71 0.80 -6.05
CA GLN C 122 34.99 1.62 -7.00
C GLN C 122 33.76 0.88 -7.47
N LYS C 123 32.62 1.56 -7.49
CA LYS C 123 31.41 0.94 -8.00
C LYS C 123 31.52 0.69 -9.50
N GLU C 124 32.27 1.55 -10.19
CA GLU C 124 32.35 1.52 -11.64
C GLU C 124 33.07 0.28 -12.14
N ASP C 125 33.89 -0.33 -11.29
CA ASP C 125 34.61 -1.52 -11.71
C ASP C 125 33.72 -2.75 -11.66
N LEU C 126 32.55 -2.63 -11.04
CA LEU C 126 31.66 -3.78 -10.97
C LEU C 126 30.76 -3.94 -12.19
N CYS C 127 30.90 -3.10 -13.20
CA CYS C 127 29.96 -3.11 -14.33
C CYS C 127 30.27 -4.27 -15.27
N ILE C 128 29.23 -4.85 -15.84
CA ILE C 128 29.41 -5.86 -16.88
C ILE C 128 28.97 -5.31 -18.22
N SER C 129 27.70 -4.95 -18.34
CA SER C 129 27.20 -4.16 -19.45
C SER C 129 26.48 -2.98 -18.82
N PRO C 130 26.95 -1.75 -19.06
CA PRO C 130 26.41 -0.60 -18.32
C PRO C 130 24.99 -0.26 -18.73
N GLY C 131 24.05 -0.60 -17.86
CA GLY C 131 22.65 -0.39 -18.15
C GLY C 131 21.82 -1.65 -18.02
N LYS C 132 22.44 -2.82 -18.15
CA LYS C 132 21.64 -4.04 -18.22
C LYS C 132 22.02 -5.08 -17.17
N LEU C 133 23.30 -5.31 -16.90
CA LEU C 133 23.70 -6.31 -15.93
C LEU C 133 24.92 -5.82 -15.18
N VAL C 134 24.95 -6.11 -13.88
CA VAL C 134 26.00 -5.62 -13.01
C VAL C 134 26.08 -6.54 -11.79
N TRP C 135 27.29 -6.63 -11.22
CA TRP C 135 27.53 -7.48 -10.06
C TRP C 135 26.85 -6.91 -8.83
N VAL C 136 26.46 -7.78 -7.92
CA VAL C 136 25.98 -7.41 -6.59
C VAL C 136 26.72 -8.27 -5.59
N LEU C 137 27.42 -7.63 -4.67
CA LEU C 137 28.16 -8.30 -3.62
C LEU C 137 27.39 -8.24 -2.31
N TYR C 138 26.90 -9.37 -1.87
CA TYR C 138 26.22 -9.52 -0.59
C TYR C 138 27.24 -9.90 0.47
N CYS C 139 27.44 -9.01 1.43
CA CYS C 139 28.39 -9.23 2.52
C CYS C 139 27.63 -9.48 3.80
N ASP C 140 27.52 -10.74 4.20
CA ASP C 140 26.76 -11.12 5.38
C ASP C 140 27.72 -11.45 6.49
N LEU C 141 27.45 -10.92 7.67
CA LEU C 141 28.35 -11.04 8.81
C LEU C 141 27.56 -11.60 10.00
N ILE C 142 27.85 -12.84 10.35
CA ILE C 142 27.22 -13.50 11.48
C ILE C 142 28.23 -13.47 12.62
N CYS C 143 27.86 -12.84 13.73
CA CYS C 143 28.66 -12.95 14.93
C CYS C 143 28.43 -14.31 15.57
N LEU C 144 29.51 -14.89 16.09
CA LEU C 144 29.42 -16.18 16.75
C LEU C 144 29.46 -16.06 18.26
N ASP C 145 30.37 -15.28 18.81
CA ASP C 145 30.47 -15.11 20.25
C ASP C 145 30.73 -13.64 20.54
N TYR C 146 29.77 -12.98 21.17
CA TYR C 146 29.79 -11.55 21.37
C TYR C 146 30.29 -11.23 22.77
N ASP C 147 31.49 -10.66 22.85
CA ASP C 147 31.93 -10.11 24.13
C ASP C 147 32.02 -8.60 24.02
N GLY C 148 32.81 -8.09 23.09
CA GLY C 148 32.95 -6.65 23.01
C GLY C 148 33.58 -6.23 21.71
N ASN C 149 33.32 -4.96 21.36
CA ASN C 149 33.86 -4.29 20.19
C ASN C 149 33.50 -5.05 18.91
N ILE C 150 32.20 -5.12 18.63
CA ILE C 150 31.73 -5.86 17.47
C ILE C 150 32.10 -5.13 16.19
N LEU C 151 32.27 -3.81 16.26
CA LEU C 151 32.52 -2.99 15.07
C LEU C 151 33.90 -3.27 14.49
N ASP C 152 34.91 -3.40 15.36
CA ASP C 152 36.27 -3.68 14.93
C ASP C 152 36.36 -5.02 14.22
N ALA C 153 35.82 -6.06 14.84
CA ALA C 153 35.85 -7.39 14.25
C ALA C 153 35.05 -7.45 12.96
N CYS C 154 33.94 -6.70 12.90
CA CYS C 154 33.13 -6.66 11.68
C CYS C 154 33.89 -6.05 10.52
N THR C 155 34.50 -4.88 10.72
CA THR C 155 35.16 -4.23 9.59
C THR C 155 36.45 -4.96 9.21
N PHE C 156 37.08 -5.64 10.17
CA PHE C 156 38.32 -6.33 9.87
C PHE C 156 38.04 -7.63 9.11
N ALA C 157 36.98 -8.34 9.50
CA ALA C 157 36.52 -9.48 8.74
C ALA C 157 36.05 -9.06 7.35
N LEU C 158 35.49 -7.86 7.23
CA LEU C 158 35.09 -7.34 5.93
C LEU C 158 36.28 -7.15 5.01
N LEU C 159 37.37 -6.59 5.54
CA LEU C 159 38.59 -6.44 4.75
C LEU C 159 39.15 -7.79 4.30
N ALA C 160 39.23 -8.76 5.22
CA ALA C 160 39.81 -10.04 4.85
C ALA C 160 38.93 -10.79 3.85
N ALA C 161 37.60 -10.66 3.99
CA ALA C 161 36.70 -11.33 3.08
C ALA C 161 36.73 -10.70 1.70
N LEU C 162 36.88 -9.37 1.63
CA LEU C 162 36.97 -8.76 0.31
C LEU C 162 38.36 -8.97 -0.29
N LYS C 163 39.35 -9.34 0.52
CA LYS C 163 40.59 -9.83 -0.04
C LYS C 163 40.39 -11.21 -0.66
N ASN C 164 39.47 -12.01 -0.12
CA ASN C 164 39.29 -13.35 -0.68
C ASN C 164 38.33 -13.37 -1.87
N VAL C 165 37.79 -12.22 -2.28
CA VAL C 165 36.79 -12.22 -3.36
C VAL C 165 37.44 -12.53 -4.70
N GLN C 166 36.95 -13.59 -5.35
CA GLN C 166 37.36 -13.92 -6.71
C GLN C 166 36.13 -13.85 -7.60
N LEU C 167 36.26 -13.23 -8.74
CA LEU C 167 35.11 -13.22 -9.63
C LEU C 167 35.46 -13.83 -10.98
N PRO C 168 34.53 -14.54 -11.61
CA PRO C 168 34.81 -15.11 -12.92
C PRO C 168 34.59 -14.10 -14.04
N GLU C 169 35.17 -14.37 -15.19
CA GLU C 169 34.95 -13.54 -16.37
C GLU C 169 33.53 -13.72 -16.88
N VAL C 170 32.90 -12.61 -17.27
CA VAL C 170 31.56 -12.61 -17.85
C VAL C 170 31.58 -11.78 -19.12
N THR C 171 30.73 -12.14 -20.06
CA THR C 171 30.61 -11.42 -21.32
C THR C 171 29.22 -11.65 -21.89
N ILE C 172 28.55 -10.59 -22.31
CA ILE C 172 27.31 -10.71 -23.04
C ILE C 172 27.63 -10.78 -24.52
N ASN C 173 27.29 -11.90 -25.14
CA ASN C 173 27.44 -12.08 -26.57
C ASN C 173 26.19 -12.75 -27.14
N GLU C 174 25.74 -12.22 -28.28
CA GLU C 174 24.66 -12.78 -29.10
C GLU C 174 23.37 -12.94 -28.30
N GLU C 175 23.04 -11.89 -27.55
CA GLU C 175 21.87 -11.81 -26.66
C GLU C 175 21.91 -12.90 -25.58
N THR C 176 23.11 -13.22 -25.09
CA THR C 176 23.25 -14.21 -24.05
C THR C 176 24.43 -13.85 -23.14
N ALA C 177 24.17 -13.80 -21.84
CA ALA C 177 25.21 -13.55 -20.85
C ALA C 177 25.92 -14.85 -20.55
N LEU C 178 27.25 -14.84 -20.59
CA LEU C 178 28.06 -16.04 -20.46
C LEU C 178 29.07 -15.83 -19.34
N ALA C 179 29.18 -16.83 -18.46
CA ALA C 179 30.17 -16.87 -17.40
C ALA C 179 30.91 -18.20 -17.48
N GLU C 180 32.22 -18.17 -17.24
CA GLU C 180 33.07 -19.35 -17.31
C GLU C 180 33.78 -19.48 -15.96
N VAL C 181 33.17 -20.25 -15.05
CA VAL C 181 33.61 -20.25 -13.66
C VAL C 181 34.90 -21.03 -13.50
N ASN C 182 34.86 -22.34 -13.75
CA ASN C 182 36.02 -23.19 -13.51
C ASN C 182 36.97 -23.20 -14.69
N LEU C 183 36.76 -22.31 -15.66
CA LEU C 183 37.56 -22.23 -16.87
C LEU C 183 38.77 -21.33 -16.72
N LYS C 184 39.37 -21.30 -15.51
CA LYS C 184 40.58 -20.54 -15.14
C LYS C 184 40.45 -19.05 -15.46
N LYS C 185 39.23 -18.54 -15.39
CA LYS C 185 38.96 -17.12 -15.63
C LYS C 185 38.67 -16.36 -14.34
N LYS C 186 39.07 -16.87 -13.19
CA LYS C 186 38.87 -16.13 -11.95
C LYS C 186 39.95 -15.07 -11.81
N SER C 187 39.56 -13.93 -11.26
CA SER C 187 40.48 -12.83 -11.03
C SER C 187 40.13 -12.14 -9.72
N TYR C 188 41.16 -11.62 -9.05
CA TYR C 188 41.00 -10.92 -7.79
C TYR C 188 40.31 -9.58 -8.02
N LEU C 189 39.32 -9.28 -7.20
CA LEU C 189 38.77 -7.94 -7.17
C LEU C 189 39.77 -6.98 -6.57
N ASN C 190 39.89 -5.80 -7.16
CA ASN C 190 40.89 -4.82 -6.76
C ASN C 190 40.40 -4.02 -5.56
N ILE C 191 41.31 -3.64 -4.69
CA ILE C 191 40.99 -2.79 -3.55
C ILE C 191 41.79 -1.50 -3.67
N ARG C 192 41.21 -0.40 -3.19
CA ARG C 192 41.91 0.87 -3.23
C ARG C 192 42.59 1.16 -1.91
N THR C 193 41.86 1.05 -0.81
CA THR C 193 42.34 1.48 0.50
C THR C 193 42.27 0.31 1.48
N HIS C 194 42.50 0.63 2.75
CA HIS C 194 42.48 -0.33 3.85
C HIS C 194 41.94 0.33 5.11
N PRO C 195 40.63 0.35 5.32
CA PRO C 195 40.11 1.00 6.53
C PRO C 195 40.09 0.07 7.73
N VAL C 196 40.64 0.54 8.85
CA VAL C 196 40.70 -0.23 10.08
C VAL C 196 40.09 0.61 11.19
N ALA C 197 39.21 0.01 11.98
CA ALA C 197 38.57 0.69 13.09
C ALA C 197 39.24 0.30 14.40
N THR C 198 39.39 1.28 15.28
CA THR C 198 39.67 1.05 16.69
C THR C 198 38.60 1.75 17.50
N SER C 199 38.07 1.06 18.50
CA SER C 199 37.01 1.60 19.33
C SER C 199 37.46 1.69 20.77
N PHE C 200 37.13 2.79 21.43
CA PHE C 200 37.58 3.08 22.77
C PHE C 200 36.37 3.17 23.69
N ALA C 201 36.57 2.86 24.97
CA ALA C 201 35.54 3.00 25.97
C ALA C 201 35.95 4.13 26.93
N VAL C 202 35.02 4.98 27.25
CA VAL C 202 35.30 6.18 28.02
C VAL C 202 34.63 6.08 29.39
N PHE C 203 35.45 6.18 30.43
CA PHE C 203 34.94 6.41 31.77
C PHE C 203 34.91 7.90 32.03
N ASP C 204 34.12 8.29 33.03
CA ASP C 204 33.72 9.69 33.18
C ASP C 204 34.87 10.56 33.66
N ASP C 205 35.87 9.96 34.30
CA ASP C 205 37.02 10.68 34.81
C ASP C 205 38.14 10.85 33.79
N THR C 206 37.80 10.89 32.50
CA THR C 206 38.68 11.00 31.34
C THR C 206 39.71 9.88 31.27
N LEU C 207 39.45 8.76 31.93
CA LEU C 207 40.24 7.57 31.70
C LEU C 207 39.62 6.77 30.56
N LEU C 208 40.26 6.84 29.40
CA LEU C 208 39.74 6.14 28.23
C LEU C 208 40.60 4.91 28.01
N ILE C 209 39.94 3.81 27.64
CA ILE C 209 40.57 2.51 27.54
C ILE C 209 40.32 1.96 26.14
N VAL C 210 41.12 0.97 25.77
CA VAL C 210 41.12 0.43 24.42
C VAL C 210 40.52 -0.96 24.44
N ASP C 211 39.58 -1.20 23.52
CA ASP C 211 38.98 -2.50 23.26
C ASP C 211 38.29 -3.09 24.50
N PRO C 212 37.10 -2.60 24.85
CA PRO C 212 36.44 -3.09 26.06
C PRO C 212 35.82 -4.47 25.85
N THR C 213 35.62 -5.19 26.95
CA THR C 213 34.80 -6.39 26.91
C THR C 213 33.40 -6.10 27.45
N GLY C 214 32.63 -7.17 27.62
CA GLY C 214 31.18 -7.02 27.82
C GLY C 214 30.79 -6.35 29.11
N GLU C 215 31.28 -6.88 30.24
CA GLU C 215 31.13 -6.19 31.51
C GLU C 215 31.86 -4.85 31.48
N GLU C 216 33.02 -4.84 30.83
CA GLU C 216 33.88 -3.66 30.75
C GLU C 216 33.21 -2.54 29.96
N GLU C 217 32.53 -2.85 28.87
CA GLU C 217 31.80 -1.81 28.14
C GLU C 217 30.49 -1.47 28.83
N HIS C 218 29.85 -2.48 29.43
CA HIS C 218 28.49 -2.30 29.94
C HIS C 218 28.47 -1.42 31.18
N LEU C 219 29.50 -1.49 32.02
CA LEU C 219 29.51 -0.58 33.16
C LEU C 219 30.14 0.75 32.79
N ALA C 220 30.80 0.83 31.65
CA ALA C 220 31.36 2.09 31.19
C ALA C 220 30.27 2.94 30.54
N THR C 221 30.53 4.26 30.47
CA THR C 221 29.50 5.17 30.01
C THR C 221 29.55 5.37 28.50
N GLY C 222 30.67 5.87 27.98
CA GLY C 222 30.70 6.35 26.61
C GLY C 222 31.52 5.45 25.72
N THR C 223 31.24 5.55 24.42
CA THR C 223 31.86 4.71 23.41
C THR C 223 32.33 5.58 22.26
N LEU C 224 33.55 5.37 21.78
CA LEU C 224 34.11 6.12 20.67
C LEU C 224 34.62 5.12 19.64
N THR C 225 34.65 5.52 18.37
CA THR C 225 35.12 4.66 17.30
C THR C 225 35.74 5.50 16.19
N ILE C 226 36.97 5.13 15.78
CA ILE C 226 37.68 5.82 14.72
C ILE C 226 38.08 4.81 13.67
N VAL C 227 37.73 5.07 12.41
CA VAL C 227 38.12 4.25 11.29
C VAL C 227 39.12 5.03 10.46
N MET C 228 40.30 4.46 10.22
CA MET C 228 41.44 5.18 9.66
C MET C 228 41.99 4.46 8.44
N ASP C 229 42.44 5.22 7.45
CA ASP C 229 43.12 4.68 6.28
C ASP C 229 44.63 4.60 6.55
N GLU C 230 45.42 4.34 5.51
CA GLU C 230 46.88 4.40 5.65
C GLU C 230 47.36 5.83 5.83
N GLU C 231 46.83 6.75 5.02
CA GLU C 231 47.47 8.05 4.86
C GLU C 231 47.21 8.97 6.05
N GLY C 232 46.20 8.65 6.84
CA GLY C 232 45.82 9.53 7.92
C GLY C 232 44.41 10.05 7.69
N LYS C 233 43.79 9.54 6.64
CA LYS C 233 42.41 9.89 6.36
C LYS C 233 41.49 9.23 7.38
N LEU C 234 40.54 10.00 7.89
CA LEU C 234 39.55 9.48 8.83
C LEU C 234 38.32 9.08 8.02
N CYS C 235 37.93 7.81 8.12
CA CYS C 235 36.72 7.38 7.44
C CYS C 235 35.47 7.90 8.16
N CYS C 236 35.31 7.55 9.43
CA CYS C 236 34.20 8.08 10.20
C CYS C 236 34.58 8.11 11.67
N LEU C 237 34.11 9.14 12.36
CA LEU C 237 34.31 9.27 13.80
C LEU C 237 32.97 9.09 14.47
N HIS C 238 32.71 7.88 14.96
CA HIS C 238 31.42 7.50 15.49
C HIS C 238 31.46 7.56 17.00
N LYS C 239 30.77 8.54 17.58
CA LYS C 239 30.74 8.70 19.03
C LYS C 239 29.33 9.05 19.49
N PRO C 240 28.50 8.07 19.82
CA PRO C 240 27.33 8.37 20.65
C PRO C 240 27.66 8.13 22.11
N GLY C 241 27.03 8.85 23.02
CA GLY C 241 27.21 8.59 24.43
C GLY C 241 27.71 9.76 25.25
N GLY C 242 28.39 10.71 24.63
CA GLY C 242 28.75 11.94 25.31
C GLY C 242 29.81 11.79 26.38
N SER C 243 29.44 12.12 27.61
CA SER C 243 30.25 12.16 28.82
C SER C 243 31.41 13.14 28.73
N GLY C 244 31.41 14.08 27.79
CA GLY C 244 32.44 15.11 27.72
C GLY C 244 33.73 14.61 27.10
N LEU C 245 34.32 15.46 26.27
CA LEU C 245 35.57 15.13 25.60
C LEU C 245 36.21 16.42 25.10
N THR C 246 37.53 16.40 24.99
CA THR C 246 38.31 17.54 24.52
C THR C 246 39.23 17.06 23.41
N GLY C 247 39.63 17.97 22.53
CA GLY C 247 40.26 17.58 21.27
C GLY C 247 41.65 16.97 21.43
N ALA C 248 42.35 17.30 22.51
CA ALA C 248 43.66 16.72 22.75
C ALA C 248 43.55 15.22 23.01
N LYS C 249 42.44 14.81 23.65
CA LYS C 249 42.17 13.40 23.84
C LYS C 249 41.96 12.71 22.50
N LEU C 250 41.31 13.40 21.56
CA LEU C 250 41.14 12.86 20.21
C LEU C 250 42.47 12.76 19.47
N GLN C 251 43.40 13.69 19.74
CA GLN C 251 44.72 13.58 19.15
C GLN C 251 45.46 12.35 19.68
N ASP C 252 45.28 12.06 20.97
CA ASP C 252 45.84 10.83 21.54
C ASP C 252 45.21 9.59 20.90
N CYS C 253 43.88 9.65 20.65
CA CYS C 253 43.17 8.57 19.98
C CYS C 253 43.74 8.30 18.59
N MET C 254 43.95 9.37 17.83
CA MET C 254 44.57 9.27 16.51
C MET C 254 45.95 8.64 16.58
N SER C 255 46.76 9.09 17.55
CA SER C 255 48.15 8.64 17.65
C SER C 255 48.24 7.17 18.00
N ARG C 256 47.24 6.64 18.71
CA ARG C 256 47.26 5.19 18.95
C ARG C 256 46.67 4.41 17.79
N ALA C 257 45.65 4.96 17.12
CA ALA C 257 44.97 4.23 16.06
C ALA C 257 45.86 4.05 14.83
N VAL C 258 46.82 4.97 14.63
CA VAL C 258 47.83 4.78 13.58
C VAL C 258 48.63 3.49 13.82
N THR C 259 49.06 3.28 15.06
CA THR C 259 49.88 2.12 15.39
C THR C 259 49.08 0.83 15.25
N ARG C 260 47.81 0.85 15.66
CA ARG C 260 47.00 -0.35 15.49
C ARG C 260 46.73 -0.65 14.02
N HIS C 261 46.61 0.39 13.20
CA HIS C 261 46.49 0.20 11.75
C HIS C 261 47.72 -0.49 11.16
N LYS C 262 48.91 -0.04 11.57
CA LYS C 262 50.15 -0.67 11.12
C LYS C 262 50.23 -2.13 11.52
N GLU C 263 49.84 -2.44 12.77
CA GLU C 263 49.93 -3.80 13.26
C GLU C 263 49.01 -4.75 12.51
N VAL C 264 47.76 -4.32 12.26
CA VAL C 264 46.82 -5.23 11.61
C VAL C 264 47.14 -5.37 10.14
N LYS C 265 47.79 -4.35 9.53
CA LYS C 265 48.22 -4.52 8.15
C LYS C 265 49.36 -5.53 8.05
N LYS C 266 50.31 -5.50 9.00
CA LYS C 266 51.34 -6.53 9.06
C LYS C 266 50.74 -7.92 9.21
N LEU C 267 49.73 -8.06 10.07
CA LEU C 267 49.13 -9.37 10.31
C LEU C 267 48.41 -9.90 9.08
N MET C 268 47.60 -9.05 8.44
CA MET C 268 46.84 -9.50 7.27
C MET C 268 47.75 -9.81 6.09
N ASP C 269 48.83 -9.02 5.92
CA ASP C 269 49.79 -9.30 4.87
C ASP C 269 50.51 -10.62 5.09
N GLU C 270 50.88 -10.92 6.36
CA GLU C 270 51.54 -12.19 6.64
C GLU C 270 50.62 -13.38 6.39
N VAL C 271 49.34 -13.24 6.73
CA VAL C 271 48.43 -14.38 6.54
C VAL C 271 48.13 -14.60 5.05
N ILE C 272 48.05 -13.52 4.28
CA ILE C 272 47.85 -13.68 2.82
C ILE C 272 49.10 -14.28 2.18
N LYS C 273 50.29 -13.87 2.62
CA LYS C 273 51.51 -14.46 2.09
C LYS C 273 51.66 -15.92 2.51
N SER C 274 51.08 -16.30 3.65
CA SER C 274 51.08 -17.70 4.06
C SER C 274 50.14 -18.52 3.17
N MET C 275 48.95 -17.99 2.90
CA MET C 275 48.02 -18.72 2.04
C MET C 275 48.13 -18.30 0.58
N LYS C 276 49.32 -17.83 0.16
CA LYS C 276 49.65 -17.68 -1.25
C LYS C 276 49.48 -18.95 -2.07
N PRO C 277 50.02 -20.13 -1.66
CA PRO C 277 49.80 -21.23 -2.62
C PRO C 277 48.47 -21.93 -2.44
N GLY D 27 35.41 34.17 7.91
CA GLY D 27 34.00 34.51 8.05
C GLY D 27 33.09 33.30 8.04
N CYS D 28 32.57 32.95 9.21
CA CYS D 28 31.68 31.81 9.36
C CYS D 28 30.52 32.19 10.27
N SER D 29 29.30 32.14 9.73
CA SER D 29 28.11 32.44 10.50
C SER D 29 26.97 31.53 10.05
N LEU D 30 26.03 31.30 10.96
CA LEU D 30 24.90 30.44 10.66
C LEU D 30 23.91 31.18 9.78
N ARG D 31 22.90 30.46 9.29
CA ARG D 31 21.77 31.16 8.73
C ARG D 31 20.70 31.41 9.80
N HIS D 32 19.52 31.83 9.35
CA HIS D 32 18.53 32.41 10.23
C HIS D 32 17.88 31.35 11.12
N PHE D 33 17.73 31.69 12.40
CA PHE D 33 17.11 30.81 13.39
C PHE D 33 15.71 31.30 13.70
N ALA D 34 14.81 30.36 13.97
CA ALA D 34 13.51 30.67 14.53
C ALA D 34 13.14 29.53 15.46
N CYS D 35 12.57 29.86 16.61
CA CYS D 35 12.25 28.84 17.59
C CYS D 35 10.95 29.18 18.29
N GLU D 36 10.10 28.16 18.44
CA GLU D 36 8.77 28.34 19.01
C GLU D 36 8.53 27.27 20.05
N GLN D 37 7.95 27.68 21.18
CA GLN D 37 7.59 26.75 22.23
C GLN D 37 6.08 26.63 22.36
N ASN D 38 5.65 25.51 22.95
CA ASN D 38 4.30 25.25 23.42
C ASN D 38 3.25 25.35 22.32
N LEU D 39 3.46 24.66 21.20
CA LEU D 39 2.46 24.68 20.14
C LEU D 39 1.34 23.69 20.40
N LEU D 40 1.69 22.48 20.79
CA LEU D 40 0.76 21.38 20.86
C LEU D 40 0.14 21.36 22.25
N SER D 41 -1.08 20.85 22.36
CA SER D 41 -1.77 20.89 23.64
C SER D 41 -1.51 19.62 24.45
N ARG D 42 -1.74 18.47 23.86
CA ARG D 42 -1.64 17.17 24.53
C ARG D 42 -0.26 16.76 25.06
N PRO D 43 0.88 17.00 24.38
CA PRO D 43 2.15 16.58 24.99
C PRO D 43 2.58 17.47 26.14
N ASP D 44 3.59 16.99 26.88
CA ASP D 44 4.13 17.71 28.02
C ASP D 44 5.08 18.82 27.60
N GLY D 45 5.60 18.77 26.39
CA GLY D 45 6.45 19.84 25.88
C GLY D 45 6.41 19.81 24.37
N SER D 46 6.61 20.99 23.78
CA SER D 46 6.52 21.11 22.34
C SER D 46 7.52 22.15 21.88
N ALA D 47 8.37 21.79 20.93
CA ALA D 47 9.38 22.71 20.42
C ALA D 47 9.42 22.59 18.90
N SER D 48 9.12 23.69 18.22
CA SER D 48 9.30 23.79 16.78
C SER D 48 10.57 24.57 16.54
N PHE D 49 11.41 24.09 15.64
CA PHE D 49 12.70 24.72 15.39
C PHE D 49 12.90 24.86 13.89
N LEU D 50 12.96 26.09 13.41
CA LEU D 50 13.11 26.38 11.99
C LEU D 50 14.51 26.91 11.76
N GLN D 51 15.31 26.18 10.98
CA GLN D 51 16.69 26.54 10.72
C GLN D 51 16.83 26.76 9.22
N GLY D 52 16.85 28.02 8.80
CA GLY D 52 16.91 28.33 7.38
C GLY D 52 15.62 27.90 6.71
N ASP D 53 15.70 26.81 5.94
CA ASP D 53 14.50 26.26 5.35
C ASP D 53 14.08 24.97 6.03
N THR D 54 14.97 24.34 6.79
CA THR D 54 14.62 23.06 7.38
C THR D 54 13.82 23.28 8.65
N SER D 55 13.12 22.24 9.09
CA SER D 55 12.12 22.41 10.15
C SER D 55 11.88 21.07 10.82
N VAL D 56 12.05 21.06 12.14
CA VAL D 56 11.88 19.88 12.99
C VAL D 56 10.96 20.24 14.14
N LEU D 57 9.93 19.43 14.35
CA LEU D 57 9.01 19.58 15.46
C LEU D 57 9.21 18.43 16.43
N ALA D 58 9.34 18.75 17.72
CA ALA D 58 9.62 17.75 18.74
C ALA D 58 8.60 17.84 19.85
N GLY D 59 8.01 16.70 20.21
CA GLY D 59 7.09 16.61 21.32
C GLY D 59 7.60 15.60 22.33
N VAL D 60 7.60 15.97 23.60
CA VAL D 60 8.21 15.14 24.64
C VAL D 60 7.19 14.89 25.75
N TYR D 61 6.92 13.62 26.04
CA TYR D 61 6.16 13.27 27.21
C TYR D 61 7.09 13.25 28.42
N GLY D 62 6.58 13.69 29.55
CA GLY D 62 7.40 13.83 30.73
C GLY D 62 7.62 12.51 31.43
N PRO D 63 7.79 12.58 32.74
CA PRO D 63 7.85 11.35 33.53
C PRO D 63 6.51 10.64 33.53
N ALA D 64 6.51 9.39 33.06
CA ALA D 64 5.27 8.64 32.87
C ALA D 64 5.54 7.16 33.10
N GLU D 65 4.49 6.36 32.89
CA GLU D 65 4.51 4.96 33.28
C GLU D 65 5.26 4.10 32.26
N VAL D 66 5.99 3.10 32.76
CA VAL D 66 6.79 2.19 31.96
C VAL D 66 6.09 0.85 31.95
N LYS D 67 6.37 0.03 30.95
CA LYS D 67 6.10 -1.40 31.08
C LYS D 67 7.13 -2.03 32.01
N VAL D 68 6.84 -3.25 32.46
CA VAL D 68 7.62 -3.92 33.49
C VAL D 68 8.95 -4.37 32.91
N SER D 69 9.00 -4.56 31.59
CA SER D 69 10.21 -5.11 30.96
C SER D 69 11.35 -4.09 30.94
N LYS D 70 11.03 -2.80 30.96
CA LYS D 70 12.08 -1.79 30.91
C LYS D 70 12.41 -1.23 32.29
N GLU D 71 12.01 -1.92 33.35
CA GLU D 71 12.21 -1.39 34.70
C GLU D 71 13.69 -1.33 35.05
N ILE D 72 14.21 -0.11 35.16
CA ILE D 72 15.60 0.14 35.54
C ILE D 72 15.57 0.95 36.83
N PHE D 73 16.18 0.39 37.89
CA PHE D 73 15.97 0.95 39.22
C PHE D 73 16.85 2.16 39.46
N ASN D 74 17.99 2.24 38.77
CA ASN D 74 18.85 3.40 38.97
C ASN D 74 18.40 4.57 38.11
N LYS D 75 18.22 4.35 36.81
CA LYS D 75 18.07 5.43 35.86
C LYS D 75 16.70 5.36 35.21
N ALA D 76 16.37 6.40 34.45
CA ALA D 76 15.10 6.49 33.75
C ALA D 76 15.29 6.05 32.30
N THR D 77 14.34 5.28 31.79
CA THR D 77 14.37 4.90 30.38
C THR D 77 14.04 6.10 29.53
N LEU D 78 14.76 6.25 28.44
CA LEU D 78 14.63 7.41 27.58
C LEU D 78 14.50 6.97 26.13
N GLU D 79 13.27 6.94 25.63
CA GLU D 79 12.98 6.45 24.29
C GLU D 79 12.99 7.62 23.32
N VAL D 80 13.48 7.36 22.11
CA VAL D 80 13.51 8.36 21.05
C VAL D 80 12.92 7.75 19.79
N ILE D 81 11.90 8.39 19.24
CA ILE D 81 11.31 7.97 17.97
C ILE D 81 11.51 9.09 16.97
N LEU D 82 12.07 8.76 15.80
CA LEU D 82 12.35 9.71 14.73
C LEU D 82 11.67 9.25 13.45
N ARG D 83 10.85 10.12 12.86
CA ARG D 83 10.13 9.74 11.66
C ARG D 83 10.26 10.81 10.58
N PRO D 84 10.75 10.47 9.39
CA PRO D 84 10.72 11.40 8.26
C PRO D 84 9.35 11.42 7.63
N LYS D 85 9.08 12.40 6.76
CA LYS D 85 7.70 12.57 6.30
C LYS D 85 7.40 11.71 5.07
N ILE D 86 8.40 11.41 4.27
CA ILE D 86 8.21 10.55 3.10
C ILE D 86 8.75 9.17 3.44
N GLY D 87 7.99 8.14 3.06
CA GLY D 87 8.38 6.77 3.36
C GLY D 87 8.21 6.41 4.82
N LEU D 88 8.31 5.12 5.10
CA LEU D 88 8.30 4.67 6.48
C LEU D 88 9.75 4.64 6.99
N PRO D 89 9.97 4.80 8.29
CA PRO D 89 11.35 4.93 8.78
C PRO D 89 12.12 3.63 8.73
N GLY D 90 13.44 3.75 8.55
CA GLY D 90 14.29 2.62 8.29
C GLY D 90 15.49 2.55 9.23
N VAL D 91 16.56 1.95 8.69
CA VAL D 91 17.69 1.54 9.52
C VAL D 91 18.53 2.74 9.93
N ALA D 92 18.80 3.64 8.98
CA ALA D 92 19.62 4.80 9.26
C ALA D 92 18.95 5.72 10.25
N GLU D 93 17.61 5.78 10.22
CA GLU D 93 16.90 6.61 11.17
C GLU D 93 16.94 6.00 12.56
N LYS D 94 17.00 4.67 12.63
CA LYS D 94 17.18 4.00 13.90
C LYS D 94 18.55 4.31 14.49
N SER D 95 19.59 4.35 13.64
CA SER D 95 20.92 4.72 14.12
C SER D 95 20.94 6.17 14.60
N ARG D 96 20.28 7.06 13.87
CA ARG D 96 20.20 8.45 14.27
C ARG D 96 19.49 8.61 15.60
N GLU D 97 18.41 7.86 15.82
CA GLU D 97 17.68 8.03 17.07
C GLU D 97 18.41 7.36 18.22
N ARG D 98 19.27 6.39 17.94
CA ARG D 98 20.17 5.91 19.00
C ARG D 98 21.16 6.99 19.40
N LEU D 99 21.69 7.73 18.40
CA LEU D 99 22.55 8.87 18.70
C LEU D 99 21.82 9.93 19.53
N ILE D 100 20.53 10.14 19.25
CA ILE D 100 19.73 11.06 20.04
C ILE D 100 19.57 10.54 21.47
N ARG D 101 19.29 9.24 21.65
CA ARG D 101 19.05 8.73 23.00
C ARG D 101 20.33 8.76 23.83
N ASN D 102 21.48 8.60 23.19
CA ASN D 102 22.73 8.60 23.95
C ASN D 102 23.13 10.01 24.32
N THR D 103 22.93 10.98 23.41
CA THR D 103 23.20 12.37 23.75
C THR D 103 22.29 12.84 24.88
N CYS D 104 21.00 12.52 24.79
CA CYS D 104 20.05 12.97 25.80
C CYS D 104 20.31 12.31 27.15
N GLU D 105 20.57 11.00 27.18
CA GLU D 105 20.83 10.35 28.45
C GLU D 105 22.19 10.74 29.01
N ALA D 106 23.07 11.25 28.16
CA ALA D 106 24.28 11.89 28.68
C ALA D 106 23.95 13.21 29.36
N VAL D 107 22.92 13.92 28.88
CA VAL D 107 22.68 15.24 29.47
C VAL D 107 21.47 15.26 30.39
N VAL D 108 20.51 14.35 30.20
CA VAL D 108 19.35 14.32 31.09
C VAL D 108 19.76 13.73 32.43
N LEU D 109 19.53 14.49 33.50
CA LEU D 109 19.85 14.03 34.84
C LEU D 109 18.79 12.99 35.22
N GLY D 110 19.06 11.75 34.82
CA GLY D 110 18.02 10.73 34.89
C GLY D 110 18.03 9.93 36.16
N THR D 111 19.00 10.18 37.05
CA THR D 111 19.03 9.45 38.31
C THR D 111 17.99 9.99 39.28
N LEU D 112 17.45 11.18 39.01
CA LEU D 112 16.51 11.79 39.94
C LEU D 112 15.15 11.13 39.86
N HIS D 113 14.79 10.58 38.70
CA HIS D 113 13.48 10.01 38.49
C HIS D 113 13.59 8.53 38.15
N PRO D 114 13.54 7.63 39.12
CA PRO D 114 13.64 6.20 38.80
C PRO D 114 12.30 5.59 38.42
N ARG D 115 12.35 4.52 37.64
CA ARG D 115 11.19 3.74 37.19
C ARG D 115 10.16 4.59 36.46
N THR D 116 10.59 5.60 35.72
CA THR D 116 9.69 6.36 34.87
C THR D 116 10.27 6.42 33.48
N SER D 117 9.41 6.67 32.49
CA SER D 117 9.78 6.64 31.10
C SER D 117 9.57 8.01 30.48
N ILE D 118 10.58 8.48 29.76
CA ILE D 118 10.49 9.74 29.03
C ILE D 118 10.59 9.44 27.55
N THR D 119 9.58 9.87 26.79
CA THR D 119 9.49 9.59 25.37
C THR D 119 9.72 10.89 24.62
N VAL D 120 10.65 10.86 23.66
CA VAL D 120 11.01 12.01 22.86
C VAL D 120 10.69 11.69 21.41
N VAL D 121 9.74 12.44 20.84
CA VAL D 121 9.17 12.14 19.53
C VAL D 121 9.55 13.25 18.57
N LEU D 122 10.06 12.87 17.40
CA LEU D 122 10.52 13.83 16.41
C LEU D 122 9.90 13.51 15.06
N GLN D 123 9.29 14.52 14.46
CA GLN D 123 8.66 14.41 13.15
C GLN D 123 9.30 15.43 12.22
N VAL D 124 9.90 14.94 11.14
CA VAL D 124 10.60 15.84 10.23
C VAL D 124 9.59 16.61 9.40
N VAL D 125 9.57 17.93 9.56
CA VAL D 125 8.65 18.76 8.80
C VAL D 125 9.25 19.12 7.46
N SER D 126 10.45 19.71 7.47
CA SER D 126 11.09 20.13 6.24
C SER D 126 12.55 19.74 6.25
N ASP D 127 12.97 19.01 5.23
CA ASP D 127 14.36 18.55 5.10
C ASP D 127 15.05 19.47 4.10
N ALA D 128 15.92 20.34 4.59
CA ALA D 128 16.71 21.22 3.75
C ALA D 128 18.21 21.04 3.95
N GLY D 129 18.60 20.01 4.70
CA GLY D 129 19.99 19.76 4.98
C GLY D 129 20.32 19.96 6.45
N SER D 130 21.28 19.14 6.90
CA SER D 130 21.73 19.07 8.29
C SER D 130 20.56 18.79 9.24
N LEU D 131 20.00 17.58 9.12
CA LEU D 131 18.85 17.23 9.93
C LEU D 131 19.22 17.09 11.40
N LEU D 132 20.38 16.53 11.70
CA LEU D 132 20.70 16.15 13.07
C LEU D 132 20.91 17.37 13.96
N ALA D 133 21.43 18.45 13.39
CA ALA D 133 21.61 19.68 14.15
C ALA D 133 20.28 20.27 14.58
N CYS D 134 19.34 20.39 13.64
CA CYS D 134 18.04 20.95 13.95
C CYS D 134 17.24 20.02 14.83
N CYS D 135 17.43 18.71 14.67
CA CYS D 135 16.77 17.73 15.53
C CYS D 135 17.25 17.82 16.96
N LEU D 136 18.57 17.97 17.16
CA LEU D 136 19.09 18.10 18.51
C LEU D 136 18.67 19.40 19.15
N ASN D 137 18.59 20.48 18.36
CA ASN D 137 18.15 21.76 18.91
C ASN D 137 16.68 21.68 19.33
N ALA D 138 15.85 21.03 18.52
CA ALA D 138 14.44 20.88 18.86
C ALA D 138 14.27 19.97 20.07
N ALA D 139 15.09 18.93 20.18
CA ALA D 139 15.00 18.04 21.32
C ALA D 139 15.44 18.74 22.60
N CYS D 140 16.44 19.61 22.50
CA CYS D 140 16.90 20.35 23.67
C CYS D 140 15.85 21.33 24.16
N MET D 141 15.23 22.07 23.23
CA MET D 141 14.18 22.99 23.61
C MET D 141 12.95 22.27 24.15
N ALA D 142 12.66 21.08 23.61
CA ALA D 142 11.52 20.33 24.08
C ALA D 142 11.77 19.73 25.46
N LEU D 143 13.01 19.33 25.73
CA LEU D 143 13.33 18.84 27.07
C LEU D 143 13.36 19.98 28.08
N VAL D 144 13.69 21.19 27.63
CA VAL D 144 13.61 22.34 28.54
C VAL D 144 12.17 22.66 28.88
N ASP D 145 11.32 22.77 27.86
CA ASP D 145 9.98 23.29 28.11
C ASP D 145 9.10 22.26 28.80
N ALA D 146 9.43 20.98 28.66
CA ALA D 146 8.64 19.96 29.34
C ALA D 146 8.97 19.91 30.82
N GLY D 147 10.18 20.32 31.19
CA GLY D 147 10.55 20.45 32.59
C GLY D 147 11.34 19.31 33.16
N VAL D 148 11.86 18.41 32.33
CA VAL D 148 12.72 17.32 32.78
C VAL D 148 14.03 17.91 33.27
N PRO D 149 14.49 17.59 34.49
CA PRO D 149 15.71 18.19 35.01
C PRO D 149 16.96 17.69 34.29
N MET D 150 17.80 18.63 33.86
CA MET D 150 19.01 18.34 33.11
C MET D 150 20.19 19.03 33.76
N ARG D 151 21.39 18.54 33.47
CA ARG D 151 22.58 19.17 34.04
C ARG D 151 23.03 20.35 33.18
N ALA D 152 22.71 20.34 31.90
CA ALA D 152 23.28 21.30 30.97
C ALA D 152 22.48 21.31 29.68
N LEU D 153 22.62 22.41 28.94
CA LEU D 153 22.04 22.49 27.61
C LEU D 153 22.97 21.85 26.61
N PHE D 154 22.49 21.69 25.38
CA PHE D 154 23.27 21.13 24.29
C PHE D 154 22.70 21.62 22.98
N CYS D 155 23.56 21.77 21.98
CA CYS D 155 23.10 22.19 20.67
C CYS D 155 23.87 21.46 19.60
N GLY D 156 23.33 21.51 18.39
CA GLY D 156 23.97 20.84 17.27
C GLY D 156 24.28 21.78 16.13
N VAL D 157 25.45 21.59 15.51
CA VAL D 157 25.85 22.35 14.33
C VAL D 157 26.45 21.36 13.35
N ALA D 158 26.75 21.83 12.15
CA ALA D 158 27.34 21.00 11.12
C ALA D 158 28.29 21.84 10.27
N CYS D 159 29.38 21.22 9.81
CA CYS D 159 30.30 21.86 8.89
C CYS D 159 30.40 21.02 7.62
N ALA D 160 30.72 21.69 6.51
CA ALA D 160 30.87 21.03 5.21
C ALA D 160 32.21 21.41 4.61
N LEU D 161 33.04 20.39 4.37
CA LEU D 161 34.35 20.56 3.77
C LEU D 161 34.27 20.24 2.28
N ASP D 162 34.56 21.23 1.45
CA ASP D 162 34.55 21.09 0.00
C ASP D 162 35.83 20.43 -0.49
N SER D 163 36.04 20.50 -1.80
CA SER D 163 37.24 19.91 -2.40
C SER D 163 38.47 20.73 -2.04
N ASP D 164 38.32 22.03 -1.86
CA ASP D 164 39.47 22.88 -1.58
C ASP D 164 39.83 22.83 -0.10
N GLY D 165 38.83 22.81 0.77
CA GLY D 165 39.07 22.86 2.19
C GLY D 165 38.44 24.04 2.91
N THR D 166 37.70 24.88 2.21
CA THR D 166 36.94 25.93 2.87
C THR D 166 35.69 25.34 3.50
N LEU D 167 35.57 25.51 4.81
CA LEU D 167 34.47 24.93 5.57
C LEU D 167 33.31 25.91 5.60
N VAL D 168 32.11 25.36 5.61
CA VAL D 168 30.87 26.14 5.70
C VAL D 168 30.08 25.62 6.87
N LEU D 169 29.71 26.50 7.79
CA LEU D 169 28.85 26.11 8.88
C LEU D 169 27.40 26.08 8.42
N ASP D 170 26.70 25.02 8.84
CA ASP D 170 25.30 24.76 8.51
C ASP D 170 25.02 24.80 7.00
N PRO D 171 25.44 23.78 6.27
CA PRO D 171 25.33 23.81 4.82
C PRO D 171 23.89 23.66 4.36
N THR D 172 23.63 24.09 3.13
CA THR D 172 22.36 23.82 2.49
C THR D 172 22.46 22.45 1.83
N SER D 173 21.37 22.00 1.19
CA SER D 173 21.36 20.70 0.53
C SER D 173 22.34 20.68 -0.65
N LYS D 174 22.53 21.81 -1.31
CA LYS D 174 23.45 21.86 -2.43
C LYS D 174 24.89 21.89 -1.94
N GLN D 175 25.17 22.61 -0.85
CA GLN D 175 26.51 22.56 -0.26
C GLN D 175 26.80 21.20 0.34
N GLU D 176 25.79 20.53 0.88
CA GLU D 176 25.99 19.18 1.39
C GLU D 176 26.23 18.21 0.24
N LYS D 177 25.61 18.47 -0.91
CA LYS D 177 25.73 17.55 -2.03
C LYS D 177 27.08 17.70 -2.71
N GLU D 178 27.58 18.94 -2.83
CA GLU D 178 28.83 19.14 -3.57
C GLU D 178 30.05 18.75 -2.74
N ALA D 179 29.96 18.88 -1.42
CA ALA D 179 31.15 18.79 -0.58
C ALA D 179 31.64 17.36 -0.47
N ARG D 180 32.92 17.22 -0.15
CA ARG D 180 33.51 15.90 0.06
C ARG D 180 33.38 15.44 1.50
N ALA D 181 33.04 16.33 2.43
CA ALA D 181 32.90 15.91 3.81
C ALA D 181 31.80 16.70 4.48
N VAL D 182 31.01 16.01 5.29
CA VAL D 182 29.95 16.60 6.10
C VAL D 182 30.11 16.08 7.52
N LEU D 183 30.26 16.99 8.47
CA LEU D 183 30.44 16.61 9.86
C LEU D 183 29.33 17.25 10.67
N THR D 184 28.77 16.51 11.62
CA THR D 184 27.72 17.02 12.48
C THR D 184 28.13 16.83 13.93
N PHE D 185 28.17 17.91 14.69
CA PHE D 185 28.62 17.88 16.08
C PHE D 185 27.53 18.39 17.01
N ALA D 186 27.30 17.66 18.09
CA ALA D 186 26.47 18.10 19.18
C ALA D 186 27.37 18.45 20.35
N LEU D 187 27.26 19.69 20.83
CA LEU D 187 28.16 20.24 21.83
C LEU D 187 27.38 20.61 23.09
N ASP D 188 28.14 20.80 24.16
CA ASP D 188 27.65 20.97 25.52
C ASP D 188 27.76 22.43 25.93
N SER D 189 27.03 22.81 26.99
CA SER D 189 26.87 24.22 27.32
C SER D 189 27.78 24.66 28.45
N VAL D 190 28.24 23.72 29.27
CA VAL D 190 29.08 24.10 30.40
C VAL D 190 30.48 24.48 29.94
N GLU D 191 31.17 23.55 29.29
CA GLU D 191 32.55 23.77 28.87
C GLU D 191 32.80 23.49 27.40
N ARG D 192 31.75 23.48 26.57
CA ARG D 192 31.84 23.38 25.10
C ARG D 192 32.51 22.10 24.65
N LYS D 193 32.32 21.03 25.41
CA LYS D 193 32.93 19.75 25.13
C LYS D 193 32.14 19.03 24.03
N LEU D 194 32.76 18.02 23.43
CA LEU D 194 32.11 17.28 22.37
C LEU D 194 31.24 16.19 22.96
N LEU D 195 29.94 16.22 22.63
CA LEU D 195 29.02 15.18 23.06
C LEU D 195 28.79 14.16 21.97
N MET D 196 28.35 14.58 20.78
CA MET D 196 28.04 13.62 19.73
C MET D 196 28.71 14.06 18.44
N SER D 197 29.08 13.09 17.60
CA SER D 197 29.72 13.37 16.33
C SER D 197 29.30 12.34 15.29
N SER D 198 28.85 12.80 14.13
CA SER D 198 28.51 11.94 13.01
C SER D 198 29.18 12.47 11.74
N THR D 199 29.38 11.58 10.77
CA THR D 199 30.33 11.80 9.70
C THR D 199 29.85 11.18 8.39
N LYS D 200 29.89 11.96 7.32
CA LYS D 200 29.93 11.43 5.96
C LYS D 200 31.03 12.15 5.20
N GLY D 201 32.21 11.56 5.13
CA GLY D 201 33.29 12.22 4.44
C GLY D 201 34.60 11.47 4.60
N LEU D 202 35.65 12.06 4.02
CA LEU D 202 36.98 11.48 3.99
C LEU D 202 38.04 12.49 4.45
N TYR D 203 37.83 13.11 5.61
CA TYR D 203 38.67 14.22 6.02
C TYR D 203 39.92 13.76 6.76
N SER D 204 40.79 14.71 7.05
CA SER D 204 41.98 14.49 7.86
C SER D 204 41.80 15.13 9.23
N ASP D 205 42.80 14.95 10.08
CA ASP D 205 42.66 15.29 11.49
C ASP D 205 42.71 16.80 11.73
N THR D 206 43.52 17.51 10.96
CA THR D 206 43.61 18.96 11.15
C THR D 206 42.32 19.64 10.69
N GLU D 207 41.70 19.11 9.64
CA GLU D 207 40.39 19.57 9.21
C GLU D 207 39.34 19.31 10.30
N LEU D 208 39.45 18.17 10.98
CA LEU D 208 38.60 17.87 12.12
C LEU D 208 38.78 18.88 13.24
N GLN D 209 40.02 19.26 13.52
CA GLN D 209 40.28 20.20 14.60
C GLN D 209 39.73 21.58 14.28
N GLN D 210 39.88 22.00 13.01
CA GLN D 210 39.34 23.30 12.60
C GLN D 210 37.82 23.32 12.63
N CYS D 211 37.19 22.23 12.17
CA CYS D 211 35.73 22.16 12.24
C CYS D 211 35.23 22.15 13.68
N LEU D 212 36.01 21.54 14.58
CA LEU D 212 35.62 21.55 15.99
C LEU D 212 35.70 22.95 16.59
N ALA D 213 36.74 23.72 16.22
CA ALA D 213 36.84 25.09 16.74
C ALA D 213 35.73 25.98 16.19
N ALA D 214 35.43 25.85 14.90
CA ALA D 214 34.32 26.62 14.32
C ALA D 214 32.99 26.19 14.91
N ALA D 215 32.87 24.91 15.26
CA ALA D 215 31.67 24.42 15.92
C ALA D 215 31.52 25.00 17.32
N GLN D 216 32.64 25.23 18.02
CA GLN D 216 32.57 25.85 19.33
C GLN D 216 32.10 27.31 19.24
N ALA D 217 32.57 28.03 18.21
CA ALA D 217 32.09 29.40 18.01
C ALA D 217 30.60 29.44 17.67
N ALA D 218 30.17 28.54 16.78
CA ALA D 218 28.77 28.44 16.43
C ALA D 218 27.91 28.05 17.63
N SER D 219 28.46 27.21 18.51
CA SER D 219 27.76 26.81 19.71
C SER D 219 27.58 27.99 20.65
N GLN D 220 28.57 28.87 20.71
CA GLN D 220 28.43 30.11 21.48
C GLN D 220 27.25 30.95 20.97
N HIS D 221 27.15 31.10 19.65
CA HIS D 221 26.01 31.86 19.09
C HIS D 221 24.67 31.20 19.39
N VAL D 222 24.58 29.88 19.24
CA VAL D 222 23.31 29.19 19.45
C VAL D 222 22.93 29.22 20.93
N PHE D 223 23.90 29.12 21.82
CA PHE D 223 23.61 29.15 23.25
C PHE D 223 23.18 30.53 23.70
N ARG D 224 23.64 31.58 23.02
CA ARG D 224 23.03 32.89 23.28
C ARG D 224 21.59 32.93 22.78
N PHE D 225 21.33 32.28 21.64
CA PHE D 225 19.98 32.27 21.07
C PHE D 225 18.99 31.51 21.95
N TYR D 226 19.46 30.49 22.68
CA TYR D 226 18.61 29.83 23.67
C TYR D 226 18.15 30.79 24.75
N ARG D 227 19.08 31.56 25.32
CA ARG D 227 18.77 32.42 26.44
C ARG D 227 17.86 33.56 26.02
N GLU D 228 18.02 34.03 24.78
CA GLU D 228 17.15 35.12 24.30
C GLU D 228 15.70 34.65 24.16
N SER D 229 15.49 33.44 23.63
CA SER D 229 14.12 32.95 23.48
C SER D 229 13.51 32.58 24.82
N LEU D 230 14.32 32.09 25.76
CA LEU D 230 13.79 31.76 27.06
C LEU D 230 13.46 33.02 27.88
N GLN D 231 14.11 34.14 27.56
CA GLN D 231 13.63 35.39 28.14
C GLN D 231 12.43 35.94 27.38
N ARG D 232 12.32 35.61 26.08
CA ARG D 232 11.18 36.08 25.31
C ARG D 232 9.88 35.38 25.71
N ARG D 233 9.97 34.16 26.26
CA ARG D 233 8.75 33.52 26.74
C ARG D 233 8.23 34.21 28.00
N TYR D 234 9.07 34.37 29.02
CA TYR D 234 8.62 34.78 30.34
C TYR D 234 8.42 36.29 30.46
N SER D 235 7.58 36.87 29.61
CA SER D 235 7.33 38.31 29.68
C SER D 235 6.26 38.62 30.73
N LYS D 236 5.18 37.84 30.75
CA LYS D 236 4.08 38.08 31.67
C LYS D 236 4.47 37.75 33.11
N VAL E 8 -3.48 -32.51 29.47
CA VAL E 8 -4.32 -31.39 29.83
C VAL E 8 -5.67 -31.49 29.15
N THR E 9 -5.75 -32.29 28.08
CA THR E 9 -7.01 -32.44 27.37
C THR E 9 -7.82 -33.61 27.93
N LEU E 10 -7.17 -34.56 28.58
CA LEU E 10 -7.83 -35.70 29.19
C LEU E 10 -6.94 -36.33 30.24
N SER E 11 -7.57 -36.97 31.23
CA SER E 11 -6.89 -37.45 32.42
C SER E 11 -6.03 -38.68 32.13
N GLU E 12 -5.33 -39.16 33.16
CA GLU E 12 -4.40 -40.26 32.96
C GLU E 12 -5.03 -41.60 33.30
N ALA E 13 -6.08 -41.59 34.13
CA ALA E 13 -6.83 -42.82 34.35
C ALA E 13 -7.55 -43.24 33.08
N GLU E 14 -8.13 -42.29 32.37
CA GLU E 14 -8.73 -42.60 31.09
C GLU E 14 -7.67 -42.89 30.04
N LYS E 15 -6.45 -42.36 30.21
CA LYS E 15 -5.33 -42.81 29.38
C LYS E 15 -5.06 -44.29 29.56
N VAL E 16 -5.00 -44.76 30.81
CA VAL E 16 -4.60 -46.15 31.01
C VAL E 16 -5.75 -47.08 30.63
N TYR E 17 -6.99 -46.58 30.72
CA TYR E 17 -8.12 -47.34 30.20
C TYR E 17 -8.06 -47.44 28.68
N ILE E 18 -7.68 -46.37 28.00
CA ILE E 18 -7.62 -46.41 26.55
C ILE E 18 -6.48 -47.31 26.09
N VAL E 19 -5.35 -47.32 26.79
CA VAL E 19 -4.25 -48.17 26.33
C VAL E 19 -4.56 -49.64 26.61
N HIS E 20 -5.28 -49.94 27.69
CA HIS E 20 -5.67 -51.32 27.91
C HIS E 20 -6.78 -51.76 26.97
N GLY E 21 -7.58 -50.82 26.48
CA GLY E 21 -8.49 -51.15 25.40
C GLY E 21 -7.76 -51.39 24.09
N VAL E 22 -6.67 -50.66 23.88
CA VAL E 22 -5.92 -50.78 22.65
C VAL E 22 -5.22 -52.12 22.56
N GLN E 23 -4.65 -52.60 23.67
CA GLN E 23 -3.87 -53.83 23.61
C GLN E 23 -4.74 -55.07 23.42
N GLU E 24 -6.06 -54.95 23.60
CA GLU E 24 -6.91 -56.11 23.37
C GLU E 24 -7.98 -55.89 22.29
N ASP E 25 -7.67 -55.13 21.24
CA ASP E 25 -8.43 -55.02 19.99
C ASP E 25 -9.84 -54.45 20.11
N LEU E 26 -10.16 -53.69 21.16
CA LEU E 26 -11.43 -52.98 21.23
C LEU E 26 -11.16 -51.58 21.75
N ARG E 27 -11.22 -50.59 20.85
CA ARG E 27 -11.03 -49.22 21.25
C ARG E 27 -12.36 -48.65 21.74
N VAL E 28 -12.42 -47.32 21.89
CA VAL E 28 -13.54 -46.70 22.58
C VAL E 28 -14.79 -46.70 21.73
N ASP E 29 -14.65 -46.79 20.41
CA ASP E 29 -15.83 -46.89 19.56
C ASP E 29 -16.13 -48.31 19.13
N GLY E 30 -15.25 -49.25 19.42
CA GLY E 30 -15.46 -50.63 19.02
C GLY E 30 -14.80 -51.04 17.72
N ARG E 31 -13.85 -50.27 17.22
CA ARG E 31 -13.18 -50.68 16.00
C ARG E 31 -12.06 -51.67 16.33
N GLY E 32 -11.60 -52.37 15.29
CA GLY E 32 -10.48 -53.26 15.42
C GLY E 32 -9.16 -52.51 15.42
N CYS E 33 -8.09 -53.29 15.24
CA CYS E 33 -6.76 -52.69 15.25
C CYS E 33 -6.49 -51.91 13.97
N GLU E 34 -7.03 -52.38 12.85
CA GLU E 34 -6.64 -51.91 11.53
C GLU E 34 -7.88 -51.55 10.72
N ASP E 35 -8.78 -50.76 11.31
CA ASP E 35 -10.03 -50.42 10.66
C ASP E 35 -10.26 -48.92 10.68
N TYR E 36 -10.49 -48.36 9.49
CA TYR E 36 -10.98 -46.99 9.35
C TYR E 36 -12.43 -46.91 9.79
N ARG E 37 -12.88 -45.70 10.08
CA ARG E 37 -14.32 -45.44 10.13
C ARG E 37 -14.80 -44.97 8.77
N CYS E 38 -16.07 -44.59 8.69
CA CYS E 38 -16.68 -44.22 7.43
C CYS E 38 -16.09 -42.92 6.89
N VAL E 39 -15.79 -42.90 5.59
CA VAL E 39 -15.11 -41.79 4.94
C VAL E 39 -16.02 -41.27 3.83
N GLU E 40 -16.27 -39.96 3.83
CA GLU E 40 -17.17 -39.33 2.88
C GLU E 40 -16.38 -38.44 1.92
N VAL E 41 -16.54 -38.69 0.62
CA VAL E 41 -15.83 -37.95 -0.41
C VAL E 41 -16.86 -37.35 -1.37
N GLU E 42 -16.80 -36.04 -1.54
CA GLU E 42 -17.70 -35.31 -2.43
C GLU E 42 -16.90 -34.54 -3.45
N THR E 43 -17.27 -34.67 -4.72
CA THR E 43 -16.57 -34.07 -5.83
C THR E 43 -17.22 -32.75 -6.23
N ASP E 44 -16.36 -31.77 -6.57
CA ASP E 44 -16.76 -30.54 -7.26
C ASP E 44 -17.76 -29.70 -6.45
N VAL E 45 -17.33 -29.19 -5.31
CA VAL E 45 -18.24 -28.38 -4.49
C VAL E 45 -18.24 -26.94 -4.94
N VAL E 46 -17.08 -26.29 -4.91
CA VAL E 46 -16.97 -24.86 -5.19
C VAL E 46 -16.94 -24.66 -6.69
N SER E 47 -17.85 -23.83 -7.20
CA SER E 47 -17.98 -23.61 -8.64
C SER E 47 -17.19 -22.40 -9.12
N ASN E 48 -16.09 -22.06 -8.46
CA ASN E 48 -15.22 -21.02 -8.98
C ASN E 48 -13.80 -21.55 -9.15
N THR E 49 -13.60 -22.86 -9.21
CA THR E 49 -12.27 -23.44 -9.28
C THR E 49 -12.15 -24.27 -10.53
N SER E 50 -10.92 -24.70 -10.80
CA SER E 50 -10.72 -25.73 -11.80
C SER E 50 -11.00 -27.11 -11.22
N GLY E 51 -10.84 -27.26 -9.91
CA GLY E 51 -11.11 -28.52 -9.24
C GLY E 51 -11.44 -28.30 -7.77
N SER E 52 -12.36 -29.12 -7.26
CA SER E 52 -12.84 -28.95 -5.91
C SER E 52 -13.18 -30.29 -5.27
N ALA E 53 -12.86 -30.47 -4.00
CA ALA E 53 -13.20 -31.69 -3.28
C ALA E 53 -13.53 -31.38 -1.83
N ARG E 54 -14.42 -32.17 -1.25
CA ARG E 54 -14.80 -32.09 0.15
C ARG E 54 -14.65 -33.48 0.74
N VAL E 55 -14.08 -33.58 1.93
CA VAL E 55 -13.77 -34.87 2.55
C VAL E 55 -14.12 -34.78 4.04
N LYS E 56 -14.87 -35.77 4.52
CA LYS E 56 -15.54 -35.71 5.81
C LYS E 56 -15.27 -37.02 6.54
N LEU E 57 -14.51 -36.95 7.65
CA LEU E 57 -14.22 -38.13 8.46
C LEU E 57 -14.62 -37.89 9.91
N GLY E 58 -15.78 -38.42 10.28
CA GLY E 58 -16.19 -38.32 11.68
C GLY E 58 -16.48 -36.89 12.05
N HIS E 59 -15.53 -36.29 12.74
CA HIS E 59 -15.62 -34.87 13.07
C HIS E 59 -14.84 -33.98 12.11
N THR E 60 -13.80 -34.48 11.45
CA THR E 60 -12.88 -33.62 10.75
C THR E 60 -13.33 -33.39 9.30
N ASP E 61 -13.07 -32.18 8.80
CA ASP E 61 -13.62 -31.68 7.54
C ASP E 61 -12.54 -30.96 6.76
N ILE E 62 -12.25 -31.43 5.56
CA ILE E 62 -11.23 -30.82 4.72
C ILE E 62 -11.79 -30.55 3.34
N LEU E 63 -11.73 -29.29 2.91
CA LEU E 63 -12.17 -28.87 1.60
C LEU E 63 -10.97 -28.31 0.85
N VAL E 64 -10.78 -28.74 -0.39
CA VAL E 64 -9.60 -28.42 -1.19
C VAL E 64 -10.04 -27.84 -2.52
N GLY E 65 -9.57 -26.63 -2.83
CA GLY E 65 -9.81 -26.03 -4.12
C GLY E 65 -8.55 -25.87 -4.94
N VAL E 66 -8.62 -26.19 -6.24
CA VAL E 66 -7.48 -26.14 -7.13
C VAL E 66 -7.81 -25.19 -8.28
N LYS E 67 -6.97 -24.19 -8.49
CA LYS E 67 -7.13 -23.26 -9.60
C LYS E 67 -5.99 -23.44 -10.58
N ALA E 68 -6.10 -22.79 -11.74
CA ALA E 68 -5.05 -22.76 -12.74
C ALA E 68 -4.61 -21.32 -12.96
N GLU E 69 -3.32 -21.11 -13.19
CA GLU E 69 -2.75 -19.80 -13.44
C GLU E 69 -1.63 -19.93 -14.45
N MET E 70 -1.26 -18.82 -15.07
CA MET E 70 -0.10 -18.83 -15.94
C MET E 70 1.07 -18.09 -15.29
N GLY E 71 2.28 -18.52 -15.62
CA GLY E 71 3.45 -17.92 -15.01
C GLY E 71 4.74 -18.48 -15.59
N THR E 72 5.84 -17.89 -15.13
CA THR E 72 7.17 -18.37 -15.48
C THR E 72 7.36 -19.78 -14.94
N PRO E 73 7.86 -20.73 -15.75
CA PRO E 73 8.03 -22.10 -15.24
C PRO E 73 9.00 -22.22 -14.07
N LYS E 74 10.29 -21.94 -14.28
CA LYS E 74 11.38 -21.77 -13.31
C LYS E 74 12.67 -21.51 -14.07
N LEU E 75 13.78 -21.49 -13.35
CA LEU E 75 15.10 -21.47 -13.97
C LEU E 75 15.84 -22.79 -13.75
N GLU E 76 15.48 -23.52 -12.69
CA GLU E 76 16.08 -24.83 -12.46
C GLU E 76 15.52 -25.84 -13.45
N LYS E 77 14.21 -26.04 -13.44
CA LYS E 77 13.53 -26.92 -14.39
C LYS E 77 12.81 -26.02 -15.38
N PRO E 78 13.35 -25.81 -16.56
CA PRO E 78 12.80 -24.77 -17.44
C PRO E 78 11.66 -25.23 -18.31
N ASN E 79 11.58 -26.52 -18.64
CA ASN E 79 10.75 -26.93 -19.77
C ASN E 79 9.42 -27.56 -19.35
N GLU E 80 9.09 -27.53 -18.06
CA GLU E 80 7.83 -28.10 -17.58
C GLU E 80 7.51 -27.47 -16.23
N GLY E 81 6.25 -27.64 -15.80
CA GLY E 81 5.70 -26.86 -14.71
C GLY E 81 5.74 -27.52 -13.35
N TYR E 82 5.21 -26.84 -12.34
CA TYR E 82 5.35 -27.27 -10.96
C TYR E 82 4.04 -27.08 -10.21
N LEU E 83 4.05 -27.42 -8.92
CA LEU E 83 2.89 -27.33 -8.06
C LEU E 83 3.19 -26.41 -6.88
N GLU E 84 2.13 -25.84 -6.30
CA GLU E 84 2.27 -24.91 -5.18
C GLU E 84 1.18 -25.24 -4.17
N PHE E 85 1.55 -25.25 -2.88
CA PHE E 85 0.61 -25.60 -1.82
C PHE E 85 0.51 -24.49 -0.79
N PHE E 86 -0.69 -24.25 -0.31
CA PHE E 86 -0.95 -23.35 0.80
C PHE E 86 -2.05 -23.92 1.66
N VAL E 87 -1.79 -24.06 2.95
CA VAL E 87 -2.78 -24.56 3.89
C VAL E 87 -3.17 -23.43 4.83
N ASP E 88 -4.46 -23.12 4.87
CA ASP E 88 -4.98 -22.15 5.82
C ASP E 88 -5.63 -22.93 6.96
N CYS E 89 -4.88 -23.13 8.02
CA CYS E 89 -5.42 -23.69 9.26
C CYS E 89 -6.30 -22.61 9.86
N SER E 90 -7.57 -22.62 9.49
CA SER E 90 -8.42 -21.46 9.67
C SER E 90 -8.83 -21.28 11.12
N ALA E 91 -9.47 -20.15 11.40
CA ALA E 91 -10.00 -19.92 12.73
C ALA E 91 -11.36 -20.57 12.91
N SER E 92 -11.85 -21.28 11.89
CA SER E 92 -13.13 -21.95 11.98
C SER E 92 -13.05 -23.17 12.90
N ALA E 93 -11.86 -23.78 13.00
CA ALA E 93 -11.75 -25.06 13.68
C ALA E 93 -11.75 -24.89 15.19
N THR E 94 -10.73 -24.22 15.73
CA THR E 94 -10.65 -24.04 17.16
C THR E 94 -10.43 -22.55 17.43
N PRO E 95 -10.84 -22.05 18.59
CA PRO E 95 -10.37 -20.72 18.99
C PRO E 95 -8.95 -20.74 19.53
N GLU E 96 -8.33 -21.92 19.65
CA GLU E 96 -6.94 -22.01 20.09
C GLU E 96 -6.00 -21.38 19.08
N PHE E 97 -6.13 -21.74 17.81
CA PHE E 97 -5.51 -20.99 16.72
C PHE E 97 -6.55 -20.04 16.14
N GLU E 98 -6.40 -18.75 16.44
CA GLU E 98 -7.34 -17.74 15.99
C GLU E 98 -6.71 -16.73 15.04
N GLY E 99 -5.65 -16.05 15.48
CA GLY E 99 -5.06 -14.99 14.67
C GLY E 99 -3.70 -15.29 14.09
N ARG E 100 -2.86 -15.97 14.85
CA ARG E 100 -1.49 -16.25 14.41
C ARG E 100 -1.08 -17.70 14.62
N GLY E 101 -1.80 -18.45 15.45
CA GLY E 101 -1.41 -19.82 15.72
C GLY E 101 -1.70 -20.75 14.57
N GLY E 102 -2.62 -20.36 13.68
CA GLY E 102 -2.95 -21.21 12.55
C GLY E 102 -1.86 -21.27 11.51
N ASP E 103 -1.08 -20.20 11.38
CA ASP E 103 -0.04 -20.19 10.36
C ASP E 103 1.16 -21.02 10.80
N ASP E 104 1.22 -21.39 12.08
CA ASP E 104 2.25 -22.31 12.54
C ASP E 104 2.00 -23.72 12.02
N LEU E 105 0.89 -24.33 12.48
CA LEU E 105 0.54 -25.69 12.08
C LEU E 105 0.24 -25.77 10.59
N GLY E 106 -0.39 -24.72 10.05
CA GLY E 106 -0.67 -24.68 8.63
C GLY E 106 0.58 -24.54 7.78
N THR E 107 1.70 -24.16 8.40
CA THR E 107 2.96 -24.26 7.69
C THR E 107 3.35 -25.72 7.50
N GLU E 108 3.32 -26.49 8.60
CA GLU E 108 3.98 -27.79 8.65
C GLU E 108 3.38 -28.78 7.66
N ILE E 109 2.04 -28.88 7.66
CA ILE E 109 1.30 -29.71 6.72
C ILE E 109 1.71 -29.42 5.29
N ALA E 110 1.81 -28.13 4.95
CA ALA E 110 2.14 -27.70 3.60
C ALA E 110 3.51 -28.22 3.20
N ASN E 111 4.46 -28.18 4.14
CA ASN E 111 5.82 -28.63 3.88
C ASN E 111 5.83 -30.11 3.54
N THR E 112 5.02 -30.90 4.27
CA THR E 112 4.97 -32.34 4.02
C THR E 112 4.47 -32.63 2.63
N LEU E 113 3.51 -31.82 2.15
CA LEU E 113 2.94 -32.06 0.84
C LEU E 113 3.97 -31.85 -0.27
N TYR E 114 4.90 -30.91 -0.06
CA TYR E 114 5.98 -30.71 -1.03
C TYR E 114 6.82 -31.97 -1.16
N ARG E 115 7.10 -32.60 -0.02
CA ARG E 115 7.86 -33.86 -0.04
C ARG E 115 7.07 -34.94 -0.76
N ILE E 116 5.75 -34.99 -0.52
CA ILE E 116 4.92 -35.98 -1.20
C ILE E 116 4.89 -35.69 -2.70
N PHE E 117 5.03 -34.43 -3.08
CA PHE E 117 5.14 -34.13 -4.49
C PHE E 117 6.54 -33.67 -4.88
N ASN E 118 7.59 -34.20 -4.23
CA ASN E 118 8.93 -33.94 -4.72
C ASN E 118 9.49 -35.12 -5.50
N ASN E 119 8.67 -35.81 -6.27
CA ASN E 119 9.10 -37.08 -6.86
C ASN E 119 9.74 -36.89 -8.22
N LYS E 120 9.07 -36.14 -9.11
CA LYS E 120 9.18 -36.01 -10.59
C LYS E 120 8.53 -37.24 -11.24
N SER E 121 8.16 -38.26 -10.46
CA SER E 121 7.33 -39.35 -10.93
C SER E 121 5.94 -39.35 -10.29
N SER E 122 5.61 -38.31 -9.52
CA SER E 122 4.31 -38.26 -8.87
C SER E 122 3.20 -37.92 -9.86
N VAL E 123 3.25 -36.71 -10.42
CA VAL E 123 2.28 -36.26 -11.41
C VAL E 123 3.06 -35.76 -12.62
N ASP E 124 2.56 -36.09 -13.82
CA ASP E 124 3.32 -35.90 -15.05
C ASP E 124 3.37 -34.41 -15.39
N LEU E 125 4.52 -33.80 -15.08
CA LEU E 125 4.65 -32.35 -15.22
C LEU E 125 4.91 -31.95 -16.67
N LYS E 126 5.21 -32.92 -17.53
CA LYS E 126 5.40 -32.61 -18.94
C LYS E 126 4.08 -32.31 -19.64
N THR E 127 2.96 -32.61 -18.98
CA THR E 127 1.66 -32.24 -19.54
C THR E 127 1.40 -30.75 -19.35
N LEU E 128 1.99 -30.16 -18.32
CA LEU E 128 1.62 -28.79 -17.94
C LEU E 128 2.34 -27.73 -18.75
N CYS E 129 3.25 -28.14 -19.65
CA CYS E 129 4.00 -27.16 -20.41
C CYS E 129 3.16 -26.60 -21.55
N ILE E 130 3.21 -25.27 -21.71
CA ILE E 130 2.56 -24.65 -22.85
C ILE E 130 3.54 -24.52 -24.00
N SER E 131 4.58 -23.72 -23.80
CA SER E 131 5.76 -23.65 -24.64
C SER E 131 6.94 -23.39 -23.71
N PRO E 132 8.03 -24.15 -23.87
CA PRO E 132 9.08 -24.16 -22.84
C PRO E 132 9.83 -22.85 -22.72
N ARG E 133 10.27 -22.54 -21.50
CA ARG E 133 11.03 -21.37 -21.05
C ARG E 133 10.23 -20.07 -21.12
N GLU E 134 8.96 -20.10 -21.53
CA GLU E 134 8.19 -18.87 -21.64
C GLU E 134 6.94 -18.89 -20.76
N HIS E 135 6.13 -19.94 -20.89
CA HIS E 135 4.83 -20.00 -20.20
C HIS E 135 4.54 -21.44 -19.78
N CYS E 136 4.25 -21.62 -18.49
CA CYS E 136 3.79 -22.90 -17.99
C CYS E 136 2.73 -22.68 -16.91
N TRP E 137 1.97 -23.73 -16.64
CA TRP E 137 0.89 -23.67 -15.67
C TRP E 137 1.39 -23.96 -14.26
N VAL E 138 0.77 -23.28 -13.30
CA VAL E 138 1.09 -23.43 -11.89
C VAL E 138 -0.18 -23.84 -11.16
N LEU E 139 -0.23 -25.09 -10.73
CA LEU E 139 -1.38 -25.60 -10.00
C LEU E 139 -1.36 -25.09 -8.57
N TYR E 140 -2.15 -24.07 -8.30
CA TYR E 140 -2.38 -23.58 -6.95
C TYR E 140 -3.37 -24.49 -6.26
N VAL E 141 -2.86 -25.33 -5.36
CA VAL E 141 -3.69 -26.21 -4.55
C VAL E 141 -3.78 -25.62 -3.16
N ASP E 142 -5.00 -25.31 -2.73
CA ASP E 142 -5.22 -24.71 -1.43
C ASP E 142 -6.07 -25.62 -0.57
N VAL E 143 -5.59 -25.88 0.64
CA VAL E 143 -6.25 -26.75 1.59
C VAL E 143 -6.84 -25.90 2.70
N LEU E 144 -8.16 -25.91 2.81
CA LEU E 144 -8.87 -25.15 3.83
C LEU E 144 -9.66 -26.13 4.68
N LEU E 145 -9.12 -26.45 5.87
CA LEU E 145 -9.78 -27.40 6.75
C LEU E 145 -10.81 -26.65 7.58
N LEU E 146 -12.01 -27.22 7.68
CA LEU E 146 -13.08 -26.55 8.39
C LEU E 146 -13.04 -26.88 9.88
N GLU E 147 -13.02 -28.16 10.22
CA GLU E 147 -12.98 -28.57 11.62
C GLU E 147 -12.00 -29.72 11.79
N CYS E 148 -11.09 -29.55 12.74
CA CYS E 148 -10.06 -30.53 13.04
C CYS E 148 -10.59 -31.49 14.09
N GLY E 149 -10.58 -32.79 13.79
CA GLY E 149 -11.13 -33.76 14.68
C GLY E 149 -10.26 -34.98 14.90
N GLY E 150 -9.01 -34.90 14.50
CA GLY E 150 -8.13 -36.02 14.71
C GLY E 150 -7.81 -36.75 13.43
N ASN E 151 -6.61 -37.33 13.39
CA ASN E 151 -6.02 -37.96 12.20
C ASN E 151 -6.03 -37.00 11.02
N LEU E 152 -5.31 -35.90 11.18
CA LEU E 152 -5.46 -34.77 10.28
C LEU E 152 -4.80 -34.99 8.92
N PHE E 153 -3.78 -35.84 8.82
CA PHE E 153 -3.02 -35.96 7.59
C PHE E 153 -3.65 -36.89 6.56
N ASP E 154 -4.50 -37.83 6.99
CA ASP E 154 -5.07 -38.77 6.02
C ASP E 154 -6.10 -38.09 5.14
N ALA E 155 -6.98 -37.31 5.74
CA ALA E 155 -8.09 -36.73 5.00
C ALA E 155 -7.60 -35.65 4.04
N ILE E 156 -6.50 -34.99 4.39
CA ILE E 156 -5.92 -33.98 3.49
C ILE E 156 -5.39 -34.65 2.23
N SER E 157 -4.78 -35.83 2.38
CA SER E 157 -4.25 -36.54 1.22
C SER E 157 -5.38 -37.10 0.35
N ILE E 158 -6.42 -37.64 1.00
CA ILE E 158 -7.58 -38.14 0.26
C ILE E 158 -8.25 -36.99 -0.49
N ALA E 159 -8.32 -35.82 0.15
CA ALA E 159 -8.97 -34.67 -0.47
C ALA E 159 -8.15 -34.12 -1.63
N VAL E 160 -6.83 -34.08 -1.49
CA VAL E 160 -6.03 -33.50 -2.57
C VAL E 160 -5.96 -34.47 -3.74
N LYS E 161 -6.08 -35.78 -3.47
CA LYS E 161 -6.18 -36.73 -4.59
C LYS E 161 -7.51 -36.59 -5.32
N ALA E 162 -8.61 -36.45 -4.58
CA ALA E 162 -9.90 -36.27 -5.22
C ALA E 162 -9.98 -34.96 -5.98
N ALA E 163 -9.37 -33.91 -5.44
CA ALA E 163 -9.41 -32.61 -6.10
C ALA E 163 -8.54 -32.59 -7.34
N LEU E 164 -7.39 -33.26 -7.30
CA LEU E 164 -6.59 -33.36 -8.51
C LEU E 164 -7.26 -34.26 -9.54
N PHE E 165 -8.12 -35.18 -9.10
CA PHE E 165 -8.89 -35.93 -10.10
C PHE E 165 -9.96 -35.04 -10.73
N ASN E 166 -10.54 -34.13 -9.95
CA ASN E 166 -11.58 -33.26 -10.52
C ASN E 166 -10.99 -32.13 -11.34
N THR E 167 -9.67 -32.00 -11.36
CA THR E 167 -9.05 -30.83 -11.98
C THR E 167 -9.19 -30.85 -13.49
N ARG E 168 -9.78 -29.79 -14.03
CA ARG E 168 -9.93 -29.61 -15.46
C ARG E 168 -9.18 -28.36 -15.86
N ILE E 169 -8.17 -28.52 -16.70
CA ILE E 169 -7.30 -27.41 -17.10
C ILE E 169 -7.65 -27.03 -18.53
N PRO E 170 -7.92 -25.77 -18.81
CA PRO E 170 -8.37 -25.38 -20.16
C PRO E 170 -7.24 -25.42 -21.17
N ARG E 171 -7.56 -25.86 -22.39
CA ARG E 171 -6.56 -26.12 -23.42
C ARG E 171 -6.18 -24.80 -24.07
N VAL E 172 -4.93 -24.36 -23.85
CA VAL E 172 -4.42 -23.10 -24.37
C VAL E 172 -3.20 -23.40 -25.22
N ARG E 173 -3.17 -22.85 -26.43
CA ARG E 173 -1.96 -22.86 -27.25
C ARG E 173 -1.63 -21.42 -27.62
N VAL E 174 -0.35 -21.07 -27.54
CA VAL E 174 0.11 -19.69 -27.69
C VAL E 174 0.79 -19.53 -29.04
N LEU E 175 0.27 -18.61 -29.85
CA LEU E 175 0.93 -18.19 -31.07
C LEU E 175 1.86 -17.02 -30.76
N GLU E 176 3.04 -17.04 -31.38
CA GLU E 176 4.08 -16.07 -31.13
C GLU E 176 4.70 -15.63 -32.45
N ASP E 177 4.97 -14.33 -32.57
CA ASP E 177 5.50 -13.77 -33.80
C ASP E 177 6.85 -13.14 -33.54
N GLU E 178 7.38 -12.47 -34.58
CA GLU E 178 8.68 -11.82 -34.46
C GLU E 178 8.57 -10.54 -33.65
N GLU E 179 7.37 -9.97 -33.54
CA GLU E 179 7.12 -8.81 -32.72
C GLU E 179 6.93 -9.21 -31.26
N GLY E 180 6.34 -8.30 -30.46
CA GLY E 180 6.01 -8.66 -29.08
C GLY E 180 4.99 -9.78 -28.99
N SER E 181 3.81 -9.58 -29.57
CA SER E 181 2.80 -10.60 -29.93
C SER E 181 2.42 -11.57 -28.83
N LYS E 182 1.77 -11.13 -27.76
CA LYS E 182 1.41 -11.99 -26.63
C LYS E 182 0.03 -12.59 -26.87
N ASP E 183 -0.46 -12.65 -28.10
CA ASP E 183 -1.80 -13.11 -28.41
C ASP E 183 -1.91 -14.61 -28.18
N ILE E 184 -2.79 -15.00 -27.24
CA ILE E 184 -3.03 -16.43 -26.88
C ILE E 184 -4.47 -16.85 -27.12
N GLU E 185 -4.66 -17.99 -27.79
CA GLU E 185 -6.01 -18.45 -28.18
C GLU E 185 -7.15 -18.85 -27.23
N LEU E 186 -6.93 -19.65 -26.19
CA LEU E 186 -8.00 -20.06 -25.26
C LEU E 186 -9.24 -20.62 -25.99
N SER E 187 -9.03 -21.55 -26.92
CA SER E 187 -10.05 -22.12 -27.78
C SER E 187 -11.31 -22.42 -26.99
N ASP E 188 -12.45 -22.35 -27.65
CA ASP E 188 -13.76 -22.56 -27.04
C ASP E 188 -14.04 -24.05 -26.88
N ASP E 189 -15.32 -24.38 -26.67
CA ASP E 189 -15.77 -25.73 -26.36
C ASP E 189 -15.06 -26.32 -25.15
N PRO E 190 -15.50 -25.99 -23.92
CA PRO E 190 -14.79 -26.47 -22.72
C PRO E 190 -14.82 -27.98 -22.55
N TYR E 191 -14.10 -28.66 -23.45
CA TYR E 191 -13.99 -30.11 -23.44
C TYR E 191 -12.78 -30.53 -22.61
N ASP E 192 -11.61 -29.96 -22.93
CA ASP E 192 -10.48 -29.79 -22.03
C ASP E 192 -9.93 -31.11 -21.51
N CYS E 193 -9.42 -31.94 -22.41
CA CYS E 193 -8.88 -33.25 -22.06
C CYS E 193 -7.41 -33.10 -21.66
N ILE E 194 -7.17 -32.27 -20.65
CA ILE E 194 -5.86 -32.17 -20.01
C ILE E 194 -6.12 -32.57 -18.57
N ARG E 195 -6.94 -33.60 -18.40
CA ARG E 195 -7.16 -34.17 -17.08
C ARG E 195 -5.94 -34.94 -16.63
N LEU E 196 -5.55 -34.73 -15.38
CA LEU E 196 -4.30 -35.31 -14.89
C LEU E 196 -4.44 -36.80 -14.68
N SER E 197 -3.36 -37.53 -14.95
CA SER E 197 -3.27 -38.94 -14.65
C SER E 197 -2.89 -39.08 -13.17
N VAL E 198 -3.87 -39.42 -12.35
CA VAL E 198 -3.73 -39.34 -10.90
C VAL E 198 -3.24 -40.67 -10.31
N GLU E 199 -3.00 -41.67 -11.15
CA GLU E 199 -2.79 -43.03 -10.67
C GLU E 199 -1.41 -43.22 -10.03
N ASN E 200 -0.57 -42.21 -10.09
CA ASN E 200 0.72 -42.26 -9.43
C ASN E 200 0.82 -41.24 -8.29
N VAL E 201 -0.30 -40.70 -7.84
CA VAL E 201 -0.31 -39.68 -6.78
C VAL E 201 -0.49 -40.38 -5.43
N PRO E 202 0.38 -40.15 -4.46
CA PRO E 202 0.34 -40.95 -3.23
C PRO E 202 -0.59 -40.39 -2.16
N CYS E 203 -0.95 -41.25 -1.20
CA CYS E 203 -1.80 -40.89 -0.07
C CYS E 203 -1.03 -41.15 1.22
N ILE E 204 -1.28 -40.32 2.23
CA ILE E 204 -0.63 -40.45 3.54
C ILE E 204 -1.46 -41.37 4.41
N VAL E 205 -0.80 -42.31 5.09
CA VAL E 205 -1.39 -43.10 6.16
C VAL E 205 -0.56 -42.88 7.42
N THR E 206 -1.22 -42.52 8.52
CA THR E 206 -0.59 -42.47 9.82
C THR E 206 -0.65 -43.85 10.45
N LEU E 207 0.34 -44.19 11.23
CA LEU E 207 0.28 -45.36 12.09
C LEU E 207 0.73 -44.92 13.50
N CYS E 208 -0.24 -44.53 14.30
CA CYS E 208 0.08 -43.97 15.60
C CYS E 208 0.21 -45.07 16.64
N LYS E 209 1.26 -45.01 17.45
CA LYS E 209 1.61 -46.09 18.36
C LYS E 209 1.17 -45.74 19.77
N ILE E 210 0.46 -46.67 20.41
CA ILE E 210 -0.10 -46.45 21.74
C ILE E 210 0.53 -47.33 22.80
N GLY E 211 0.71 -48.62 22.52
CA GLY E 211 1.36 -49.50 23.48
C GLY E 211 2.31 -50.43 22.78
N TYR E 212 2.19 -51.71 23.09
CA TYR E 212 2.89 -52.71 22.30
C TYR E 212 2.31 -52.78 20.88
N ARG E 213 1.01 -52.52 20.76
CA ARG E 213 0.34 -52.54 19.48
C ARG E 213 0.31 -51.14 18.89
N HIS E 214 0.33 -51.08 17.55
CA HIS E 214 0.20 -49.82 16.82
C HIS E 214 -1.21 -49.74 16.23
N VAL E 215 -1.73 -48.52 16.12
CA VAL E 215 -3.12 -48.28 15.74
C VAL E 215 -3.19 -47.35 14.55
N VAL E 216 -3.90 -47.78 13.51
CA VAL E 216 -4.25 -46.95 12.37
C VAL E 216 -5.43 -46.08 12.76
N ASP E 217 -5.39 -44.81 12.35
CA ASP E 217 -6.50 -43.86 12.48
C ASP E 217 -6.86 -43.59 13.93
N ALA E 218 -5.95 -42.95 14.64
CA ALA E 218 -6.26 -42.52 16.00
C ALA E 218 -7.24 -41.35 15.97
N THR E 219 -8.07 -41.26 17.00
CA THR E 219 -8.89 -40.08 17.21
C THR E 219 -8.13 -39.08 18.07
N LEU E 220 -8.84 -38.06 18.55
CA LEU E 220 -8.21 -37.05 19.38
C LEU E 220 -7.77 -37.62 20.72
N GLN E 221 -8.61 -38.45 21.34
CA GLN E 221 -8.21 -39.14 22.56
C GLN E 221 -7.09 -40.13 22.26
N GLU E 222 -7.17 -40.81 21.12
CA GLU E 222 -6.22 -41.87 20.85
C GLU E 222 -4.88 -41.30 20.41
N GLU E 223 -4.87 -40.07 19.86
CA GLU E 223 -3.61 -39.38 19.66
C GLU E 223 -3.08 -38.84 20.98
N ALA E 224 -3.96 -38.34 21.84
CA ALA E 224 -3.50 -37.68 23.05
C ALA E 224 -2.96 -38.68 24.07
N CYS E 225 -3.38 -39.94 23.97
CA CYS E 225 -2.81 -40.95 24.85
C CYS E 225 -1.50 -41.49 24.31
N SER E 226 -1.17 -41.17 23.08
CA SER E 226 -0.07 -41.82 22.38
C SER E 226 1.21 -41.03 22.51
N LEU E 227 2.35 -41.72 22.40
CA LEU E 227 3.64 -41.06 22.51
C LEU E 227 4.13 -40.57 21.14
N ALA E 228 4.31 -41.49 20.20
CA ALA E 228 4.94 -41.20 18.93
C ALA E 228 4.05 -41.70 17.80
N SER E 229 4.42 -41.34 16.57
CA SER E 229 3.62 -41.70 15.40
C SER E 229 4.52 -41.78 14.18
N LEU E 230 4.18 -42.70 13.29
CA LEU E 230 4.89 -42.88 12.02
C LEU E 230 3.98 -42.40 10.90
N LEU E 231 4.56 -41.77 9.89
CA LEU E 231 3.83 -41.08 8.85
C LEU E 231 4.34 -41.61 7.52
N VAL E 232 3.58 -42.49 6.87
CA VAL E 232 4.05 -43.18 5.68
C VAL E 232 3.14 -42.86 4.52
N SER E 233 3.71 -42.38 3.42
CA SER E 233 2.95 -42.09 2.22
C SER E 233 3.13 -43.22 1.21
N VAL E 234 2.00 -43.79 0.79
CA VAL E 234 1.97 -44.97 -0.06
C VAL E 234 1.24 -44.61 -1.35
N THR E 235 1.75 -45.12 -2.47
CA THR E 235 1.17 -44.89 -3.78
C THR E 235 0.22 -46.05 -4.07
N SER E 236 -0.20 -46.19 -5.32
CA SER E 236 -1.11 -47.26 -5.71
C SER E 236 -0.43 -48.62 -5.64
N LYS E 237 0.68 -48.79 -6.36
CA LYS E 237 1.16 -50.13 -6.61
C LYS E 237 1.97 -50.67 -5.43
N GLY E 238 3.17 -50.15 -5.23
CA GLY E 238 3.91 -50.44 -4.02
C GLY E 238 4.86 -49.33 -3.62
N VAL E 239 4.76 -48.19 -4.31
CA VAL E 239 5.78 -47.16 -4.27
C VAL E 239 5.58 -46.38 -2.98
N VAL E 240 6.67 -46.17 -2.25
CA VAL E 240 6.63 -45.49 -0.96
C VAL E 240 7.46 -44.22 -1.06
N THR E 241 6.79 -43.08 -0.93
CA THR E 241 7.47 -41.78 -0.84
C THR E 241 7.73 -41.47 0.64
N CYS E 242 7.95 -40.22 1.03
CA CYS E 242 8.65 -39.86 2.27
C CYS E 242 7.99 -40.39 3.52
N MET E 243 8.80 -40.70 4.52
CA MET E 243 8.35 -41.15 5.82
C MET E 243 8.75 -40.12 6.85
N ARG E 244 7.97 -40.01 7.91
CA ARG E 244 8.26 -39.02 8.94
C ARG E 244 7.92 -39.59 10.30
N LYS E 245 8.71 -39.24 11.30
CA LYS E 245 8.38 -39.50 12.69
C LYS E 245 7.79 -38.23 13.28
N VAL E 246 6.56 -38.32 13.76
CA VAL E 246 5.89 -37.18 14.38
C VAL E 246 5.53 -37.55 15.81
N GLY E 247 6.01 -36.76 16.75
CA GLY E 247 5.62 -37.05 18.11
C GLY E 247 6.74 -36.74 19.10
N LYS E 248 6.35 -36.64 20.36
CA LYS E 248 7.31 -36.33 21.41
C LYS E 248 8.09 -37.56 21.83
N GLY E 249 7.46 -38.73 21.75
CA GLY E 249 8.05 -39.92 22.33
C GLY E 249 9.12 -40.54 21.45
N SER E 250 9.63 -41.67 21.91
CA SER E 250 10.64 -42.43 21.20
C SER E 250 9.99 -43.58 20.46
N LEU E 251 10.79 -44.33 19.70
CA LEU E 251 10.28 -45.36 18.83
C LEU E 251 11.32 -46.44 18.63
N ASP E 252 10.97 -47.67 19.01
CA ASP E 252 11.89 -48.81 18.96
C ASP E 252 11.93 -49.39 17.54
N PRO E 253 13.08 -49.98 17.12
CA PRO E 253 13.33 -50.12 15.67
C PRO E 253 12.47 -51.13 14.94
N GLU E 254 12.10 -52.26 15.54
CA GLU E 254 11.36 -53.27 14.80
C GLU E 254 9.91 -52.84 14.57
N SER E 255 9.42 -51.92 15.40
CA SER E 255 8.08 -51.37 15.22
C SER E 255 7.98 -50.57 13.93
N ILE E 256 9.09 -49.97 13.48
CA ILE E 256 9.12 -49.27 12.20
C ILE E 256 8.82 -50.22 11.06
N PHE E 257 9.42 -51.41 11.09
CA PHE E 257 9.23 -52.37 10.01
C PHE E 257 7.81 -52.94 10.03
N GLU E 258 7.30 -53.22 11.24
CA GLU E 258 5.93 -53.71 11.37
C GLU E 258 4.92 -52.67 10.87
N MET E 259 5.09 -51.41 11.29
CA MET E 259 4.17 -50.37 10.87
C MET E 259 4.34 -50.04 9.39
N MET E 260 5.52 -50.28 8.83
CA MET E 260 5.71 -50.03 7.40
C MET E 260 4.94 -51.03 6.57
N GLU E 261 4.98 -52.31 6.95
CA GLU E 261 4.22 -53.31 6.21
C GLU E 261 2.72 -53.09 6.36
N THR E 262 2.27 -52.77 7.59
CA THR E 262 0.85 -52.48 7.79
C THR E 262 0.42 -51.23 7.01
N GLY E 263 1.34 -50.27 6.87
CA GLY E 263 1.03 -49.07 6.12
C GLY E 263 0.87 -49.33 4.64
N LYS E 264 1.69 -50.20 4.06
CA LYS E 264 1.53 -50.47 2.63
C LYS E 264 0.26 -51.28 2.37
N ARG E 265 -0.14 -52.12 3.33
CA ARG E 265 -1.40 -52.86 3.19
C ARG E 265 -2.60 -51.92 3.19
N VAL E 266 -2.66 -51.02 4.18
CA VAL E 266 -3.74 -50.04 4.26
C VAL E 266 -3.71 -49.09 3.06
N GLY E 267 -2.52 -48.84 2.53
CA GLY E 267 -2.42 -47.99 1.34
C GLY E 267 -3.04 -48.62 0.10
N LYS E 268 -2.80 -49.93 -0.11
CA LYS E 268 -3.46 -50.63 -1.22
C LYS E 268 -4.97 -50.56 -1.09
N VAL E 269 -5.49 -50.81 0.13
CA VAL E 269 -6.94 -50.84 0.33
C VAL E 269 -7.56 -49.46 0.06
N LEU E 270 -6.96 -48.41 0.64
CA LEU E 270 -7.40 -47.03 0.41
C LEU E 270 -7.39 -46.65 -1.05
N HIS E 271 -6.28 -46.89 -1.74
CA HIS E 271 -6.18 -46.47 -3.14
C HIS E 271 -7.17 -47.11 -4.08
N ALA E 272 -7.31 -48.41 -3.98
CA ALA E 272 -8.30 -49.09 -4.83
C ALA E 272 -9.72 -48.61 -4.52
N SER E 273 -10.04 -48.42 -3.24
CA SER E 273 -11.39 -48.01 -2.88
C SER E 273 -11.69 -46.58 -3.31
N LEU E 274 -10.70 -45.67 -3.21
CA LEU E 274 -10.92 -44.30 -3.68
C LEU E 274 -11.11 -44.24 -5.19
N GLN E 275 -10.33 -45.03 -5.94
CA GLN E 275 -10.50 -45.03 -7.40
C GLN E 275 -11.89 -45.52 -7.79
N SER E 276 -12.38 -46.57 -7.11
CA SER E 276 -13.72 -47.09 -7.39
C SER E 276 -14.80 -46.07 -7.06
N VAL E 277 -14.66 -45.36 -5.94
CA VAL E 277 -15.71 -44.42 -5.53
C VAL E 277 -15.76 -43.21 -6.45
N VAL E 278 -14.61 -42.66 -6.84
CA VAL E 278 -14.66 -41.45 -7.66
C VAL E 278 -15.07 -41.79 -9.09
N HIS E 279 -14.75 -43.00 -9.56
CA HIS E 279 -15.33 -43.45 -10.82
C HIS E 279 -16.83 -43.67 -10.71
N LYS E 280 -17.33 -44.02 -9.51
CA LYS E 280 -18.78 -44.08 -9.34
C LYS E 280 -19.41 -42.70 -9.38
N GLU E 281 -18.70 -41.67 -8.88
CA GLU E 281 -19.18 -40.30 -9.04
C GLU E 281 -19.29 -39.90 -10.50
N GLU E 282 -18.22 -40.08 -11.28
CA GLU E 282 -18.30 -39.58 -12.66
C GLU E 282 -19.15 -40.48 -13.54
N SER E 283 -19.36 -41.73 -13.13
CA SER E 283 -20.26 -42.58 -13.90
C SER E 283 -21.71 -42.20 -13.69
N LEU E 284 -22.01 -41.51 -12.59
CA LEU E 284 -23.37 -41.24 -12.18
C LEU E 284 -23.74 -39.78 -12.45
N GLY E 285 -24.45 -39.55 -13.55
CA GLY E 285 -25.21 -38.34 -13.71
C GLY E 285 -24.47 -37.06 -13.38
N PRO E 286 -23.57 -36.63 -14.26
CA PRO E 286 -22.88 -35.35 -14.03
C PRO E 286 -23.80 -34.15 -14.04
N LYS E 287 -24.91 -34.24 -14.78
CA LYS E 287 -25.97 -33.25 -14.69
C LYS E 287 -26.95 -33.57 -13.56
N ARG E 288 -26.92 -34.79 -13.04
CA ARG E 288 -27.82 -35.26 -12.01
C ARG E 288 -27.21 -35.03 -10.62
N GLN E 289 -27.80 -35.71 -9.62
CA GLN E 289 -27.39 -35.89 -8.22
C GLN E 289 -27.63 -34.66 -7.34
N LYS E 290 -27.79 -33.48 -7.94
CA LYS E 290 -28.09 -32.23 -7.23
C LYS E 290 -27.15 -31.97 -6.05
N VAL E 291 -25.88 -31.65 -6.34
CA VAL E 291 -24.76 -31.67 -5.39
C VAL E 291 -25.07 -30.93 -4.09
N GLY E 292 -24.95 -31.64 -2.97
CA GLY E 292 -25.44 -31.12 -1.71
C GLY E 292 -24.41 -30.85 -0.63
N PHE E 293 -24.19 -29.57 -0.33
CA PHE E 293 -23.59 -29.11 0.91
C PHE E 293 -24.67 -28.61 1.87
N LEU E 294 -25.89 -29.14 1.71
CA LEU E 294 -27.11 -28.72 2.40
C LEU E 294 -27.39 -27.24 2.16
N ASP F 8 11.46 -6.23 6.60
CA ASP F 8 11.75 -5.73 5.26
C ASP F 8 12.55 -4.44 5.37
N HIS F 9 12.10 -3.55 6.24
CA HIS F 9 12.74 -2.26 6.42
C HIS F 9 13.64 -2.21 7.63
N ARG F 10 13.95 -3.35 8.22
CA ARG F 10 14.91 -3.43 9.31
C ARG F 10 16.27 -3.94 8.83
N ARG F 11 16.43 -4.15 7.53
CA ARG F 11 17.69 -4.54 6.93
C ARG F 11 17.96 -3.62 5.76
N ILE F 12 19.22 -3.52 5.35
CA ILE F 12 19.57 -2.63 4.26
C ILE F 12 19.12 -3.23 2.94
N ARG F 13 18.22 -2.55 2.26
CA ARG F 13 17.75 -3.03 0.97
C ARG F 13 18.79 -2.74 -0.11
N GLY F 14 18.73 -3.54 -1.18
CA GLY F 14 19.65 -3.39 -2.29
C GLY F 14 18.93 -3.46 -3.61
N PRO F 15 19.38 -4.36 -4.49
CA PRO F 15 18.69 -4.55 -5.77
C PRO F 15 17.34 -5.23 -5.57
N GLU F 16 16.50 -5.16 -6.60
CA GLU F 16 15.17 -5.76 -6.51
C GLU F 16 15.22 -7.27 -6.63
N GLU F 17 15.72 -7.76 -7.77
CA GLU F 17 15.76 -9.19 -8.05
C GLU F 17 17.15 -9.56 -8.53
N SER F 18 17.68 -10.66 -8.00
CA SER F 18 19.04 -11.11 -8.31
C SER F 18 19.00 -12.57 -8.73
N GLN F 19 19.95 -12.97 -9.57
CA GLN F 19 20.03 -14.33 -10.05
C GLN F 19 21.38 -14.96 -9.70
N PRO F 20 21.42 -16.26 -9.44
CA PRO F 20 22.70 -16.92 -9.18
C PRO F 20 23.49 -17.11 -10.46
N PRO F 21 24.83 -17.20 -10.37
CA PRO F 21 25.62 -17.33 -11.60
C PRO F 21 25.68 -18.74 -12.14
N GLN F 22 25.38 -19.75 -11.32
CA GLN F 22 25.60 -21.14 -11.71
C GLN F 22 24.59 -21.58 -12.77
N LEU F 23 23.41 -20.97 -12.79
CA LEU F 23 22.44 -21.27 -13.83
C LEU F 23 22.87 -20.70 -15.17
N TYR F 24 23.49 -19.52 -15.14
CA TYR F 24 24.02 -18.95 -16.38
C TYR F 24 25.35 -19.57 -16.76
N ALA F 25 25.96 -20.31 -15.85
CA ALA F 25 27.24 -20.94 -16.11
C ALA F 25 27.07 -22.09 -17.10
N ALA F 26 27.86 -22.08 -18.17
CA ALA F 26 27.78 -23.08 -19.23
C ALA F 26 28.93 -24.06 -19.04
N ASP F 27 28.65 -25.16 -18.35
CA ASP F 27 29.62 -26.22 -18.13
C ASP F 27 28.87 -27.49 -17.75
N GLU F 28 29.46 -28.63 -18.10
CA GLU F 28 28.92 -29.93 -17.74
C GLU F 28 29.78 -30.53 -16.63
N GLU F 29 29.25 -30.55 -15.41
CA GLU F 29 29.95 -31.06 -14.26
C GLU F 29 29.78 -32.58 -14.21
N GLU F 30 30.90 -33.29 -14.08
CA GLU F 30 30.84 -34.74 -14.11
C GLU F 30 30.34 -35.29 -12.77
N ALA F 31 29.76 -36.48 -12.83
CA ALA F 31 29.41 -37.21 -11.62
C ALA F 31 30.68 -37.65 -10.90
N PRO F 32 30.64 -37.73 -9.56
CA PRO F 32 31.89 -38.04 -8.84
C PRO F 32 32.32 -39.51 -8.91
N GLY F 33 31.52 -40.38 -9.53
CA GLY F 33 32.01 -41.73 -9.79
C GLY F 33 31.49 -42.74 -8.80
N THR F 34 32.28 -43.78 -8.56
CA THR F 34 31.91 -44.90 -7.71
C THR F 34 32.75 -44.90 -6.44
N ARG F 35 32.14 -45.31 -5.34
CA ARG F 35 32.78 -45.36 -4.03
C ARG F 35 32.26 -46.57 -3.27
N ASP F 36 32.86 -46.80 -2.10
CA ASP F 36 32.32 -47.79 -1.19
C ASP F 36 31.03 -47.26 -0.59
N PRO F 37 30.03 -48.11 -0.34
CA PRO F 37 28.79 -47.61 0.25
C PRO F 37 28.95 -47.17 1.70
N THR F 38 29.64 -47.96 2.52
CA THR F 38 29.85 -47.59 3.93
C THR F 38 31.19 -46.90 4.11
N ARG F 39 31.38 -45.82 3.37
CA ARG F 39 32.58 -44.99 3.47
C ARG F 39 32.24 -43.71 4.20
N LEU F 40 32.53 -43.68 5.49
CA LEU F 40 32.21 -42.52 6.33
C LEU F 40 33.13 -41.37 6.02
N ARG F 41 32.72 -40.17 6.41
CA ARG F 41 33.58 -39.02 6.34
C ARG F 41 34.29 -38.84 7.69
N PRO F 42 35.51 -38.30 7.70
CA PRO F 42 36.20 -38.09 8.98
C PRO F 42 35.52 -36.97 9.76
N VAL F 43 35.43 -37.17 11.06
CA VAL F 43 34.61 -36.32 11.93
C VAL F 43 35.51 -35.59 12.90
N TYR F 44 35.38 -34.27 12.94
CA TYR F 44 36.11 -33.41 13.87
C TYR F 44 35.10 -32.63 14.70
N ALA F 45 34.98 -32.96 15.98
CA ALA F 45 33.99 -32.38 16.86
C ALA F 45 34.67 -31.86 18.10
N ARG F 46 34.24 -30.69 18.57
CA ARG F 46 34.72 -30.21 19.87
C ARG F 46 33.64 -29.39 20.54
N ALA F 47 33.55 -29.51 21.86
CA ALA F 47 32.44 -28.96 22.62
C ALA F 47 32.94 -27.91 23.60
N GLY F 48 32.10 -26.92 23.89
CA GLY F 48 32.48 -25.81 24.73
C GLY F 48 33.33 -24.77 24.05
N LEU F 49 33.15 -24.55 22.74
CA LEU F 49 34.00 -23.63 22.01
C LEU F 49 33.67 -22.19 22.37
N LEU F 50 32.39 -21.87 22.42
CA LEU F 50 31.97 -20.50 22.71
C LEU F 50 32.15 -20.20 24.19
N SER F 51 32.04 -18.92 24.53
CA SER F 51 32.23 -18.48 25.91
C SER F 51 30.94 -17.91 26.52
N GLN F 52 30.27 -17.01 25.82
CA GLN F 52 29.09 -16.37 26.39
C GLN F 52 27.87 -17.27 26.39
N ALA F 53 27.90 -18.39 25.68
CA ALA F 53 26.81 -19.36 25.70
C ALA F 53 27.08 -20.37 26.82
N LYS F 54 26.01 -20.96 27.34
CA LYS F 54 26.17 -21.92 28.44
C LYS F 54 26.80 -23.21 27.96
N GLY F 55 26.43 -23.66 26.77
CA GLY F 55 27.06 -24.83 26.19
C GLY F 55 27.14 -24.68 24.69
N SER F 56 28.18 -25.23 24.07
CA SER F 56 28.37 -25.06 22.65
C SER F 56 29.06 -26.28 22.07
N ALA F 57 28.89 -26.45 20.77
CA ALA F 57 29.53 -27.55 20.07
C ALA F 57 29.77 -27.15 18.62
N TYR F 58 30.88 -27.62 18.07
CA TYR F 58 31.25 -27.40 16.68
C TYR F 58 31.53 -28.75 16.07
N LEU F 59 30.91 -28.99 14.92
CA LEU F 59 31.01 -30.28 14.26
C LEU F 59 31.37 -30.08 12.80
N GLU F 60 32.38 -30.82 12.35
CA GLU F 60 32.91 -30.69 11.00
C GLU F 60 33.07 -32.08 10.40
N ALA F 61 32.62 -32.25 9.17
CA ALA F 61 32.69 -33.54 8.49
C ALA F 61 32.90 -33.26 7.00
N GLY F 62 34.16 -33.33 6.56
CA GLY F 62 34.46 -33.14 5.16
C GLY F 62 34.24 -31.70 4.74
N GLY F 63 33.14 -31.49 4.02
CA GLY F 63 32.76 -30.16 3.62
C GLY F 63 31.57 -29.62 4.38
N THR F 64 31.10 -30.34 5.39
CA THR F 64 29.92 -29.93 6.14
C THR F 64 30.34 -29.37 7.50
N LYS F 65 29.93 -28.14 7.78
CA LYS F 65 30.22 -27.49 9.05
C LYS F 65 28.91 -27.12 9.72
N VAL F 66 28.86 -27.25 11.05
CA VAL F 66 27.68 -26.86 11.81
C VAL F 66 28.11 -26.47 13.21
N LEU F 67 27.45 -25.47 13.78
CA LEU F 67 27.71 -24.99 15.13
C LEU F 67 26.39 -24.93 15.89
N CYS F 68 26.43 -25.22 17.18
CA CYS F 68 25.25 -25.16 18.02
C CYS F 68 25.59 -24.58 19.38
N ALA F 69 24.65 -23.86 19.98
CA ALA F 69 24.81 -23.34 21.32
C ALA F 69 23.47 -23.32 22.03
N VAL F 70 23.53 -23.42 23.35
CA VAL F 70 22.34 -23.60 24.17
C VAL F 70 22.24 -22.49 25.20
N SER F 71 21.18 -21.69 25.15
CA SER F 71 20.89 -20.77 26.23
C SER F 71 20.30 -21.56 27.39
N GLY F 72 20.65 -21.19 28.62
CA GLY F 72 20.28 -21.94 29.79
C GLY F 72 18.81 -21.83 30.15
N PRO F 73 18.42 -22.51 31.21
CA PRO F 73 17.01 -22.46 31.65
C PRO F 73 16.65 -21.10 32.21
N ARG F 74 15.49 -20.60 31.81
CA ARG F 74 14.97 -19.33 32.30
C ARG F 74 13.51 -19.52 32.70
N GLN F 75 13.03 -18.65 33.58
CA GLN F 75 11.67 -18.76 34.09
C GLN F 75 10.70 -18.00 33.19
N ALA F 95 1.56 -32.75 34.28
CA ALA F 95 2.08 -31.75 35.20
C ALA F 95 2.71 -30.59 34.44
N LEU F 96 3.37 -29.70 35.16
CA LEU F 96 4.20 -28.70 34.51
C LEU F 96 5.39 -29.39 33.89
N ARG F 97 5.76 -28.96 32.68
CA ARG F 97 6.77 -29.67 31.91
C ARG F 97 7.58 -28.63 31.14
N GLY F 98 8.88 -28.89 31.06
CA GLY F 98 9.76 -28.04 30.27
C GLY F 98 9.44 -28.15 28.80
N ARG F 99 9.74 -27.08 28.06
CA ARG F 99 9.51 -27.02 26.63
C ARG F 99 10.74 -26.42 25.97
N LEU F 100 11.48 -27.24 25.24
CA LEU F 100 12.60 -26.75 24.47
C LEU F 100 12.09 -26.37 23.08
N LEU F 101 12.17 -25.09 22.76
CA LEU F 101 11.84 -24.59 21.45
C LEU F 101 13.16 -24.32 20.73
N CYS F 102 13.33 -24.92 19.55
CA CYS F 102 14.59 -24.87 18.85
C CYS F 102 14.45 -24.05 17.58
N ASP F 103 15.45 -23.22 17.32
CA ASP F 103 15.49 -22.37 16.15
C ASP F 103 16.63 -22.84 15.26
N PHE F 104 16.33 -23.01 13.98
CA PHE F 104 17.32 -23.48 13.02
C PHE F 104 17.46 -22.45 11.91
N ARG F 105 18.62 -21.79 11.87
CA ARG F 105 18.94 -20.85 10.83
C ARG F 105 20.06 -21.46 10.01
N ARG F 106 19.96 -21.41 8.69
CA ARG F 106 21.09 -21.68 7.84
C ARG F 106 21.80 -20.35 7.60
N ALA F 107 23.11 -20.40 7.46
CA ALA F 107 23.85 -19.21 7.09
C ALA F 107 23.47 -18.81 5.67
N PRO F 108 23.37 -17.51 5.39
CA PRO F 108 22.92 -17.09 4.05
C PRO F 108 23.91 -17.38 2.94
N PHE F 109 25.17 -17.70 3.24
CA PHE F 109 26.13 -18.01 2.21
C PHE F 109 26.51 -19.49 2.18
N ALA F 110 25.64 -20.36 2.64
CA ALA F 110 25.86 -21.80 2.57
C ALA F 110 25.07 -22.36 1.40
N GLY F 111 25.75 -23.02 0.48
CA GLY F 111 25.12 -23.49 -0.73
C GLY F 111 25.40 -22.57 -1.92
N ARG F 112 24.96 -23.04 -3.09
CA ARG F 112 25.18 -22.26 -4.30
C ARG F 112 24.30 -21.02 -4.33
N ARG F 113 22.99 -21.21 -4.32
CA ARG F 113 22.09 -20.08 -4.27
C ARG F 113 22.12 -19.47 -2.89
N ARG F 114 21.82 -18.18 -2.83
CA ARG F 114 21.75 -17.45 -1.57
C ARG F 114 20.30 -17.30 -1.16
N ARG F 115 19.99 -17.76 0.04
CA ARG F 115 18.64 -17.69 0.57
C ARG F 115 18.42 -16.33 1.22
N ALA F 116 17.14 -16.02 1.45
CA ALA F 116 16.80 -14.81 2.18
C ALA F 116 17.22 -14.98 3.64
N PRO F 117 17.64 -13.90 4.29
CA PRO F 117 18.11 -14.00 5.68
C PRO F 117 17.02 -14.37 6.67
N PRO F 118 15.73 -14.03 6.48
CA PRO F 118 14.73 -14.73 7.29
C PRO F 118 14.49 -16.17 6.88
N GLY F 119 14.48 -16.45 5.58
CA GLY F 119 14.12 -17.78 5.12
C GLY F 119 12.62 -17.96 5.16
N GLY F 120 12.15 -18.83 6.05
CA GLY F 120 10.74 -18.93 6.36
C GLY F 120 10.03 -20.18 5.86
N CYS F 121 10.54 -20.83 4.81
CA CYS F 121 9.85 -22.00 4.29
C CYS F 121 10.51 -23.29 4.74
N GLU F 122 11.81 -23.43 4.50
CA GLU F 122 12.48 -24.71 4.70
C GLU F 122 13.02 -24.81 6.12
N GLU F 123 13.28 -23.65 6.73
CA GLU F 123 13.94 -23.63 8.04
C GLU F 123 13.01 -24.09 9.14
N ARG F 124 11.73 -23.68 9.08
CA ARG F 124 10.76 -24.19 10.04
C ARG F 124 10.52 -25.68 9.84
N GLU F 125 10.67 -26.16 8.61
CA GLU F 125 10.51 -27.58 8.34
C GLU F 125 11.64 -28.38 8.99
N LEU F 126 12.86 -27.86 8.95
CA LEU F 126 13.94 -28.57 9.61
C LEU F 126 13.89 -28.41 11.13
N ALA F 127 13.31 -27.29 11.59
CA ALA F 127 13.21 -27.05 13.02
C ALA F 127 12.25 -28.03 13.69
N LEU F 128 11.20 -28.43 12.97
CA LEU F 128 10.30 -29.44 13.51
C LEU F 128 10.96 -30.80 13.60
N ALA F 129 11.85 -31.11 12.66
CA ALA F 129 12.61 -32.35 12.74
C ALA F 129 13.55 -32.32 13.95
N LEU F 130 14.19 -31.17 14.19
CA LEU F 130 15.04 -31.02 15.37
C LEU F 130 14.26 -31.18 16.67
N GLN F 131 13.10 -30.51 16.77
CA GLN F 131 12.32 -30.55 18.00
C GLN F 131 11.72 -31.94 18.23
N GLU F 132 11.27 -32.60 17.16
CA GLU F 132 10.72 -33.93 17.34
C GLU F 132 11.79 -35.00 17.44
N ALA F 133 13.05 -34.67 17.21
CA ALA F 133 14.09 -35.63 17.50
C ALA F 133 14.79 -35.40 18.83
N LEU F 134 14.68 -34.22 19.43
CA LEU F 134 15.42 -33.97 20.66
C LEU F 134 14.65 -34.26 21.94
N GLU F 135 13.32 -34.14 21.93
CA GLU F 135 12.56 -34.43 23.15
C GLU F 135 12.65 -35.85 23.72
N PRO F 136 12.87 -36.93 22.92
CA PRO F 136 13.19 -38.21 23.58
C PRO F 136 14.52 -38.21 24.30
N ALA F 137 15.44 -37.32 23.91
CA ALA F 137 16.72 -37.27 24.59
C ALA F 137 16.61 -36.51 25.91
N VAL F 138 16.15 -35.27 25.85
CA VAL F 138 16.13 -34.44 27.04
C VAL F 138 14.93 -34.79 27.91
N ARG F 139 15.21 -35.29 29.11
CA ARG F 139 14.18 -35.48 30.11
C ARG F 139 13.76 -34.12 30.62
N LEU F 140 12.47 -33.91 30.76
CA LEU F 140 11.92 -32.61 31.10
C LEU F 140 11.12 -32.61 32.38
N GLY F 141 11.07 -33.73 33.10
CA GLY F 141 10.46 -33.73 34.41
C GLY F 141 11.27 -32.97 35.43
N ARG F 142 12.55 -32.77 35.17
CA ARG F 142 13.43 -32.04 36.05
C ARG F 142 13.47 -30.55 35.76
N TYR F 143 12.59 -30.04 34.91
CA TYR F 143 12.56 -28.63 34.56
C TYR F 143 11.13 -28.10 34.57
N PRO F 144 10.59 -27.77 35.74
CA PRO F 144 9.24 -27.22 35.78
C PRO F 144 9.22 -25.75 35.43
N ARG F 145 8.29 -25.40 34.53
CA ARG F 145 8.00 -24.02 34.10
C ARG F 145 9.22 -23.31 33.53
N ALA F 146 10.08 -24.05 32.82
CA ALA F 146 11.27 -23.47 32.22
C ALA F 146 11.30 -23.83 30.75
N GLN F 147 12.23 -23.22 30.02
CA GLN F 147 12.38 -23.48 28.59
C GLN F 147 13.85 -23.50 28.22
N LEU F 148 14.18 -24.20 27.14
CA LEU F 148 15.53 -24.24 26.63
C LEU F 148 15.54 -23.76 25.18
N GLU F 149 16.56 -23.00 24.82
CA GLU F 149 16.68 -22.49 23.45
C GLU F 149 17.87 -23.17 22.79
N VAL F 150 17.59 -24.11 21.89
CA VAL F 150 18.62 -24.74 21.09
C VAL F 150 18.72 -24.01 19.77
N SER F 151 19.89 -23.44 19.49
CA SER F 151 20.09 -22.67 18.27
C SER F 151 21.17 -23.34 17.44
N ALA F 152 20.81 -23.78 16.26
CA ALA F 152 21.73 -24.42 15.33
C ALA F 152 22.01 -23.52 14.14
N LEU F 153 23.24 -23.57 13.65
CA LEU F 153 23.64 -22.73 12.53
C LEU F 153 24.48 -23.54 11.59
N LEU F 154 24.10 -23.54 10.32
CA LEU F 154 24.73 -24.38 9.30
C LEU F 154 25.59 -23.49 8.42
N LEU F 155 26.90 -23.60 8.57
CA LEU F 155 27.79 -22.67 7.87
C LEU F 155 28.12 -23.12 6.46
N GLU F 156 28.21 -24.43 6.22
CA GLU F 156 28.64 -24.89 4.90
C GLU F 156 27.89 -26.18 4.58
N ASP F 157 27.03 -26.12 3.55
CA ASP F 157 26.13 -27.22 3.21
C ASP F 157 26.88 -28.23 2.34
N GLY F 158 27.84 -28.92 2.96
CA GLY F 158 28.69 -29.81 2.18
C GLY F 158 28.04 -31.16 1.92
N GLY F 159 27.03 -31.50 2.71
CA GLY F 159 26.51 -32.86 2.68
C GLY F 159 25.25 -33.04 3.48
N SER F 160 25.24 -34.08 4.31
CA SER F 160 24.10 -34.36 5.17
C SER F 160 23.88 -33.21 6.13
N ALA F 161 22.84 -32.43 5.86
CA ALA F 161 22.61 -31.18 6.56
C ALA F 161 21.83 -31.34 7.84
N LEU F 162 20.88 -32.27 7.88
CA LEU F 162 20.03 -32.41 9.05
C LEU F 162 20.73 -33.21 10.15
N ALA F 163 21.51 -34.21 9.75
CA ALA F 163 22.10 -35.13 10.71
C ALA F 163 23.22 -34.48 11.49
N ALA F 164 24.04 -33.67 10.83
CA ALA F 164 25.12 -32.98 11.51
C ALA F 164 24.56 -31.94 12.48
N ALA F 165 23.44 -31.31 12.10
CA ALA F 165 22.78 -30.38 13.00
C ALA F 165 22.25 -31.09 14.23
N LEU F 166 21.67 -32.29 14.05
CA LEU F 166 21.22 -33.09 15.18
C LEU F 166 22.36 -33.47 16.11
N THR F 167 23.47 -33.94 15.53
CA THR F 167 24.60 -34.39 16.33
C THR F 167 25.24 -33.25 17.11
N ALA F 168 25.39 -32.09 16.46
CA ALA F 168 25.99 -30.96 17.13
C ALA F 168 25.07 -30.38 18.19
N ALA F 169 23.74 -30.41 17.95
CA ALA F 169 22.82 -29.94 18.96
C ALA F 169 22.81 -30.86 20.16
N ALA F 170 22.95 -32.17 19.91
CA ALA F 170 23.01 -33.13 21.01
C ALA F 170 24.26 -32.92 21.86
N LEU F 171 25.40 -32.73 21.20
CA LEU F 171 26.65 -32.52 21.94
C LEU F 171 26.63 -31.20 22.70
N ALA F 172 25.99 -30.18 22.12
CA ALA F 172 25.93 -28.88 22.80
C ALA F 172 25.00 -28.94 24.00
N LEU F 173 23.88 -29.66 23.88
CA LEU F 173 23.01 -29.84 25.03
C LEU F 173 23.69 -30.69 26.10
N ALA F 174 24.54 -31.64 25.70
CA ALA F 174 25.22 -32.46 26.68
C ALA F 174 26.28 -31.66 27.44
N ASP F 175 27.04 -30.83 26.72
CA ASP F 175 28.05 -30.02 27.38
C ASP F 175 27.41 -28.88 28.16
N ALA F 176 26.17 -28.52 27.81
CA ALA F 176 25.49 -27.43 28.50
C ALA F 176 25.09 -27.85 29.90
N GLY F 177 24.91 -29.13 30.14
CA GLY F 177 24.60 -29.64 31.44
C GLY F 177 23.14 -29.88 31.73
N VAL F 178 22.31 -30.11 30.72
CA VAL F 178 20.95 -30.54 30.97
C VAL F 178 20.91 -32.05 31.05
N GLU F 179 19.92 -32.57 31.76
CA GLU F 179 19.87 -34.01 31.96
C GLU F 179 19.27 -34.70 30.73
N MET F 180 19.78 -35.88 30.43
CA MET F 180 19.37 -36.60 29.24
C MET F 180 19.09 -38.06 29.61
N TYR F 181 18.84 -38.87 28.59
CA TYR F 181 18.95 -40.31 28.71
C TYR F 181 20.09 -40.88 27.91
N ASP F 182 20.46 -40.22 26.82
CA ASP F 182 21.46 -40.70 25.86
C ASP F 182 21.78 -39.52 24.96
N LEU F 183 22.88 -39.65 24.21
CA LEU F 183 23.16 -38.70 23.14
C LEU F 183 22.27 -39.00 21.94
N VAL F 184 22.33 -38.15 20.93
CA VAL F 184 21.63 -38.38 19.68
C VAL F 184 22.65 -38.38 18.57
N VAL F 185 22.79 -39.51 17.90
CA VAL F 185 23.67 -39.65 16.75
C VAL F 185 22.80 -39.86 15.53
N GLY F 186 23.00 -39.01 14.52
CA GLY F 186 22.21 -39.05 13.31
C GLY F 186 23.12 -39.13 12.09
N CYS F 187 22.68 -39.90 11.11
CA CYS F 187 23.36 -39.97 9.82
C CYS F 187 22.34 -39.91 8.71
N GLY F 188 22.71 -39.27 7.60
CA GLY F 188 21.85 -39.15 6.45
C GLY F 188 22.27 -40.18 5.41
N LEU F 189 21.33 -40.53 4.55
CA LEU F 189 21.60 -41.46 3.46
C LEU F 189 21.15 -40.83 2.14
N SER F 190 21.47 -41.51 1.05
CA SER F 190 21.11 -41.05 -0.28
C SER F 190 21.14 -42.24 -1.22
N LEU F 191 20.43 -42.10 -2.33
CA LEU F 191 20.31 -43.15 -3.33
C LEU F 191 20.77 -42.64 -4.68
N ALA F 192 21.74 -43.31 -5.28
CA ALA F 192 22.19 -42.97 -6.62
C ALA F 192 21.16 -43.46 -7.62
N PRO F 193 20.79 -42.66 -8.62
CA PRO F 193 19.66 -43.00 -9.49
C PRO F 193 19.97 -43.98 -10.61
N GLY F 194 21.00 -44.80 -10.48
CA GLY F 194 21.36 -45.75 -11.53
C GLY F 194 20.35 -46.86 -11.71
N PRO F 195 20.63 -47.78 -12.65
CA PRO F 195 19.67 -48.85 -12.93
C PRO F 195 19.55 -49.85 -11.80
N ALA F 196 20.63 -50.08 -11.08
CA ALA F 196 20.58 -50.83 -9.83
C ALA F 196 20.68 -49.83 -8.69
N PRO F 197 19.58 -49.55 -7.99
CA PRO F 197 19.63 -48.57 -6.91
C PRO F 197 20.42 -49.10 -5.71
N THR F 198 21.52 -48.44 -5.42
CA THR F 198 22.40 -48.84 -4.33
C THR F 198 22.49 -47.69 -3.34
N TRP F 199 22.22 -47.98 -2.08
CA TRP F 199 22.22 -46.92 -1.07
C TRP F 199 23.63 -46.48 -0.74
N LEU F 200 23.78 -45.16 -0.61
CA LEU F 200 25.04 -44.55 -0.21
C LEU F 200 24.88 -43.95 1.18
N LEU F 201 25.99 -43.89 1.90
CA LEU F 201 26.00 -43.46 3.29
C LEU F 201 26.83 -42.19 3.44
N ASP F 202 26.23 -41.20 4.09
CA ASP F 202 26.82 -39.88 4.30
C ASP F 202 27.31 -39.23 3.01
N PRO F 203 26.41 -38.73 2.18
CA PRO F 203 26.83 -38.23 0.87
C PRO F 203 27.40 -36.83 0.96
N THR F 204 28.01 -36.40 -0.15
CA THR F 204 28.44 -35.02 -0.33
C THR F 204 27.32 -34.28 -1.05
N ARG F 205 27.49 -32.95 -1.24
CA ARG F 205 26.44 -32.14 -1.84
C ARG F 205 26.20 -32.52 -3.29
N LEU F 206 27.26 -32.85 -4.02
CA LEU F 206 27.10 -33.32 -5.40
C LEU F 206 26.39 -34.65 -5.45
N GLU F 207 26.62 -35.51 -4.44
CA GLU F 207 25.94 -36.79 -4.39
C GLU F 207 24.48 -36.63 -3.99
N GLU F 208 24.10 -35.47 -3.45
CA GLU F 208 22.68 -35.17 -3.27
C GLU F 208 22.10 -34.53 -4.52
N GLU F 209 22.90 -33.78 -5.27
CA GLU F 209 22.41 -33.13 -6.47
C GLU F 209 22.14 -34.14 -7.57
N ARG F 210 22.98 -35.17 -7.66
CA ARG F 210 22.70 -36.24 -8.61
C ARG F 210 21.57 -37.14 -8.13
N ALA F 211 21.24 -37.07 -6.84
CA ALA F 211 20.45 -38.11 -6.20
C ALA F 211 18.99 -38.08 -6.62
N ALA F 212 18.32 -39.21 -6.41
CA ALA F 212 16.88 -39.24 -6.52
C ALA F 212 16.22 -39.07 -5.15
N ALA F 213 16.56 -39.94 -4.20
CA ALA F 213 15.92 -39.95 -2.90
C ALA F 213 16.95 -39.93 -1.79
N GLY F 214 16.68 -39.14 -0.76
CA GLY F 214 17.57 -39.05 0.38
C GLY F 214 16.85 -39.25 1.69
N LEU F 215 17.50 -39.94 2.64
CA LEU F 215 16.92 -40.29 3.93
C LEU F 215 17.85 -39.85 5.04
N THR F 216 17.31 -39.64 6.24
CA THR F 216 18.09 -39.24 7.40
C THR F 216 17.50 -39.87 8.65
N VAL F 217 18.31 -40.62 9.39
CA VAL F 217 17.85 -41.21 10.65
C VAL F 217 18.73 -40.70 11.78
N ALA F 218 18.22 -40.88 13.00
CA ALA F 218 18.93 -40.52 14.21
C ALA F 218 18.43 -41.43 15.33
N LEU F 219 19.36 -42.11 16.00
CA LEU F 219 18.97 -42.98 17.09
C LEU F 219 19.88 -42.82 18.29
N MET F 220 19.30 -43.00 19.47
CA MET F 220 20.05 -43.04 20.71
C MET F 220 20.67 -44.42 20.81
N PRO F 221 22.00 -44.56 20.77
CA PRO F 221 22.59 -45.89 20.59
C PRO F 221 22.53 -46.77 21.82
N VAL F 222 22.43 -46.20 23.01
CA VAL F 222 22.43 -47.03 24.20
C VAL F 222 21.06 -47.66 24.41
N LEU F 223 20.00 -46.86 24.38
CA LEU F 223 18.66 -47.40 24.46
C LEU F 223 18.19 -48.07 23.18
N ASN F 224 18.93 -47.87 22.08
CA ASN F 224 18.73 -48.58 20.81
C ASN F 224 17.33 -48.32 20.25
N GLN F 225 16.94 -47.06 20.21
CA GLN F 225 15.62 -46.65 19.74
C GLN F 225 15.77 -45.49 18.77
N VAL F 226 14.99 -45.53 17.70
CA VAL F 226 15.02 -44.45 16.71
C VAL F 226 14.35 -43.21 17.27
N ALA F 227 15.06 -42.08 17.19
CA ALA F 227 14.56 -40.83 17.72
C ALA F 227 13.85 -39.97 16.70
N GLY F 228 14.15 -40.14 15.42
CA GLY F 228 13.44 -39.41 14.39
C GLY F 228 13.98 -39.75 13.02
N LEU F 229 13.10 -40.02 12.06
CA LEU F 229 13.52 -40.28 10.70
C LEU F 229 12.70 -39.42 9.76
N LEU F 230 13.41 -38.74 8.86
CA LEU F 230 12.82 -37.86 7.86
C LEU F 230 13.58 -38.03 6.56
N GLY F 231 12.92 -38.56 5.55
CA GLY F 231 13.58 -38.67 4.28
C GLY F 231 12.68 -38.59 3.08
N SER F 232 12.90 -37.61 2.21
CA SER F 232 12.11 -37.47 1.00
C SER F 232 12.48 -38.55 -0.01
N GLY F 233 11.46 -39.03 -0.73
CA GLY F 233 11.62 -40.11 -1.65
C GLY F 233 11.41 -39.65 -3.08
N GLU F 234 11.98 -40.41 -4.02
CA GLU F 234 11.66 -40.26 -5.42
C GLU F 234 11.10 -41.56 -5.93
N GLY F 235 11.77 -42.64 -5.61
CA GLY F 235 11.31 -43.97 -5.98
C GLY F 235 11.92 -45.01 -5.07
N GLY F 236 11.13 -46.03 -4.76
CA GLY F 236 11.63 -47.12 -3.95
C GLY F 236 10.59 -48.19 -3.78
N LEU F 237 10.93 -49.16 -2.93
CA LEU F 237 10.00 -50.21 -2.56
C LEU F 237 10.25 -50.48 -1.09
N THR F 238 9.28 -51.14 -0.45
CA THR F 238 9.23 -51.24 1.01
C THR F 238 10.45 -51.97 1.58
N GLU F 239 11.02 -52.91 0.82
CA GLU F 239 12.23 -53.59 1.24
C GLU F 239 13.44 -52.65 1.26
N SER F 240 13.53 -51.76 0.26
CA SER F 240 14.72 -50.92 0.12
C SER F 240 14.78 -49.87 1.21
N TRP F 241 13.63 -49.33 1.61
CA TRP F 241 13.59 -48.38 2.71
C TRP F 241 13.97 -49.04 4.02
N ALA F 242 13.60 -50.31 4.19
CA ALA F 242 13.97 -51.05 5.38
C ALA F 242 15.48 -51.29 5.45
N GLU F 243 16.08 -51.65 4.30
CA GLU F 243 17.53 -51.84 4.26
C GLU F 243 18.26 -50.52 4.53
N ALA F 244 17.71 -49.41 4.02
CA ALA F 244 18.34 -48.11 4.25
C ALA F 244 18.26 -47.72 5.72
N VAL F 245 17.13 -48.01 6.38
CA VAL F 245 16.99 -47.70 7.80
C VAL F 245 17.99 -48.50 8.64
N ARG F 246 18.11 -49.80 8.38
CA ARG F 246 19.03 -50.59 9.20
C ARG F 246 20.49 -50.26 8.89
N LEU F 247 20.77 -49.83 7.65
CA LEU F 247 22.13 -49.40 7.33
C LEU F 247 22.46 -48.09 8.02
N GLY F 248 21.48 -47.19 8.14
CA GLY F 248 21.71 -45.95 8.87
C GLY F 248 21.90 -46.18 10.35
N LEU F 249 21.17 -47.14 10.93
CA LEU F 249 21.40 -47.53 12.32
C LEU F 249 22.81 -48.07 12.52
N GLU F 250 23.29 -48.90 11.60
CA GLU F 250 24.68 -49.39 11.66
C GLU F 250 25.67 -48.23 11.55
N GLY F 251 25.36 -47.25 10.71
CA GLY F 251 26.27 -46.11 10.53
C GLY F 251 26.38 -45.26 11.78
N CYS F 252 25.24 -44.98 12.44
CA CYS F 252 25.28 -44.15 13.63
C CYS F 252 25.94 -44.88 14.79
N GLN F 253 25.66 -46.18 14.92
CA GLN F 253 26.28 -46.99 15.96
C GLN F 253 27.79 -47.07 15.76
N ARG F 254 28.19 -47.09 14.50
CA ARG F 254 29.58 -47.05 14.10
C ARG F 254 30.22 -45.70 14.39
N LEU F 255 29.45 -44.63 14.28
CA LEU F 255 29.99 -43.27 14.31
C LEU F 255 30.18 -42.76 15.73
N TYR F 256 29.38 -43.27 16.68
CA TYR F 256 29.38 -42.88 18.11
C TYR F 256 30.70 -42.63 18.89
N PRO F 257 31.76 -43.48 18.79
CA PRO F 257 32.87 -43.32 19.76
C PRO F 257 33.73 -42.09 19.56
N VAL F 258 33.77 -41.52 18.35
CA VAL F 258 34.51 -40.29 18.14
C VAL F 258 33.86 -39.14 18.89
N LEU F 259 32.53 -39.09 18.86
CA LEU F 259 31.78 -38.13 19.65
C LEU F 259 32.01 -38.34 21.14
N GLN F 260 32.10 -39.62 21.55
CA GLN F 260 32.39 -39.93 22.95
C GLN F 260 33.72 -39.36 23.40
N GLN F 261 34.79 -39.65 22.65
CA GLN F 261 36.13 -39.21 23.05
C GLN F 261 36.26 -37.69 22.97
N SER F 262 35.57 -37.06 22.01
CA SER F 262 35.61 -35.61 21.92
C SER F 262 34.94 -34.96 23.12
N LEU F 263 33.80 -35.51 23.56
CA LEU F 263 33.13 -34.91 24.71
C LEU F 263 33.90 -35.19 26.00
N VAL F 264 34.62 -36.32 26.06
CA VAL F 264 35.48 -36.60 27.21
C VAL F 264 36.61 -35.59 27.29
N ARG F 265 37.24 -35.26 26.16
CA ARG F 265 38.31 -34.27 26.17
C ARG F 265 37.77 -32.88 26.50
N ALA F 266 36.57 -32.55 26.01
CA ALA F 266 35.95 -31.27 26.33
C ALA F 266 35.61 -31.18 27.82
N ALA F 267 35.26 -32.32 28.42
CA ALA F 267 35.03 -32.33 29.87
C ALA F 267 36.35 -32.21 30.63
N ARG F 268 37.44 -32.76 30.07
CA ARG F 268 38.74 -32.65 30.73
C ARG F 268 39.29 -31.23 30.67
N ARG F 269 38.84 -30.43 29.71
CA ARG F 269 39.21 -29.01 29.74
C ARG F 269 38.56 -28.30 30.93
N ARG F 270 37.39 -28.75 31.34
CA ARG F 270 36.67 -28.13 32.44
C ARG F 270 37.34 -28.42 33.78
N ALA G 35 32.91 38.52 41.69
CA ALA G 35 31.57 38.79 42.21
C ALA G 35 30.53 38.67 41.11
N ARG G 36 30.39 37.47 40.56
CA ARG G 36 29.44 37.20 39.49
C ARG G 36 28.84 35.82 39.71
N ALA G 37 27.52 35.70 39.43
CA ALA G 37 26.75 34.47 39.48
C ALA G 37 26.80 33.78 40.83
N ALA G 38 26.48 34.51 41.90
CA ALA G 38 26.27 33.86 43.20
C ALA G 38 24.84 34.05 43.68
N ARG G 39 24.43 35.31 43.85
CA ARG G 39 23.07 35.59 44.28
C ARG G 39 22.57 36.90 43.67
N THR G 40 23.37 37.48 42.77
CA THR G 40 23.05 38.79 42.22
C THR G 40 21.83 38.72 41.31
N VAL G 41 21.77 37.70 40.46
CA VAL G 41 20.59 37.51 39.63
C VAL G 41 19.54 36.84 40.49
N LEU G 42 18.75 37.65 41.20
CA LEU G 42 17.71 37.13 42.06
C LEU G 42 16.32 37.50 41.57
N GLY G 43 16.20 38.06 40.38
CA GLY G 43 14.92 38.32 39.77
C GLY G 43 14.97 38.12 38.27
N GLN G 44 16.03 37.45 37.81
CA GLN G 44 16.27 37.24 36.40
C GLN G 44 15.87 35.81 36.00
N VAL G 45 16.06 35.53 34.72
CA VAL G 45 15.73 34.22 34.15
C VAL G 45 17.02 33.46 33.96
N VAL G 46 17.17 32.34 34.63
CA VAL G 46 18.39 31.55 34.55
C VAL G 46 18.22 30.49 33.47
N LEU G 47 19.35 30.03 32.96
CA LEU G 47 19.44 28.88 32.08
C LEU G 47 19.72 27.64 32.92
N PRO G 48 19.19 26.49 32.53
CA PRO G 48 19.49 25.28 33.30
C PRO G 48 20.93 24.84 33.14
N GLY G 49 21.68 24.88 34.24
CA GLY G 49 23.07 24.49 34.25
C GLY G 49 24.06 25.54 34.69
N GLU G 50 23.65 26.81 34.69
CA GLU G 50 24.55 27.87 35.14
C GLU G 50 24.79 27.77 36.65
N GLU G 51 26.04 27.65 37.03
CA GLU G 51 26.41 27.44 38.42
C GLU G 51 26.26 28.73 39.22
N LEU G 52 25.68 28.62 40.41
CA LEU G 52 25.60 29.71 41.36
C LEU G 52 25.86 29.16 42.75
N LEU G 53 26.38 30.01 43.63
CA LEU G 53 26.80 29.58 44.96
C LEU G 53 26.29 30.56 46.01
N LEU G 54 26.40 30.15 47.28
CA LEU G 54 25.97 30.93 48.41
C LEU G 54 27.18 31.44 49.20
N PRO G 55 27.10 32.64 49.75
CA PRO G 55 28.21 33.16 50.56
C PRO G 55 28.20 32.60 51.96
N GLU G 56 29.26 32.91 52.70
CA GLU G 56 29.39 32.49 54.09
C GLU G 56 30.12 33.54 54.91
N ARG G 80 28.54 27.47 61.27
CA ARG G 80 28.07 27.33 59.89
C ARG G 80 26.57 27.55 59.80
N VAL G 81 26.12 28.15 58.70
CA VAL G 81 24.71 28.44 58.47
C VAL G 81 24.35 27.99 57.06
N ARG G 82 23.78 26.79 56.95
CA ARG G 82 23.37 26.26 55.65
C ARG G 82 21.94 26.68 55.32
N VAL G 83 21.61 26.65 54.02
CA VAL G 83 20.30 27.03 53.54
C VAL G 83 19.63 25.79 52.94
N VAL G 84 18.37 25.95 52.54
CA VAL G 84 17.57 24.87 51.98
C VAL G 84 17.31 25.19 50.51
N CYS G 85 17.37 24.16 49.66
CA CYS G 85 17.23 24.33 48.22
C CYS G 85 15.81 24.00 47.80
N GLY G 86 15.30 24.73 46.81
CA GLY G 86 13.95 24.56 46.34
C GLY G 86 13.79 23.39 45.40
N PRO G 87 12.72 23.42 44.60
CA PRO G 87 12.45 22.28 43.72
C PRO G 87 13.37 22.20 42.51
N GLY G 88 13.80 23.33 41.97
CA GLY G 88 14.59 23.30 40.75
C GLY G 88 16.06 23.05 41.03
N LEU G 89 16.58 23.57 42.13
CA LEU G 89 18.01 23.55 42.36
C LEU G 89 18.43 22.24 43.02
N ARG G 90 19.66 21.82 42.73
CA ARG G 90 20.29 20.73 43.45
C ARG G 90 21.64 21.20 43.95
N ARG G 91 22.26 20.43 44.84
CA ARG G 91 23.52 20.82 45.44
C ARG G 91 24.67 20.20 44.64
N CYS G 92 25.83 20.85 44.66
CA CYS G 92 27.05 20.31 44.08
C CYS G 92 28.25 20.94 44.77
N GLY G 93 28.78 20.24 45.79
CA GLY G 93 29.94 20.75 46.50
C GLY G 93 29.60 21.98 47.31
N ASP G 94 30.09 23.12 46.83
CA ASP G 94 29.79 24.42 47.43
C ASP G 94 28.96 25.30 46.52
N ARG G 95 28.42 24.75 45.44
CA ARG G 95 27.64 25.50 44.46
C ARG G 95 26.28 24.86 44.28
N LEU G 96 25.41 25.56 43.56
CA LEU G 96 24.05 25.10 43.32
C LEU G 96 23.85 24.93 41.82
N LEU G 97 23.35 23.76 41.45
CA LEU G 97 23.16 23.41 40.05
C LEU G 97 21.71 23.63 39.65
N VAL G 98 21.51 24.33 38.54
CA VAL G 98 20.19 24.69 38.03
C VAL G 98 19.75 23.62 37.06
N THR G 99 18.51 23.16 37.20
CA THR G 99 18.01 22.06 36.38
C THR G 99 16.86 22.45 35.47
N LYS G 100 16.23 23.60 35.66
CA LYS G 100 15.07 23.96 34.87
C LYS G 100 15.22 25.38 34.35
N CYS G 101 14.40 25.75 33.38
CA CYS G 101 14.26 27.16 33.05
C CYS G 101 13.26 27.81 34.00
N GLY G 102 13.48 29.08 34.31
CA GLY G 102 12.57 29.75 35.22
C GLY G 102 13.16 31.04 35.73
N ARG G 103 12.36 31.72 36.54
CA ARG G 103 12.78 32.96 37.18
C ARG G 103 13.09 32.67 38.64
N LEU G 104 14.28 33.06 39.09
CA LEU G 104 14.72 32.74 40.44
C LEU G 104 14.08 33.69 41.44
N ARG G 105 13.48 33.13 42.50
CA ARG G 105 12.89 33.91 43.58
C ARG G 105 13.43 33.40 44.91
N HIS G 106 13.47 34.30 45.90
CA HIS G 106 14.06 34.00 47.19
C HIS G 106 13.18 34.51 48.31
N LYS G 107 13.09 33.73 49.39
CA LYS G 107 12.39 34.10 50.60
C LYS G 107 13.16 33.54 51.79
N GLU G 108 13.21 34.30 52.87
CA GLU G 108 13.86 33.84 54.11
C GLU G 108 12.90 33.86 55.28
N VAL G 117 15.39 30.44 51.41
CA VAL G 117 15.20 29.40 50.41
C VAL G 117 15.26 30.05 49.01
N TYR G 118 15.82 29.33 48.04
CA TYR G 118 15.88 29.77 46.66
C TYR G 118 15.06 28.79 45.82
N TRP G 119 14.25 29.32 44.90
CA TRP G 119 13.38 28.45 44.12
C TRP G 119 13.11 29.05 42.76
N VAL G 120 13.00 28.18 41.76
CA VAL G 120 12.64 28.58 40.40
C VAL G 120 11.34 27.89 40.04
N ASP G 121 10.54 28.53 39.20
CA ASP G 121 9.25 28.00 38.79
C ASP G 121 9.15 27.97 37.27
N SER G 122 8.44 26.98 36.75
CA SER G 122 8.33 26.78 35.32
C SER G 122 6.92 26.34 34.98
N GLN G 123 6.38 26.91 33.91
CA GLN G 123 5.06 26.51 33.45
C GLN G 123 5.16 25.16 32.76
N GLN G 124 4.93 24.09 33.51
CA GLN G 124 5.04 22.73 33.02
C GLN G 124 3.76 21.98 33.33
N LYS G 125 3.47 20.94 32.55
CA LYS G 125 2.17 20.28 32.66
C LYS G 125 2.22 19.04 33.55
N ARG G 126 3.29 18.26 33.45
CA ARG G 126 3.35 17.00 34.17
C ARG G 126 3.72 17.22 35.63
N TYR G 127 2.93 16.63 36.52
CA TYR G 127 3.13 16.72 37.95
C TYR G 127 4.04 15.60 38.44
N VAL G 128 4.99 15.97 39.30
CA VAL G 128 5.84 14.99 39.94
C VAL G 128 5.34 14.83 41.37
N PRO G 129 5.36 13.62 41.93
CA PRO G 129 4.80 13.42 43.27
C PRO G 129 5.67 14.04 44.35
N VAL G 130 5.09 14.99 45.08
CA VAL G 130 5.76 15.75 46.11
C VAL G 130 5.02 15.52 47.42
N LYS G 131 5.77 15.33 48.51
CA LYS G 131 5.19 15.04 49.81
C LYS G 131 4.37 16.21 50.34
N GLY G 132 3.09 15.95 50.63
CA GLY G 132 2.27 16.91 51.32
C GLY G 132 1.67 18.00 50.47
N ASP G 133 0.93 17.62 49.42
CA ASP G 133 0.24 18.55 48.56
C ASP G 133 -1.22 18.15 48.39
N HIS G 134 -2.06 19.14 48.15
CA HIS G 134 -3.49 18.94 48.00
C HIS G 134 -3.79 18.62 46.53
N VAL G 135 -4.22 17.38 46.28
CA VAL G 135 -4.32 16.84 44.92
C VAL G 135 -5.68 16.19 44.73
N ILE G 136 -6.39 16.61 43.68
CA ILE G 136 -7.56 15.87 43.23
C ILE G 136 -7.10 14.65 42.44
N GLY G 137 -7.62 13.49 42.82
CA GLY G 137 -7.31 12.26 42.12
C GLY G 137 -8.58 11.54 41.71
N ILE G 138 -8.41 10.51 40.88
CA ILE G 138 -9.54 9.76 40.32
C ILE G 138 -9.38 8.29 40.69
N VAL G 139 -10.45 7.69 41.23
CA VAL G 139 -10.42 6.28 41.62
C VAL G 139 -10.30 5.40 40.38
N THR G 140 -9.32 4.51 40.38
CA THR G 140 -9.12 3.57 39.28
C THR G 140 -9.89 2.27 39.48
N ALA G 141 -9.57 1.53 40.55
CA ALA G 141 -10.28 0.32 40.92
C ALA G 141 -9.98 0.07 42.39
N LYS G 142 -10.65 -0.94 42.96
CA LYS G 142 -10.39 -1.33 44.33
C LYS G 142 -9.86 -2.75 44.37
N SER G 143 -8.95 -3.00 45.30
CA SER G 143 -8.38 -4.33 45.53
C SER G 143 -8.36 -4.60 47.01
N GLY G 144 -9.45 -5.16 47.54
CA GLY G 144 -9.49 -5.53 48.94
C GLY G 144 -9.57 -4.31 49.83
N ASP G 145 -8.60 -4.18 50.75
CA ASP G 145 -8.62 -3.09 51.70
C ASP G 145 -8.21 -1.77 51.06
N ILE G 146 -7.29 -1.81 50.11
CA ILE G 146 -6.76 -0.61 49.48
C ILE G 146 -7.40 -0.44 48.12
N PHE G 147 -7.53 0.81 47.69
CA PHE G 147 -7.98 1.15 46.35
C PHE G 147 -7.07 2.21 45.74
N LYS G 148 -6.83 2.09 44.44
CA LYS G 148 -5.80 2.86 43.76
C LYS G 148 -6.38 4.10 43.12
N VAL G 149 -5.59 5.17 43.09
CA VAL G 149 -6.03 6.46 42.59
C VAL G 149 -5.02 6.98 41.58
N ASP G 150 -5.54 7.43 40.45
CA ASP G 150 -4.80 8.14 39.43
C ASP G 150 -4.60 9.58 39.86
N VAL G 151 -3.36 10.04 39.75
CA VAL G 151 -2.98 11.38 40.16
C VAL G 151 -2.63 12.17 38.91
N GLY G 152 -2.02 11.50 37.95
CA GLY G 152 -1.51 12.15 36.76
C GLY G 152 0.00 12.18 36.79
N GLY G 153 0.57 11.35 37.66
CA GLY G 153 2.01 11.30 37.81
C GLY G 153 2.63 10.04 37.25
N SER G 154 3.73 9.59 37.85
CA SER G 154 4.45 8.45 37.30
C SER G 154 3.71 7.15 37.58
N GLU G 155 3.25 6.95 38.80
CA GLU G 155 2.61 5.71 39.20
C GLU G 155 1.41 6.05 40.07
N PRO G 156 0.32 5.28 39.97
CA PRO G 156 -0.87 5.59 40.76
C PRO G 156 -0.68 5.30 42.24
N ALA G 157 -1.32 6.13 43.06
CA ALA G 157 -1.14 6.05 44.50
C ALA G 157 -2.19 5.13 45.12
N SER G 158 -2.05 4.90 46.42
CA SER G 158 -2.90 3.98 47.16
C SER G 158 -3.69 4.72 48.22
N LEU G 159 -4.86 4.18 48.54
CA LEU G 159 -5.68 4.66 49.65
C LEU G 159 -6.22 3.46 50.41
N SER G 160 -6.31 3.63 51.73
CA SER G 160 -6.93 2.66 52.60
C SER G 160 -8.27 3.19 53.07
N TYR G 161 -9.26 2.29 53.19
CA TYR G 161 -10.61 2.75 53.50
C TYR G 161 -10.73 3.16 54.96
N LEU G 162 -9.81 2.69 55.80
CA LEU G 162 -9.80 3.14 57.18
C LEU G 162 -9.10 4.48 57.36
N SER G 163 -8.66 5.12 56.28
CA SER G 163 -7.98 6.41 56.41
C SER G 163 -8.98 7.57 56.36
N PHE G 164 -10.18 7.33 55.85
CA PHE G 164 -11.20 8.37 55.82
C PHE G 164 -11.73 8.65 57.23
N GLU G 165 -12.52 9.71 57.35
CA GLU G 165 -12.98 10.17 58.65
C GLU G 165 -14.04 9.23 59.23
N GLY G 166 -13.72 8.66 60.39
CA GLY G 166 -14.67 7.86 61.12
C GLY G 166 -15.04 6.55 60.47
N ALA G 167 -14.05 5.77 60.04
CA ALA G 167 -14.30 4.53 59.36
C ALA G 167 -13.50 3.40 60.01
N THR G 168 -14.14 2.25 60.13
CA THR G 168 -13.51 1.02 60.61
C THR G 168 -13.99 -0.11 59.70
N LYS G 169 -13.82 -1.34 60.15
CA LYS G 169 -14.35 -2.48 59.41
C LYS G 169 -15.88 -2.47 59.43
N ARG G 170 -16.47 -1.91 60.49
CA ARG G 170 -17.92 -1.90 60.60
C ARG G 170 -18.56 -0.89 59.66
N ASN G 171 -17.86 0.19 59.33
CA ASN G 171 -18.40 1.24 58.49
C ASN G 171 -17.49 1.45 57.29
N ARG G 172 -17.94 1.04 56.12
CA ARG G 172 -17.18 1.30 54.90
C ARG G 172 -17.45 2.73 54.43
N PRO G 173 -16.43 3.51 54.08
CA PRO G 173 -16.69 4.78 53.41
C PRO G 173 -17.16 4.55 51.99
N ASN G 174 -18.14 5.35 51.58
CA ASN G 174 -18.74 5.18 50.26
C ASN G 174 -17.84 5.73 49.16
N VAL G 175 -17.06 4.85 48.55
CA VAL G 175 -16.16 5.20 47.45
C VAL G 175 -16.53 4.35 46.25
N GLN G 176 -16.87 5.00 45.14
CA GLN G 176 -17.28 4.31 43.93
C GLN G 176 -16.20 4.49 42.88
N VAL G 177 -16.09 3.52 41.96
CA VAL G 177 -15.09 3.57 40.91
C VAL G 177 -15.39 4.69 39.93
N GLY G 178 -14.44 5.62 39.81
CA GLY G 178 -14.59 6.75 38.92
C GLY G 178 -15.07 8.03 39.56
N ASP G 179 -14.84 8.21 40.86
CA ASP G 179 -15.23 9.42 41.56
C ASP G 179 -13.98 10.14 42.04
N LEU G 180 -13.98 11.47 41.90
CA LEU G 180 -12.82 12.25 42.28
C LEU G 180 -12.72 12.36 43.80
N ILE G 181 -11.49 12.44 44.30
CA ILE G 181 -11.20 12.45 45.73
C ILE G 181 -10.14 13.51 46.01
N TYR G 182 -10.40 14.33 47.03
CA TYR G 182 -9.50 15.38 47.48
C TYR G 182 -8.78 14.93 48.75
N GLY G 183 -7.45 14.94 48.71
CA GLY G 183 -6.63 14.49 49.84
C GLY G 183 -5.19 14.97 49.78
N GLN G 184 -4.29 14.33 50.51
CA GLN G 184 -2.90 14.77 50.49
C GLN G 184 -1.97 13.59 50.72
N PHE G 185 -0.78 13.66 50.12
CA PHE G 185 0.18 12.56 50.13
C PHE G 185 0.92 12.55 51.47
N VAL G 186 1.05 11.37 52.08
CA VAL G 186 1.84 11.30 53.31
C VAL G 186 3.25 10.80 53.02
N VAL G 187 3.39 9.84 52.11
CA VAL G 187 4.68 9.33 51.70
C VAL G 187 4.79 9.50 50.19
N ALA G 188 5.85 10.18 49.76
CA ALA G 188 6.10 10.44 48.34
C ALA G 188 7.59 10.64 48.15
N ASN G 189 8.27 9.60 47.67
CA ASN G 189 9.69 9.71 47.39
C ASN G 189 9.99 8.90 46.13
N LYS G 190 11.27 8.86 45.77
CA LYS G 190 11.64 8.20 44.53
C LYS G 190 11.63 6.69 44.67
N ASP G 191 11.70 6.19 45.91
CA ASP G 191 11.99 4.77 46.10
C ASP G 191 10.76 3.91 45.89
N MET G 192 9.61 4.31 46.43
CA MET G 192 8.42 3.49 46.39
C MET G 192 7.30 4.22 45.69
N GLU G 193 6.18 3.53 45.54
CA GLU G 193 4.97 4.17 45.02
C GLU G 193 4.38 5.05 46.10
N PRO G 194 3.76 6.19 45.74
CA PRO G 194 3.28 7.12 46.77
C PRO G 194 1.96 6.66 47.36
N GLU G 195 1.65 7.16 48.56
CA GLU G 195 0.37 6.92 49.22
C GLU G 195 -0.16 8.21 49.81
N MET G 196 -1.47 8.40 49.69
CA MET G 196 -2.16 9.58 50.17
C MET G 196 -3.21 9.21 51.19
N VAL G 197 -3.74 10.23 51.86
CA VAL G 197 -4.78 10.06 52.88
C VAL G 197 -5.81 11.15 52.67
N CYS G 198 -6.88 11.08 53.46
CA CYS G 198 -7.93 12.10 53.52
C CYS G 198 -8.26 12.43 54.96
N ILE G 199 -7.24 12.71 55.77
CA ILE G 199 -7.43 12.99 57.19
C ILE G 199 -6.30 13.92 57.63
N ASP G 200 -6.55 14.73 58.66
CA ASP G 200 -5.52 15.62 59.17
C ASP G 200 -4.56 14.85 60.07
N SER G 201 -3.55 15.57 60.55
CA SER G 201 -2.58 14.95 61.45
C SER G 201 -3.18 14.68 62.82
N CYS G 202 -4.16 15.49 63.25
CA CYS G 202 -4.82 15.24 64.53
C CYS G 202 -5.81 14.09 64.45
N GLY G 203 -6.40 13.85 63.28
CA GLY G 203 -7.32 12.76 63.11
C GLY G 203 -8.73 13.14 62.68
N ARG G 204 -8.90 14.24 61.96
CA ARG G 204 -10.20 14.66 61.47
C ARG G 204 -10.10 15.02 59.99
N ALA G 205 -11.25 15.16 59.34
CA ALA G 205 -11.30 15.57 57.94
C ALA G 205 -11.64 17.06 57.88
N ASN G 206 -10.72 17.86 57.32
CA ASN G 206 -10.98 19.28 57.12
C ASN G 206 -11.44 19.53 55.68
N GLY G 207 -12.56 18.90 55.33
CA GLY G 207 -13.13 19.03 54.01
C GLY G 207 -12.61 18.03 53.00
N MET G 208 -11.84 17.04 53.44
CA MET G 208 -11.28 16.04 52.54
C MET G 208 -12.34 14.99 52.21
N GLY G 209 -11.99 14.04 51.36
CA GLY G 209 -12.90 12.97 51.00
C GLY G 209 -13.47 13.13 49.61
N VAL G 210 -14.69 12.61 49.45
CA VAL G 210 -15.37 12.66 48.17
C VAL G 210 -15.86 14.09 47.92
N ILE G 211 -15.55 14.61 46.73
CA ILE G 211 -16.07 15.91 46.34
C ILE G 211 -17.55 15.82 46.05
N GLY G 212 -17.96 14.84 45.25
CA GLY G 212 -19.34 14.67 44.86
C GLY G 212 -19.45 14.73 43.35
N GLN G 213 -20.64 15.05 42.87
CA GLN G 213 -20.85 15.18 41.44
C GLN G 213 -21.44 16.54 41.10
N ASP G 214 -21.81 16.70 39.83
CA ASP G 214 -22.40 17.89 39.24
C ASP G 214 -21.48 19.11 39.34
N GLY G 215 -20.22 18.97 38.92
CA GLY G 215 -19.30 20.09 38.85
C GLY G 215 -18.18 19.79 37.86
N LEU G 216 -17.94 20.74 36.94
CA LEU G 216 -17.05 20.47 35.83
C LEU G 216 -15.59 20.40 36.29
N LEU G 217 -14.88 19.38 35.83
CA LEU G 217 -13.46 19.20 36.10
C LEU G 217 -12.70 19.51 34.83
N PHE G 218 -11.58 20.22 34.97
CA PHE G 218 -10.67 20.41 33.86
C PHE G 218 -9.24 20.56 34.37
N LYS G 219 -8.31 20.66 33.43
CA LYS G 219 -6.89 20.58 33.73
C LYS G 219 -6.18 21.80 33.21
N VAL G 220 -5.28 22.36 34.04
CA VAL G 220 -4.53 23.56 33.70
C VAL G 220 -3.06 23.35 34.02
N THR G 221 -2.28 24.39 33.75
CA THR G 221 -0.84 24.39 34.02
C THR G 221 -0.60 24.69 35.49
N LEU G 222 0.49 24.10 36.04
CA LEU G 222 0.83 24.32 37.45
C LEU G 222 1.22 25.77 37.73
N GLY G 223 1.74 26.47 36.72
CA GLY G 223 2.10 27.87 36.91
C GLY G 223 0.88 28.75 37.15
N LEU G 224 -0.26 28.36 36.57
CA LEU G 224 -1.50 29.10 36.81
C LEU G 224 -1.98 28.92 38.24
N ILE G 225 -1.80 27.72 38.81
CA ILE G 225 -2.19 27.50 40.20
C ILE G 225 -1.25 28.22 41.15
N ARG G 226 0.05 28.22 40.84
CA ARG G 226 1.01 28.95 41.67
C ARG G 226 0.81 30.46 41.56
N LYS G 227 0.23 30.93 40.45
CA LYS G 227 -0.13 32.34 40.35
C LYS G 227 -1.42 32.65 41.11
N LEU G 228 -2.42 31.78 41.01
CA LEU G 228 -3.74 32.11 41.57
C LEU G 228 -3.79 31.92 43.07
N LEU G 229 -3.06 30.95 43.61
CA LEU G 229 -3.13 30.72 45.05
C LEU G 229 -2.14 31.55 45.85
N ALA G 230 -1.68 32.66 45.31
CA ALA G 230 -0.96 33.63 46.11
C ALA G 230 -1.95 34.37 47.02
N PRO G 231 -1.50 34.93 48.14
CA PRO G 231 -2.39 35.81 48.91
C PRO G 231 -2.75 37.09 48.17
N ASP G 232 -1.89 37.52 47.25
CA ASP G 232 -2.20 38.64 46.36
C ASP G 232 -2.68 38.05 45.03
N CYS G 233 -4.00 38.08 44.81
CA CYS G 233 -4.58 37.57 43.58
C CYS G 233 -5.63 38.55 43.07
N GLU G 234 -6.05 38.34 41.83
CA GLU G 234 -6.95 39.26 41.16
C GLU G 234 -8.25 38.60 40.69
N ILE G 235 -8.17 37.40 40.11
CA ILE G 235 -9.31 36.85 39.39
C ILE G 235 -10.35 36.30 40.36
N ILE G 236 -9.88 35.74 41.48
CA ILE G 236 -10.77 35.00 42.39
C ILE G 236 -11.73 35.95 43.10
N GLN G 237 -11.29 37.17 43.40
CA GLN G 237 -12.15 38.12 44.11
C GLN G 237 -13.21 38.70 43.18
N GLU G 238 -12.84 38.96 41.92
CA GLU G 238 -13.82 39.39 40.92
C GLU G 238 -14.86 38.30 40.67
N VAL G 239 -14.40 37.04 40.55
CA VAL G 239 -15.29 35.92 40.32
C VAL G 239 -16.25 35.72 41.49
N GLY G 240 -15.74 35.84 42.72
CA GLY G 240 -16.62 35.77 43.88
C GLY G 240 -17.53 36.97 43.99
N LYS G 241 -17.13 38.09 43.40
CA LYS G 241 -17.96 39.29 43.46
C LYS G 241 -19.13 39.23 42.48
N LEU G 242 -18.92 38.64 41.30
CA LEU G 242 -20.01 38.62 40.31
C LEU G 242 -21.26 37.79 40.62
N TYR G 243 -21.06 36.55 41.06
CA TYR G 243 -22.15 35.63 41.40
C TYR G 243 -21.68 34.44 42.21
N PRO G 244 -22.62 33.67 42.75
CA PRO G 244 -22.32 32.49 43.58
C PRO G 244 -21.75 31.30 42.83
N LEU G 245 -20.73 30.67 43.42
CA LEU G 245 -20.12 29.45 42.91
C LEU G 245 -19.15 28.93 43.96
N GLU G 246 -18.62 27.74 43.71
CA GLU G 246 -17.60 27.17 44.60
C GLU G 246 -16.68 26.24 43.81
N ILE G 247 -15.38 26.35 44.08
CA ILE G 247 -14.33 25.72 43.29
C ILE G 247 -13.36 24.98 44.21
N VAL G 248 -12.62 24.05 43.64
CA VAL G 248 -11.58 23.28 44.33
C VAL G 248 -10.34 23.25 43.46
N PHE G 249 -9.22 23.69 44.02
CA PHE G 249 -7.92 23.64 43.34
C PHE G 249 -7.20 22.37 43.75
N GLY G 250 -6.36 21.85 42.86
CA GLY G 250 -5.54 20.68 43.14
C GLY G 250 -4.16 20.82 42.50
N MET G 251 -3.14 20.66 43.35
CA MET G 251 -1.74 21.00 43.07
C MET G 251 -1.11 20.16 41.96
N ASN G 252 -1.76 19.13 41.43
CA ASN G 252 -1.26 18.48 40.23
C ASN G 252 -1.77 19.16 38.96
N GLY G 253 -2.42 20.31 39.09
CA GLY G 253 -2.93 21.00 37.93
C GLY G 253 -4.36 20.72 37.59
N ARG G 254 -5.26 20.63 38.57
CA ARG G 254 -6.63 20.23 38.29
C ARG G 254 -7.62 21.14 39.03
N ILE G 255 -8.66 21.57 38.31
CA ILE G 255 -9.65 22.49 38.83
C ILE G 255 -11.03 21.88 38.73
N TRP G 256 -11.76 21.89 39.85
CA TRP G 256 -13.16 21.48 39.90
C TRP G 256 -14.01 22.70 40.18
N VAL G 257 -15.13 22.84 39.45
CA VAL G 257 -15.99 24.01 39.61
C VAL G 257 -17.43 23.55 39.77
N LYS G 258 -18.23 24.39 40.43
CA LYS G 258 -19.68 24.20 40.50
C LYS G 258 -20.36 25.54 40.67
N ALA G 259 -21.39 25.77 39.86
CA ALA G 259 -22.27 26.91 40.03
C ALA G 259 -23.70 26.39 40.10
N LYS G 260 -24.66 27.31 40.23
CA LYS G 260 -26.06 26.90 40.32
C LYS G 260 -26.59 26.48 38.95
N THR G 261 -26.15 27.13 37.89
CA THR G 261 -26.59 26.81 36.54
C THR G 261 -25.39 26.44 35.68
N ILE G 262 -25.69 25.90 34.49
CA ILE G 262 -24.66 25.32 33.65
C ILE G 262 -23.89 26.41 32.90
N GLN G 263 -24.60 27.47 32.50
CA GLN G 263 -23.99 28.54 31.71
C GLN G 263 -22.94 29.29 32.51
N GLN G 264 -23.24 29.57 33.79
CA GLN G 264 -22.25 30.23 34.64
C GLN G 264 -21.07 29.31 34.94
N THR G 265 -21.31 28.00 34.97
CA THR G 265 -20.23 27.04 35.15
C THR G 265 -19.29 27.06 33.94
N LEU G 266 -19.86 27.16 32.74
CA LEU G 266 -19.05 27.20 31.53
C LEU G 266 -18.26 28.51 31.44
N ILE G 267 -18.89 29.63 31.77
CA ILE G 267 -18.21 30.92 31.75
C ILE G 267 -17.10 30.95 32.79
N LEU G 268 -17.34 30.34 33.97
CA LEU G 268 -16.30 30.22 34.98
C LEU G 268 -15.13 29.37 34.49
N ALA G 269 -15.43 28.25 33.82
CA ALA G 269 -14.37 27.38 33.32
C ALA G 269 -13.52 28.08 32.27
N ASN G 270 -14.16 28.83 31.37
CA ASN G 270 -13.42 29.54 30.33
C ASN G 270 -12.57 30.66 30.91
N ILE G 271 -13.12 31.43 31.87
CA ILE G 271 -12.36 32.54 32.43
C ILE G 271 -11.20 32.03 33.28
N LEU G 272 -11.38 30.88 33.95
CA LEU G 272 -10.28 30.31 34.73
C LEU G 272 -9.18 29.76 33.83
N GLU G 273 -9.54 29.06 32.75
CA GLU G 273 -8.49 28.38 32.00
C GLU G 273 -7.87 29.29 30.94
N ALA G 274 -8.52 30.41 30.62
CA ALA G 274 -8.12 31.23 29.50
C ALA G 274 -7.05 32.27 29.85
N CYS G 275 -6.30 32.07 30.91
CA CYS G 275 -5.23 32.98 31.27
C CYS G 275 -4.08 32.24 31.97
N MET H 5 -8.61 -56.18 6.82
CA MET H 5 -8.45 -54.74 6.70
C MET H 5 -9.18 -54.20 5.47
N ALA H 6 -10.39 -53.69 5.68
CA ALA H 6 -11.21 -53.15 4.61
C ALA H 6 -11.67 -51.74 4.99
N MET H 7 -11.66 -50.84 4.00
CA MET H 7 -12.15 -49.47 4.18
C MET H 7 -13.33 -49.25 3.26
N GLU H 8 -14.17 -48.29 3.59
CA GLU H 8 -15.39 -48.03 2.83
C GLU H 8 -15.55 -46.54 2.62
N MET H 9 -15.83 -46.15 1.38
CA MET H 9 -16.27 -44.78 1.09
C MET H 9 -17.64 -44.82 0.45
N ARG H 10 -18.39 -43.75 0.62
CA ARG H 10 -19.73 -43.63 0.06
C ARG H 10 -19.96 -42.18 -0.35
N LEU H 11 -20.92 -41.99 -1.25
CA LEU H 11 -21.39 -40.68 -1.60
C LEU H 11 -22.14 -40.11 -0.41
N PRO H 12 -22.02 -38.81 -0.15
CA PRO H 12 -22.78 -38.23 0.98
C PRO H 12 -24.27 -38.14 0.68
N VAL H 13 -25.06 -38.80 1.52
CA VAL H 13 -26.50 -38.86 1.34
C VAL H 13 -27.12 -37.55 1.80
N ALA H 14 -28.01 -37.01 0.98
CA ALA H 14 -28.69 -35.77 1.33
C ALA H 14 -29.73 -36.06 2.39
N ARG H 15 -29.86 -35.16 3.35
CA ARG H 15 -30.82 -35.32 4.45
C ARG H 15 -32.28 -35.25 3.98
N LYS H 16 -33.13 -36.05 4.60
CA LYS H 16 -34.55 -36.04 4.26
C LYS H 16 -35.34 -35.38 5.39
N PRO H 17 -36.39 -34.64 5.03
CA PRO H 17 -37.22 -33.95 6.03
C PRO H 17 -37.88 -34.93 7.00
N LEU H 18 -38.36 -36.05 6.47
CA LEU H 18 -38.99 -37.11 7.25
C LEU H 18 -40.15 -36.63 8.12
N SER H 19 -40.99 -35.78 7.56
CA SER H 19 -42.17 -35.25 8.25
C SER H 19 -41.83 -34.69 9.63
N GLY H 23 -45.43 -37.31 11.08
CA GLY H 23 -46.47 -36.41 11.55
C GLY H 23 -46.08 -35.73 12.85
N ARG H 24 -45.89 -34.41 12.81
CA ARG H 24 -45.46 -33.71 14.01
C ARG H 24 -46.44 -33.70 15.20
N ASP H 25 -47.71 -33.42 14.94
CA ASP H 25 -48.74 -33.41 15.99
C ASP H 25 -48.35 -32.54 17.21
N THR H 26 -47.81 -31.35 16.97
CA THR H 26 -47.41 -30.50 18.11
C THR H 26 -48.06 -29.13 18.14
N LYS H 27 -48.59 -28.77 19.29
CA LYS H 27 -49.24 -27.48 19.49
C LYS H 27 -48.41 -26.52 20.35
N LYS H 28 -47.15 -26.87 20.61
CA LYS H 28 -46.30 -26.00 21.43
C LYS H 28 -46.18 -24.67 20.73
N HIS H 29 -46.26 -23.58 21.48
CA HIS H 29 -46.21 -22.29 20.81
C HIS H 29 -44.76 -21.84 20.67
N LEU H 30 -44.42 -21.36 19.48
CA LEU H 30 -43.04 -21.19 19.05
C LEU H 30 -42.78 -19.74 18.71
N VAL H 31 -41.64 -19.21 19.14
CA VAL H 31 -41.26 -17.84 18.84
C VAL H 31 -39.83 -17.80 18.31
N VAL H 32 -39.57 -16.77 17.51
CA VAL H 32 -38.24 -16.40 17.04
C VAL H 32 -37.96 -15.03 17.64
N PRO H 33 -36.70 -14.60 17.76
CA PRO H 33 -36.43 -13.31 18.40
C PRO H 33 -36.93 -12.15 17.56
N GLY H 34 -37.54 -11.19 18.25
CA GLY H 34 -38.09 -10.02 17.61
C GLY H 34 -39.59 -9.91 17.65
N ASP H 35 -40.31 -11.04 17.75
CA ASP H 35 -41.76 -10.97 17.77
C ASP H 35 -42.29 -10.82 19.19
N THR H 36 -43.60 -10.65 19.29
CA THR H 36 -44.23 -10.17 20.51
C THR H 36 -44.91 -11.32 21.24
N ILE H 37 -44.63 -11.44 22.53
CA ILE H 37 -45.37 -12.34 23.38
C ILE H 37 -46.72 -11.72 23.73
N THR H 38 -47.76 -12.54 23.70
CA THR H 38 -49.11 -12.10 24.04
C THR H 38 -49.18 -11.69 25.50
N THR H 39 -49.56 -10.43 25.74
CA THR H 39 -49.51 -9.84 27.07
C THR H 39 -50.89 -9.90 27.72
N ASP H 40 -50.99 -10.75 28.74
CA ASP H 40 -52.06 -10.66 29.72
C ASP H 40 -51.50 -10.00 30.97
N THR H 41 -52.27 -9.08 31.55
CA THR H 41 -51.77 -8.31 32.67
C THR H 41 -51.70 -9.18 33.93
N GLY H 42 -50.59 -9.06 34.64
CA GLY H 42 -50.31 -9.94 35.76
C GLY H 42 -49.24 -10.96 35.47
N PHE H 43 -48.38 -10.72 34.48
CA PHE H 43 -47.19 -11.53 34.31
C PHE H 43 -46.04 -10.86 35.05
N MET H 44 -45.11 -11.66 35.57
CA MET H 44 -43.99 -11.05 36.29
C MET H 44 -42.90 -10.61 35.34
N ARG H 45 -42.21 -11.56 34.71
CA ARG H 45 -40.99 -11.36 33.95
C ARG H 45 -40.60 -12.75 33.43
N GLY H 46 -39.54 -12.85 32.65
CA GLY H 46 -39.02 -14.16 32.31
C GLY H 46 -37.56 -14.05 31.90
N HIS H 47 -36.90 -15.20 31.88
CA HIS H 47 -35.55 -15.24 31.32
C HIS H 47 -35.58 -15.79 29.90
N GLY H 48 -34.81 -15.17 29.02
CA GLY H 48 -34.88 -15.50 27.62
C GLY H 48 -35.84 -14.57 26.90
N THR H 49 -35.99 -13.36 27.41
CA THR H 49 -36.88 -12.35 26.87
C THR H 49 -36.47 -11.00 27.45
N TYR H 50 -37.12 -9.94 26.99
CA TYR H 50 -36.78 -8.61 27.49
C TYR H 50 -37.99 -7.70 27.37
N MET H 51 -37.85 -6.51 27.96
CA MET H 51 -38.84 -5.43 27.92
C MET H 51 -38.48 -4.48 26.79
N GLY H 52 -39.43 -4.26 25.89
CA GLY H 52 -39.23 -3.28 24.84
C GLY H 52 -40.48 -2.48 24.53
N GLU H 53 -40.40 -1.15 24.67
CA GLU H 53 -41.47 -0.20 24.37
C GLU H 53 -42.74 -0.52 25.16
N GLU H 54 -42.53 -0.95 26.41
CA GLU H 54 -43.56 -1.56 27.27
C GLU H 54 -44.28 -2.69 26.54
N LYS H 55 -43.52 -3.69 26.13
CA LYS H 55 -44.05 -4.88 25.49
C LYS H 55 -43.03 -6.00 25.61
N LEU H 56 -43.50 -7.16 26.05
CA LEU H 56 -42.64 -8.33 26.28
C LEU H 56 -42.20 -8.89 24.93
N ILE H 57 -40.91 -8.82 24.63
CA ILE H 57 -40.37 -9.29 23.37
C ILE H 57 -39.43 -10.45 23.65
N ALA H 58 -39.69 -11.59 23.02
CA ALA H 58 -38.83 -12.75 23.19
C ALA H 58 -37.50 -12.54 22.47
N SER H 59 -36.48 -13.23 22.94
CA SER H 59 -35.14 -12.95 22.49
C SER H 59 -34.34 -14.16 22.04
N VAL H 60 -34.86 -15.37 22.17
CA VAL H 60 -34.17 -16.56 21.69
C VAL H 60 -35.20 -17.47 21.03
N ALA H 61 -34.84 -18.03 19.87
CA ALA H 61 -35.78 -18.87 19.14
C ALA H 61 -36.00 -20.18 19.87
N GLY H 62 -37.26 -20.58 19.94
CA GLY H 62 -37.61 -21.81 20.64
C GLY H 62 -39.09 -21.83 20.96
N SER H 63 -39.39 -22.54 22.05
CA SER H 63 -40.78 -22.64 22.49
C SER H 63 -41.04 -21.70 23.65
N VAL H 64 -42.30 -21.55 24.02
CA VAL H 64 -42.69 -20.70 25.14
C VAL H 64 -43.18 -21.60 26.27
N GLU H 65 -42.97 -21.17 27.52
CA GLU H 65 -43.52 -21.82 28.70
C GLU H 65 -44.26 -20.78 29.54
N ARG H 66 -45.44 -21.16 30.01
CA ARG H 66 -46.26 -20.28 30.84
C ARG H 66 -46.52 -20.94 32.18
N VAL H 67 -46.17 -20.24 33.25
CA VAL H 67 -46.52 -20.60 34.61
C VAL H 67 -47.61 -19.59 34.97
N ASN H 68 -48.24 -19.72 36.15
CA ASN H 68 -49.31 -18.81 36.56
C ASN H 68 -48.83 -17.37 36.68
N LYS H 69 -47.55 -17.17 36.97
CA LYS H 69 -46.97 -15.83 37.05
C LYS H 69 -45.78 -15.67 36.11
N LEU H 70 -45.11 -16.76 35.76
CA LEU H 70 -43.86 -16.72 35.01
C LEU H 70 -44.13 -17.09 33.56
N ILE H 71 -43.59 -16.28 32.65
CA ILE H 71 -43.65 -16.57 31.22
C ILE H 71 -42.23 -16.46 30.67
N CYS H 72 -41.71 -17.58 30.17
CA CYS H 72 -40.33 -17.61 29.70
C CYS H 72 -40.26 -18.30 28.34
N VAL H 73 -39.10 -18.18 27.71
CA VAL H 73 -38.84 -18.83 26.43
C VAL H 73 -37.79 -19.90 26.66
N LYS H 74 -38.10 -21.13 26.28
CA LYS H 74 -37.16 -22.24 26.39
C LYS H 74 -36.52 -22.48 25.03
N ALA H 75 -35.20 -22.38 24.98
CA ALA H 75 -34.46 -22.60 23.75
C ALA H 75 -34.20 -24.08 23.55
N LEU H 76 -33.46 -24.38 22.49
CA LEU H 76 -33.15 -25.77 22.18
C LEU H 76 -31.68 -26.12 22.39
N LYS H 77 -30.76 -25.18 22.27
CA LYS H 77 -29.34 -25.45 22.47
C LYS H 77 -28.72 -24.28 23.22
N THR H 78 -28.61 -24.40 24.54
CA THR H 78 -27.90 -23.41 25.32
C THR H 78 -26.76 -24.09 26.03
N ARG H 79 -25.90 -23.29 26.65
CA ARG H 79 -24.91 -23.86 27.55
C ARG H 79 -25.55 -23.99 28.93
N TYR H 80 -24.86 -24.71 29.83
CA TYR H 80 -25.46 -25.07 31.11
C TYR H 80 -25.65 -23.87 32.01
N ILE H 81 -26.83 -23.79 32.63
CA ILE H 81 -27.21 -22.69 33.50
C ILE H 81 -27.14 -23.19 34.92
N GLY H 82 -26.64 -22.35 35.83
CA GLY H 82 -26.53 -22.70 37.23
C GLY H 82 -27.84 -22.97 37.94
N GLU H 83 -27.99 -24.18 38.43
CA GLU H 83 -29.18 -24.62 39.15
C GLU H 83 -28.73 -25.24 40.46
N VAL H 84 -29.58 -25.14 41.48
CA VAL H 84 -29.14 -25.39 42.86
C VAL H 84 -28.89 -26.87 43.11
N GLY H 85 -29.90 -27.70 42.94
CA GLY H 85 -29.83 -29.08 43.37
C GLY H 85 -29.25 -30.07 42.39
N ASP H 86 -28.55 -29.62 41.36
CA ASP H 86 -28.11 -30.53 40.31
C ASP H 86 -26.75 -31.13 40.60
N ILE H 87 -26.56 -32.37 40.14
CA ILE H 87 -25.26 -33.03 40.13
C ILE H 87 -24.59 -32.77 38.79
N VAL H 88 -23.27 -32.69 38.79
CA VAL H 88 -22.53 -32.22 37.63
C VAL H 88 -21.20 -32.95 37.56
N VAL H 89 -20.70 -33.11 36.33
CA VAL H 89 -19.38 -33.65 36.05
C VAL H 89 -18.56 -32.51 35.45
N GLY H 90 -17.28 -32.44 35.82
CA GLY H 90 -16.44 -31.36 35.32
C GLY H 90 -14.98 -31.73 35.18
N ARG H 91 -14.24 -30.92 34.42
CA ARG H 91 -12.83 -31.17 34.17
C ARG H 91 -11.99 -30.07 34.80
N ILE H 92 -10.92 -30.44 35.48
CA ILE H 92 -10.12 -29.44 36.20
C ILE H 92 -9.14 -28.77 35.24
N THR H 93 -9.08 -27.44 35.30
CA THR H 93 -8.18 -26.72 34.39
C THR H 93 -6.96 -26.17 35.11
N GLU H 94 -7.17 -25.36 36.14
CA GLU H 94 -6.06 -24.69 36.79
C GLU H 94 -6.10 -24.98 38.27
N VAL H 95 -4.95 -24.85 38.92
CA VAL H 95 -4.81 -25.06 40.35
C VAL H 95 -4.39 -23.72 40.95
N GLN H 96 -5.36 -22.93 41.38
CA GLN H 96 -5.06 -21.69 42.05
C GLN H 96 -4.83 -21.92 43.54
N GLN H 97 -4.65 -20.83 44.28
CA GLN H 97 -4.10 -20.92 45.63
C GLN H 97 -5.13 -21.48 46.61
N LYS H 98 -6.36 -20.96 46.60
CA LYS H 98 -7.34 -21.41 47.58
C LYS H 98 -8.43 -22.27 46.96
N ARG H 99 -8.44 -22.40 45.64
CA ARG H 99 -9.57 -23.04 44.96
C ARG H 99 -9.09 -23.63 43.64
N TRP H 100 -9.90 -24.50 43.06
CA TRP H 100 -9.68 -25.03 41.72
C TRP H 100 -10.67 -24.40 40.74
N LYS H 101 -10.25 -24.36 39.47
CA LYS H 101 -11.11 -23.92 38.39
C LYS H 101 -11.60 -25.16 37.66
N VAL H 102 -12.92 -25.33 37.59
CA VAL H 102 -13.52 -26.49 36.95
C VAL H 102 -14.29 -26.01 35.73
N GLU H 103 -14.03 -26.66 34.60
CA GLU H 103 -14.68 -26.35 33.34
C GLU H 103 -15.79 -27.36 33.13
N THR H 104 -17.00 -26.86 33.00
CA THR H 104 -18.15 -27.57 32.45
C THR H 104 -18.59 -26.82 31.22
N ASN H 105 -19.77 -27.18 30.69
CA ASN H 105 -20.33 -26.43 29.57
C ASN H 105 -21.24 -25.32 30.09
N SER H 106 -20.71 -24.53 31.01
CA SER H 106 -21.39 -23.36 31.52
C SER H 106 -20.74 -22.13 30.91
N ARG H 107 -21.32 -20.96 31.18
CA ARG H 107 -20.84 -19.76 30.50
C ARG H 107 -19.56 -19.25 31.13
N LEU H 108 -19.23 -19.70 32.32
CA LEU H 108 -17.93 -19.47 32.91
C LEU H 108 -17.39 -20.78 33.45
N ASP H 109 -16.08 -20.85 33.63
CA ASP H 109 -15.49 -21.97 34.32
C ASP H 109 -15.88 -21.95 35.79
N SER H 110 -16.39 -23.07 36.28
CA SER H 110 -16.91 -23.12 37.64
C SER H 110 -15.77 -23.17 38.65
N VAL H 111 -16.05 -22.71 39.85
CA VAL H 111 -15.06 -22.59 40.90
C VAL H 111 -15.38 -23.57 42.01
N LEU H 112 -14.35 -24.21 42.53
CA LEU H 112 -14.50 -25.19 43.61
C LEU H 112 -13.55 -24.77 44.74
N LEU H 113 -14.10 -24.25 45.82
CA LEU H 113 -13.29 -23.84 46.95
C LEU H 113 -12.75 -25.06 47.68
N LEU H 114 -11.62 -24.86 48.37
CA LEU H 114 -11.00 -25.98 49.08
C LEU H 114 -11.78 -26.36 50.33
N SER H 115 -12.60 -25.43 50.83
CA SER H 115 -13.34 -25.66 52.08
C SER H 115 -14.47 -26.67 51.92
N SER H 116 -14.84 -27.01 50.69
CA SER H 116 -15.90 -27.99 50.49
C SER H 116 -15.35 -29.41 50.34
N MET H 117 -14.09 -29.54 49.93
CA MET H 117 -13.51 -30.84 49.64
C MET H 117 -13.21 -31.63 50.91
N ASN H 118 -13.84 -32.80 51.06
CA ASN H 118 -13.55 -33.67 52.18
C ASN H 118 -12.32 -34.52 51.90
N LEU H 119 -11.31 -34.40 52.75
CA LEU H 119 -10.07 -35.15 52.56
C LEU H 119 -10.13 -36.50 53.27
N ALA H 129 1.30 -23.56 55.27
CA ALA H 129 0.14 -24.30 55.75
C ALA H 129 0.24 -25.78 55.36
N GLU H 130 -0.65 -26.59 55.94
CA GLU H 130 -0.65 -28.02 55.63
C GLU H 130 -1.40 -28.29 54.33
N ASP H 131 -2.12 -27.30 53.82
CA ASP H 131 -3.00 -27.54 52.67
C ASP H 131 -2.39 -27.06 51.37
N GLU H 132 -1.51 -26.05 51.43
CA GLU H 132 -1.18 -25.24 50.26
C GLU H 132 -0.38 -26.02 49.21
N LEU H 133 0.74 -26.62 49.61
CA LEU H 133 1.55 -27.34 48.64
C LEU H 133 1.04 -28.76 48.43
N ALA H 134 0.30 -29.30 49.40
CA ALA H 134 -0.20 -30.66 49.28
C ALA H 134 -1.51 -30.69 48.50
N MET H 135 -2.08 -29.52 48.21
CA MET H 135 -3.28 -29.37 47.40
C MET H 135 -3.14 -29.92 45.98
N ARG H 136 -1.96 -29.79 45.42
CA ARG H 136 -1.65 -30.29 44.09
C ARG H 136 -1.66 -31.80 43.99
N GLY H 137 -1.33 -32.48 45.08
CA GLY H 137 -1.02 -33.91 44.99
C GLY H 137 -2.25 -34.79 44.85
N PHE H 138 -3.28 -34.55 45.66
CA PHE H 138 -4.42 -35.45 45.71
C PHE H 138 -5.54 -35.07 44.77
N LEU H 139 -5.36 -34.05 43.93
CA LEU H 139 -6.36 -33.73 42.93
C LEU H 139 -5.62 -33.11 41.73
N GLN H 140 -5.31 -33.97 40.76
CA GLN H 140 -4.40 -33.62 39.68
C GLN H 140 -5.06 -32.67 38.69
N GLU H 141 -4.25 -31.78 38.13
CA GLU H 141 -4.67 -30.92 37.04
C GLU H 141 -5.08 -31.73 35.82
N GLY H 142 -6.37 -31.73 35.49
CA GLY H 142 -6.86 -32.37 34.30
C GLY H 142 -7.66 -33.64 34.53
N ASP H 143 -8.00 -33.97 35.77
CA ASP H 143 -8.84 -35.13 35.99
C ASP H 143 -10.30 -34.77 35.87
N LEU H 144 -11.16 -35.71 36.22
CA LEU H 144 -12.60 -35.57 36.10
C LEU H 144 -13.27 -35.74 37.45
N ILE H 145 -14.03 -34.74 37.89
CA ILE H 145 -14.68 -34.78 39.19
C ILE H 145 -16.18 -34.71 39.00
N SER H 146 -16.93 -35.16 39.99
CA SER H 146 -18.39 -35.08 40.01
C SER H 146 -18.80 -34.50 41.35
N ALA H 147 -19.72 -33.55 41.34
CA ALA H 147 -20.13 -32.91 42.58
C ALA H 147 -21.53 -32.35 42.47
N GLU H 148 -22.10 -32.04 43.64
CA GLU H 148 -23.33 -31.27 43.69
C GLU H 148 -23.01 -29.79 43.62
N VAL H 149 -24.02 -29.00 43.27
CA VAL H 149 -23.88 -27.56 43.13
C VAL H 149 -24.20 -26.93 44.48
N GLN H 150 -23.24 -26.19 45.05
CA GLN H 150 -23.49 -25.56 46.34
C GLN H 150 -24.38 -24.34 46.20
N ALA H 151 -23.91 -23.32 45.48
CA ALA H 151 -24.66 -22.10 45.29
C ALA H 151 -24.19 -21.43 44.01
N VAL H 152 -24.75 -20.27 43.73
CA VAL H 152 -24.46 -19.49 42.54
C VAL H 152 -23.94 -18.13 42.98
N PHE H 153 -22.81 -17.70 42.42
CA PHE H 153 -22.31 -16.36 42.68
C PHE H 153 -23.17 -15.30 42.03
N SER H 154 -22.78 -14.04 42.23
CA SER H 154 -23.61 -12.92 41.81
C SER H 154 -23.57 -12.72 40.30
N ASP H 155 -22.40 -12.88 39.68
CA ASP H 155 -22.24 -12.64 38.26
C ASP H 155 -22.70 -13.81 37.40
N GLY H 156 -23.17 -14.90 37.99
CA GLY H 156 -23.57 -16.06 37.24
C GLY H 156 -22.59 -17.20 37.26
N ALA H 157 -21.45 -17.05 37.91
CA ALA H 157 -20.53 -18.17 38.09
C ALA H 157 -21.14 -19.17 39.06
N VAL H 158 -20.88 -20.45 38.82
CA VAL H 158 -21.49 -21.54 39.57
C VAL H 158 -20.43 -22.17 40.46
N SER H 159 -20.80 -22.40 41.72
CA SER H 159 -19.92 -22.98 42.73
C SER H 159 -20.46 -24.33 43.17
N LEU H 160 -19.57 -25.31 43.28
CA LEU H 160 -19.95 -26.70 43.47
C LEU H 160 -19.20 -27.28 44.66
N HIS H 161 -19.81 -28.26 45.33
CA HIS H 161 -19.30 -28.79 46.59
C HIS H 161 -19.48 -30.31 46.63
N THR H 162 -18.46 -31.01 47.11
CA THR H 162 -18.53 -32.46 47.31
C THR H 162 -18.96 -32.70 48.76
N ARG H 163 -20.26 -32.95 48.94
CA ARG H 163 -20.78 -33.20 50.27
C ARG H 163 -20.48 -34.62 50.73
N SER H 164 -21.03 -35.61 50.03
CA SER H 164 -20.92 -36.98 50.49
C SER H 164 -19.84 -37.73 49.71
N LEU H 165 -19.61 -38.98 50.11
CA LEU H 165 -18.47 -39.72 49.58
C LEU H 165 -18.82 -40.47 48.30
N LYS H 166 -20.07 -40.35 47.84
CA LYS H 166 -20.39 -40.88 46.52
C LYS H 166 -19.85 -39.96 45.43
N TYR H 167 -19.55 -38.71 45.79
CA TYR H 167 -18.85 -37.80 44.89
C TYR H 167 -17.35 -37.99 45.05
N GLY H 168 -16.58 -37.36 44.19
CA GLY H 168 -15.13 -37.37 44.32
C GLY H 168 -14.46 -37.50 42.98
N LYS H 169 -13.17 -37.81 43.01
CA LYS H 169 -12.43 -38.02 41.78
C LYS H 169 -12.85 -39.35 41.15
N LEU H 170 -13.03 -39.32 39.84
CA LEU H 170 -13.66 -40.43 39.15
C LEU H 170 -12.66 -41.52 38.83
N GLY H 171 -13.16 -42.64 38.34
CA GLY H 171 -12.35 -43.80 38.02
C GLY H 171 -11.63 -43.65 36.70
N GLN H 172 -11.67 -44.67 35.85
CA GLN H 172 -10.99 -44.54 34.57
C GLN H 172 -11.96 -44.32 33.40
N GLY H 173 -12.96 -45.19 33.24
CA GLY H 173 -14.15 -44.99 32.41
C GLY H 173 -14.04 -44.39 31.02
N VAL H 174 -15.05 -43.64 30.60
CA VAL H 174 -15.08 -42.93 29.32
C VAL H 174 -16.12 -41.82 29.41
N LEU H 175 -15.87 -40.72 28.70
CA LEU H 175 -16.70 -39.52 28.80
C LEU H 175 -17.25 -39.15 27.43
N VAL H 176 -18.51 -38.69 27.41
CA VAL H 176 -19.16 -38.23 26.20
C VAL H 176 -19.84 -36.89 26.47
N GLN H 177 -19.52 -35.90 25.64
CA GLN H 177 -20.10 -34.56 25.78
C GLN H 177 -21.32 -34.46 24.88
N VAL H 178 -22.45 -34.03 25.45
CA VAL H 178 -23.68 -33.83 24.69
C VAL H 178 -24.17 -32.40 24.92
N SER H 179 -25.26 -32.03 24.28
CA SER H 179 -25.92 -30.79 24.64
C SER H 179 -26.69 -30.97 25.95
N PRO H 180 -26.62 -29.99 26.86
CA PRO H 180 -27.24 -30.16 28.18
C PRO H 180 -28.75 -30.07 28.16
N SER H 181 -29.38 -29.67 27.06
CA SER H 181 -30.83 -29.61 26.99
C SER H 181 -31.44 -30.89 26.45
N LEU H 182 -30.76 -32.02 26.60
CA LEU H 182 -31.30 -33.27 26.07
C LEU H 182 -31.39 -34.35 27.14
N VAL H 183 -31.36 -33.96 28.41
CA VAL H 183 -31.47 -34.91 29.51
C VAL H 183 -32.66 -34.52 30.37
N LYS H 184 -33.30 -35.50 31.00
CA LYS H 184 -34.44 -35.21 31.84
C LYS H 184 -34.01 -34.61 33.17
N ARG H 185 -34.93 -33.85 33.77
CA ARG H 185 -34.79 -33.43 35.15
C ARG H 185 -35.50 -34.47 36.03
N GLN H 186 -34.86 -35.63 36.12
CA GLN H 186 -35.41 -36.76 36.86
C GLN H 186 -34.41 -37.19 37.92
N LYS H 187 -34.92 -37.55 39.10
CA LYS H 187 -34.08 -37.84 40.24
C LYS H 187 -33.37 -39.19 40.06
N THR H 188 -32.39 -39.42 40.93
CA THR H 188 -31.52 -40.61 40.96
C THR H 188 -30.84 -40.81 39.60
N HIS H 189 -29.96 -39.87 39.28
CA HIS H 189 -29.25 -39.92 38.00
C HIS H 189 -28.26 -41.07 37.97
N PHE H 190 -27.75 -41.48 39.12
CA PHE H 190 -26.80 -42.57 39.18
C PHE H 190 -27.52 -43.88 38.88
N HIS H 191 -27.25 -44.44 37.71
CA HIS H 191 -27.85 -45.69 37.29
C HIS H 191 -26.77 -46.74 37.11
N ASP H 192 -26.87 -47.82 37.87
CA ASP H 192 -26.06 -49.01 37.67
C ASP H 192 -26.94 -50.05 36.98
N LEU H 193 -26.75 -50.19 35.69
CA LEU H 193 -27.59 -51.03 34.84
C LEU H 193 -27.32 -52.50 35.14
N PRO H 194 -28.26 -53.39 34.79
CA PRO H 194 -27.96 -54.82 34.95
C PRO H 194 -27.03 -55.38 33.88
N CYS H 195 -26.61 -54.54 32.93
CA CYS H 195 -25.68 -55.00 31.90
C CYS H 195 -24.28 -55.20 32.45
N GLY H 196 -23.90 -54.44 33.47
CA GLY H 196 -22.58 -54.52 34.05
C GLY H 196 -21.81 -53.22 34.09
N ALA H 197 -22.44 -52.09 33.77
CA ALA H 197 -21.77 -50.81 33.72
C ALA H 197 -22.63 -49.76 34.41
N SER H 198 -21.99 -48.88 35.18
CA SER H 198 -22.68 -47.77 35.82
C SER H 198 -22.46 -46.50 35.02
N VAL H 199 -23.45 -45.61 35.09
CA VAL H 199 -23.45 -44.41 34.28
C VAL H 199 -23.85 -43.23 35.15
N ILE H 200 -23.21 -42.10 34.93
CA ILE H 200 -23.57 -40.83 35.54
C ILE H 200 -24.12 -39.93 34.45
N LEU H 201 -25.37 -39.52 34.60
CA LEU H 201 -26.05 -38.63 33.67
C LEU H 201 -26.04 -37.25 34.31
N GLY H 202 -25.03 -36.45 33.98
CA GLY H 202 -24.92 -35.14 34.57
C GLY H 202 -26.01 -34.21 34.09
N ASN H 203 -26.32 -33.20 34.90
CA ASN H 203 -27.33 -32.24 34.52
C ASN H 203 -26.80 -31.22 33.53
N ASN H 204 -25.49 -31.15 33.36
CA ASN H 204 -24.93 -30.49 32.19
C ASN H 204 -24.81 -31.52 31.07
N GLY H 205 -24.04 -31.19 30.04
CA GLY H 205 -23.96 -32.07 28.90
C GLY H 205 -22.92 -33.17 28.97
N PHE H 206 -22.63 -33.69 30.15
CA PHE H 206 -21.64 -34.76 30.29
C PHE H 206 -22.36 -36.07 30.61
N ILE H 207 -21.92 -37.15 29.98
CA ILE H 207 -22.28 -38.50 30.38
C ILE H 207 -21.00 -39.28 30.65
N TRP H 208 -20.93 -39.87 31.83
CA TRP H 208 -19.76 -40.65 32.25
C TRP H 208 -20.13 -42.11 32.36
N ILE H 209 -19.31 -42.99 31.80
CA ILE H 209 -19.56 -44.43 31.82
C ILE H 209 -18.38 -45.10 32.48
N TYR H 210 -18.63 -45.90 33.51
CA TYR H 210 -17.57 -46.54 34.26
C TYR H 210 -18.02 -47.92 34.69
N PRO H 211 -17.12 -48.89 34.77
CA PRO H 211 -17.53 -50.24 35.15
C PRO H 211 -17.90 -50.31 36.63
N THR H 212 -18.83 -51.19 36.96
CA THR H 212 -19.37 -51.20 38.31
C THR H 212 -18.40 -51.88 39.28
N PRO H 213 -18.20 -51.32 40.46
CA PRO H 213 -17.34 -51.97 41.45
C PRO H 213 -18.14 -52.88 42.38
N GLU H 214 -17.54 -53.99 42.81
CA GLU H 214 -18.27 -54.92 43.67
C GLU H 214 -17.94 -54.70 45.14
N HIS H 215 -16.89 -53.92 45.43
CA HIS H 215 -16.46 -53.74 46.81
C HIS H 215 -17.42 -52.87 47.59
N LYS H 216 -17.94 -51.81 46.95
CA LYS H 216 -18.92 -50.87 47.50
C LYS H 216 -18.52 -50.23 48.84
N PHE H 223 -10.70 -40.73 47.09
CA PHE H 223 -10.71 -42.16 46.79
C PHE H 223 -9.36 -42.62 46.26
N ILE H 224 -9.27 -43.90 45.90
CA ILE H 224 -8.05 -44.51 45.40
C ILE H 224 -8.28 -44.91 43.94
N ALA H 225 -7.22 -44.87 43.14
CA ALA H 225 -7.30 -45.15 41.72
C ALA H 225 -7.06 -46.63 41.46
N ASN H 226 -8.13 -47.36 41.20
CA ASN H 226 -8.04 -48.79 40.92
C ASN H 226 -7.62 -48.95 39.47
N LEU H 227 -6.31 -48.96 39.23
CA LEU H 227 -5.76 -48.95 37.89
C LEU H 227 -5.51 -50.34 37.34
N GLU H 228 -6.24 -51.34 37.84
CA GLU H 228 -6.15 -52.68 37.27
C GLU H 228 -6.87 -52.70 35.92
N PRO H 229 -6.45 -53.57 35.00
CA PRO H 229 -7.13 -53.63 33.71
C PRO H 229 -8.52 -54.24 33.83
N VAL H 230 -9.49 -53.63 33.16
CA VAL H 230 -10.84 -54.15 33.17
C VAL H 230 -10.95 -55.28 32.14
N SER H 231 -11.72 -56.32 32.50
CA SER H 231 -11.91 -57.48 31.64
C SER H 231 -12.65 -57.12 30.36
N LEU H 232 -12.60 -58.05 29.40
CA LEU H 232 -12.94 -57.72 28.02
C LEU H 232 -14.45 -57.57 27.82
N ALA H 233 -15.23 -58.44 28.47
CA ALA H 233 -16.69 -58.36 28.30
C ALA H 233 -17.24 -57.11 28.94
N ASP H 234 -16.66 -56.71 30.07
CA ASP H 234 -17.06 -55.46 30.72
C ASP H 234 -16.73 -54.27 29.83
N ARG H 235 -15.57 -54.29 29.18
CA ARG H 235 -15.19 -53.23 28.26
C ARG H 235 -16.12 -53.16 27.06
N GLU H 236 -16.52 -54.31 26.52
CA GLU H 236 -17.35 -54.27 25.33
C GLU H 236 -18.77 -53.83 25.67
N VAL H 237 -19.25 -54.12 26.88
CA VAL H 237 -20.54 -53.59 27.31
C VAL H 237 -20.48 -52.07 27.50
N ILE H 238 -19.37 -51.60 28.09
CA ILE H 238 -19.14 -50.16 28.25
C ILE H 238 -19.13 -49.46 26.90
N SER H 239 -18.49 -50.06 25.91
CA SER H 239 -18.42 -49.42 24.60
C SER H 239 -19.69 -49.62 23.78
N ARG H 240 -20.56 -50.55 24.17
CA ARG H 240 -21.85 -50.59 23.51
C ARG H 240 -22.78 -49.50 24.03
N LEU H 241 -22.66 -49.15 25.31
CA LEU H 241 -23.51 -48.08 25.84
C LEU H 241 -23.14 -46.73 25.22
N ARG H 242 -21.84 -46.51 24.98
CA ARG H 242 -21.35 -45.23 24.51
C ARG H 242 -21.87 -44.91 23.12
N ASN H 243 -21.84 -45.89 22.22
CA ASN H 243 -22.29 -45.68 20.86
C ASN H 243 -23.79 -45.49 20.80
N CYS H 244 -24.54 -46.12 21.68
CA CYS H 244 -25.98 -45.91 21.73
C CYS H 244 -26.31 -44.50 22.23
N ILE H 245 -25.53 -43.99 23.18
CA ILE H 245 -25.72 -42.62 23.65
C ILE H 245 -25.41 -41.62 22.54
N ILE H 246 -24.35 -41.88 21.77
CA ILE H 246 -24.02 -41.06 20.60
C ILE H 246 -25.16 -41.07 19.59
N SER H 247 -25.74 -42.24 19.33
CA SER H 247 -26.81 -42.37 18.34
C SER H 247 -28.08 -41.65 18.80
N LEU H 248 -28.38 -41.72 20.11
CA LEU H 248 -29.53 -41.03 20.66
C LEU H 248 -29.40 -39.52 20.56
N VAL H 249 -28.21 -39.00 20.90
CA VAL H 249 -28.04 -37.55 20.86
C VAL H 249 -27.95 -37.06 19.42
N THR H 250 -27.48 -37.92 18.52
CA THR H 250 -27.49 -37.58 17.10
C THR H 250 -28.91 -37.50 16.55
N GLN H 251 -29.78 -38.46 16.88
CA GLN H 251 -31.15 -38.44 16.41
C GLN H 251 -32.06 -37.54 17.23
N ARG H 252 -31.51 -36.78 18.19
CA ARG H 252 -32.20 -35.69 18.90
C ARG H 252 -33.42 -36.18 19.68
N MET H 253 -33.19 -37.11 20.60
CA MET H 253 -34.23 -37.63 21.47
C MET H 253 -33.76 -37.47 22.91
N MET H 254 -34.70 -37.50 23.86
CA MET H 254 -34.36 -37.36 25.27
C MET H 254 -33.57 -38.57 25.74
N LEU H 255 -32.77 -38.35 26.79
CA LEU H 255 -31.78 -39.30 27.25
C LEU H 255 -32.05 -39.65 28.70
N TYR H 256 -32.54 -40.86 28.94
CA TYR H 256 -32.80 -41.33 30.29
C TYR H 256 -32.75 -42.85 30.31
N ASP H 257 -32.97 -43.42 31.49
CA ASP H 257 -32.46 -44.75 31.81
C ASP H 257 -33.14 -45.85 31.00
N THR H 258 -34.46 -45.80 30.90
CA THR H 258 -35.18 -46.83 30.16
C THR H 258 -34.90 -46.70 28.66
N SER H 259 -34.65 -45.48 28.19
CA SER H 259 -34.26 -45.29 26.80
C SER H 259 -32.91 -45.93 26.50
N ILE H 260 -31.97 -45.80 27.45
CA ILE H 260 -30.66 -46.42 27.28
C ILE H 260 -30.78 -47.94 27.32
N LEU H 261 -31.68 -48.46 28.16
CA LEU H 261 -31.89 -49.91 28.23
C LEU H 261 -32.50 -50.45 26.94
N TYR H 262 -33.49 -49.77 26.38
CA TYR H 262 -34.08 -50.23 25.13
C TYR H 262 -33.12 -50.05 23.96
N CYS H 263 -32.22 -49.06 24.05
CA CYS H 263 -31.19 -48.94 23.02
C CYS H 263 -30.18 -50.07 23.11
N TYR H 264 -29.86 -50.51 24.33
CA TYR H 264 -28.98 -51.65 24.50
C TYR H 264 -29.61 -52.93 23.93
N GLU H 265 -30.91 -53.12 24.23
CA GLU H 265 -31.64 -54.26 23.70
C GLU H 265 -31.74 -54.23 22.17
N ALA H 266 -31.93 -53.04 21.61
CA ALA H 266 -31.96 -52.92 20.16
C ALA H 266 -30.57 -53.05 19.55
N SER H 267 -29.53 -52.78 20.35
CA SER H 267 -28.18 -52.87 19.83
C SER H 267 -27.67 -54.30 19.83
N LEU H 268 -28.22 -55.15 20.71
CA LEU H 268 -27.79 -56.55 20.80
C LEU H 268 -27.73 -57.37 19.51
N PRO H 269 -28.60 -57.19 18.49
CA PRO H 269 -28.38 -57.97 17.26
C PRO H 269 -27.15 -57.60 16.46
N HIS H 270 -26.78 -56.32 16.40
CA HIS H 270 -25.68 -55.89 15.55
C HIS H 270 -24.37 -55.87 16.32
N GLN H 271 -23.28 -56.09 15.60
CA GLN H 271 -21.97 -55.97 16.21
C GLN H 271 -21.62 -54.49 16.39
N ILE H 272 -20.60 -54.24 17.21
CA ILE H 272 -20.47 -52.94 17.86
C ILE H 272 -19.97 -51.87 16.89
N LYS H 273 -19.14 -52.27 15.91
CA LYS H 273 -18.50 -51.29 15.03
C LYS H 273 -19.50 -50.69 14.06
N ASP H 274 -20.54 -51.45 13.72
CA ASP H 274 -21.38 -51.06 12.59
C ASP H 274 -22.52 -50.14 12.97
N ILE H 275 -22.68 -49.77 14.23
CA ILE H 275 -23.94 -49.12 14.59
C ILE H 275 -23.81 -47.62 14.39
N LEU H 276 -22.61 -47.15 14.06
CA LEU H 276 -22.45 -45.76 13.69
C LEU H 276 -22.69 -45.50 12.21
N LYS H 277 -22.89 -46.52 11.41
CA LYS H 277 -23.53 -46.33 10.12
C LYS H 277 -24.95 -45.81 10.35
N PRO H 278 -25.41 -44.88 9.53
CA PRO H 278 -26.65 -44.15 9.87
C PRO H 278 -27.92 -44.98 9.75
N GLU H 279 -27.92 -46.04 8.93
CA GLU H 279 -29.13 -46.84 8.75
C GLU H 279 -29.42 -47.67 10.00
N ILE H 280 -28.36 -48.24 10.59
CA ILE H 280 -28.51 -49.00 11.82
C ILE H 280 -28.93 -48.07 12.95
N MET H 281 -28.41 -46.84 12.94
CA MET H 281 -28.84 -45.82 13.89
C MET H 281 -30.33 -45.51 13.74
N GLU H 282 -30.80 -45.40 12.50
CA GLU H 282 -32.21 -45.11 12.24
C GLU H 282 -33.10 -46.23 12.76
N GLU H 283 -32.72 -47.49 12.50
CA GLU H 283 -33.59 -48.58 12.91
C GLU H 283 -33.57 -48.78 14.43
N ILE H 284 -32.43 -48.52 15.07
CA ILE H 284 -32.34 -48.62 16.53
C ILE H 284 -33.19 -47.54 17.18
N VAL H 285 -33.12 -46.31 16.67
CA VAL H 285 -33.89 -45.22 17.26
C VAL H 285 -35.38 -45.41 17.01
N MET H 286 -35.75 -45.93 15.83
CA MET H 286 -37.16 -46.18 15.55
C MET H 286 -37.73 -47.28 16.45
N GLU H 287 -36.98 -48.37 16.63
CA GLU H 287 -37.45 -49.46 17.47
C GLU H 287 -37.52 -49.04 18.94
N THR H 288 -36.56 -48.22 19.38
CA THR H 288 -36.57 -47.76 20.76
C THR H 288 -37.71 -46.78 21.01
N ARG H 289 -37.97 -45.89 20.07
CA ARG H 289 -39.06 -44.94 20.23
C ARG H 289 -40.41 -45.64 20.19
N GLN H 290 -40.52 -46.70 19.37
CA GLN H 290 -41.75 -47.49 19.33
C GLN H 290 -41.97 -48.21 20.64
N ARG H 291 -40.90 -48.78 21.23
CA ARG H 291 -41.04 -49.48 22.50
C ARG H 291 -41.39 -48.51 23.64
N LEU H 292 -40.75 -47.33 23.64
CA LEU H 292 -41.04 -46.34 24.67
C LEU H 292 -42.46 -45.80 24.54
N LEU H 293 -42.95 -45.67 23.31
CA LEU H 293 -44.31 -45.18 23.12
C LEU H 293 -45.34 -46.24 23.50
N GLU H 294 -45.05 -47.50 23.20
CA GLU H 294 -46.05 -48.54 23.46
C GLU H 294 -46.10 -48.92 24.94
N GLN H 295 -45.00 -48.71 25.67
CA GLN H 295 -45.09 -48.87 27.11
C GLN H 295 -45.26 -47.55 27.83
N GLU H 296 -45.38 -46.45 27.08
CA GLU H 296 -45.69 -45.17 27.72
C GLU H 296 -47.14 -45.15 28.20
N GLY H 297 -48.03 -45.84 27.47
CA GLY H 297 -49.43 -45.88 27.84
C GLY H 297 -50.31 -46.47 26.74
N VAL I 9 40.00 -41.36 39.12
CA VAL I 9 39.09 -40.34 38.59
C VAL I 9 38.74 -40.68 37.14
N ARG I 10 37.48 -40.45 36.77
CA ARG I 10 37.01 -40.68 35.41
C ARG I 10 35.86 -39.74 35.11
N TYR I 11 35.76 -39.30 33.86
CA TYR I 11 34.63 -38.52 33.43
C TYR I 11 33.67 -39.40 32.62
N CYS I 12 32.39 -39.05 32.66
CA CYS I 12 31.39 -39.93 32.07
C CYS I 12 30.37 -39.16 31.26
N ILE I 13 29.91 -39.83 30.20
CA ILE I 13 28.89 -39.35 29.28
C ILE I 13 27.60 -40.04 29.69
N PRO I 14 26.45 -39.43 29.38
CA PRO I 14 25.11 -39.85 29.78
C PRO I 14 24.70 -41.23 29.29
N GLY I 15 25.02 -41.60 28.07
CA GLY I 15 24.62 -42.89 27.57
C GLY I 15 25.14 -44.13 28.27
N GLU I 16 26.42 -44.14 28.63
CA GLU I 16 27.01 -45.32 29.27
C GLU I 16 26.60 -45.63 30.72
N ARG I 17 26.39 -46.93 30.97
CA ARG I 17 26.00 -47.43 32.28
C ARG I 17 27.15 -47.39 33.28
N LEU I 18 26.80 -47.42 34.56
CA LEU I 18 27.75 -47.32 35.64
C LEU I 18 27.91 -48.61 36.43
N CYS I 19 26.81 -49.13 36.99
CA CYS I 19 26.86 -50.36 37.77
C CYS I 19 25.46 -50.98 37.86
N ASN I 20 25.33 -52.07 38.60
CA ASN I 20 24.04 -52.68 38.79
C ASN I 20 23.40 -52.19 40.09
N LEU I 21 22.16 -52.62 40.32
CA LEU I 21 21.43 -52.18 41.51
C LEU I 21 21.99 -52.81 42.77
N GLU I 22 22.62 -53.98 42.64
CA GLU I 22 23.22 -54.62 43.80
C GLU I 22 24.50 -53.90 44.23
N GLU I 23 25.19 -53.26 43.28
CA GLU I 23 26.47 -52.64 43.60
C GLU I 23 26.31 -51.18 44.02
N GLY I 24 25.16 -50.57 43.72
CA GLY I 24 25.00 -49.17 44.07
C GLY I 24 23.55 -48.75 44.07
N SER I 25 23.33 -47.52 44.53
CA SER I 25 22.00 -46.93 44.61
C SER I 25 21.95 -45.63 43.82
N PRO I 26 20.88 -45.36 43.09
CA PRO I 26 20.80 -44.11 42.32
C PRO I 26 20.51 -42.92 43.23
N GLY I 27 21.49 -42.02 43.32
CA GLY I 27 21.36 -40.90 44.23
C GLY I 27 21.06 -39.55 43.62
N SER I 28 21.75 -39.15 42.54
CA SER I 28 21.59 -37.81 42.00
C SER I 28 22.13 -37.71 40.58
N GLY I 29 21.38 -37.04 39.70
CA GLY I 29 21.84 -36.81 38.35
C GLY I 29 21.97 -38.05 37.50
N THR I 30 21.25 -39.11 37.85
CA THR I 30 21.29 -40.37 37.11
C THR I 30 19.86 -40.82 36.87
N TYR I 31 19.72 -41.99 36.26
CA TYR I 31 18.41 -42.63 36.20
C TYR I 31 18.61 -44.14 36.20
N THR I 32 17.49 -44.85 36.31
CA THR I 32 17.49 -46.28 36.57
C THR I 32 16.69 -46.99 35.50
N ARG I 33 17.34 -47.85 34.74
CA ARG I 33 16.63 -48.81 33.91
C ARG I 33 16.71 -50.19 34.56
N HIS I 34 16.08 -51.16 33.90
CA HIS I 34 15.96 -52.51 34.43
C HIS I 34 17.34 -53.16 34.55
N GLY I 35 17.80 -53.30 35.79
CA GLY I 35 19.10 -53.85 36.07
C GLY I 35 20.27 -52.91 35.88
N TYR I 36 20.03 -51.61 35.70
CA TYR I 36 21.17 -50.74 35.42
C TYR I 36 20.91 -49.32 35.92
N ILE I 37 22.01 -48.65 36.27
CA ILE I 37 22.01 -47.24 36.60
C ILE I 37 22.82 -46.51 35.54
N PHE I 38 22.16 -45.61 34.81
CA PHE I 38 22.80 -44.85 33.75
C PHE I 38 23.01 -43.43 34.26
N SER I 39 24.15 -42.84 33.90
CA SER I 39 24.37 -41.44 34.22
C SER I 39 23.51 -40.56 33.34
N SER I 40 23.34 -39.30 33.75
CA SER I 40 22.49 -38.39 33.00
C SER I 40 23.10 -37.01 32.81
N LEU I 41 24.36 -36.82 33.19
CA LEU I 41 25.04 -35.55 32.95
C LEU I 41 26.43 -35.84 32.41
N ALA I 42 27.07 -34.79 31.89
CA ALA I 42 28.41 -34.88 31.37
C ALA I 42 29.37 -34.31 32.41
N GLY I 43 30.12 -35.19 33.08
CA GLY I 43 31.02 -34.76 34.12
C GLY I 43 31.65 -35.94 34.82
N CYS I 44 32.06 -35.69 36.07
CA CYS I 44 32.74 -36.72 36.84
C CYS I 44 31.79 -37.36 37.85
N LEU I 45 32.07 -38.61 38.21
CA LEU I 45 31.26 -39.36 39.16
C LEU I 45 31.91 -39.32 40.53
N MET I 46 31.08 -39.37 41.57
CA MET I 46 31.53 -39.60 42.94
C MET I 46 30.68 -40.70 43.55
N LYS I 47 31.21 -41.36 44.57
CA LYS I 47 30.47 -42.39 45.29
C LYS I 47 30.93 -42.48 46.74
N LEU I 54 26.98 -50.56 50.49
CA LEU I 54 25.93 -50.03 49.64
C LEU I 54 26.19 -48.53 49.44
N PRO I 55 26.93 -48.19 48.38
CA PRO I 55 27.28 -46.79 48.15
C PRO I 55 26.19 -46.04 47.40
N VAL I 56 26.31 -44.72 47.43
CA VAL I 56 25.44 -43.82 46.69
C VAL I 56 26.28 -43.14 45.62
N VAL I 57 26.10 -43.54 44.37
CA VAL I 57 26.88 -43.01 43.27
C VAL I 57 26.08 -41.93 42.55
N SER I 58 26.78 -40.85 42.17
CA SER I 58 26.13 -39.72 41.51
C SER I 58 27.15 -39.00 40.66
N VAL I 59 26.70 -38.51 39.51
CA VAL I 59 27.57 -37.87 38.53
C VAL I 59 27.21 -36.39 38.47
N VAL I 60 28.20 -35.54 38.69
CA VAL I 60 27.99 -34.09 38.69
C VAL I 60 29.04 -33.44 37.80
N ARG I 61 28.90 -32.13 37.60
CA ARG I 61 29.87 -31.33 36.87
C ARG I 61 30.49 -30.36 37.87
N GLU I 62 31.71 -29.89 37.60
CA GLU I 62 32.54 -29.20 38.56
C GLU I 62 31.99 -27.84 39.00
N THR I 63 31.15 -27.20 38.20
CA THR I 63 30.72 -25.85 38.53
C THR I 63 29.60 -25.86 39.56
N GLU I 64 28.49 -26.52 39.25
CA GLU I 64 27.33 -26.54 40.14
C GLU I 64 27.22 -27.88 40.87
N MET J 5 -36.99 -21.09 -12.79
CA MET J 5 -35.97 -22.08 -12.53
C MET J 5 -34.58 -21.48 -12.70
N LEU J 6 -33.65 -21.87 -11.84
CA LEU J 6 -32.27 -21.38 -11.83
C LEU J 6 -31.40 -22.28 -12.69
N LYS J 7 -30.59 -21.69 -13.56
CA LYS J 7 -29.54 -22.42 -14.25
C LYS J 7 -28.23 -21.65 -14.13
N SER J 8 -27.15 -22.27 -14.57
CA SER J 8 -25.82 -21.70 -14.43
C SER J 8 -25.14 -21.68 -15.78
N LYS J 9 -24.39 -20.62 -16.04
CA LYS J 9 -23.71 -20.44 -17.31
C LYS J 9 -22.22 -20.30 -17.05
N THR J 10 -21.40 -20.87 -17.92
CA THR J 10 -19.96 -20.94 -17.70
C THR J 10 -19.20 -20.35 -18.89
N PHE J 11 -18.26 -19.48 -18.57
CA PHE J 11 -17.41 -18.83 -19.55
C PHE J 11 -15.97 -19.10 -19.19
N LEU J 12 -15.08 -18.98 -20.16
CA LEU J 12 -13.67 -19.12 -19.89
C LEU J 12 -12.98 -17.94 -20.55
N LYS J 13 -13.21 -16.75 -20.02
CA LYS J 13 -12.65 -15.53 -20.58
C LYS J 13 -11.22 -15.22 -20.18
N LYS J 14 -10.55 -14.44 -21.02
CA LYS J 14 -9.20 -13.96 -20.77
C LYS J 14 -9.24 -12.71 -19.90
N THR J 15 -8.07 -12.25 -19.45
CA THR J 15 -7.95 -11.06 -18.62
C THR J 15 -7.25 -9.95 -19.39
N ARG J 16 -7.11 -8.80 -18.75
CA ARG J 16 -6.23 -7.75 -19.24
C ARG J 16 -4.77 -8.05 -18.95
N ALA J 17 -4.50 -8.83 -17.92
CA ALA J 17 -3.13 -9.19 -17.57
C ALA J 17 -2.70 -10.49 -18.24
N GLY J 18 -2.94 -10.56 -19.55
CA GLY J 18 -2.56 -11.71 -20.35
C GLY J 18 -2.80 -13.01 -19.62
N GLY J 19 -4.00 -13.23 -19.11
CA GLY J 19 -4.31 -14.44 -18.38
C GLY J 19 -5.68 -15.01 -18.64
N VAL J 20 -5.85 -16.30 -18.37
CA VAL J 20 -7.13 -16.98 -18.58
C VAL J 20 -7.76 -17.37 -17.25
N MET J 21 -9.01 -16.94 -17.03
CA MET J 21 -9.72 -17.22 -15.80
C MET J 21 -11.17 -17.62 -16.03
N LYS J 22 -11.65 -18.58 -15.24
CA LYS J 22 -13.01 -19.09 -15.33
C LYS J 22 -14.09 -18.15 -14.80
N ILE J 23 -15.27 -18.16 -15.42
CA ILE J 23 -16.40 -17.36 -14.98
C ILE J 23 -17.61 -18.28 -14.87
N VAL J 24 -18.31 -18.21 -13.74
CA VAL J 24 -19.60 -18.89 -13.57
C VAL J 24 -20.61 -17.84 -13.15
N ARG J 25 -21.66 -17.66 -13.96
CA ARG J 25 -22.71 -16.70 -13.67
C ARG J 25 -24.00 -17.48 -13.41
N GLU J 26 -24.88 -16.91 -12.58
CA GLU J 26 -26.21 -17.43 -12.41
C GLU J 26 -27.06 -16.93 -13.57
N HIS J 27 -28.20 -17.58 -13.80
CA HIS J 27 -29.10 -17.20 -14.88
C HIS J 27 -30.51 -17.65 -14.50
N TYR J 28 -31.39 -16.68 -14.31
CA TYR J 28 -32.74 -17.00 -13.88
C TYR J 28 -33.65 -17.19 -15.08
N LEU J 29 -34.75 -17.89 -14.88
CA LEU J 29 -35.76 -18.07 -15.91
C LEU J 29 -37.10 -17.66 -15.34
N ARG J 30 -37.67 -16.60 -15.87
CA ARG J 30 -38.93 -16.05 -15.39
C ARG J 30 -40.09 -16.66 -16.15
N ASP J 31 -41.29 -16.58 -15.58
CA ASP J 31 -42.46 -17.13 -16.23
C ASP J 31 -43.32 -16.03 -16.84
N ASP J 32 -43.25 -14.83 -16.26
CA ASP J 32 -44.17 -13.76 -16.61
C ASP J 32 -43.72 -12.90 -17.79
N ILE J 33 -42.92 -13.43 -18.70
CA ILE J 33 -42.58 -12.69 -19.91
C ILE J 33 -43.78 -12.66 -20.83
N GLY J 34 -44.29 -11.47 -21.10
CA GLY J 34 -45.44 -11.35 -21.99
C GLY J 34 -45.03 -11.52 -23.44
N CYS J 35 -45.97 -12.01 -24.25
CA CYS J 35 -45.70 -12.16 -25.67
C CYS J 35 -45.69 -10.84 -26.41
N GLY J 36 -46.20 -9.78 -25.79
CA GLY J 36 -46.26 -8.48 -26.44
C GLY J 36 -47.41 -8.34 -27.42
N ALA J 37 -48.29 -9.32 -27.47
CA ALA J 37 -49.43 -9.26 -28.35
C ALA J 37 -50.72 -9.35 -27.55
N PRO J 38 -51.64 -8.38 -27.71
CA PRO J 38 -52.86 -8.39 -26.89
C PRO J 38 -53.87 -9.47 -27.28
N GLY J 39 -53.60 -10.21 -28.36
CA GLY J 39 -54.46 -11.33 -28.70
C GLY J 39 -54.36 -12.47 -27.70
N CYS J 40 -53.22 -12.60 -27.03
CA CYS J 40 -53.09 -13.55 -25.94
C CYS J 40 -53.66 -12.97 -24.65
N ALA J 41 -54.38 -13.81 -23.90
CA ALA J 41 -54.87 -13.42 -22.59
C ALA J 41 -54.07 -14.06 -21.47
N ALA J 42 -53.26 -15.08 -21.76
CA ALA J 42 -52.47 -15.70 -20.71
C ALA J 42 -51.30 -14.81 -20.30
N CYS J 43 -50.81 -13.98 -21.22
CA CYS J 43 -49.74 -13.05 -20.89
C CYS J 43 -50.26 -11.89 -20.07
N GLY J 44 -51.49 -11.48 -20.34
CA GLY J 44 -52.09 -10.30 -19.74
C GLY J 44 -52.37 -9.30 -20.86
N GLY J 45 -52.82 -8.10 -20.53
CA GLY J 45 -53.15 -7.16 -21.59
C GLY J 45 -52.59 -5.75 -21.68
N ALA J 46 -52.13 -5.39 -22.87
CA ALA J 46 -51.65 -4.03 -23.14
C ALA J 46 -50.61 -3.46 -22.18
N HIS J 47 -49.54 -4.19 -21.91
CA HIS J 47 -48.54 -3.65 -20.99
C HIS J 47 -48.31 -2.19 -21.38
N GLU J 48 -48.26 -1.31 -20.39
CA GLU J 48 -48.08 0.11 -20.65
C GLU J 48 -47.01 0.34 -21.71
N GLY J 49 -46.17 -0.66 -21.96
CA GLY J 49 -45.10 -0.56 -22.92
C GLY J 49 -45.57 -0.70 -24.35
N PRO J 50 -44.63 -0.92 -25.27
CA PRO J 50 -44.99 -1.06 -26.69
C PRO J 50 -45.75 -2.36 -26.95
N ALA J 51 -46.81 -2.25 -27.74
CA ALA J 51 -47.58 -3.40 -28.18
C ALA J 51 -47.24 -3.75 -29.63
N LEU J 52 -47.80 -4.85 -30.10
CA LEU J 52 -47.52 -5.33 -31.45
C LEU J 52 -48.68 -5.11 -32.42
N GLU J 53 -49.57 -4.15 -32.13
CA GLU J 53 -50.71 -3.75 -32.96
C GLU J 53 -51.62 -4.93 -33.32
N PRO J 54 -52.47 -5.37 -32.40
CA PRO J 54 -53.25 -6.60 -32.62
C PRO J 54 -54.28 -6.43 -33.73
N GLN J 55 -54.42 -7.49 -34.54
CA GLN J 55 -55.05 -7.44 -35.85
C GLN J 55 -54.55 -6.25 -36.67
N PRO J 56 -53.33 -6.33 -37.21
CA PRO J 56 -52.74 -5.17 -37.87
C PRO J 56 -53.42 -4.89 -39.20
N GLN J 57 -53.56 -3.61 -39.51
CA GLN J 57 -53.93 -3.21 -40.87
C GLN J 57 -52.78 -3.63 -41.77
N ASP J 58 -53.10 -4.12 -42.95
CA ASP J 58 -52.11 -4.73 -43.81
C ASP J 58 -51.24 -3.65 -44.43
N PRO J 59 -49.93 -3.63 -44.14
CA PRO J 59 -49.06 -2.65 -44.82
C PRO J 59 -49.04 -2.86 -46.33
N ALA J 60 -48.54 -4.01 -46.78
CA ALA J 60 -48.91 -4.59 -48.07
C ALA J 60 -48.56 -6.07 -48.00
N SER J 61 -49.53 -6.94 -47.72
CA SER J 61 -49.18 -8.36 -47.76
C SER J 61 -49.24 -8.89 -49.17
N SER J 62 -50.46 -9.08 -49.69
CA SER J 62 -50.85 -9.00 -51.10
C SER J 62 -50.21 -10.00 -52.06
N VAL J 63 -49.15 -10.71 -51.66
CA VAL J 63 -48.58 -11.71 -52.56
C VAL J 63 -48.52 -13.08 -51.89
N CYS J 64 -47.64 -13.23 -50.90
CA CYS J 64 -47.56 -14.43 -50.08
C CYS J 64 -48.45 -14.43 -48.82
N PRO J 65 -48.39 -13.41 -47.91
CA PRO J 65 -48.86 -13.69 -46.54
C PRO J 65 -50.31 -13.38 -46.26
N GLN J 66 -50.75 -13.86 -45.09
CA GLN J 66 -51.90 -13.34 -44.37
C GLN J 66 -51.42 -12.15 -43.52
N PRO J 67 -52.30 -11.46 -42.79
CA PRO J 67 -51.79 -10.55 -41.76
C PRO J 67 -50.96 -11.28 -40.71
N HIS J 68 -49.80 -10.71 -40.41
CA HIS J 68 -48.72 -11.48 -39.82
C HIS J 68 -47.78 -10.58 -39.04
N TYR J 69 -46.62 -11.14 -38.69
CA TYR J 69 -45.56 -10.45 -37.98
C TYR J 69 -44.21 -10.80 -38.61
N LEU J 70 -43.22 -9.94 -38.39
CA LEU J 70 -41.88 -10.16 -38.93
C LEU J 70 -40.89 -10.41 -37.81
N LEU J 71 -40.00 -11.40 -38.01
CA LEU J 71 -38.99 -11.81 -37.05
C LEU J 71 -37.66 -12.02 -37.74
N PRO J 72 -36.71 -11.10 -37.60
CA PRO J 72 -35.50 -11.14 -38.44
C PRO J 72 -34.36 -11.93 -37.82
N ASP J 73 -33.42 -12.32 -38.67
CA ASP J 73 -32.16 -12.96 -38.27
C ASP J 73 -31.15 -11.86 -37.93
N THR J 74 -29.94 -12.27 -37.57
CA THR J 74 -28.92 -11.31 -37.17
C THR J 74 -28.33 -10.58 -38.38
N ASN J 75 -28.00 -11.33 -39.43
CA ASN J 75 -27.29 -10.74 -40.57
C ASN J 75 -28.18 -9.79 -41.35
N VAL J 76 -29.48 -10.08 -41.43
CA VAL J 76 -30.39 -9.16 -42.09
C VAL J 76 -30.55 -7.89 -41.26
N LEU J 77 -30.42 -8.01 -39.94
CA LEU J 77 -30.55 -6.83 -39.10
C LEU J 77 -29.28 -5.99 -39.16
N LEU J 78 -28.14 -6.62 -39.42
CA LEU J 78 -26.92 -5.85 -39.62
C LEU J 78 -26.89 -5.19 -40.99
N HIS J 79 -27.48 -5.83 -42.01
CA HIS J 79 -27.27 -5.35 -43.37
C HIS J 79 -28.43 -4.48 -43.86
N GLN J 80 -29.67 -4.88 -43.63
CA GLN J 80 -30.83 -4.19 -44.18
C GLN J 80 -31.42 -3.19 -43.19
N ILE J 81 -30.59 -2.52 -42.39
CA ILE J 81 -31.04 -1.52 -41.44
C ILE J 81 -31.64 -0.32 -42.18
N ASP J 82 -31.14 -0.05 -43.40
CA ASP J 82 -31.70 1.01 -44.22
C ASP J 82 -33.09 0.62 -44.72
N VAL J 83 -33.34 -0.68 -44.87
CA VAL J 83 -34.68 -1.15 -45.18
C VAL J 83 -35.58 -1.03 -43.95
N LEU J 84 -35.04 -1.37 -42.78
CA LEU J 84 -35.88 -1.53 -41.61
C LEU J 84 -36.17 -0.21 -40.90
N GLU J 85 -35.44 0.86 -41.24
CA GLU J 85 -35.78 2.16 -40.66
C GLU J 85 -37.01 2.77 -41.31
N ASP J 86 -37.36 2.31 -42.51
CA ASP J 86 -38.39 2.91 -43.34
C ASP J 86 -39.78 2.78 -42.72
N PRO J 87 -40.62 3.82 -42.80
CA PRO J 87 -41.91 3.79 -42.10
C PRO J 87 -42.93 2.84 -42.68
N ALA J 88 -42.68 2.22 -43.83
CA ALA J 88 -43.65 1.25 -44.35
C ALA J 88 -43.61 -0.05 -43.56
N ILE J 89 -42.42 -0.58 -43.30
CA ILE J 89 -42.28 -1.75 -42.44
C ILE J 89 -42.61 -1.35 -41.01
N ARG J 90 -43.64 -1.99 -40.44
CA ARG J 90 -44.33 -1.43 -39.30
C ARG J 90 -44.38 -2.34 -38.08
N ASN J 91 -44.46 -3.66 -38.25
CA ASN J 91 -44.61 -4.56 -37.12
C ASN J 91 -43.55 -5.65 -37.17
N VAL J 92 -42.48 -5.45 -36.41
CA VAL J 92 -41.38 -6.41 -36.34
C VAL J 92 -41.07 -6.72 -34.88
N ILE J 93 -40.98 -8.00 -34.54
CA ILE J 93 -40.60 -8.45 -33.21
C ILE J 93 -39.10 -8.68 -33.20
N VAL J 94 -38.41 -8.16 -32.19
CA VAL J 94 -36.95 -8.23 -32.10
C VAL J 94 -36.59 -9.09 -30.90
N LEU J 95 -35.76 -10.11 -31.13
CA LEU J 95 -35.29 -10.97 -30.07
C LEU J 95 -34.08 -10.35 -29.37
N GLN J 96 -33.88 -10.77 -28.11
CA GLN J 96 -32.83 -10.17 -27.30
C GLN J 96 -31.45 -10.69 -27.70
N THR J 97 -31.40 -11.95 -28.14
CA THR J 97 -30.13 -12.55 -28.56
C THR J 97 -29.57 -11.84 -29.77
N VAL J 98 -30.45 -11.52 -30.73
CA VAL J 98 -30.05 -10.81 -31.93
C VAL J 98 -29.57 -9.42 -31.58
N LEU J 99 -30.23 -8.77 -30.62
CA LEU J 99 -29.86 -7.41 -30.23
C LEU J 99 -28.52 -7.39 -29.52
N GLN J 100 -28.25 -8.40 -28.68
CA GLN J 100 -26.96 -8.46 -28.00
C GLN J 100 -25.83 -8.79 -28.96
N GLU J 101 -26.12 -9.61 -29.98
CA GLU J 101 -25.10 -9.91 -30.98
C GLU J 101 -24.81 -8.68 -31.83
N VAL J 102 -25.85 -7.88 -32.14
CA VAL J 102 -25.65 -6.62 -32.83
C VAL J 102 -24.82 -5.66 -31.98
N ARG J 103 -25.08 -5.64 -30.67
CA ARG J 103 -24.31 -4.79 -29.77
C ARG J 103 -22.85 -5.20 -29.71
N ASN J 104 -22.57 -6.49 -29.86
CA ASN J 104 -21.18 -6.91 -29.97
C ASN J 104 -20.58 -6.55 -31.34
N ARG J 105 -21.38 -6.62 -32.39
CA ARG J 105 -20.79 -6.47 -33.73
C ARG J 105 -20.57 -5.00 -34.11
N SER J 106 -21.63 -4.21 -34.18
CA SER J 106 -21.56 -2.88 -34.77
C SER J 106 -22.28 -1.87 -33.91
N ALA J 107 -21.59 -0.78 -33.56
CA ALA J 107 -22.13 0.28 -32.73
C ALA J 107 -23.28 1.09 -33.36
N PRO J 108 -23.15 1.69 -34.56
CA PRO J 108 -24.24 2.58 -35.00
C PRO J 108 -25.48 1.83 -35.44
N VAL J 109 -25.33 0.57 -35.82
CA VAL J 109 -26.49 -0.27 -36.10
C VAL J 109 -27.33 -0.44 -34.84
N TYR J 110 -26.66 -0.72 -33.71
CA TYR J 110 -27.34 -0.80 -32.42
C TYR J 110 -27.97 0.53 -32.03
N LYS J 111 -27.29 1.64 -32.37
CA LYS J 111 -27.83 2.97 -32.11
C LYS J 111 -29.14 3.20 -32.86
N ARG J 112 -29.15 2.87 -34.14
CA ARG J 112 -30.34 3.09 -34.97
C ARG J 112 -31.47 2.17 -34.54
N ILE J 113 -31.16 0.94 -34.12
CA ILE J 113 -32.19 0.03 -33.67
C ILE J 113 -32.81 0.51 -32.36
N ARG J 114 -32.00 1.03 -31.44
CA ARG J 114 -32.53 1.62 -30.21
C ARG J 114 -33.40 2.83 -30.50
N ASP J 115 -32.99 3.67 -31.45
CA ASP J 115 -33.76 4.87 -31.75
C ASP J 115 -35.07 4.55 -32.46
N VAL J 116 -35.12 3.44 -33.20
CA VAL J 116 -36.40 3.02 -33.76
C VAL J 116 -37.26 2.35 -32.68
N THR J 117 -36.60 1.67 -31.74
CA THR J 117 -37.32 0.93 -30.69
C THR J 117 -38.04 1.88 -29.73
N ASN J 118 -37.39 2.99 -29.37
CA ASN J 118 -38.07 3.94 -28.50
C ASN J 118 -39.15 4.72 -29.24
N ASN J 119 -39.08 4.74 -30.57
CA ASN J 119 -40.16 5.32 -31.35
C ASN J 119 -41.36 4.38 -31.31
N GLN J 120 -42.50 4.92 -30.90
CA GLN J 120 -43.67 4.08 -30.65
C GLN J 120 -44.39 3.72 -31.95
N GLU J 121 -44.33 4.61 -32.95
CA GLU J 121 -45.25 4.54 -34.08
C GLU J 121 -44.96 3.34 -34.97
N LYS J 122 -43.68 3.14 -35.24
CA LYS J 122 -43.18 1.89 -35.88
C LYS J 122 -43.20 0.91 -34.71
N HIS J 123 -44.14 -0.04 -34.70
CA HIS J 123 -44.32 -0.88 -33.53
C HIS J 123 -43.29 -2.00 -33.52
N PHE J 124 -42.29 -1.86 -32.65
CA PHE J 124 -41.37 -2.97 -32.39
C PHE J 124 -41.60 -3.46 -30.98
N TYR J 125 -41.60 -4.77 -30.79
CA TYR J 125 -41.62 -5.38 -29.47
C TYR J 125 -40.33 -6.16 -29.26
N THR J 126 -39.59 -5.80 -28.22
CA THR J 126 -38.37 -6.49 -27.86
C THR J 126 -38.76 -7.64 -26.96
N PHE J 127 -38.27 -8.84 -27.27
CA PHE J 127 -38.66 -10.06 -26.57
C PHE J 127 -37.48 -10.63 -25.80
N THR J 128 -37.66 -10.82 -24.51
CA THR J 128 -36.61 -11.40 -23.69
C THR J 128 -36.56 -12.91 -23.83
N ASN J 129 -36.02 -13.40 -24.94
CA ASN J 129 -36.02 -14.83 -25.21
C ASN J 129 -35.07 -15.60 -24.30
N GLU J 130 -34.07 -14.92 -23.75
CA GLU J 130 -33.06 -15.62 -22.98
C GLU J 130 -33.55 -15.99 -21.59
N HIS J 131 -34.67 -15.42 -21.16
CA HIS J 131 -35.11 -15.68 -19.80
C HIS J 131 -36.50 -16.32 -19.76
N HIS J 132 -37.10 -16.53 -20.92
CA HIS J 132 -38.39 -17.21 -20.97
C HIS J 132 -38.19 -18.71 -20.82
N ARG J 133 -39.08 -19.35 -20.06
CA ARG J 133 -38.84 -20.73 -19.66
C ARG J 133 -39.03 -21.69 -20.81
N GLU J 134 -39.90 -21.34 -21.76
CA GLU J 134 -40.14 -22.24 -22.89
C GLU J 134 -38.98 -22.21 -23.89
N THR J 135 -38.33 -21.07 -24.03
CA THR J 135 -37.43 -20.86 -25.16
C THR J 135 -35.96 -20.94 -24.81
N TYR J 136 -35.60 -21.18 -23.56
CA TYR J 136 -34.19 -21.20 -23.20
C TYR J 136 -33.54 -22.48 -23.69
N VAL J 137 -32.32 -22.35 -24.22
CA VAL J 137 -31.54 -23.49 -24.67
C VAL J 137 -30.23 -23.49 -23.90
N GLU J 138 -29.67 -24.67 -23.69
CA GLU J 138 -28.35 -24.77 -23.12
C GLU J 138 -27.34 -25.13 -24.20
N GLN J 139 -26.09 -24.81 -23.95
CA GLN J 139 -25.05 -25.08 -24.94
C GLN J 139 -24.62 -26.54 -24.88
N GLU J 140 -24.92 -27.29 -25.93
CA GLU J 140 -24.51 -28.68 -26.06
C GLU J 140 -23.02 -28.71 -26.31
N GLN J 141 -22.35 -29.72 -25.75
CA GLN J 141 -20.90 -29.77 -25.86
C GLN J 141 -20.50 -30.29 -27.23
N GLY J 142 -19.61 -29.57 -27.89
CA GLY J 142 -19.32 -29.81 -29.29
C GLY J 142 -20.05 -28.90 -30.24
N GLU J 143 -20.36 -27.67 -29.83
CA GLU J 143 -21.18 -26.75 -30.60
C GLU J 143 -20.60 -25.34 -30.47
N ASN J 144 -20.44 -24.66 -31.61
CA ASN J 144 -19.97 -23.28 -31.57
C ASN J 144 -21.09 -22.36 -31.11
N ALA J 145 -20.72 -21.13 -30.73
CA ALA J 145 -21.68 -20.19 -30.14
C ALA J 145 -22.66 -19.68 -31.19
N ASN J 146 -22.20 -19.54 -32.44
CA ASN J 146 -23.07 -19.09 -33.52
C ASN J 146 -24.16 -20.10 -33.80
N ASP J 147 -23.81 -21.39 -33.72
CA ASP J 147 -24.80 -22.45 -33.90
C ASP J 147 -25.82 -22.44 -32.77
N ARG J 148 -25.36 -22.14 -31.55
CA ARG J 148 -26.28 -22.06 -30.42
C ARG J 148 -27.25 -20.91 -30.58
N ASN J 149 -26.74 -19.77 -31.08
CA ASN J 149 -27.60 -18.62 -31.29
C ASN J 149 -28.62 -18.87 -32.40
N ASN J 150 -28.20 -19.54 -33.47
CA ASN J 150 -29.12 -19.84 -34.57
C ASN J 150 -30.19 -20.82 -34.14
N ARG J 151 -29.80 -21.83 -33.34
CA ARG J 151 -30.79 -22.78 -32.84
C ARG J 151 -31.74 -22.12 -31.84
N ALA J 152 -31.24 -21.17 -31.05
CA ALA J 152 -32.10 -20.46 -30.11
C ALA J 152 -33.13 -19.60 -30.84
N ILE J 153 -32.70 -18.91 -31.90
CA ILE J 153 -33.60 -18.10 -32.70
C ILE J 153 -34.65 -18.97 -33.37
N ARG J 154 -34.26 -20.16 -33.85
CA ARG J 154 -35.22 -21.05 -34.49
C ARG J 154 -36.24 -21.60 -33.49
N VAL J 155 -35.78 -21.94 -32.28
CA VAL J 155 -36.69 -22.47 -31.27
C VAL J 155 -37.66 -21.40 -30.80
N ALA J 156 -37.19 -20.16 -30.67
CA ALA J 156 -38.09 -19.08 -30.25
C ALA J 156 -39.13 -18.77 -31.32
N ALA J 157 -38.75 -18.91 -32.59
CA ALA J 157 -39.70 -18.68 -33.68
C ALA J 157 -40.77 -19.77 -33.71
N LYS J 158 -40.35 -21.02 -33.51
CA LYS J 158 -41.33 -22.11 -33.38
C LYS J 158 -42.23 -21.90 -32.17
N TRP J 159 -41.69 -21.32 -31.09
CA TRP J 159 -42.49 -21.06 -29.91
C TRP J 159 -43.53 -19.98 -30.18
N TYR J 160 -43.15 -18.92 -30.90
CA TYR J 160 -44.14 -17.91 -31.29
C TYR J 160 -45.22 -18.47 -32.20
N ASN J 161 -44.85 -19.39 -33.10
CA ASN J 161 -45.86 -20.03 -33.96
C ASN J 161 -46.86 -20.81 -33.12
N GLU J 162 -46.34 -21.65 -32.21
CA GLU J 162 -47.22 -22.50 -31.41
C GLU J 162 -48.00 -21.68 -30.39
N HIS J 163 -47.43 -20.57 -29.93
CA HIS J 163 -48.09 -19.74 -28.93
C HIS J 163 -49.20 -18.90 -29.56
N LEU J 164 -49.01 -18.46 -30.80
CA LEU J 164 -50.05 -17.69 -31.45
C LEU J 164 -51.12 -18.59 -32.04
N LYS J 165 -50.82 -19.86 -32.26
CA LYS J 165 -51.91 -20.75 -32.67
C LYS J 165 -52.84 -21.09 -31.53
N LYS J 166 -52.34 -21.84 -30.55
CA LYS J 166 -53.24 -22.52 -29.61
C LYS J 166 -53.72 -21.59 -28.51
N MET J 167 -52.83 -20.73 -27.99
CA MET J 167 -53.19 -19.89 -26.85
C MET J 167 -54.13 -18.77 -27.28
N SER J 168 -54.11 -18.40 -28.54
CA SER J 168 -55.11 -17.49 -29.08
C SER J 168 -56.45 -18.19 -29.23
N ALA J 169 -57.49 -17.39 -29.48
CA ALA J 169 -58.83 -17.96 -29.64
C ALA J 169 -58.95 -18.76 -30.93
N ASP J 170 -58.66 -18.13 -32.07
CA ASP J 170 -58.60 -18.80 -33.36
C ASP J 170 -57.31 -18.43 -34.06
N ASN J 171 -56.62 -19.42 -34.61
CA ASN J 171 -55.28 -19.26 -35.16
C ASN J 171 -55.38 -18.53 -36.50
N GLN J 172 -55.22 -17.21 -36.47
CA GLN J 172 -55.21 -16.41 -37.68
C GLN J 172 -54.06 -15.42 -37.74
N LEU J 173 -53.02 -15.60 -36.93
CA LEU J 173 -51.86 -14.73 -36.92
C LEU J 173 -50.60 -15.58 -37.07
N GLN J 174 -49.98 -15.50 -38.25
CA GLN J 174 -48.76 -16.25 -38.47
C GLN J 174 -47.55 -15.46 -37.98
N VAL J 175 -46.39 -16.11 -38.06
CA VAL J 175 -45.09 -15.48 -37.86
C VAL J 175 -44.22 -15.77 -39.08
N ILE J 176 -43.40 -14.80 -39.47
CA ILE J 176 -42.60 -14.88 -40.68
C ILE J 176 -41.14 -14.68 -40.29
N PHE J 177 -40.27 -15.50 -40.85
CA PHE J 177 -38.84 -15.49 -40.51
C PHE J 177 -38.05 -14.99 -41.71
N ILE J 178 -37.13 -14.06 -41.47
CA ILE J 178 -36.35 -13.41 -42.53
C ILE J 178 -34.91 -13.86 -42.40
N THR J 179 -34.26 -14.16 -43.52
CA THR J 179 -32.88 -14.62 -43.50
C THR J 179 -32.13 -14.14 -44.73
N ASN J 180 -30.81 -14.36 -44.74
CA ASN J 180 -29.97 -14.19 -45.91
C ASN J 180 -29.57 -15.48 -46.58
N ASP J 181 -28.99 -16.42 -45.84
CA ASP J 181 -28.62 -17.70 -46.41
C ASP J 181 -29.88 -18.51 -46.68
N ARG J 182 -29.97 -19.04 -47.89
CA ARG J 182 -31.12 -19.85 -48.27
C ARG J 182 -31.07 -21.21 -47.60
N ARG J 183 -29.87 -21.64 -47.20
CA ARG J 183 -29.74 -22.89 -46.44
C ARG J 183 -30.34 -22.76 -45.04
N ASN J 184 -30.26 -21.57 -44.45
CA ASN J 184 -30.92 -21.35 -43.17
C ASN J 184 -32.44 -21.35 -43.33
N LYS J 185 -32.93 -20.86 -44.46
CA LYS J 185 -34.36 -20.96 -44.75
C LYS J 185 -34.77 -22.41 -44.94
N GLU J 186 -33.90 -23.21 -45.55
CA GLU J 186 -34.17 -24.64 -45.69
C GLU J 186 -34.19 -25.35 -44.35
N LYS J 187 -33.28 -24.95 -43.44
CA LYS J 187 -33.29 -25.50 -42.08
C LYS J 187 -34.54 -25.09 -41.33
N ALA J 188 -35.00 -23.86 -41.54
CA ALA J 188 -36.20 -23.39 -40.86
C ALA J 188 -37.45 -24.10 -41.38
N ILE J 189 -37.47 -24.42 -42.67
CA ILE J 189 -38.57 -25.22 -43.21
C ILE J 189 -38.51 -26.64 -42.67
N GLU J 190 -37.29 -27.20 -42.58
CA GLU J 190 -37.14 -28.59 -42.15
C GLU J 190 -37.48 -28.78 -40.68
N GLU J 191 -37.23 -27.75 -39.86
CA GLU J 191 -37.52 -27.89 -38.43
C GLU J 191 -38.97 -27.57 -38.11
N GLY J 192 -39.61 -26.74 -38.94
CA GLY J 192 -40.78 -26.04 -38.44
C GLY J 192 -41.22 -24.95 -39.41
N ILE J 193 -41.21 -23.75 -38.86
CA ILE J 193 -41.80 -22.49 -39.33
C ILE J 193 -41.68 -22.19 -40.83
N PRO J 194 -42.63 -21.46 -41.41
CA PRO J 194 -42.42 -20.90 -42.74
C PRO J 194 -41.45 -19.75 -42.68
N ALA J 195 -40.69 -19.53 -43.75
CA ALA J 195 -39.69 -18.48 -43.76
C ALA J 195 -39.54 -17.92 -45.17
N PHE J 196 -38.84 -16.79 -45.25
CA PHE J 196 -38.54 -16.13 -46.52
C PHE J 196 -37.17 -15.49 -46.40
N THR J 197 -36.56 -15.20 -47.54
CA THR J 197 -35.32 -14.44 -47.49
C THR J 197 -35.63 -12.96 -47.37
N CYS J 198 -34.58 -12.17 -47.18
CA CYS J 198 -34.74 -10.72 -47.17
C CYS J 198 -35.11 -10.19 -48.55
N GLU J 199 -34.42 -10.68 -49.58
CA GLU J 199 -34.55 -10.12 -50.91
C GLU J 199 -35.90 -10.48 -51.54
N GLU J 200 -36.32 -11.74 -51.38
CA GLU J 200 -37.60 -12.18 -51.96
C GLU J 200 -38.77 -11.45 -51.31
N TYR J 201 -38.71 -11.25 -50.01
CA TYR J 201 -39.78 -10.55 -49.31
C TYR J 201 -39.78 -9.07 -49.66
N VAL J 202 -38.60 -8.45 -49.77
CA VAL J 202 -38.56 -7.02 -50.02
C VAL J 202 -38.90 -6.72 -51.48
N LYS J 203 -38.75 -7.71 -52.36
CA LYS J 203 -39.28 -7.54 -53.72
C LYS J 203 -40.78 -7.75 -53.74
N SER J 204 -41.27 -8.85 -53.15
CA SER J 204 -42.65 -9.24 -53.37
C SER J 204 -43.55 -8.78 -52.23
N LEU J 205 -43.17 -7.71 -51.53
CA LEU J 205 -44.11 -7.13 -50.56
C LEU J 205 -45.35 -6.57 -51.26
N THR J 206 -45.22 -5.35 -51.82
CA THR J 206 -45.96 -4.68 -52.90
C THR J 206 -45.42 -3.27 -52.90
N ALA J 207 -45.84 -2.43 -53.86
CA ALA J 207 -45.62 -0.98 -53.84
C ALA J 207 -44.14 -0.62 -53.76
N ASN J 208 -43.43 -0.93 -54.84
CA ASN J 208 -41.97 -0.95 -54.86
C ASN J 208 -41.23 0.31 -54.40
N PRO J 209 -41.45 1.53 -54.93
CA PRO J 209 -40.39 2.55 -54.86
C PRO J 209 -40.12 3.13 -53.48
N GLU J 210 -40.93 2.78 -52.47
CA GLU J 210 -40.60 3.17 -51.11
C GLU J 210 -39.54 2.25 -50.52
N LEU J 211 -39.48 1.00 -50.99
CA LEU J 211 -38.65 -0.03 -50.39
C LEU J 211 -37.83 -0.85 -51.39
N ILE J 212 -37.10 -0.21 -52.29
CA ILE J 212 -36.13 -0.92 -53.11
C ILE J 212 -34.75 -0.53 -52.62
N ASP J 213 -34.23 -1.31 -51.67
CA ASP J 213 -32.89 -1.15 -51.12
C ASP J 213 -32.33 -2.53 -50.81
N ARG J 214 -31.03 -2.57 -50.58
CA ARG J 214 -30.35 -3.82 -50.26
C ARG J 214 -29.03 -3.54 -49.56
N PHE J 232 -0.76 -6.10 -42.02
CA PHE J 232 -0.69 -7.50 -41.66
C PHE J 232 0.72 -8.06 -41.81
N SER J 233 1.55 -7.38 -42.61
CA SER J 233 2.91 -7.83 -42.82
C SER J 233 3.73 -7.64 -41.54
N GLU J 234 4.81 -8.42 -41.43
CA GLU J 234 5.56 -8.42 -40.19
C GLU J 234 6.51 -7.23 -40.14
N HIS J 235 7.19 -7.10 -39.00
CA HIS J 235 8.23 -6.10 -38.81
C HIS J 235 9.49 -6.83 -38.41
N LEU J 236 10.52 -6.75 -39.23
CA LEU J 236 11.78 -7.36 -38.88
C LEU J 236 12.45 -6.58 -37.76
N PRO J 237 13.20 -7.25 -36.88
CA PRO J 237 13.96 -6.54 -35.87
C PRO J 237 15.09 -5.73 -36.48
N LEU J 238 15.56 -4.74 -35.71
CA LEU J 238 16.39 -3.68 -36.27
C LEU J 238 17.77 -4.18 -36.67
N SER J 239 18.22 -5.29 -36.08
CA SER J 239 19.55 -5.82 -36.38
C SER J 239 19.61 -6.33 -37.82
N LYS J 240 18.61 -7.11 -38.24
CA LYS J 240 18.57 -7.61 -39.61
C LYS J 240 18.32 -6.48 -40.60
N LEU J 241 17.57 -5.47 -40.16
CA LEU J 241 17.32 -4.30 -40.99
C LEU J 241 18.60 -3.53 -41.29
N GLN J 242 19.38 -3.24 -40.24
CA GLN J 242 20.62 -2.50 -40.46
C GLN J 242 21.71 -3.37 -41.08
N GLN J 243 21.55 -4.70 -40.99
CA GLN J 243 22.42 -5.57 -41.77
C GLN J 243 22.09 -5.48 -43.25
N GLY J 244 20.80 -5.50 -43.59
CA GLY J 244 20.39 -5.38 -44.98
C GLY J 244 20.62 -4.01 -45.58
N ILE J 245 20.64 -2.97 -44.74
CA ILE J 245 20.95 -1.64 -45.23
C ILE J 245 22.44 -1.54 -45.60
N LYS J 246 23.30 -2.03 -44.71
CA LYS J 246 24.74 -2.00 -44.98
C LYS J 246 25.11 -2.94 -46.12
N SER J 247 24.33 -4.01 -46.32
CA SER J 247 24.70 -5.00 -47.31
C SER J 247 24.06 -4.73 -48.66
N GLY J 248 22.97 -3.95 -48.69
CA GLY J 248 22.18 -3.99 -49.90
C GLY J 248 20.85 -3.27 -49.96
N THR J 249 19.80 -4.04 -50.28
CA THR J 249 18.61 -3.51 -50.93
C THR J 249 17.79 -2.59 -50.03
N TYR J 250 17.81 -2.83 -48.72
CA TYR J 250 16.99 -2.02 -47.83
C TYR J 250 17.59 -0.64 -47.65
N LEU J 251 16.75 0.40 -47.74
CA LEU J 251 17.24 1.76 -47.65
C LEU J 251 16.37 2.59 -46.72
N GLN J 252 17.01 3.34 -45.83
CA GLN J 252 16.30 4.01 -44.74
C GLN J 252 15.99 5.45 -45.13
N GLY J 253 15.09 6.06 -44.37
CA GLY J 253 14.73 7.44 -44.61
C GLY J 253 13.65 7.92 -43.66
N THR J 254 13.16 9.12 -43.94
CA THR J 254 12.06 9.69 -43.19
C THR J 254 10.75 9.48 -43.93
N PHE J 255 9.68 9.33 -43.15
CA PHE J 255 8.34 9.09 -43.68
C PHE J 255 7.66 10.44 -43.83
N ARG J 256 6.69 10.53 -44.73
CA ARG J 256 5.94 11.77 -44.93
C ARG J 256 4.56 11.44 -45.48
N ALA J 257 3.53 11.80 -44.72
CA ALA J 257 2.17 11.67 -45.20
C ALA J 257 1.79 12.89 -46.02
N SER J 258 0.60 12.83 -46.63
CA SER J 258 0.08 13.94 -47.41
C SER J 258 -1.31 14.29 -46.89
N ARG J 259 -1.66 15.57 -46.93
CA ARG J 259 -2.97 15.99 -46.46
C ARG J 259 -4.06 15.62 -47.45
N GLU J 260 -3.68 15.34 -48.69
CA GLU J 260 -4.68 15.08 -49.73
C GLU J 260 -5.26 13.67 -49.58
N ASN J 261 -4.44 12.65 -49.80
CA ASN J 261 -4.88 11.26 -49.76
C ASN J 261 -4.07 10.54 -48.70
N TYR J 262 -4.75 10.04 -47.66
CA TYR J 262 -4.04 9.42 -46.55
C TYR J 262 -3.61 8.00 -46.91
N LEU J 263 -4.09 7.48 -48.05
CA LEU J 263 -3.53 6.24 -48.56
C LEU J 263 -2.19 6.49 -49.25
N GLU J 264 -1.95 7.72 -49.70
CA GLU J 264 -0.71 8.02 -50.38
C GLU J 264 0.30 8.65 -49.43
N ALA J 265 1.56 8.27 -49.58
CA ALA J 265 2.63 8.80 -48.75
C ALA J 265 3.95 8.68 -49.50
N THR J 266 4.96 9.39 -49.00
CA THR J 266 6.28 9.38 -49.60
C THR J 266 7.35 9.12 -48.54
N VAL J 267 8.51 8.69 -49.00
CA VAL J 267 9.69 8.52 -48.15
C VAL J 267 10.85 9.23 -48.83
N TRP J 268 11.51 10.13 -48.10
CA TRP J 268 12.69 10.79 -48.63
C TRP J 268 13.93 9.94 -48.35
N ILE J 269 14.86 9.96 -49.30
CA ILE J 269 16.10 9.20 -49.19
C ILE J 269 17.27 10.16 -49.36
N HIS J 270 17.91 10.50 -48.25
CA HIS J 270 19.16 11.27 -48.27
C HIS J 270 20.03 10.87 -47.08
N LYS J 277 16.22 11.89 -53.19
CA LYS J 277 15.43 10.87 -53.88
C LYS J 277 14.19 10.53 -53.07
N GLU J 278 13.03 10.52 -53.72
CA GLU J 278 11.76 10.35 -53.05
C GLU J 278 11.04 9.13 -53.62
N ILE J 279 10.41 8.34 -52.74
CA ILE J 279 9.72 7.11 -53.13
C ILE J 279 8.25 7.23 -52.76
N ILE J 280 7.39 7.01 -53.73
CA ILE J 280 5.93 7.01 -53.55
C ILE J 280 5.52 5.64 -53.06
N LEU J 281 4.65 5.59 -52.06
CA LEU J 281 4.10 4.33 -51.56
C LEU J 281 2.63 4.53 -51.20
N GLN J 282 1.78 3.66 -51.74
CA GLN J 282 0.34 3.74 -51.48
C GLN J 282 -0.22 2.38 -51.09
N GLY J 283 -1.36 2.41 -50.42
CA GLY J 283 -2.01 1.22 -49.94
C GLY J 283 -1.60 0.87 -48.51
N LEU J 284 -2.58 0.43 -47.73
CA LEU J 284 -2.32 0.10 -46.32
C LEU J 284 -1.49 -1.17 -46.19
N LYS J 285 -1.53 -2.04 -47.22
CA LYS J 285 -0.64 -3.19 -47.23
C LYS J 285 0.81 -2.74 -47.36
N HIS J 286 1.05 -1.71 -48.16
CA HIS J 286 2.41 -1.19 -48.29
C HIS J 286 2.74 -0.24 -47.15
N LEU J 287 1.78 0.61 -46.76
CA LEU J 287 1.96 1.48 -45.60
C LEU J 287 1.87 0.63 -44.33
N ASN J 288 3.02 0.12 -43.93
CA ASN J 288 3.08 -0.77 -42.78
C ASN J 288 3.07 0.07 -41.50
N ARG J 289 1.96 0.78 -41.28
CA ARG J 289 1.52 1.37 -40.01
C ARG J 289 2.61 2.18 -39.29
N ALA J 290 3.23 3.08 -40.06
CA ALA J 290 4.17 4.05 -39.54
C ALA J 290 3.52 5.43 -39.53
N VAL J 291 3.73 6.16 -38.44
CA VAL J 291 3.13 7.47 -38.22
C VAL J 291 4.04 8.47 -38.94
N HIS J 292 3.63 9.75 -38.98
CA HIS J 292 4.09 10.73 -39.97
C HIS J 292 5.60 10.94 -39.97
N GLU J 293 6.16 11.47 -38.89
CA GLU J 293 7.58 11.80 -38.86
C GLU J 293 8.32 10.70 -38.12
N ASP J 294 8.85 9.73 -38.87
CA ASP J 294 9.57 8.62 -38.25
C ASP J 294 10.81 8.31 -39.09
N ILE J 295 11.54 7.30 -38.66
CA ILE J 295 12.70 6.81 -39.39
C ILE J 295 12.40 5.37 -39.77
N VAL J 296 12.13 5.13 -41.04
CA VAL J 296 11.70 3.83 -41.51
C VAL J 296 12.72 3.28 -42.49
N ALA J 297 12.51 2.03 -42.89
CA ALA J 297 13.36 1.30 -43.82
C ALA J 297 12.47 0.75 -44.92
N VAL J 298 12.71 1.20 -46.15
CA VAL J 298 11.88 0.82 -47.28
C VAL J 298 12.60 -0.22 -48.13
N GLU J 299 11.83 -1.21 -48.59
CA GLU J 299 12.21 -2.13 -49.65
C GLU J 299 11.62 -1.64 -50.97
N LEU J 300 12.42 -1.74 -52.03
CA LEU J 300 11.98 -1.37 -53.37
C LEU J 300 11.02 -2.41 -53.90
N LEU J 301 10.02 -1.97 -54.66
CA LEU J 301 9.20 -2.86 -55.45
C LEU J 301 9.92 -3.17 -56.76
N PRO J 302 9.46 -4.18 -57.51
CA PRO J 302 9.95 -4.32 -58.89
C PRO J 302 9.59 -3.12 -59.75
N LYS J 303 10.43 -2.87 -60.75
CA LYS J 303 10.35 -1.61 -61.49
C LYS J 303 9.15 -1.55 -62.42
N SER J 304 8.52 -2.70 -62.70
CA SER J 304 7.37 -2.71 -63.59
C SER J 304 6.14 -2.11 -62.91
N GLN J 305 6.11 -2.11 -61.57
CA GLN J 305 4.93 -1.65 -60.87
C GLN J 305 5.04 -0.19 -60.46
N TRP J 306 5.95 0.56 -61.09
CA TRP J 306 6.12 1.97 -60.76
C TRP J 306 5.02 2.82 -61.39
N PRO J 345 9.03 4.86 -59.22
CA PRO J 345 9.81 4.54 -58.03
C PRO J 345 8.94 4.25 -56.81
N THR J 346 8.41 3.03 -56.72
CA THR J 346 7.48 2.65 -55.67
C THR J 346 8.15 1.70 -54.68
N GLY J 347 7.78 1.82 -53.41
CA GLY J 347 8.41 1.07 -52.35
C GLY J 347 7.40 0.54 -51.34
N ARG J 348 7.91 -0.16 -50.33
CA ARG J 348 7.07 -0.77 -49.31
C ARG J 348 7.84 -0.81 -47.99
N VAL J 349 7.17 -0.39 -46.91
CA VAL J 349 7.77 -0.39 -45.58
C VAL J 349 7.82 -1.80 -45.04
N VAL J 350 8.99 -2.23 -44.58
CA VAL J 350 9.14 -3.58 -44.02
C VAL J 350 9.65 -3.50 -42.59
N GLY J 351 10.03 -2.31 -42.15
CA GLY J 351 10.58 -2.19 -40.81
C GLY J 351 10.52 -0.77 -40.31
N ILE J 352 10.63 -0.63 -38.99
CA ILE J 352 10.60 0.65 -38.30
C ILE J 352 11.91 0.80 -37.54
N ILE J 353 12.73 1.75 -37.96
CA ILE J 353 14.02 1.95 -37.30
C ILE J 353 13.89 2.81 -36.05
N LYS J 354 13.35 4.01 -36.17
CA LYS J 354 13.20 4.86 -34.99
C LYS J 354 11.80 5.48 -34.99
N ARG J 355 11.04 5.15 -33.96
CA ARG J 355 9.80 5.85 -33.70
C ARG J 355 10.08 7.26 -33.23
N ASN J 356 9.31 8.21 -33.72
CA ASN J 356 9.45 9.62 -33.33
C ASN J 356 8.04 10.18 -33.24
N TRP J 357 7.45 10.09 -32.05
CA TRP J 357 6.07 10.49 -31.83
C TRP J 357 6.04 11.75 -30.98
N ARG J 358 4.86 12.36 -30.92
CA ARG J 358 4.65 13.57 -30.14
C ARG J 358 3.16 13.64 -29.79
N PRO J 359 2.82 14.28 -28.66
CA PRO J 359 1.39 14.39 -28.30
C PRO J 359 0.60 15.27 -29.26
N TYR J 360 -0.55 14.79 -29.72
CA TYR J 360 -1.32 15.50 -30.73
C TYR J 360 -2.57 16.13 -30.12
N CYS J 361 -2.96 17.28 -30.65
CA CYS J 361 -4.23 17.89 -30.27
C CYS J 361 -5.35 17.24 -31.07
N GLY J 362 -6.57 17.30 -30.53
CA GLY J 362 -7.72 16.81 -31.26
C GLY J 362 -8.98 16.66 -30.44
N MET J 363 -9.97 15.95 -30.99
CA MET J 363 -11.25 15.76 -30.30
C MET J 363 -11.59 14.28 -30.22
N LEU J 364 -12.45 13.96 -29.27
CA LEU J 364 -12.80 12.59 -28.91
C LEU J 364 -14.22 12.33 -29.38
N SER J 365 -14.37 11.66 -30.52
CA SER J 365 -15.71 11.36 -31.00
C SER J 365 -16.21 10.08 -30.35
N LYS J 366 -17.21 10.22 -29.48
CA LYS J 366 -17.68 9.11 -28.66
C LYS J 366 -18.62 8.24 -29.48
N SER J 367 -18.65 6.95 -29.15
CA SER J 367 -19.61 6.06 -29.75
C SER J 367 -20.97 6.22 -29.08
N ASP J 368 -21.99 5.65 -29.72
CA ASP J 368 -23.35 5.86 -29.22
C ASP J 368 -23.65 4.97 -28.03
N ILE J 369 -22.82 3.95 -27.79
CA ILE J 369 -22.92 3.22 -26.53
C ILE J 369 -22.45 4.13 -25.39
N LYS J 370 -23.37 4.40 -24.47
CA LYS J 370 -23.10 5.27 -23.34
C LYS J 370 -22.33 4.59 -22.22
N GLU J 371 -21.90 3.35 -22.40
CA GLU J 371 -21.29 2.58 -21.33
C GLU J 371 -19.91 2.05 -21.69
N SER J 372 -19.53 2.10 -22.96
CA SER J 372 -18.31 1.42 -23.40
C SER J 372 -17.06 2.18 -22.97
N ARG J 373 -15.91 1.56 -23.17
CA ARG J 373 -14.65 2.13 -22.74
C ARG J 373 -13.79 2.59 -23.91
N ARG J 374 -13.64 1.75 -24.94
CA ARG J 374 -12.79 2.08 -26.07
C ARG J 374 -13.44 3.18 -26.90
N HIS J 375 -12.67 4.22 -27.22
CA HIS J 375 -13.21 5.37 -27.92
C HIS J 375 -12.28 5.81 -29.04
N LEU J 376 -12.84 6.57 -29.96
CA LEU J 376 -12.15 6.98 -31.16
C LEU J 376 -11.82 8.47 -31.12
N PHE J 377 -10.61 8.80 -31.56
CA PHE J 377 -10.01 10.12 -31.42
C PHE J 377 -9.54 10.62 -32.77
N THR J 378 -10.05 11.77 -33.18
CA THR J 378 -9.60 12.40 -34.41
C THR J 378 -8.65 13.52 -34.06
N PRO J 379 -7.42 13.50 -34.54
CA PRO J 379 -6.44 14.52 -34.15
C PRO J 379 -6.68 15.84 -34.86
N ALA J 380 -5.79 16.79 -34.61
CA ALA J 380 -5.97 18.14 -35.14
C ALA J 380 -5.65 18.21 -36.62
N ASP J 381 -4.40 17.98 -36.99
CA ASP J 381 -4.03 18.02 -38.40
C ASP J 381 -4.49 16.74 -39.08
N LYS J 382 -4.61 16.78 -40.40
CA LYS J 382 -5.18 15.65 -41.12
C LYS J 382 -4.15 14.57 -41.41
N ARG J 383 -2.90 14.75 -40.98
CA ARG J 383 -1.80 13.87 -41.36
C ARG J 383 -1.69 12.66 -40.45
N ILE J 384 -2.49 12.60 -39.39
CA ILE J 384 -2.30 11.58 -38.36
C ILE J 384 -3.52 10.67 -38.35
N PRO J 385 -3.30 9.36 -38.41
CA PRO J 385 -4.41 8.42 -38.39
C PRO J 385 -5.15 8.44 -37.05
N ARG J 386 -6.38 7.95 -37.10
CA ARG J 386 -7.30 8.09 -35.99
C ARG J 386 -6.93 7.11 -34.87
N ILE J 387 -6.99 7.60 -33.63
CA ILE J 387 -6.39 6.91 -32.50
C ILE J 387 -7.47 6.38 -31.58
N ARG J 388 -7.34 5.12 -31.18
CA ARG J 388 -8.32 4.48 -30.29
C ARG J 388 -7.72 4.48 -28.88
N ILE J 389 -8.45 5.05 -27.93
CA ILE J 389 -7.97 5.15 -26.56
C ILE J 389 -8.90 4.37 -25.64
N GLU J 390 -8.50 4.29 -24.36
CA GLU J 390 -9.06 3.36 -23.41
C GLU J 390 -9.53 4.09 -22.14
N THR J 391 -10.20 5.23 -22.28
CA THR J 391 -10.56 6.01 -21.10
C THR J 391 -11.84 5.48 -20.46
N ARG J 392 -12.17 6.05 -19.30
CA ARG J 392 -13.47 5.85 -18.69
C ARG J 392 -14.27 7.13 -18.53
N GLN J 393 -13.65 8.30 -18.65
CA GLN J 393 -14.38 9.56 -18.46
C GLN J 393 -15.44 9.74 -19.53
N ALA J 394 -15.01 9.95 -20.78
CA ALA J 394 -15.80 9.67 -22.00
C ALA J 394 -17.05 10.55 -22.16
N SER J 395 -17.38 11.37 -21.18
CA SER J 395 -18.58 12.20 -21.24
C SER J 395 -18.24 13.67 -21.05
N THR J 396 -17.42 13.99 -20.05
CA THR J 396 -17.03 15.38 -19.85
C THR J 396 -15.98 15.79 -20.88
N LEU J 397 -15.39 14.82 -21.58
CA LEU J 397 -14.35 15.15 -22.55
C LEU J 397 -14.94 15.56 -23.89
N GLU J 398 -16.24 15.33 -24.08
CA GLU J 398 -16.86 15.60 -25.38
C GLU J 398 -16.97 17.10 -25.63
N GLY J 399 -16.56 17.52 -26.81
CA GLY J 399 -16.60 18.92 -27.17
C GLY J 399 -15.46 19.74 -26.62
N ARG J 400 -14.44 19.11 -26.03
CA ARG J 400 -13.30 19.82 -25.50
C ARG J 400 -12.05 19.26 -26.15
N ARG J 401 -11.19 20.16 -26.64
CA ARG J 401 -9.96 19.76 -27.30
C ARG J 401 -8.97 19.18 -26.30
N ILE J 402 -8.59 17.92 -26.52
CA ILE J 402 -7.63 17.27 -25.65
C ILE J 402 -6.44 16.81 -26.46
N ILE J 403 -5.34 16.49 -25.79
CA ILE J 403 -4.15 15.98 -26.45
C ILE J 403 -3.96 14.52 -26.04
N VAL J 404 -3.53 13.71 -27.01
CA VAL J 404 -3.46 12.26 -26.90
C VAL J 404 -2.08 11.83 -27.39
N ALA J 405 -1.47 10.88 -26.69
CA ALA J 405 -0.15 10.36 -27.07
C ALA J 405 -0.25 8.89 -27.44
N ILE J 406 0.41 8.51 -28.53
CA ILE J 406 0.34 7.16 -29.08
C ILE J 406 1.34 6.28 -28.33
N ASP J 407 1.03 4.98 -28.20
CA ASP J 407 1.90 4.05 -27.49
C ASP J 407 2.29 2.82 -28.27
N GLY J 408 1.70 2.56 -29.44
CA GLY J 408 2.11 1.41 -30.21
C GLY J 408 1.07 1.04 -31.22
N TRP J 409 1.46 0.18 -32.15
CA TRP J 409 0.53 -0.22 -33.19
C TRP J 409 0.57 -1.74 -33.28
N PRO J 410 -0.42 -2.44 -32.74
CA PRO J 410 -0.45 -3.90 -32.90
C PRO J 410 -0.82 -4.29 -34.32
N ARG J 411 -0.59 -5.56 -34.64
CA ARG J 411 -0.86 -6.08 -35.97
C ARG J 411 -2.35 -6.14 -36.25
N ASN J 412 -3.17 -6.31 -35.21
CA ASN J 412 -4.54 -6.75 -35.41
C ASN J 412 -5.44 -5.61 -35.88
N SER J 413 -5.20 -4.40 -35.40
CA SER J 413 -6.17 -3.33 -35.53
C SER J 413 -5.82 -2.41 -36.69
N ARG J 414 -6.87 -1.77 -37.22
CA ARG J 414 -6.70 -0.72 -38.22
C ARG J 414 -6.05 0.52 -37.62
N TYR J 415 -6.25 0.72 -36.34
CA TYR J 415 -5.91 1.97 -35.67
C TYR J 415 -4.80 1.73 -34.64
N PRO J 416 -4.09 2.77 -34.20
CA PRO J 416 -3.14 2.59 -33.10
C PRO J 416 -3.85 2.47 -31.76
N ASN J 417 -3.04 2.41 -30.72
CA ASN J 417 -3.51 2.52 -29.34
C ASN J 417 -2.78 3.66 -28.67
N GLY J 418 -3.52 4.49 -27.94
CA GLY J 418 -2.91 5.63 -27.29
C GLY J 418 -3.45 5.88 -25.90
N HIS J 419 -3.20 7.07 -25.37
CA HIS J 419 -3.69 7.39 -24.04
C HIS J 419 -3.89 8.89 -23.90
N PHE J 420 -4.83 9.23 -23.03
CA PHE J 420 -5.09 10.60 -22.59
C PHE J 420 -3.91 11.11 -21.80
N VAL J 421 -3.66 12.42 -21.85
CA VAL J 421 -2.70 13.06 -20.95
C VAL J 421 -3.32 14.25 -20.21
N ARG J 422 -3.89 15.23 -20.93
CA ARG J 422 -4.44 16.37 -20.22
C ARG J 422 -5.56 17.02 -21.04
N ASN J 423 -6.34 17.84 -20.36
CA ASN J 423 -7.50 18.53 -20.92
C ASN J 423 -7.11 19.99 -21.12
N LEU J 424 -7.60 20.60 -22.19
CA LEU J 424 -7.25 21.99 -22.46
C LEU J 424 -8.44 22.91 -22.26
N GLY J 425 -9.55 22.63 -22.92
CA GLY J 425 -10.75 23.44 -22.80
C GLY J 425 -11.72 23.17 -23.92
N ASP J 426 -12.89 23.78 -23.82
CA ASP J 426 -13.95 23.51 -24.77
C ASP J 426 -13.71 24.21 -26.10
N VAL J 427 -14.32 23.67 -27.16
CA VAL J 427 -14.10 24.19 -28.50
C VAL J 427 -14.85 25.50 -28.68
N GLY J 428 -14.11 26.53 -29.08
CA GLY J 428 -14.69 27.83 -29.36
C GLY J 428 -14.19 28.95 -28.49
N GLU J 429 -13.72 28.61 -27.28
CA GLU J 429 -13.14 29.63 -26.41
C GLU J 429 -11.80 30.09 -26.96
N LYS J 430 -11.40 31.31 -26.59
CA LYS J 430 -10.21 31.90 -27.19
C LYS J 430 -8.93 31.24 -26.68
N GLU J 431 -8.84 31.02 -25.38
CA GLU J 431 -7.61 30.53 -24.77
C GLU J 431 -7.30 29.11 -25.22
N THR J 432 -8.34 28.29 -25.39
CA THR J 432 -8.16 26.92 -25.82
C THR J 432 -7.64 26.85 -27.25
N GLU J 433 -8.27 27.57 -28.17
CA GLU J 433 -7.83 27.57 -29.56
C GLU J 433 -6.44 28.18 -29.71
N THR J 434 -6.14 29.18 -28.86
CA THR J 434 -4.81 29.78 -28.88
C THR J 434 -3.74 28.77 -28.48
N GLU J 435 -3.95 28.05 -27.37
CA GLU J 435 -2.95 27.08 -26.94
C GLU J 435 -2.90 25.87 -27.87
N VAL J 436 -4.00 25.56 -28.55
CA VAL J 436 -3.97 24.47 -29.52
C VAL J 436 -3.14 24.85 -30.74
N LEU J 437 -3.32 26.07 -31.26
CA LEU J 437 -2.54 26.46 -32.42
C LEU J 437 -1.08 26.72 -32.05
N LEU J 438 -0.80 26.94 -30.76
CA LEU J 438 0.59 26.98 -30.34
C LEU J 438 1.20 25.59 -30.24
N LEU J 439 0.44 24.62 -29.71
CA LEU J 439 1.01 23.29 -29.52
C LEU J 439 1.14 22.53 -30.84
N GLU J 440 0.32 22.86 -31.83
CA GLU J 440 0.40 22.14 -33.09
C GLU J 440 1.62 22.54 -33.90
N HIS J 441 1.97 23.81 -33.89
CA HIS J 441 3.13 24.24 -34.67
C HIS J 441 4.40 24.29 -33.84
N ASP J 442 4.33 23.76 -32.62
CA ASP J 442 5.46 23.52 -31.72
C ASP J 442 6.20 24.80 -31.34
N VAL J 443 5.50 25.89 -31.10
CA VAL J 443 6.19 27.03 -30.49
C VAL J 443 6.27 26.80 -29.00
N PRO J 444 7.45 26.83 -28.38
CA PRO J 444 7.53 26.61 -26.94
C PRO J 444 7.00 27.80 -26.14
N HIS J 445 5.81 27.63 -25.57
CA HIS J 445 5.12 28.71 -24.88
C HIS J 445 5.10 28.49 -23.38
N GLN J 446 5.95 27.62 -22.85
CA GLN J 446 5.99 27.40 -21.41
C GLN J 446 6.55 28.64 -20.72
N PRO J 447 6.13 28.91 -19.49
CA PRO J 447 6.75 30.01 -18.74
C PRO J 447 8.18 29.63 -18.35
N PHE J 448 8.95 30.65 -17.97
CA PHE J 448 10.39 30.49 -17.85
C PHE J 448 10.74 29.67 -16.62
N SER J 449 11.75 28.82 -16.77
CA SER J 449 12.15 27.94 -15.68
C SER J 449 12.92 28.72 -14.64
N GLN J 450 13.11 28.08 -13.48
CA GLN J 450 13.60 28.82 -12.32
C GLN J 450 15.10 29.04 -12.41
N ALA J 451 15.82 28.14 -13.06
CA ALA J 451 17.27 28.29 -13.18
C ALA J 451 17.62 29.40 -14.16
N VAL J 452 16.74 29.65 -15.14
CA VAL J 452 16.97 30.73 -16.09
C VAL J 452 16.76 32.09 -15.45
N LEU J 453 15.87 32.19 -14.46
CA LEU J 453 15.66 33.46 -13.76
C LEU J 453 16.86 33.85 -12.91
N SER J 454 17.67 32.86 -12.51
CA SER J 454 18.82 33.14 -11.65
C SER J 454 19.92 33.87 -12.43
N PHE J 455 19.94 33.71 -13.74
CA PHE J 455 21.06 34.21 -14.54
C PHE J 455 20.81 35.64 -15.00
N LEU J 456 19.65 36.19 -14.67
CA LEU J 456 19.42 37.60 -14.91
C LEU J 456 20.25 38.44 -13.95
N PRO J 457 20.58 39.67 -14.30
CA PRO J 457 21.14 40.59 -13.30
C PRO J 457 20.09 40.97 -12.27
N LYS J 458 20.55 41.48 -11.14
CA LYS J 458 19.68 41.69 -10.00
C LYS J 458 18.75 42.88 -10.24
N MET J 459 17.57 42.83 -9.63
CA MET J 459 16.49 43.73 -10.01
C MET J 459 16.68 45.19 -9.58
N PRO J 460 17.18 45.52 -8.39
CA PRO J 460 17.63 46.91 -8.19
C PRO J 460 18.94 47.13 -8.94
N TRP J 461 18.86 47.87 -10.04
CA TRP J 461 19.98 47.98 -10.97
C TRP J 461 20.11 49.42 -11.43
N SER J 462 21.35 49.89 -11.51
CA SER J 462 21.69 51.15 -12.16
C SER J 462 22.86 50.88 -13.10
N ILE J 463 23.25 51.90 -13.86
CA ILE J 463 24.40 51.75 -14.74
C ILE J 463 25.67 51.64 -13.93
N THR J 464 26.50 50.65 -14.26
CA THR J 464 27.78 50.42 -13.61
C THR J 464 28.88 50.73 -14.60
N GLU J 465 29.83 51.57 -14.19
CA GLU J 465 30.85 52.03 -15.12
C GLU J 465 31.94 50.99 -15.32
N LYS J 466 32.05 50.04 -14.38
CA LYS J 466 33.12 49.05 -14.39
C LYS J 466 32.96 48.05 -15.53
N ASP J 467 31.73 47.90 -16.03
CA ASP J 467 31.46 47.08 -17.20
C ASP J 467 31.47 47.90 -18.49
N MET J 468 31.72 49.20 -18.39
CA MET J 468 31.75 50.09 -19.53
C MET J 468 33.18 50.44 -19.95
N LYS J 469 34.08 49.45 -19.89
CA LYS J 469 35.51 49.71 -20.10
C LYS J 469 35.81 50.14 -21.53
N ASN J 470 35.27 49.41 -22.50
CA ASN J 470 35.46 49.79 -23.90
C ASN J 470 34.42 50.80 -24.34
N ARG J 471 33.43 51.07 -23.49
CA ARG J 471 32.29 51.89 -23.87
C ARG J 471 32.63 53.38 -23.84
N GLU J 472 31.91 54.14 -24.65
CA GLU J 472 32.02 55.59 -24.71
C GLU J 472 30.69 56.22 -24.34
N ASP J 473 30.74 57.41 -23.73
CA ASP J 473 29.52 58.03 -23.24
C ASP J 473 29.05 59.12 -24.20
N LEU J 474 27.75 59.07 -24.54
CA LEU J 474 27.13 60.03 -25.44
C LEU J 474 25.80 60.52 -24.87
N ARG J 475 25.78 60.90 -23.59
CA ARG J 475 24.55 61.41 -22.99
C ARG J 475 24.19 62.79 -23.54
N HIS J 476 25.20 63.52 -24.03
CA HIS J 476 24.97 64.88 -24.50
C HIS J 476 24.26 64.91 -25.84
N LEU J 477 24.19 63.79 -26.53
CA LEU J 477 23.58 63.69 -27.84
C LEU J 477 22.09 63.48 -27.69
N CYS J 478 21.32 64.07 -28.60
CA CYS J 478 19.88 63.85 -28.65
C CYS J 478 19.58 62.67 -29.57
N ILE J 479 18.88 61.67 -29.05
CA ILE J 479 18.54 60.45 -29.76
C ILE J 479 17.10 60.08 -29.45
N CYS J 480 16.29 59.92 -30.50
CA CYS J 480 14.87 59.61 -30.36
C CYS J 480 14.57 58.29 -31.05
N SER J 481 13.44 57.68 -30.68
CA SER J 481 13.00 56.41 -31.25
C SER J 481 11.50 56.48 -31.56
N VAL J 482 11.14 56.05 -32.77
CA VAL J 482 9.75 56.05 -33.18
C VAL J 482 9.25 54.61 -33.20
N ASP J 483 8.01 54.40 -32.76
CA ASP J 483 7.48 53.07 -32.49
C ASP J 483 5.98 52.94 -32.72
N PRO J 484 5.51 51.80 -33.27
CA PRO J 484 4.09 51.55 -33.45
C PRO J 484 3.52 51.51 -32.03
N PRO J 485 2.60 52.42 -31.68
CA PRO J 485 2.05 52.53 -30.32
C PRO J 485 1.78 51.27 -29.49
N GLY J 486 2.28 51.27 -28.25
CA GLY J 486 1.99 50.28 -27.21
C GLY J 486 3.00 49.16 -27.13
N CYS J 487 4.26 49.50 -26.92
CA CYS J 487 5.31 48.49 -26.81
C CYS J 487 5.81 48.45 -25.37
N THR J 488 6.29 47.28 -24.95
CA THR J 488 7.12 47.21 -23.76
C THR J 488 8.60 47.24 -24.13
N ASP J 489 8.98 46.46 -25.14
CA ASP J 489 10.35 46.43 -25.61
C ASP J 489 10.53 47.37 -26.81
N ILE J 490 11.73 47.95 -26.91
CA ILE J 490 12.12 48.75 -28.06
C ILE J 490 13.63 48.63 -28.21
N ASN J 491 14.12 48.69 -29.45
CA ASN J 491 15.53 48.48 -29.75
C ASN J 491 16.12 49.49 -30.71
N ASP J 492 15.28 50.23 -31.43
CA ASP J 492 15.77 51.17 -32.43
C ASP J 492 16.12 52.50 -31.77
N ALA J 493 17.15 53.16 -32.30
CA ALA J 493 17.58 54.47 -31.81
C ALA J 493 18.43 55.14 -32.89
N LEU J 494 18.16 56.42 -33.15
CA LEU J 494 18.74 57.14 -34.27
C LEU J 494 19.20 58.52 -33.84
N HIS J 495 20.21 59.05 -34.54
CA HIS J 495 20.43 60.49 -34.50
C HIS J 495 21.09 60.92 -35.82
N CYS J 496 20.91 62.20 -36.14
CA CYS J 496 21.57 62.85 -37.25
C CYS J 496 22.08 64.21 -36.81
N ARG J 497 23.29 64.57 -37.20
CA ARG J 497 23.89 65.83 -36.78
C ARG J 497 24.75 66.40 -37.89
N GLU J 498 24.63 67.69 -38.12
CA GLU J 498 25.45 68.37 -39.12
C GLU J 498 26.83 68.68 -38.54
N LEU J 499 27.87 68.36 -39.31
CA LEU J 499 29.24 68.61 -38.88
C LEU J 499 29.70 69.99 -39.35
N GLU J 500 30.87 70.40 -38.88
CA GLU J 500 31.39 71.74 -39.12
C GLU J 500 31.80 71.93 -40.57
N ASN J 501 32.37 70.89 -41.18
CA ASN J 501 32.88 70.97 -42.54
C ASN J 501 31.85 70.56 -43.59
N GLY J 502 30.57 70.76 -43.31
CA GLY J 502 29.52 70.42 -44.25
C GLY J 502 29.17 68.95 -44.31
N ASN J 503 29.62 68.15 -43.35
CA ASN J 503 29.38 66.72 -43.33
C ASN J 503 28.28 66.37 -42.33
N LEU J 504 27.93 65.09 -42.33
CA LEU J 504 26.85 64.56 -41.50
C LEU J 504 27.35 63.39 -40.68
N GLU J 505 26.94 63.35 -39.42
CA GLU J 505 27.20 62.23 -38.53
C GLU J 505 25.87 61.57 -38.20
N VAL J 506 25.71 60.32 -38.64
CA VAL J 506 24.45 59.61 -38.52
C VAL J 506 24.70 58.35 -37.69
N GLY J 507 23.92 58.20 -36.61
CA GLY J 507 24.12 57.12 -35.68
C GLY J 507 22.91 56.22 -35.58
N VAL J 508 23.13 54.93 -35.82
CA VAL J 508 22.16 53.88 -35.56
C VAL J 508 22.60 53.16 -34.30
N HIS J 509 21.74 53.14 -33.30
CA HIS J 509 22.07 52.66 -31.97
C HIS J 509 21.13 51.53 -31.60
N ILE J 510 21.69 50.40 -31.17
CA ILE J 510 20.95 49.18 -30.94
C ILE J 510 21.16 48.76 -29.49
N ALA J 511 20.09 48.30 -28.84
CA ALA J 511 20.23 47.76 -27.50
C ALA J 511 21.12 46.52 -27.49
N ASP J 512 21.97 46.41 -26.48
CA ASP J 512 22.93 45.31 -26.39
C ASP J 512 22.38 44.18 -25.52
N VAL J 513 21.78 43.20 -26.20
CA VAL J 513 21.35 42.00 -25.52
C VAL J 513 22.55 41.12 -25.19
N SER J 514 23.59 41.19 -26.03
CA SER J 514 24.77 40.34 -25.86
C SER J 514 25.62 40.70 -24.66
N HIS J 515 25.40 41.88 -24.05
CA HIS J 515 26.15 42.24 -22.85
C HIS J 515 25.62 41.49 -21.63
N PHE J 516 24.45 40.88 -21.74
CA PHE J 516 23.81 40.25 -20.61
C PHE J 516 23.74 38.73 -20.70
N ILE J 517 23.87 38.17 -21.90
CA ILE J 517 23.68 36.74 -22.10
C ILE J 517 25.01 36.16 -22.52
N ARG J 518 25.68 35.48 -21.59
CA ARG J 518 26.94 34.84 -21.90
C ARG J 518 26.69 33.53 -22.64
N PRO J 519 27.59 33.10 -23.52
CA PRO J 519 27.42 31.83 -24.23
C PRO J 519 27.52 30.65 -23.29
N GLY J 520 26.81 29.58 -23.62
CA GLY J 520 26.80 28.37 -22.83
C GLY J 520 25.86 28.39 -21.65
N ASN J 521 25.20 29.51 -21.39
CA ASN J 521 24.36 29.62 -20.21
C ASN J 521 22.94 29.12 -20.52
N ALA J 522 22.14 28.96 -19.48
CA ALA J 522 20.79 28.41 -19.67
C ALA J 522 19.85 29.46 -20.24
N LEU J 523 20.13 30.74 -20.00
CA LEU J 523 19.37 31.79 -20.67
C LEU J 523 19.68 31.80 -22.16
N ASP J 524 20.95 31.52 -22.51
CA ASP J 524 21.30 31.29 -23.91
C ASP J 524 20.63 30.03 -24.44
N GLN J 525 20.40 29.04 -23.58
CA GLN J 525 19.73 27.82 -24.01
C GLN J 525 18.27 28.08 -24.36
N GLU J 526 17.58 28.87 -23.52
CA GLU J 526 16.21 29.28 -23.83
C GLU J 526 16.14 30.10 -25.11
N SER J 527 17.06 31.06 -25.25
CA SER J 527 17.03 31.93 -26.43
C SER J 527 17.43 31.17 -27.69
N ALA J 528 18.18 30.08 -27.54
CA ALA J 528 18.52 29.26 -28.69
C ALA J 528 17.38 28.31 -29.03
N ARG J 529 16.60 27.91 -28.03
CA ARG J 529 15.44 27.08 -28.32
C ARG J 529 14.36 27.87 -29.05
N ARG J 530 13.97 29.02 -28.50
CA ARG J 530 12.85 29.75 -29.09
C ARG J 530 13.25 30.44 -30.38
N GLY J 531 14.40 31.09 -30.40
CA GLY J 531 14.89 31.70 -31.63
C GLY J 531 14.28 33.01 -32.02
N THR J 532 12.96 33.11 -32.05
CA THR J 532 12.29 34.34 -32.43
C THR J 532 11.09 34.56 -31.54
N THR J 533 10.62 35.80 -31.52
CA THR J 533 9.44 36.15 -30.75
C THR J 533 8.20 36.02 -31.61
N VAL J 534 7.24 35.23 -31.13
CA VAL J 534 6.04 34.90 -31.87
C VAL J 534 4.93 35.85 -31.48
N TYR J 535 4.34 36.51 -32.48
CA TYR J 535 3.32 37.53 -32.28
C TYR J 535 1.97 36.98 -32.66
N LEU J 536 0.97 37.23 -31.81
CA LEU J 536 -0.41 36.83 -32.07
C LEU J 536 -1.31 38.04 -31.98
N CYS J 537 -2.62 37.78 -32.09
CA CYS J 537 -3.59 38.87 -32.07
C CYS J 537 -3.74 39.45 -30.67
N GLU J 538 -3.99 38.60 -29.68
CA GLU J 538 -4.27 39.06 -28.33
C GLU J 538 -3.00 39.36 -27.54
N LYS J 539 -2.09 38.40 -27.45
CA LYS J 539 -0.86 38.58 -26.70
C LYS J 539 0.32 38.18 -27.56
N ARG J 540 1.52 38.31 -27.00
CA ARG J 540 2.74 37.86 -27.64
C ARG J 540 3.53 37.00 -26.66
N ILE J 541 4.44 36.19 -27.20
CA ILE J 541 5.28 35.31 -26.41
C ILE J 541 6.71 35.72 -26.66
N ASP J 542 7.31 36.42 -25.70
CA ASP J 542 8.62 37.00 -25.87
C ASP J 542 9.71 35.94 -25.77
N MET J 543 10.76 36.11 -26.58
CA MET J 543 11.92 35.23 -26.48
C MET J 543 12.69 35.47 -25.20
N VAL J 544 12.81 36.73 -24.80
CA VAL J 544 13.56 37.16 -23.63
C VAL J 544 12.55 37.32 -22.49
N PRO J 545 12.90 36.98 -21.24
CA PRO J 545 11.96 37.21 -20.13
C PRO J 545 11.59 38.68 -19.96
N GLU J 546 10.44 38.89 -19.31
CA GLU J 546 9.77 40.20 -19.36
C GLU J 546 10.54 41.25 -18.57
N LEU J 547 11.30 40.83 -17.56
CA LEU J 547 12.13 41.74 -16.79
C LEU J 547 13.17 42.40 -17.67
N LEU J 548 13.94 41.58 -18.38
CA LEU J 548 15.06 42.07 -19.18
C LEU J 548 14.58 42.90 -20.36
N SER J 549 13.67 42.35 -21.15
CA SER J 549 13.20 43.02 -22.36
C SER J 549 12.27 44.19 -22.03
N SER J 550 11.72 44.21 -20.81
CA SER J 550 10.86 45.33 -20.44
C SER J 550 11.67 46.50 -19.91
N ASN J 551 12.65 46.24 -19.04
CA ASN J 551 13.30 47.35 -18.35
C ASN J 551 14.77 47.49 -18.74
N LEU J 552 15.51 46.39 -18.78
CA LEU J 552 16.95 46.48 -18.77
C LEU J 552 17.57 46.59 -20.16
N CYS J 553 16.78 46.42 -21.21
CA CYS J 553 17.28 46.71 -22.56
C CYS J 553 16.32 47.50 -23.42
N SER J 554 15.04 47.62 -23.05
CA SER J 554 14.15 48.52 -23.76
C SER J 554 14.55 49.96 -23.44
N LEU J 555 14.89 50.71 -24.50
CA LEU J 555 15.43 52.07 -24.34
C LEU J 555 14.31 53.00 -23.93
N LYS J 556 14.09 53.09 -22.62
CA LYS J 556 13.07 53.97 -22.07
C LYS J 556 13.54 55.42 -22.14
N CYS J 557 12.61 56.33 -21.86
CA CYS J 557 12.90 57.75 -21.99
C CYS J 557 13.72 58.26 -20.81
N ASP J 558 14.73 59.08 -21.14
CA ASP J 558 15.51 59.88 -20.19
C ASP J 558 16.27 59.01 -19.18
N VAL J 559 16.70 57.83 -19.63
CA VAL J 559 17.55 56.94 -18.83
C VAL J 559 18.69 56.45 -19.72
N ASP J 560 19.80 56.10 -19.08
CA ASP J 560 20.98 55.61 -19.77
C ASP J 560 20.95 54.09 -19.78
N ARG J 561 21.38 53.49 -20.88
CA ARG J 561 21.44 52.04 -21.00
C ARG J 561 22.61 51.65 -21.89
N LEU J 562 23.02 50.40 -21.79
CA LEU J 562 24.07 49.87 -22.67
C LEU J 562 23.56 49.80 -24.10
N ALA J 563 24.49 50.00 -25.05
CA ALA J 563 24.11 49.98 -26.45
C ALA J 563 25.33 49.64 -27.30
N PHE J 564 25.05 49.16 -28.50
CA PHE J 564 26.06 48.84 -29.49
C PHE J 564 25.70 49.71 -30.69
N SER J 565 26.65 50.51 -31.17
CA SER J 565 26.33 51.61 -32.06
C SER J 565 27.17 51.57 -33.32
N CYS J 566 26.59 52.12 -34.39
CA CYS J 566 27.28 52.33 -35.66
C CYS J 566 27.13 53.79 -36.05
N ILE J 567 28.25 54.41 -36.44
CA ILE J 567 28.33 55.83 -36.76
C ILE J 567 28.81 55.96 -38.20
N TRP J 568 28.08 56.71 -39.02
CA TRP J 568 28.50 56.98 -40.37
C TRP J 568 28.82 58.46 -40.54
N GLU J 569 29.94 58.71 -41.21
CA GLU J 569 30.31 60.03 -41.71
C GLU J 569 29.82 60.13 -43.15
N MET J 570 28.59 60.63 -43.32
CA MET J 570 27.96 60.68 -44.63
C MET J 570 27.75 62.13 -45.02
N ASN J 571 27.87 62.39 -46.32
CA ASN J 571 27.82 63.76 -46.83
C ASN J 571 26.39 64.30 -46.84
N HIS J 572 26.26 65.52 -47.37
CA HIS J 572 24.94 66.07 -47.64
C HIS J 572 24.26 65.38 -48.82
N ASN J 573 25.03 64.65 -49.64
CA ASN J 573 24.48 63.80 -50.69
C ASN J 573 24.34 62.36 -50.22
N ALA J 574 24.56 62.12 -48.92
CA ALA J 574 24.34 60.89 -48.15
C ALA J 574 25.24 59.72 -48.55
N GLU J 575 26.25 59.90 -49.40
CA GLU J 575 27.23 58.84 -49.57
C GLU J 575 28.23 58.87 -48.42
N ILE J 576 28.80 57.70 -48.12
CA ILE J 576 29.49 57.44 -46.87
C ILE J 576 30.98 57.26 -47.13
N LEU J 577 31.80 57.93 -46.34
CA LEU J 577 33.25 57.74 -46.45
C LEU J 577 33.78 56.83 -45.33
N LYS J 578 33.32 57.05 -44.11
CA LYS J 578 33.92 56.36 -42.96
C LYS J 578 32.80 55.80 -42.09
N THR J 579 33.04 54.60 -41.55
CA THR J 579 32.07 53.87 -40.75
C THR J 579 32.73 53.40 -39.46
N LYS J 580 32.01 53.57 -38.34
CA LYS J 580 32.51 53.31 -36.99
C LYS J 580 31.58 52.32 -36.29
N PHE J 581 32.17 51.38 -35.56
CA PHE J 581 31.42 50.42 -34.75
C PHE J 581 31.94 50.48 -33.33
N THR J 582 31.03 50.57 -32.35
CA THR J 582 31.48 50.82 -30.99
C THR J 582 30.50 50.25 -29.97
N LYS J 583 31.00 50.10 -28.75
CA LYS J 583 30.16 49.91 -27.57
C LYS J 583 29.96 51.27 -26.90
N SER J 584 28.77 51.51 -26.36
CA SER J 584 28.48 52.82 -25.80
C SER J 584 27.42 52.71 -24.72
N VAL J 585 27.21 53.82 -24.03
CA VAL J 585 26.07 54.02 -23.14
C VAL J 585 25.27 55.20 -23.66
N ILE J 586 23.96 55.02 -23.79
CA ILE J 586 23.10 55.94 -24.52
C ILE J 586 21.93 56.35 -23.63
N ASN J 587 21.68 57.66 -23.59
CA ASN J 587 20.52 58.24 -22.91
C ASN J 587 19.63 58.84 -23.98
N SER J 588 18.51 58.16 -24.27
CA SER J 588 17.57 58.68 -25.25
C SER J 588 16.78 59.85 -24.67
N LYS J 589 16.42 60.79 -25.54
CA LYS J 589 15.66 61.95 -25.10
C LYS J 589 14.16 61.70 -25.19
N ALA J 590 13.68 61.12 -26.29
CA ALA J 590 12.25 61.01 -26.51
C ALA J 590 11.90 59.68 -27.17
N SER J 591 10.69 59.19 -26.88
CA SER J 591 10.10 58.05 -27.57
C SER J 591 8.88 58.56 -28.33
N LEU J 592 8.71 58.12 -29.58
CA LEU J 592 7.76 58.73 -30.48
C LEU J 592 6.77 57.74 -31.05
N THR J 593 5.60 58.27 -31.42
CA THR J 593 4.68 57.58 -32.30
C THR J 593 4.81 58.14 -33.71
N TYR J 594 4.14 57.48 -34.66
CA TYR J 594 4.36 57.81 -36.07
C TYR J 594 3.56 59.03 -36.51
N ALA J 595 2.32 59.16 -36.04
CA ALA J 595 1.51 60.32 -36.41
C ALA J 595 2.07 61.60 -35.79
N GLU J 596 2.52 61.51 -34.53
CA GLU J 596 3.07 62.68 -33.86
C GLU J 596 4.38 63.12 -34.50
N ALA J 597 5.28 62.17 -34.80
CA ALA J 597 6.53 62.51 -35.47
C ALA J 597 6.32 62.94 -36.91
N GLN J 598 5.26 62.45 -37.57
CA GLN J 598 4.95 62.91 -38.91
C GLN J 598 4.46 64.35 -38.89
N LEU J 599 3.67 64.72 -37.88
CA LEU J 599 3.28 66.12 -37.75
C LEU J 599 4.44 66.99 -37.27
N ARG J 600 5.41 66.40 -36.59
CA ARG J 600 6.62 67.14 -36.24
C ARG J 600 7.44 67.47 -37.48
N ILE J 601 7.67 66.49 -38.35
CA ILE J 601 8.54 66.71 -39.50
C ILE J 601 7.82 67.52 -40.57
N ASP J 602 6.59 67.14 -40.91
CA ASP J 602 5.85 67.75 -42.01
C ASP J 602 5.43 69.19 -41.76
N SER J 603 5.43 69.63 -40.50
CA SER J 603 5.16 71.02 -40.17
C SER J 603 6.48 71.66 -39.77
N ALA J 604 6.75 72.84 -40.31
CA ALA J 604 7.98 73.57 -39.98
C ALA J 604 7.79 74.43 -38.74
N ASN J 605 6.59 74.35 -38.18
CA ASN J 605 6.13 75.09 -37.00
C ASN J 605 6.76 74.81 -35.64
N MET J 606 6.97 73.53 -35.33
CA MET J 606 7.54 73.14 -34.04
C MET J 606 8.99 72.88 -34.29
N ASN J 607 9.88 73.53 -33.55
CA ASN J 607 11.29 73.32 -33.81
C ASN J 607 12.32 73.05 -32.71
N ASP J 608 12.24 71.93 -32.00
CA ASP J 608 13.36 71.63 -31.12
C ASP J 608 14.49 70.98 -31.90
N ASP J 609 15.52 70.53 -31.17
CA ASP J 609 16.68 69.93 -31.83
C ASP J 609 16.36 68.55 -32.39
N ILE J 610 15.45 67.83 -31.71
CA ILE J 610 15.11 66.47 -32.13
C ILE J 610 14.35 66.51 -33.45
N THR J 611 13.43 67.48 -33.60
CA THR J 611 12.67 67.60 -34.84
C THR J 611 13.56 68.06 -35.98
N THR J 612 14.56 68.90 -35.69
CA THR J 612 15.53 69.31 -36.70
C THR J 612 16.36 68.12 -37.16
N SER J 613 16.76 67.26 -36.22
CA SER J 613 17.47 66.03 -36.57
C SER J 613 16.59 65.09 -37.39
N LEU J 614 15.29 65.05 -37.09
CA LEU J 614 14.39 64.19 -37.84
C LEU J 614 14.13 64.72 -39.24
N ARG J 615 14.09 66.04 -39.40
CA ARG J 615 13.96 66.62 -40.74
C ARG J 615 15.22 66.37 -41.56
N GLY J 616 16.39 66.44 -40.93
CA GLY J 616 17.62 66.07 -41.61
C GLY J 616 17.65 64.60 -41.99
N LEU J 617 17.11 63.74 -41.11
CA LEU J 617 16.95 62.33 -41.43
C LEU J 617 16.00 62.12 -42.60
N ASN J 618 14.94 62.93 -42.70
CA ASN J 618 14.01 62.79 -43.81
C ASN J 618 14.66 63.27 -45.12
N LYS J 619 15.48 64.30 -45.04
CA LYS J 619 16.20 64.77 -46.22
C LYS J 619 17.23 63.75 -46.69
N LEU J 620 17.82 63.01 -45.75
CA LEU J 620 18.70 61.91 -46.14
C LEU J 620 17.89 60.72 -46.65
N ALA J 621 16.68 60.55 -46.12
CA ALA J 621 15.84 59.42 -46.51
C ALA J 621 15.30 59.60 -47.91
N LYS J 622 15.16 60.85 -48.36
CA LYS J 622 14.77 61.07 -49.74
C LYS J 622 15.92 60.77 -50.71
N ILE J 623 17.16 60.93 -50.25
CA ILE J 623 18.30 60.49 -51.05
C ILE J 623 18.36 58.96 -51.08
N LEU J 624 17.99 58.33 -49.96
CA LEU J 624 17.85 56.88 -49.94
C LEU J 624 16.69 56.43 -50.82
N LYS J 625 15.66 57.27 -50.94
CA LYS J 625 14.55 57.02 -51.86
C LYS J 625 14.99 57.13 -53.31
N LYS J 626 15.90 58.07 -53.59
CA LYS J 626 16.53 58.19 -54.90
C LYS J 626 17.30 56.92 -55.26
N ARG J 627 18.22 56.50 -54.39
CA ARG J 627 19.08 55.36 -54.72
C ARG J 627 18.33 54.04 -54.57
N ARG J 628 17.17 54.08 -53.91
CA ARG J 628 16.51 52.89 -53.37
C ARG J 628 16.03 51.94 -54.46
N ILE J 629 15.13 52.43 -55.34
CA ILE J 629 14.64 51.60 -56.43
C ILE J 629 15.74 51.38 -57.46
N GLU J 630 16.66 52.35 -57.55
CA GLU J 630 17.76 52.26 -58.51
C GLU J 630 18.76 51.18 -58.12
N LYS J 631 18.79 50.77 -56.84
CA LYS J 631 19.52 49.58 -56.47
C LYS J 631 18.85 48.32 -57.00
N GLY J 632 17.52 48.29 -57.03
CA GLY J 632 16.81 47.10 -57.48
C GLY J 632 16.06 46.43 -56.36
N ALA J 633 15.76 47.18 -55.30
CA ALA J 633 15.03 46.63 -54.17
C ALA J 633 13.53 46.73 -54.40
N LEU J 634 12.82 45.69 -53.99
CA LEU J 634 11.37 45.62 -54.14
C LEU J 634 10.71 45.74 -52.77
N THR J 635 9.85 46.75 -52.63
CA THR J 635 9.07 46.94 -51.41
C THR J 635 7.59 46.82 -51.77
N LEU J 636 7.12 45.58 -51.85
CA LEU J 636 5.78 45.29 -52.35
C LEU J 636 5.02 44.31 -51.46
N SER J 637 4.91 44.59 -50.16
CA SER J 637 4.48 43.60 -49.19
C SER J 637 3.03 43.17 -49.38
N SER J 638 2.69 42.02 -48.77
CA SER J 638 1.40 41.38 -48.88
C SER J 638 0.33 42.24 -48.22
N PRO J 639 -0.97 42.12 -48.60
CA PRO J 639 -2.00 42.96 -47.97
C PRO J 639 -2.22 42.64 -46.50
N GLU J 640 -1.91 43.62 -45.65
CA GLU J 640 -1.93 43.44 -44.21
C GLU J 640 -3.35 43.60 -43.68
N VAL J 641 -3.52 43.34 -42.40
CA VAL J 641 -4.80 43.46 -41.71
C VAL J 641 -4.50 43.97 -40.30
N ARG J 642 -5.44 44.71 -39.71
CA ARG J 642 -5.32 45.18 -38.35
C ARG J 642 -6.70 45.21 -37.73
N PHE J 643 -6.88 44.46 -36.66
CA PHE J 643 -8.13 44.57 -35.93
C PHE J 643 -8.12 45.81 -35.05
N HIS J 644 -9.28 46.44 -34.94
CA HIS J 644 -9.50 47.49 -33.96
C HIS J 644 -10.63 47.06 -33.05
N MET J 645 -10.41 47.27 -31.76
CA MET J 645 -11.12 46.62 -30.67
C MET J 645 -12.50 47.24 -30.43
N ASP J 646 -13.04 46.93 -29.25
CA ASP J 646 -14.35 47.39 -28.82
C ASP J 646 -14.15 47.82 -27.37
N SER J 647 -15.22 47.95 -26.58
CA SER J 647 -15.06 48.27 -25.17
C SER J 647 -14.29 47.17 -24.42
N GLU J 648 -14.43 45.93 -24.85
CA GLU J 648 -13.55 44.84 -24.44
C GLU J 648 -12.51 44.61 -25.52
N THR J 649 -11.29 44.27 -25.07
CA THR J 649 -10.21 43.97 -25.99
C THR J 649 -10.13 42.49 -26.36
N HIS J 650 -11.14 41.69 -25.99
CA HIS J 650 -11.16 40.27 -26.30
C HIS J 650 -12.04 39.96 -27.50
N ASP J 651 -12.95 40.86 -27.89
CA ASP J 651 -13.73 40.69 -29.11
C ASP J 651 -13.58 41.95 -29.94
N PRO J 652 -12.62 42.00 -30.88
CA PRO J 652 -12.43 43.22 -31.69
C PRO J 652 -13.56 43.45 -32.68
N ILE J 653 -13.87 44.72 -32.93
CA ILE J 653 -15.05 45.08 -33.70
C ILE J 653 -14.71 45.23 -35.18
N ASP J 654 -13.83 46.18 -35.52
CA ASP J 654 -13.66 46.56 -36.91
C ASP J 654 -12.32 46.06 -37.45
N LEU J 655 -12.20 46.09 -38.76
CA LEU J 655 -11.04 45.57 -39.46
C LEU J 655 -10.53 46.66 -40.40
N GLN J 656 -9.31 47.14 -40.16
CA GLN J 656 -8.75 48.28 -40.87
C GLN J 656 -7.38 47.91 -41.43
N THR J 657 -7.09 48.44 -42.62
CA THR J 657 -5.77 48.28 -43.21
C THR J 657 -5.02 49.61 -43.13
N LYS J 658 -3.81 49.57 -42.58
CA LYS J 658 -3.05 50.79 -42.33
C LYS J 658 -2.38 51.29 -43.60
N GLU J 659 -2.50 52.59 -43.86
CA GLU J 659 -1.75 53.24 -44.93
C GLU J 659 -0.43 53.72 -44.37
N LEU J 660 0.68 53.29 -44.97
CA LEU J 660 2.00 53.52 -44.41
C LEU J 660 2.46 54.95 -44.68
N ARG J 661 3.18 55.51 -43.72
CA ARG J 661 3.77 56.84 -43.80
C ARG J 661 5.16 56.73 -44.43
N GLU J 662 5.88 57.84 -44.56
CA GLU J 662 7.21 57.82 -45.16
C GLU J 662 8.31 57.50 -44.15
N THR J 663 8.06 57.78 -42.87
CA THR J 663 9.08 57.56 -41.85
C THR J 663 9.31 56.06 -41.61
N ASN J 664 8.30 55.23 -41.89
CA ASN J 664 8.49 53.79 -41.90
C ASN J 664 9.51 53.38 -42.95
N SER J 665 9.40 53.93 -44.16
CA SER J 665 10.40 53.67 -45.19
C SER J 665 11.75 54.27 -44.83
N MET J 666 11.74 55.36 -44.06
CA MET J 666 12.99 55.99 -43.64
C MET J 666 13.77 55.09 -42.68
N VAL J 667 13.08 54.54 -41.66
CA VAL J 667 13.79 53.69 -40.71
C VAL J 667 14.07 52.33 -41.35
N GLU J 668 13.25 51.96 -42.35
CA GLU J 668 13.51 50.79 -43.18
C GLU J 668 14.85 50.90 -43.88
N GLU J 669 15.07 51.99 -44.61
CA GLU J 669 16.28 52.09 -45.41
C GLU J 669 17.51 52.34 -44.53
N PHE J 670 17.32 52.95 -43.36
CA PHE J 670 18.46 53.05 -42.44
C PHE J 670 18.83 51.69 -41.85
N MET J 671 17.85 50.84 -41.56
CA MET J 671 18.22 49.51 -41.04
C MET J 671 18.80 48.63 -42.14
N LEU J 672 18.35 48.82 -43.38
CA LEU J 672 19.00 48.16 -44.52
C LEU J 672 20.45 48.61 -44.67
N LEU J 673 20.72 49.91 -44.51
CA LEU J 673 22.09 50.42 -44.56
C LEU J 673 22.96 49.82 -43.46
N ALA J 674 22.43 49.74 -42.24
CA ALA J 674 23.17 49.13 -41.14
C ALA J 674 23.45 47.66 -41.39
N ASN J 675 22.48 46.95 -41.94
CA ASN J 675 22.65 45.52 -42.17
C ASN J 675 23.65 45.25 -43.29
N ILE J 676 23.64 46.06 -44.34
CA ILE J 676 24.63 45.92 -45.42
C ILE J 676 26.02 46.22 -44.89
N SER J 677 26.14 47.24 -44.03
CA SER J 677 27.43 47.59 -43.44
C SER J 677 27.99 46.47 -42.57
N VAL J 678 27.15 45.91 -41.69
CA VAL J 678 27.65 44.85 -40.83
C VAL J 678 27.87 43.56 -41.61
N ALA J 679 27.15 43.36 -42.72
CA ALA J 679 27.36 42.18 -43.55
C ALA J 679 28.71 42.24 -44.26
N LYS J 680 29.05 43.41 -44.81
CA LYS J 680 30.34 43.58 -45.44
C LYS J 680 31.47 43.51 -44.41
N LYS J 681 31.20 43.99 -43.19
CA LYS J 681 32.20 43.92 -42.13
C LYS J 681 32.49 42.48 -41.71
N ILE J 682 31.45 41.67 -41.50
CA ILE J 682 31.69 40.30 -41.05
C ILE J 682 32.15 39.43 -42.20
N HIS J 683 31.84 39.85 -43.42
CA HIS J 683 32.37 39.17 -44.59
C HIS J 683 33.88 39.42 -44.68
N GLU J 684 34.32 40.65 -44.41
CA GLU J 684 35.74 40.99 -44.43
C GLU J 684 36.48 40.28 -43.28
N GLU J 685 35.84 40.17 -42.13
CA GLU J 685 36.53 39.63 -40.96
C GLU J 685 36.39 38.13 -40.83
N PHE J 686 35.17 37.59 -40.90
CA PHE J 686 34.89 36.20 -40.53
C PHE J 686 34.01 35.51 -41.57
N SER J 687 34.46 35.53 -42.84
CA SER J 687 33.68 34.92 -43.92
C SER J 687 33.59 33.39 -43.83
N GLU J 688 34.31 32.77 -42.90
CA GLU J 688 34.27 31.33 -42.72
C GLU J 688 33.39 30.87 -41.56
N HIS J 689 33.04 31.75 -40.62
CA HIS J 689 32.34 31.32 -39.41
C HIS J 689 31.26 32.31 -38.98
N ALA J 690 30.67 33.05 -39.91
CA ALA J 690 29.61 33.99 -39.58
C ALA J 690 28.25 33.46 -39.99
N LEU J 691 27.20 34.06 -39.46
CA LEU J 691 25.84 33.69 -39.78
C LEU J 691 25.31 34.69 -40.79
N LEU J 692 24.90 34.18 -41.94
CA LEU J 692 24.45 35.02 -43.04
C LEU J 692 23.03 34.60 -43.45
N ARG J 693 22.38 35.45 -44.23
CA ARG J 693 21.01 35.22 -44.64
C ARG J 693 20.90 35.39 -46.15
N LYS J 694 20.38 34.36 -46.82
CA LYS J 694 20.29 34.37 -48.26
C LYS J 694 18.85 34.24 -48.73
N HIS J 695 18.63 34.65 -49.99
CA HIS J 695 17.39 34.44 -50.71
C HIS J 695 17.74 33.76 -52.02
N PRO J 696 17.29 32.52 -52.24
CA PRO J 696 17.77 31.77 -53.41
C PRO J 696 17.16 32.26 -54.70
N ALA J 697 17.77 31.85 -55.81
CA ALA J 697 17.30 32.28 -57.12
C ALA J 697 16.06 31.48 -57.52
N PRO J 698 14.94 32.16 -57.78
CA PRO J 698 13.71 31.45 -58.11
C PRO J 698 13.70 30.97 -59.55
N PRO J 699 13.04 29.85 -59.83
CA PRO J 699 12.89 29.44 -61.23
C PRO J 699 11.93 30.36 -61.96
N PRO J 700 12.04 30.44 -63.28
CA PRO J 700 11.19 31.39 -64.01
C PRO J 700 9.78 30.89 -64.25
N SER J 701 9.48 29.65 -63.86
CA SER J 701 8.13 29.10 -64.01
C SER J 701 7.15 29.81 -63.11
N ASN J 702 7.59 30.25 -61.94
CA ASN J 702 6.76 31.05 -61.05
C ASN J 702 6.50 32.44 -61.58
N TYR J 703 7.36 32.96 -62.45
CA TYR J 703 7.14 34.24 -63.10
C TYR J 703 6.36 34.11 -64.40
N GLU J 704 6.33 32.92 -64.99
CA GLU J 704 5.71 32.76 -66.30
C GLU J 704 4.18 32.82 -66.20
N ILE J 705 3.62 32.34 -65.09
CA ILE J 705 2.19 32.47 -64.85
C ILE J 705 1.81 33.93 -64.67
N LEU J 706 2.65 34.69 -63.97
CA LEU J 706 2.42 36.13 -63.82
C LEU J 706 2.56 36.85 -65.16
N VAL J 707 3.48 36.39 -66.01
CA VAL J 707 3.64 36.98 -67.34
C VAL J 707 2.43 36.65 -68.22
N LYS J 708 1.84 35.47 -68.03
CA LYS J 708 0.61 35.13 -68.74
C LYS J 708 -0.56 36.00 -68.26
N ALA J 709 -0.62 36.27 -66.95
CA ALA J 709 -1.66 37.14 -66.42
C ALA J 709 -1.46 38.57 -66.89
N ALA J 710 -0.21 38.99 -67.05
CA ALA J 710 0.08 40.31 -67.62
C ALA J 710 -0.25 40.35 -69.10
N ARG J 711 -0.12 39.21 -69.79
CA ARG J 711 -0.52 39.13 -71.19
C ARG J 711 -2.03 39.24 -71.32
N SER J 712 -2.77 38.67 -70.38
CA SER J 712 -4.21 38.91 -70.33
C SER J 712 -4.50 40.37 -69.95
N ARG J 713 -3.61 40.98 -69.16
CA ARG J 713 -3.72 42.39 -68.85
C ARG J 713 -3.07 43.24 -69.93
N ASN J 714 -2.89 44.52 -69.63
CA ASN J 714 -2.26 45.44 -70.56
C ASN J 714 -0.80 45.70 -70.15
N LEU J 715 0.02 44.66 -70.17
CA LEU J 715 1.45 44.88 -69.80
C LEU J 715 2.29 43.63 -70.01
N GLU J 716 3.52 43.86 -70.49
CA GLU J 716 4.56 42.82 -70.70
C GLU J 716 5.56 42.97 -69.55
N ILE J 717 6.06 41.86 -69.04
CA ILE J 717 6.97 41.86 -67.91
C ILE J 717 8.19 41.01 -68.22
N LYS J 718 9.38 41.59 -68.03
CA LYS J 718 10.64 40.90 -68.22
C LYS J 718 10.93 40.00 -67.02
N THR J 719 11.16 38.72 -67.28
CA THR J 719 11.46 37.75 -66.24
C THR J 719 12.95 37.42 -66.16
N ASP J 720 13.81 38.37 -66.55
CA ASP J 720 15.24 38.11 -66.54
C ASP J 720 15.80 38.19 -65.12
N THR J 721 15.71 39.35 -64.49
CA THR J 721 16.19 39.54 -63.13
C THR J 721 15.24 40.47 -62.40
N ALA J 722 15.59 40.80 -61.15
CA ALA J 722 14.73 41.65 -60.34
C ALA J 722 14.71 43.09 -60.84
N LYS J 723 15.79 43.51 -61.51
CA LYS J 723 15.90 44.88 -62.01
C LYS J 723 14.87 45.18 -63.09
N SER J 724 14.87 44.41 -64.18
CA SER J 724 13.96 44.67 -65.29
C SER J 724 12.52 44.34 -64.90
N LEU J 725 12.35 43.34 -64.03
CA LEU J 725 11.01 43.02 -63.52
C LEU J 725 10.44 44.16 -62.70
N ALA J 726 11.24 44.74 -61.80
CA ALA J 726 10.78 45.84 -60.97
C ALA J 726 10.56 47.09 -61.79
N GLU J 727 11.39 47.32 -62.80
CA GLU J 727 11.25 48.51 -63.64
C GLU J 727 10.01 48.41 -64.53
N SER J 728 9.77 47.24 -65.12
CA SER J 728 8.59 47.07 -65.95
C SER J 728 7.32 46.95 -65.12
N LEU J 729 7.45 46.57 -63.85
CA LEU J 729 6.29 46.46 -62.99
C LEU J 729 5.90 47.82 -62.42
N ASP J 730 6.90 48.67 -62.14
CA ASP J 730 6.62 50.00 -61.63
C ASP J 730 6.13 50.95 -62.71
N GLN J 731 6.39 50.64 -63.98
CA GLN J 731 5.88 51.43 -65.09
C GLN J 731 4.46 51.06 -65.46
N ALA J 732 3.86 50.09 -64.77
CA ALA J 732 2.55 49.57 -65.15
C ALA J 732 1.42 50.20 -64.36
N GLU J 733 1.37 51.53 -64.28
CA GLU J 733 0.30 52.24 -63.58
C GLU J 733 -0.79 52.56 -64.59
N SER J 734 -1.93 51.89 -64.45
CA SER J 734 -3.02 52.05 -65.41
C SER J 734 -4.02 53.07 -64.88
N PRO J 735 -4.53 53.98 -65.72
CA PRO J 735 -5.46 55.01 -65.23
C PRO J 735 -6.88 54.50 -65.07
N THR J 736 -7.14 53.25 -65.51
CA THR J 736 -8.44 52.63 -65.28
C THR J 736 -8.67 52.43 -63.80
N PHE J 737 -7.72 51.79 -63.11
CA PHE J 737 -7.71 51.70 -61.65
C PHE J 737 -6.29 51.40 -61.18
N PRO J 738 -5.76 52.17 -60.23
CA PRO J 738 -4.45 51.81 -59.65
C PRO J 738 -4.51 50.58 -58.77
N TYR J 739 -5.71 50.14 -58.39
CA TYR J 739 -5.80 48.97 -57.55
C TYR J 739 -5.58 47.71 -58.37
N LEU J 740 -5.76 47.78 -59.70
CA LEU J 740 -5.30 46.70 -60.56
C LEU J 740 -3.79 46.57 -60.53
N ASN J 741 -3.08 47.70 -60.48
CA ASN J 741 -1.65 47.68 -60.25
C ASN J 741 -1.33 47.07 -58.89
N THR J 742 -2.14 47.40 -57.86
CA THR J 742 -1.92 46.86 -56.52
C THR J 742 -2.11 45.34 -56.49
N LEU J 743 -3.11 44.85 -57.23
CA LEU J 743 -3.34 43.42 -57.36
C LEU J 743 -2.17 42.75 -58.08
N LEU J 744 -1.60 43.42 -59.09
CA LEU J 744 -0.42 42.90 -59.75
C LEU J 744 0.77 42.84 -58.79
N ARG J 745 0.90 43.83 -57.91
CA ARG J 745 2.01 43.85 -56.96
C ARG J 745 1.87 42.72 -55.94
N ILE J 746 0.65 42.47 -55.44
CA ILE J 746 0.50 41.43 -54.44
C ILE J 746 0.59 40.05 -55.07
N LEU J 747 0.24 39.94 -56.36
CA LEU J 747 0.44 38.66 -57.05
C LEU J 747 1.92 38.42 -57.33
N ALA J 748 2.68 39.49 -57.53
CA ALA J 748 4.13 39.35 -57.60
C ALA J 748 4.71 38.98 -56.24
N THR J 749 4.09 39.51 -55.18
CA THR J 749 4.50 39.18 -53.81
C THR J 749 4.24 37.71 -53.51
N ARG J 750 3.18 37.15 -54.11
CA ARG J 750 2.92 35.72 -53.99
C ARG J 750 4.02 34.88 -54.64
N CYS J 751 4.67 35.41 -55.67
CA CYS J 751 5.64 34.64 -56.45
C CYS J 751 7.06 35.00 -56.02
N MET J 752 7.57 34.29 -55.01
CA MET J 752 8.94 34.42 -54.50
C MET J 752 9.41 33.10 -53.89
N MET J 753 10.69 33.03 -53.55
CA MET J 753 11.22 31.89 -52.81
C MET J 753 11.44 32.24 -51.35
N GLN J 754 11.58 31.18 -50.53
CA GLN J 754 11.69 31.38 -49.06
C GLN J 754 13.14 31.63 -48.62
N ALA J 755 13.42 32.85 -48.14
CA ALA J 755 14.74 33.20 -47.63
C ALA J 755 15.04 32.39 -46.38
N VAL J 756 16.33 32.25 -46.06
CA VAL J 756 16.73 31.46 -44.90
C VAL J 756 18.06 31.96 -44.35
N TYR J 757 18.40 31.47 -43.15
CA TYR J 757 19.70 31.70 -42.55
C TYR J 757 20.57 30.48 -42.86
N PHE J 758 21.86 30.71 -43.10
CA PHE J 758 22.80 29.64 -43.41
C PHE J 758 24.15 29.96 -42.80
N CYS J 759 24.90 28.91 -42.46
CA CYS J 759 26.28 29.09 -42.04
C CYS J 759 27.20 28.91 -43.24
N SER J 760 28.24 29.75 -43.33
CA SER J 760 29.09 29.76 -44.51
C SER J 760 30.15 28.67 -44.46
N GLY J 761 30.53 28.27 -43.25
CA GLY J 761 31.55 27.25 -43.11
C GLY J 761 31.14 25.91 -43.66
N MET J 762 29.92 25.50 -43.33
CA MET J 762 29.36 24.24 -43.80
C MET J 762 29.12 24.24 -45.31
N ASP J 763 28.57 25.36 -45.79
CA ASP J 763 28.25 25.52 -47.20
C ASP J 763 28.49 26.95 -47.69
N ASN J 764 28.64 27.11 -48.99
CA ASN J 764 28.87 28.42 -49.58
C ASN J 764 27.97 28.74 -50.77
N ASP J 765 27.63 30.04 -50.85
CA ASP J 765 26.78 30.79 -51.78
C ASP J 765 26.25 31.88 -50.86
N PHE J 766 26.54 33.13 -51.18
CA PHE J 766 26.10 34.23 -50.32
C PHE J 766 25.23 35.28 -50.99
N HIS J 767 24.83 35.08 -52.24
CA HIS J 767 24.01 36.14 -52.88
C HIS J 767 22.56 36.29 -52.36
N HIS J 768 21.91 37.45 -52.59
CA HIS J 768 20.55 37.58 -52.09
C HIS J 768 19.68 38.09 -53.24
N TYR J 769 18.57 37.41 -53.50
CA TYR J 769 17.79 37.71 -54.69
C TYR J 769 16.88 38.91 -54.48
N GLY J 770 16.27 39.00 -53.29
CA GLY J 770 15.20 39.98 -53.10
C GLY J 770 15.69 41.40 -52.94
N LEU J 771 16.79 41.60 -52.23
CA LEU J 771 17.25 42.94 -51.90
C LEU J 771 18.20 43.53 -52.94
N ALA J 772 18.56 42.74 -53.95
CA ALA J 772 19.50 43.10 -55.01
C ALA J 772 20.84 43.57 -54.43
N SER J 773 21.37 42.75 -53.53
CA SER J 773 22.65 43.01 -52.88
C SER J 773 23.45 41.72 -52.83
N PRO J 774 24.77 41.80 -52.76
CA PRO J 774 25.57 40.57 -52.87
C PRO J 774 25.61 39.76 -51.59
N ILE J 775 25.41 40.38 -50.43
CA ILE J 775 25.48 39.66 -49.16
C ILE J 775 24.56 40.40 -48.18
N TYR J 776 24.00 39.64 -47.22
CA TYR J 776 23.05 40.22 -46.28
C TYR J 776 23.00 39.37 -45.01
N THR J 777 22.76 40.05 -43.89
CA THR J 777 22.40 39.41 -42.64
C THR J 777 21.52 40.37 -41.86
N HIS J 778 20.93 39.86 -40.77
CA HIS J 778 20.12 40.65 -39.86
C HIS J 778 21.00 41.07 -38.70
N PHE J 779 20.83 42.31 -38.23
CA PHE J 779 21.55 42.78 -37.06
C PHE J 779 20.70 43.60 -36.09
N THR J 780 19.62 44.20 -36.54
CA THR J 780 19.02 45.30 -35.81
C THR J 780 17.86 44.90 -34.91
N SER J 781 17.79 43.66 -34.45
CA SER J 781 16.81 43.26 -33.44
C SER J 781 17.32 42.09 -32.60
N PRO J 782 18.22 42.35 -31.64
CA PRO J 782 18.66 41.26 -30.76
C PRO J 782 17.69 40.98 -29.64
N ILE J 783 16.64 41.79 -29.47
CA ILE J 783 15.64 41.50 -28.46
C ILE J 783 14.79 40.31 -28.90
N ARG J 784 14.33 40.31 -30.15
CA ARG J 784 13.38 39.31 -30.60
C ARG J 784 13.96 38.30 -31.57
N ARG J 785 15.28 38.24 -31.73
CA ARG J 785 15.93 37.28 -32.62
C ARG J 785 17.20 36.76 -31.98
N TYR J 786 17.38 35.45 -31.99
CA TYR J 786 18.62 34.86 -31.50
C TYR J 786 19.75 34.97 -32.52
N ALA J 787 19.39 35.06 -33.80
CA ALA J 787 20.38 35.27 -34.85
C ALA J 787 21.10 36.59 -34.67
N ASP J 788 20.40 37.62 -34.22
CA ASP J 788 21.06 38.88 -33.98
C ASP J 788 21.88 38.83 -32.70
N VAL J 789 21.54 37.94 -31.77
CA VAL J 789 22.37 37.75 -30.58
C VAL J 789 23.72 37.15 -30.97
N ILE J 790 23.72 36.15 -31.87
CA ILE J 790 25.00 35.61 -32.30
C ILE J 790 25.71 36.59 -33.25
N VAL J 791 24.97 37.48 -33.90
CA VAL J 791 25.59 38.51 -34.73
C VAL J 791 26.33 39.51 -33.85
N HIS J 792 25.70 39.94 -32.75
CA HIS J 792 26.34 40.81 -31.77
C HIS J 792 27.54 40.14 -31.13
N ARG J 793 27.45 38.84 -30.83
CA ARG J 793 28.58 38.12 -30.25
C ARG J 793 29.76 38.05 -31.22
N LEU J 794 29.50 37.73 -32.49
CA LEU J 794 30.59 37.61 -33.44
C LEU J 794 31.16 38.98 -33.82
N LEU J 795 30.35 40.04 -33.72
CA LEU J 795 30.88 41.37 -34.01
C LEU J 795 31.68 41.91 -32.83
N ALA J 796 31.28 41.56 -31.60
CA ALA J 796 32.07 41.95 -30.44
C ALA J 796 33.37 41.17 -30.36
N VAL J 797 33.37 39.92 -30.83
CA VAL J 797 34.62 39.16 -30.87
C VAL J 797 35.41 39.52 -32.12
N ALA J 798 34.78 40.18 -33.09
CA ALA J 798 35.44 40.46 -34.35
C ALA J 798 36.39 41.65 -34.24
N ILE J 799 35.98 42.73 -33.58
CA ILE J 799 36.84 43.88 -33.37
C ILE J 799 37.66 43.75 -32.09
N GLY J 800 37.53 42.63 -31.40
CA GLY J 800 38.25 42.45 -30.16
C GLY J 800 37.73 43.25 -29.00
N ALA J 801 36.47 43.71 -29.08
CA ALA J 801 35.85 44.41 -27.97
C ALA J 801 35.38 43.49 -26.86
N ASP J 802 35.19 42.21 -27.14
CA ASP J 802 34.85 41.24 -26.12
C ASP J 802 35.37 39.87 -26.54
N CYS J 803 35.53 39.00 -25.56
CA CYS J 803 36.23 37.73 -25.74
C CYS J 803 35.34 36.71 -26.42
N THR J 804 35.89 36.11 -27.48
CA THR J 804 35.26 35.01 -28.24
C THR J 804 35.82 33.69 -27.70
N TYR J 805 35.17 32.58 -28.02
CA TYR J 805 35.55 31.26 -27.52
C TYR J 805 35.49 30.28 -28.68
N PRO J 806 36.10 29.10 -28.54
CA PRO J 806 36.13 28.15 -29.68
C PRO J 806 34.77 27.55 -30.02
N GLU J 807 33.85 27.54 -29.07
CA GLU J 807 32.48 27.11 -29.37
C GLU J 807 31.74 28.13 -30.22
N LEU J 808 32.20 29.38 -30.24
CA LEU J 808 31.60 30.40 -31.08
C LEU J 808 32.14 30.40 -32.51
N THR J 809 33.12 29.54 -32.82
CA THR J 809 33.71 29.51 -34.14
C THR J 809 33.71 28.12 -34.77
N ASP J 810 33.04 27.15 -34.17
CA ASP J 810 32.93 25.81 -34.73
C ASP J 810 31.77 25.81 -35.72
N LYS J 811 31.98 25.17 -36.87
CA LYS J 811 31.12 25.44 -38.02
C LYS J 811 29.91 24.53 -38.08
N HIS J 812 30.05 23.26 -37.68
CA HIS J 812 28.95 22.32 -37.79
C HIS J 812 27.85 22.61 -36.77
N LYS J 813 28.27 23.03 -35.58
CA LYS J 813 27.33 23.40 -34.54
C LYS J 813 26.54 24.58 -35.04
N LEU J 814 27.22 25.54 -35.66
CA LEU J 814 26.54 26.71 -36.18
C LEU J 814 25.58 26.34 -37.29
N ALA J 815 25.97 25.42 -38.16
CA ALA J 815 25.05 24.96 -39.19
C ALA J 815 23.79 24.35 -38.58
N ASP J 816 23.95 23.63 -37.47
CA ASP J 816 22.79 23.10 -36.76
C ASP J 816 21.95 24.21 -36.15
N ILE J 817 22.59 25.28 -35.65
CA ILE J 817 21.88 26.44 -35.14
C ILE J 817 21.13 27.15 -36.26
N CYS J 818 21.73 27.21 -37.46
CA CYS J 818 21.04 27.80 -38.60
C CYS J 818 19.84 26.97 -39.03
N LYS J 819 19.94 25.64 -38.99
CA LYS J 819 18.79 24.80 -39.28
C LYS J 819 17.67 24.98 -38.24
N ASN J 820 18.06 25.09 -36.97
CA ASN J 820 17.06 25.25 -35.91
C ASN J 820 16.36 26.60 -36.02
N LEU J 821 17.11 27.65 -36.30
CA LEU J 821 16.49 28.97 -36.44
C LEU J 821 15.76 29.12 -37.76
N ASN J 822 16.05 28.29 -38.76
CA ASN J 822 15.21 28.29 -39.95
C ASN J 822 13.92 27.52 -39.70
N PHE J 823 13.97 26.50 -38.83
CA PHE J 823 12.77 25.73 -38.54
C PHE J 823 11.82 26.51 -37.63
N ARG J 824 12.38 27.21 -36.68
CA ARG J 824 11.60 28.01 -35.76
C ARG J 824 10.93 29.21 -36.42
N HIS J 825 11.54 29.71 -37.49
CA HIS J 825 11.06 30.92 -38.14
C HIS J 825 9.84 30.64 -39.00
N LYS J 826 9.84 29.52 -39.72
CA LYS J 826 8.72 29.24 -40.63
C LYS J 826 7.49 28.81 -39.85
N MET J 827 7.68 28.27 -38.65
CA MET J 827 6.54 27.91 -37.82
C MET J 827 5.88 29.14 -37.23
N ALA J 828 6.65 30.22 -37.00
CA ALA J 828 6.10 31.40 -36.35
C ALA J 828 5.12 32.13 -37.25
N GLN J 829 5.42 32.22 -38.54
CA GLN J 829 4.47 32.87 -39.46
C GLN J 829 3.22 32.01 -39.65
N TYR J 830 3.39 30.69 -39.60
CA TYR J 830 2.23 29.79 -39.61
C TYR J 830 1.34 30.04 -38.41
N ALA J 831 1.94 30.22 -37.23
CA ALA J 831 1.17 30.46 -36.02
C ALA J 831 0.48 31.82 -36.06
N GLN J 832 1.18 32.84 -36.56
CA GLN J 832 0.59 34.17 -36.63
C GLN J 832 -0.55 34.22 -37.64
N ARG J 833 -0.39 33.53 -38.77
CA ARG J 833 -1.41 33.56 -39.81
C ARG J 833 -2.62 32.73 -39.39
N ALA J 834 -2.39 31.65 -38.64
CA ALA J 834 -3.51 30.89 -38.09
C ALA J 834 -4.23 31.69 -37.01
N SER J 835 -3.47 32.51 -36.27
CA SER J 835 -4.07 33.35 -35.24
C SER J 835 -4.97 34.41 -35.86
N VAL J 836 -4.51 35.07 -36.91
CA VAL J 836 -5.34 36.10 -37.53
C VAL J 836 -6.50 35.47 -38.28
N ALA J 837 -6.33 34.22 -38.74
CA ALA J 837 -7.45 33.51 -39.35
C ALA J 837 -8.53 33.16 -38.34
N PHE J 838 -8.10 32.71 -37.17
CA PHE J 838 -9.04 32.36 -36.14
C PHE J 838 -9.82 33.57 -35.66
N HIS J 839 -9.12 34.66 -35.38
CA HIS J 839 -9.76 35.88 -34.90
C HIS J 839 -10.70 36.42 -35.96
N THR J 840 -10.29 36.30 -37.21
CA THR J 840 -11.10 36.74 -38.33
C THR J 840 -12.41 35.96 -38.37
N GLN J 841 -12.36 34.66 -38.10
CA GLN J 841 -13.56 33.84 -38.05
C GLN J 841 -14.48 34.35 -36.96
N LEU J 842 -13.92 34.69 -35.79
CA LEU J 842 -14.74 35.21 -34.71
C LEU J 842 -15.40 36.51 -35.14
N PHE J 843 -14.65 37.38 -35.81
CA PHE J 843 -15.23 38.63 -36.25
C PHE J 843 -16.34 38.41 -37.24
N PHE J 844 -16.12 37.53 -38.20
CA PHE J 844 -17.12 37.19 -39.18
C PHE J 844 -18.33 36.52 -38.54
N LYS J 845 -18.08 35.68 -37.52
CA LYS J 845 -19.17 34.90 -36.87
C LYS J 845 -20.18 35.80 -36.15
N SER J 846 -19.78 37.00 -35.73
CA SER J 846 -20.66 37.89 -34.97
C SER J 846 -21.13 39.08 -35.80
N LYS J 847 -20.88 39.01 -37.11
CA LYS J 847 -21.35 40.00 -38.08
C LYS J 847 -22.34 39.35 -39.07
N GLY J 848 -22.75 38.13 -38.73
CA GLY J 848 -23.69 37.31 -39.49
C GLY J 848 -23.23 37.01 -40.90
N ILE J 849 -24.04 37.35 -41.90
CA ILE J 849 -23.84 36.89 -43.26
C ILE J 849 -23.65 38.08 -44.19
N VAL J 850 -22.83 39.04 -43.79
CA VAL J 850 -22.55 40.23 -44.59
C VAL J 850 -21.78 39.84 -45.85
N SER J 851 -21.78 40.73 -46.84
CA SER J 851 -21.21 40.44 -48.14
C SER J 851 -20.44 41.63 -48.69
N GLU J 852 -19.64 41.36 -49.72
CA GLU J 852 -18.84 42.37 -50.39
C GLU J 852 -18.83 42.10 -51.88
N GLU J 853 -18.16 42.97 -52.61
CA GLU J 853 -17.70 42.68 -53.96
C GLU J 853 -16.18 42.69 -53.96
N ALA J 854 -15.58 41.59 -54.40
CA ALA J 854 -14.16 41.40 -54.26
C ALA J 854 -13.53 41.28 -55.63
N TYR J 855 -12.20 41.17 -55.64
CA TYR J 855 -11.46 41.09 -56.89
C TYR J 855 -10.80 39.72 -56.99
N ILE J 856 -10.98 39.08 -58.14
CA ILE J 856 -10.43 37.73 -58.33
C ILE J 856 -8.95 37.83 -58.67
N LEU J 857 -8.15 37.10 -57.90
CA LEU J 857 -6.70 37.17 -58.05
C LEU J 857 -6.06 35.89 -58.54
N PHE J 858 -6.61 34.73 -58.20
CA PHE J 858 -6.04 33.46 -58.63
C PHE J 858 -7.09 32.47 -59.15
N VAL J 859 -6.75 31.73 -60.19
CA VAL J 859 -7.70 30.79 -60.77
C VAL J 859 -7.33 29.33 -60.59
N ARG J 860 -8.25 28.56 -60.02
CA ARG J 860 -8.09 27.13 -59.79
C ARG J 860 -8.41 26.34 -61.05
N LYS J 861 -8.05 25.06 -61.07
CA LYS J 861 -8.35 24.23 -62.22
C LYS J 861 -9.87 24.22 -62.34
N ASN J 862 -10.53 24.14 -61.19
CA ASN J 862 -11.99 24.17 -61.13
C ASN J 862 -12.48 24.97 -59.91
N ALA J 863 -11.75 26.03 -59.56
CA ALA J 863 -12.15 26.93 -58.47
C ALA J 863 -11.41 28.25 -58.61
N ILE J 864 -11.85 29.29 -57.90
CA ILE J 864 -11.20 30.59 -58.00
C ILE J 864 -11.06 31.20 -56.61
N VAL J 865 -9.93 31.86 -56.37
CA VAL J 865 -9.65 32.48 -55.08
C VAL J 865 -9.49 33.99 -55.30
N VAL J 866 -10.18 34.75 -54.46
CA VAL J 866 -10.35 36.19 -54.62
C VAL J 866 -9.81 36.88 -53.37
N LEU J 867 -9.78 38.21 -53.43
CA LEU J 867 -9.41 39.05 -52.29
C LEU J 867 -10.54 40.03 -52.04
N ILE J 868 -10.83 40.28 -50.76
CA ILE J 868 -11.75 41.34 -50.36
C ILE J 868 -10.93 42.42 -49.66
N PRO J 869 -10.97 43.67 -50.14
CA PRO J 869 -10.14 44.71 -49.53
C PRO J 869 -10.75 45.34 -48.31
N LYS J 870 -12.08 45.31 -48.16
CA LYS J 870 -12.74 45.98 -47.04
C LYS J 870 -12.38 45.31 -45.72
N TYR J 871 -12.33 43.99 -45.71
CA TYR J 871 -11.71 43.24 -44.63
C TYR J 871 -10.29 42.83 -44.98
N GLY J 872 -9.93 42.89 -46.25
CA GLY J 872 -8.57 42.67 -46.69
C GLY J 872 -8.07 41.25 -46.51
N LEU J 873 -8.87 40.26 -46.87
CA LEU J 873 -8.46 38.87 -46.71
C LEU J 873 -8.61 38.10 -48.02
N GLU J 874 -7.95 36.95 -48.06
CA GLU J 874 -8.02 36.03 -49.19
C GLU J 874 -9.10 35.01 -48.92
N GLY J 875 -9.78 34.56 -49.97
CA GLY J 875 -10.81 33.55 -49.83
C GLY J 875 -11.11 32.85 -51.14
N THR J 876 -11.17 31.52 -51.06
CA THR J 876 -11.38 30.69 -52.23
C THR J 876 -12.82 30.20 -52.27
N VAL J 877 -13.35 30.06 -53.47
CA VAL J 877 -14.63 29.40 -53.71
C VAL J 877 -14.39 28.26 -54.69
N PHE J 878 -14.91 27.09 -54.35
CA PHE J 878 -14.73 25.90 -55.16
C PHE J 878 -15.93 25.70 -56.08
N PHE J 879 -15.62 25.36 -57.32
CA PHE J 879 -16.59 25.18 -58.39
C PHE J 879 -16.77 23.72 -58.79
N GLU J 880 -16.31 22.78 -57.96
CA GLU J 880 -16.33 21.39 -58.35
C GLU J 880 -17.28 20.53 -57.53
N GLU J 881 -17.43 20.82 -56.24
CA GLU J 881 -18.12 19.89 -55.34
C GLU J 881 -19.59 20.19 -55.17
N LYS J 882 -19.99 21.46 -55.22
CA LYS J 882 -21.41 21.80 -55.11
C LYS J 882 -22.00 22.15 -56.47
N ASP J 883 -21.37 21.73 -57.55
CA ASP J 883 -21.65 22.24 -58.88
C ASP J 883 -22.59 21.30 -59.62
N LYS J 884 -23.06 21.75 -60.79
CA LYS J 884 -23.80 20.99 -61.78
C LYS J 884 -22.87 20.07 -62.56
N PRO J 885 -23.39 19.35 -63.58
CA PRO J 885 -22.54 18.51 -64.44
C PRO J 885 -21.39 19.26 -65.10
N ASN J 886 -20.28 18.56 -65.35
CA ASN J 886 -18.97 19.09 -65.70
C ASN J 886 -18.96 19.97 -66.95
N PRO J 887 -19.95 19.85 -67.84
CA PRO J 887 -19.96 20.70 -69.04
C PRO J 887 -20.24 22.17 -68.77
N GLN J 888 -20.66 22.54 -67.55
CA GLN J 888 -20.74 23.94 -67.18
C GLN J 888 -19.38 24.52 -66.84
N LEU J 889 -18.34 23.70 -66.70
CA LEU J 889 -17.00 24.22 -66.53
C LEU J 889 -16.17 23.96 -67.78
N ILE J 890 -15.61 25.03 -68.34
CA ILE J 890 -14.68 24.92 -69.47
C ILE J 890 -13.42 25.70 -69.12
N TYR J 891 -12.32 24.97 -68.92
CA TYR J 891 -11.09 25.59 -68.44
C TYR J 891 -9.95 25.69 -69.44
N ASP J 892 -9.30 26.85 -69.43
CA ASP J 892 -8.20 27.11 -70.34
C ASP J 892 -6.90 27.15 -69.54
N ASP J 893 -5.78 26.88 -70.23
CA ASP J 893 -4.49 26.78 -69.54
C ASP J 893 -3.51 27.86 -69.97
N GLU J 894 -3.68 28.36 -71.20
CA GLU J 894 -2.80 29.40 -71.74
C GLU J 894 -3.08 30.65 -70.94
N ILE J 895 -4.38 30.85 -70.77
CA ILE J 895 -4.93 31.91 -69.95
C ILE J 895 -5.84 31.05 -69.10
N PRO J 896 -5.70 31.15 -67.78
CA PRO J 896 -6.54 30.26 -67.00
C PRO J 896 -7.93 30.82 -66.85
N SER J 897 -8.73 30.77 -67.91
CA SER J 897 -10.07 31.31 -67.73
C SER J 897 -11.03 30.14 -67.63
N LEU J 898 -12.03 30.30 -66.77
CA LEU J 898 -13.07 29.30 -66.58
C LEU J 898 -14.37 29.85 -67.17
N LYS J 899 -15.03 29.02 -67.96
CA LYS J 899 -16.18 29.41 -68.76
C LYS J 899 -17.40 28.63 -68.28
N ILE J 900 -18.49 29.37 -68.06
CA ILE J 900 -19.78 28.79 -67.71
C ILE J 900 -20.70 28.99 -68.90
N GLU J 901 -21.94 28.49 -68.80
CA GLU J 901 -22.90 28.70 -69.87
C GLU J 901 -23.32 30.16 -69.98
N ASP J 902 -23.23 30.91 -68.88
CA ASP J 902 -23.55 32.32 -68.92
C ASP J 902 -22.39 33.15 -69.45
N THR J 903 -21.25 33.14 -68.76
CA THR J 903 -20.12 33.97 -69.15
C THR J 903 -18.82 33.34 -68.66
N VAL J 904 -17.73 33.66 -69.35
CA VAL J 904 -16.41 33.18 -68.96
C VAL J 904 -15.80 34.16 -67.97
N PHE J 905 -15.45 33.67 -66.78
CA PHE J 905 -14.82 34.53 -65.79
C PHE J 905 -13.35 34.74 -66.11
N HIS J 906 -12.85 35.90 -65.70
CA HIS J 906 -11.46 36.27 -65.94
C HIS J 906 -10.87 36.80 -64.65
N VAL J 907 -9.55 37.01 -64.67
CA VAL J 907 -8.88 37.56 -63.50
C VAL J 907 -9.11 39.07 -63.43
N PHE J 908 -8.85 39.63 -62.24
CA PHE J 908 -8.88 41.07 -61.95
C PHE J 908 -10.25 41.69 -62.20
N ASP J 909 -11.30 41.03 -61.71
CA ASP J 909 -12.67 41.46 -61.98
C ASP J 909 -13.44 41.59 -60.66
N LYS J 910 -14.36 42.55 -60.63
CA LYS J 910 -15.30 42.62 -59.52
C LYS J 910 -16.33 41.50 -59.64
N VAL J 911 -16.59 40.82 -58.52
CA VAL J 911 -17.45 39.64 -58.53
C VAL J 911 -18.48 39.75 -57.41
N LYS J 912 -19.40 38.79 -57.39
CA LYS J 912 -20.49 38.71 -56.41
C LYS J 912 -20.19 37.62 -55.38
N VAL J 913 -19.78 38.03 -54.19
CA VAL J 913 -19.37 37.09 -53.15
C VAL J 913 -20.13 37.38 -51.86
N LYS J 914 -20.19 36.35 -51.00
CA LYS J 914 -20.78 36.45 -49.68
C LYS J 914 -19.84 35.84 -48.66
N ILE J 915 -20.10 36.08 -47.38
CA ILE J 915 -19.28 35.55 -46.30
C ILE J 915 -20.18 34.71 -45.39
N MET J 916 -19.90 33.41 -45.34
CA MET J 916 -20.61 32.49 -44.46
C MET J 916 -19.62 31.49 -43.88
N LEU J 917 -19.62 31.35 -42.57
CA LEU J 917 -18.69 30.44 -41.89
C LEU J 917 -19.34 29.07 -41.78
N ASP J 918 -18.55 28.03 -41.96
CA ASP J 918 -19.06 26.67 -41.86
C ASP J 918 -18.55 26.00 -40.61
N SER J 919 -19.37 25.12 -40.05
CA SER J 919 -18.99 24.28 -38.92
C SER J 919 -19.49 22.87 -39.14
N SER J 920 -19.27 22.33 -40.35
CA SER J 920 -19.70 20.97 -40.66
C SER J 920 -18.97 19.95 -39.80
N ASN J 921 -17.70 20.21 -39.53
CA ASN J 921 -16.98 19.59 -38.43
C ASN J 921 -16.47 20.70 -37.52
N LEU J 922 -16.33 20.39 -36.23
CA LEU J 922 -15.92 21.43 -35.28
C LEU J 922 -14.45 21.77 -35.44
N GLN J 923 -13.67 20.81 -35.91
CA GLN J 923 -12.32 21.13 -36.38
C GLN J 923 -12.43 21.92 -37.67
N HIS J 924 -11.45 22.82 -37.86
CA HIS J 924 -11.24 23.56 -39.11
C HIS J 924 -12.45 24.41 -39.50
N GLN J 925 -12.73 25.42 -38.68
CA GLN J 925 -13.80 26.34 -39.00
C GLN J 925 -13.40 27.18 -40.21
N LYS J 926 -14.16 27.03 -41.29
CA LYS J 926 -13.73 27.40 -42.63
C LYS J 926 -14.74 28.39 -43.22
N ILE J 927 -14.25 29.27 -44.07
CA ILE J 927 -15.03 30.37 -44.63
C ILE J 927 -15.49 30.00 -46.03
N ARG J 928 -16.80 29.82 -46.20
CA ARG J 928 -17.38 29.52 -47.50
C ARG J 928 -17.91 30.79 -48.14
N MET J 929 -17.96 30.82 -49.48
CA MET J 929 -18.17 32.08 -50.18
C MET J 929 -19.51 32.23 -50.91
N SER J 930 -19.81 31.37 -51.88
CA SER J 930 -20.97 31.61 -52.75
C SER J 930 -21.52 30.34 -53.39
N LEU J 931 -22.59 30.50 -54.16
CA LEU J 931 -23.20 29.39 -54.89
C LEU J 931 -23.82 29.92 -56.18
N VAL J 932 -23.50 29.25 -57.28
CA VAL J 932 -23.96 29.65 -58.62
C VAL J 932 -24.26 28.39 -59.41
N GLU J 933 -25.13 28.53 -60.41
CA GLU J 933 -25.49 27.41 -61.28
C GLU J 933 -25.85 27.90 -62.67
N GLU K 66 17.07 21.07 49.56
CA GLU K 66 17.15 19.63 49.72
C GLU K 66 15.76 19.00 49.66
N GLU K 67 14.74 19.85 49.69
CA GLU K 67 13.35 19.43 49.61
C GLU K 67 12.70 20.10 48.41
N GLN K 68 11.95 19.33 47.63
CA GLN K 68 11.35 19.86 46.40
C GLN K 68 9.98 20.45 46.66
N SER K 69 9.57 20.50 47.94
CA SER K 69 8.25 21.08 48.25
C SER K 69 8.02 22.33 47.39
N PHE K 70 6.92 23.05 47.65
CA PHE K 70 6.57 24.28 46.92
C PHE K 70 5.49 25.04 47.69
N LEU K 71 4.85 24.35 48.65
CA LEU K 71 3.94 24.98 49.62
C LEU K 71 4.74 25.60 50.77
N LEU K 72 5.77 24.87 51.24
CA LEU K 72 6.64 25.36 52.33
C LEU K 72 7.93 25.94 51.76
N CYS K 73 7.90 26.30 50.47
CA CYS K 73 8.92 27.20 49.87
C CYS K 73 8.43 28.66 49.99
N GLU K 74 7.57 29.09 49.06
CA GLU K 74 7.04 30.48 49.10
C GLU K 74 5.82 30.51 50.04
N ASP K 75 4.61 30.60 49.48
CA ASP K 75 3.40 30.63 50.32
C ASP K 75 2.18 30.25 49.47
N LEU K 76 1.32 29.38 50.03
CA LEU K 76 0.09 28.94 49.31
C LEU K 76 -1.09 29.79 49.78
N LEU K 77 -2.32 29.27 49.65
CA LEU K 77 -3.48 30.05 50.09
C LEU K 77 -4.31 29.35 51.14
N TYR K 78 -4.97 28.25 50.77
CA TYR K 78 -5.98 27.62 51.62
C TYR K 78 -6.31 26.25 51.05
N GLY K 79 -7.33 25.61 51.61
CA GLY K 79 -7.86 24.37 51.08
C GLY K 79 -9.34 24.49 50.78
N ARG K 80 -9.71 24.15 49.53
CA ARG K 80 -11.07 24.20 48.99
C ARG K 80 -11.71 25.59 49.13
N MET K 81 -11.14 26.58 48.44
CA MET K 81 -11.59 27.96 48.58
C MET K 81 -12.93 28.16 47.88
N SER K 82 -13.90 28.73 48.63
CA SER K 82 -15.25 28.99 48.07
C SER K 82 -15.42 30.49 47.81
N PHE K 83 -16.64 30.90 47.45
CA PHE K 83 -16.93 32.33 47.18
C PHE K 83 -18.45 32.54 47.19
N ARG K 84 -18.89 33.80 47.31
CA ARG K 84 -20.32 34.16 47.33
C ARG K 84 -21.05 33.27 48.33
N GLY K 85 -20.64 33.26 49.60
CA GLY K 85 -21.30 32.37 50.57
C GLY K 85 -22.11 31.33 49.77
N PHE K 86 -21.70 31.09 48.52
CA PHE K 86 -22.37 30.14 47.59
C PHE K 86 -22.74 28.82 48.30
N ASN K 87 -21.76 28.15 48.92
CA ASN K 87 -22.01 26.82 49.51
C ASN K 87 -22.53 26.98 50.95
N PRO K 88 -21.66 26.66 51.92
CA PRO K 88 -21.98 26.84 53.36
C PRO K 88 -20.78 26.38 54.21
N GLU K 89 -20.75 25.13 54.63
CA GLU K 89 -19.62 24.68 55.44
C GLU K 89 -18.33 25.24 54.84
N VAL K 90 -18.39 25.53 53.55
CA VAL K 90 -17.24 26.03 52.82
C VAL K 90 -16.73 27.36 53.35
N GLU K 91 -17.64 28.28 53.65
CA GLU K 91 -17.23 29.59 54.15
C GLU K 91 -16.44 29.47 55.46
N LYS K 92 -16.91 28.61 56.36
CA LYS K 92 -16.23 28.42 57.63
C LYS K 92 -14.83 27.85 57.44
N LEU K 93 -14.68 26.90 56.54
CA LEU K 93 -13.38 26.28 56.28
C LEU K 93 -12.41 27.33 55.75
N MET K 94 -12.91 28.17 54.85
CA MET K 94 -12.11 29.23 54.26
C MET K 94 -11.70 30.21 55.34
N LEU K 95 -12.61 30.53 56.25
CA LEU K 95 -12.31 31.43 57.35
C LEU K 95 -11.22 30.84 58.23
N GLN K 96 -11.29 29.54 58.49
CA GLN K 96 -10.29 28.87 59.30
C GLN K 96 -8.93 28.94 58.61
N MET K 97 -8.92 28.75 57.30
CA MET K 97 -7.67 28.83 56.53
C MET K 97 -7.09 30.23 56.62
N ASN K 98 -7.97 31.23 56.53
CA ASN K 98 -7.57 32.63 56.61
C ASN K 98 -6.98 32.92 57.98
N ALA K 99 -7.57 32.35 59.03
CA ALA K 99 -7.10 32.51 60.40
C ALA K 99 -5.71 31.92 60.53
N LYS K 100 -5.50 30.76 59.91
CA LYS K 100 -4.19 30.11 59.93
C LYS K 100 -3.17 30.99 59.23
N HIS K 101 -3.57 31.60 58.11
CA HIS K 101 -2.72 32.49 57.34
C HIS K 101 -2.35 33.74 58.16
N LYS K 102 -3.32 34.24 58.93
CA LYS K 102 -3.13 35.42 59.74
C LYS K 102 -2.86 35.07 61.20
#